data_2ISA
#
_entry.id   2ISA
#
_cell.length_a   98.150
_cell.length_b   217.760
_cell.length_c   99.280
_cell.angle_alpha   90.00
_cell.angle_beta   110.48
_cell.angle_gamma   90.00
#
_symmetry.space_group_name_H-M   'P 1 21 1'
#
loop_
_entity.id
_entity.type
_entity.pdbx_description
1 polymer Catalase
2 non-polymer 'PROTOPORPHYRIN IX CONTAINING FE'
3 non-polymer GLYCEROL
4 non-polymer 'CHLORIDE ION'
5 water water
#
_entity_poly.entity_id   1
_entity_poly.type   'polypeptide(L)'
_entity_poly.pdbx_seq_one_letter_code
;MSKKLTTAAGCPVAHNQNVQTAGKRGPQLLQDVWFLEKLAHFDREVIPERR(OMT)HAKGSGAYGTFTVTHDITKYTKAK
IFSDIGKKTDMFARFSTVAGERGAADAERDIRGFSLKFYTEEGNWDLAGNNTPVFFLRDPLKFPDLNHAVKRDPRTNMRS
AKNNWDFWTSLPEALHQVTIVMSDRGIPATYRHMHGFGSHTFSFINSDNERYWVKFHFVSQQGIKNLSDAEAGELVGNDR
ESHQRDLLDSIDNQDFPKWTLKVQIMPEADAATVPYNPFDLTKVWPHKDYPLIEVGEFELNRNPQNYFAEVEQAAFNPAN
VVPGISFSPDKMLQGRLFAYGDAQRYRLGVNHQHIPVNAPRCPVHSYHRDGAMRVDGNFGSTLGYEPNDQGQWAEQPDFS
EPPLNLDGAAAHWDHREDEDYFSQPGDLFGLMTAEKQAILFDNTARNLNGVPKEIQLRHVTHCYKADPAYGEGIGKLLGF
DISEYNS
;
_entity_poly.pdbx_strand_id   A,B,C,D,E,F,G,H
#
loop_
_chem_comp.id
_chem_comp.type
_chem_comp.name
_chem_comp.formula
CL non-polymer 'CHLORIDE ION' 'Cl -1'
GOL non-polymer GLYCEROL 'C3 H8 O3'
HEM non-polymer 'PROTOPORPHYRIN IX CONTAINING FE' 'C34 H32 Fe N4 O4'
#
# COMPACT_ATOMS: atom_id res chain seq x y z
N SER A 2 -0.13 62.49 -15.80
CA SER A 2 -0.01 61.83 -17.14
C SER A 2 1.38 61.23 -17.44
N LYS A 3 2.41 61.71 -16.73
CA LYS A 3 3.60 60.89 -16.49
C LYS A 3 3.59 60.52 -15.01
N LYS A 4 2.57 60.99 -14.30
CA LYS A 4 2.41 60.82 -12.86
C LYS A 4 2.08 59.36 -12.50
N LEU A 5 2.86 58.80 -11.58
CA LEU A 5 2.74 57.40 -11.21
C LEU A 5 1.52 57.16 -10.31
N THR A 6 0.77 56.10 -10.61
CA THR A 6 -0.35 55.66 -9.79
C THR A 6 -0.21 54.16 -9.53
N THR A 7 -1.00 53.66 -8.58
CA THR A 7 -1.17 52.21 -8.42
C THR A 7 -2.07 51.71 -9.56
N ALA A 8 -2.24 50.38 -9.65
CA ALA A 8 -3.18 49.80 -10.61
C ALA A 8 -4.62 50.22 -10.34
N ALA A 9 -4.94 50.56 -9.10
CA ALA A 9 -6.28 51.06 -8.76
C ALA A 9 -6.43 52.57 -8.94
N GLY A 10 -5.36 53.23 -9.38
CA GLY A 10 -5.42 54.65 -9.74
C GLY A 10 -5.10 55.61 -8.62
N CYS A 11 -4.57 55.11 -7.50
CA CYS A 11 -4.16 55.95 -6.36
C CYS A 11 -2.77 56.54 -6.62
N PRO A 12 -2.59 57.87 -6.36
CA PRO A 12 -1.24 58.44 -6.54
C PRO A 12 -0.16 57.69 -5.73
N VAL A 13 1.01 57.46 -6.33
CA VAL A 13 2.15 56.87 -5.61
C VAL A 13 3.08 58.01 -5.15
N ALA A 14 3.25 58.13 -3.84
CA ALA A 14 4.08 59.19 -3.27
C ALA A 14 5.56 58.82 -3.16
N HIS A 15 5.84 57.53 -2.95
CA HIS A 15 7.21 57.06 -2.69
C HIS A 15 7.62 55.89 -3.56
N ASN A 16 8.48 56.15 -4.54
CA ASN A 16 9.00 55.13 -5.44
C ASN A 16 10.53 54.93 -5.34
N GLN A 17 11.16 55.56 -4.34
CA GLN A 17 12.62 55.52 -4.17
C GLN A 17 13.04 54.82 -2.90
N ASN A 18 12.25 54.98 -1.84
CA ASN A 18 12.54 54.38 -0.52
C ASN A 18 11.37 53.61 0.08
N VAL A 19 11.63 52.38 0.51
CA VAL A 19 10.61 51.59 1.21
C VAL A 19 10.35 52.14 2.60
N GLN A 20 9.19 51.82 3.14
CA GLN A 20 8.82 52.20 4.49
C GLN A 20 9.50 51.27 5.50
N THR A 21 10.16 51.85 6.50
CA THR A 21 10.86 51.08 7.53
C THR A 21 10.57 51.58 8.94
N ALA A 22 10.82 50.73 9.94
CA ALA A 22 10.67 51.10 11.33
C ALA A 22 11.93 51.86 11.83
N GLY A 23 12.00 53.13 11.47
CA GLY A 23 13.19 53.97 11.70
C GLY A 23 14.16 53.88 10.53
N LYS A 24 15.06 54.87 10.43
CA LYS A 24 16.13 54.92 9.42
C LYS A 24 16.89 53.61 9.16
N ARG A 25 17.19 52.87 10.22
CA ARG A 25 17.98 51.64 10.10
C ARG A 25 17.20 50.42 10.55
N GLY A 26 15.86 50.53 10.61
CA GLY A 26 15.00 49.43 11.02
C GLY A 26 14.52 48.56 9.85
N PRO A 27 13.89 47.41 10.16
CA PRO A 27 13.39 46.50 9.13
C PRO A 27 12.20 47.10 8.40
N GLN A 28 11.86 46.52 7.26
CA GLN A 28 10.80 47.02 6.37
C GLN A 28 9.39 46.70 6.87
N LEU A 29 8.45 47.61 6.62
CA LEU A 29 7.08 47.45 7.11
C LEU A 29 6.21 46.81 6.03
N LEU A 30 5.37 45.87 6.46
CA LEU A 30 4.45 45.21 5.55
C LEU A 30 3.49 46.20 4.85
N GLN A 31 3.15 47.30 5.53
CA GLN A 31 2.18 48.28 5.02
C GLN A 31 2.69 49.23 3.93
N ASP A 32 3.91 49.00 3.45
CA ASP A 32 4.33 49.61 2.21
C ASP A 32 3.69 48.79 1.09
N VAL A 33 2.46 49.15 0.74
CA VAL A 33 1.67 48.33 -0.19
C VAL A 33 2.04 48.57 -1.65
N TRP A 34 2.58 49.75 -1.97
CA TRP A 34 3.12 50.02 -3.30
C TRP A 34 4.31 49.11 -3.56
N PHE A 35 5.17 48.95 -2.56
CA PHE A 35 6.26 47.98 -2.71
C PHE A 35 5.72 46.59 -3.03
N LEU A 36 4.75 46.12 -2.25
CA LEU A 36 4.13 44.82 -2.48
C LEU A 36 3.51 44.67 -3.87
N GLU A 37 2.71 45.67 -4.27
CA GLU A 37 2.10 45.66 -5.63
C GLU A 37 3.14 45.67 -6.74
N LYS A 38 4.06 46.64 -6.67
CA LYS A 38 5.09 46.78 -7.70
C LYS A 38 5.90 45.47 -7.88
N LEU A 39 6.34 44.86 -6.78
CA LEU A 39 7.12 43.61 -6.88
C LEU A 39 6.28 42.40 -7.28
N ALA A 40 5.03 42.34 -6.85
CA ALA A 40 4.17 41.22 -7.23
C ALA A 40 3.85 41.20 -8.72
N HIS A 41 3.75 42.37 -9.33
CA HIS A 41 3.50 42.44 -10.77
C HIS A 41 4.80 42.14 -11.50
N PHE A 42 5.90 42.68 -10.98
CA PHE A 42 7.23 42.35 -11.49
C PHE A 42 7.50 40.82 -11.49
N ASP A 43 7.15 40.16 -10.39
CA ASP A 43 7.38 38.71 -10.25
C ASP A 43 6.56 37.87 -11.25
N ARG A 44 5.58 38.49 -11.91
CA ARG A 44 4.65 37.78 -12.83
C ARG A 44 4.72 38.25 -14.29
N GLU A 45 5.80 38.95 -14.66
CA GLU A 45 5.94 39.49 -16.03
C GLU A 45 6.06 38.41 -17.09
N VAL A 46 6.65 37.27 -16.71
CA VAL A 46 7.06 36.24 -17.66
C VAL A 46 5.92 35.24 -17.83
N ILE A 47 5.68 34.86 -19.07
CA ILE A 47 4.79 33.76 -19.40
C ILE A 47 5.63 32.68 -20.08
N PRO A 48 5.12 31.43 -20.20
CA PRO A 48 5.91 30.42 -20.91
C PRO A 48 6.28 30.83 -22.35
N GLU A 49 7.53 30.59 -22.76
CA GLU A 49 7.87 30.70 -24.19
C GLU A 49 7.14 29.62 -25.04
N ARG A 50 7.15 29.81 -26.36
CA ARG A 50 6.62 28.84 -27.30
C ARG A 50 7.47 27.56 -27.23
N ARG A 51 6.81 26.41 -27.35
CA ARG A 51 7.51 25.12 -27.26
C ARG A 51 8.39 24.91 -28.51
N OMT A 52 8.03 25.60 -29.60
CA OMT A 52 8.78 25.59 -30.86
CB OMT A 52 8.20 24.53 -31.83
CG OMT A 52 9.23 23.91 -32.80
SD OMT A 52 10.07 22.60 -32.20
CE OMT A 52 10.61 21.63 -33.45
C OMT A 52 8.76 27.00 -31.39
O OMT A 52 7.80 27.75 -31.16
OD1 OMT A 52 11.23 23.03 -31.46
OD2 OMT A 52 9.23 21.83 -31.31
N HIS A 53 9.84 27.42 -32.05
CA HIS A 53 9.96 28.79 -32.57
C HIS A 53 9.88 29.89 -31.51
N ALA A 54 10.47 29.66 -30.33
CA ALA A 54 10.45 30.61 -29.21
C ALA A 54 11.13 31.93 -29.50
N LYS A 55 12.15 31.91 -30.38
CA LYS A 55 12.91 33.12 -30.72
C LYS A 55 12.40 33.74 -32.02
N GLY A 56 11.93 34.98 -31.99
CA GLY A 56 11.41 35.56 -33.22
C GLY A 56 11.17 37.05 -33.24
N SER A 57 10.67 37.53 -34.38
CA SER A 57 10.50 38.96 -34.62
C SER A 57 9.28 39.13 -35.48
N GLY A 58 8.54 40.20 -35.27
CA GLY A 58 7.32 40.40 -36.01
C GLY A 58 7.13 41.82 -36.48
N ALA A 59 6.22 41.98 -37.44
CA ALA A 59 5.89 43.30 -37.94
C ALA A 59 4.53 43.25 -38.64
N TYR A 60 3.90 44.40 -38.74
CA TYR A 60 2.63 44.57 -39.44
C TYR A 60 2.85 45.02 -40.89
N GLY A 61 1.87 44.73 -41.73
CA GLY A 61 1.95 45.05 -43.13
C GLY A 61 0.62 44.95 -43.83
N THR A 62 0.68 44.91 -45.16
CA THR A 62 -0.50 45.00 -46.03
C THR A 62 -0.33 44.04 -47.18
N PHE A 63 -1.32 43.18 -47.38
CA PHE A 63 -1.39 42.33 -48.55
C PHE A 63 -2.28 43.01 -49.60
N THR A 64 -1.83 43.05 -50.86
CA THR A 64 -2.62 43.58 -51.98
C THR A 64 -2.77 42.53 -53.09
N VAL A 65 -4.00 42.35 -53.56
CA VAL A 65 -4.27 41.47 -54.69
C VAL A 65 -3.80 42.12 -55.99
N THR A 66 -3.09 41.35 -56.81
CA THR A 66 -2.64 41.82 -58.12
C THR A 66 -3.17 41.00 -59.30
N HIS A 67 -3.60 39.76 -59.05
CA HIS A 67 -4.14 38.88 -60.10
C HIS A 67 -5.44 38.20 -59.65
N ASP A 68 -6.19 37.65 -60.61
CA ASP A 68 -7.52 37.07 -60.38
C ASP A 68 -7.46 35.55 -60.30
N ILE A 69 -7.68 35.00 -59.10
CA ILE A 69 -7.80 33.55 -58.91
C ILE A 69 -9.19 33.18 -58.40
N THR A 70 -10.16 34.07 -58.60
CA THR A 70 -11.52 33.88 -58.05
C THR A 70 -12.29 32.69 -58.62
N LYS A 71 -11.83 32.11 -59.75
CA LYS A 71 -12.45 30.87 -60.26
C LYS A 71 -12.19 29.70 -59.30
N TYR A 72 -11.08 29.77 -58.56
CA TYR A 72 -10.64 28.65 -57.71
C TYR A 72 -10.98 28.82 -56.24
N THR A 73 -11.12 30.07 -55.81
CA THR A 73 -11.39 30.38 -54.41
C THR A 73 -12.37 31.54 -54.22
N LYS A 74 -13.35 31.36 -53.33
CA LYS A 74 -14.28 32.42 -52.96
C LYS A 74 -13.80 33.28 -51.78
N ALA A 75 -12.56 33.08 -51.33
CA ALA A 75 -12.00 33.84 -50.19
C ALA A 75 -12.05 35.35 -50.45
N LYS A 76 -12.62 36.09 -49.52
CA LYS A 76 -12.80 37.53 -49.69
C LYS A 76 -11.49 38.29 -49.79
N ILE A 77 -10.45 37.79 -49.16
CA ILE A 77 -9.13 38.40 -49.25
C ILE A 77 -8.67 38.54 -50.71
N PHE A 78 -9.03 37.56 -51.54
CA PHE A 78 -8.61 37.47 -52.95
C PHE A 78 -9.65 37.97 -53.98
N SER A 79 -10.73 38.61 -53.50
CA SER A 79 -11.94 38.82 -54.30
C SER A 79 -11.82 39.82 -55.45
N ASP A 80 -10.97 40.84 -55.29
CA ASP A 80 -10.84 41.90 -56.30
C ASP A 80 -9.40 42.33 -56.44
N ILE A 81 -8.97 42.60 -57.66
CA ILE A 81 -7.63 43.14 -57.87
C ILE A 81 -7.50 44.51 -57.17
N GLY A 82 -6.38 44.72 -56.46
CA GLY A 82 -6.15 45.98 -55.73
C GLY A 82 -6.69 46.00 -54.31
N LYS A 83 -7.48 44.99 -53.96
CA LYS A 83 -8.02 44.86 -52.62
C LYS A 83 -6.90 44.67 -51.58
N LYS A 84 -6.93 45.51 -50.54
CA LYS A 84 -5.90 45.55 -49.51
C LYS A 84 -6.39 44.92 -48.20
N THR A 85 -5.51 44.18 -47.52
CA THR A 85 -5.85 43.52 -46.27
C THR A 85 -4.70 43.67 -45.25
N ASP A 86 -5.03 44.22 -44.07
CA ASP A 86 -4.10 44.26 -42.95
C ASP A 86 -3.59 42.87 -42.66
N MET A 87 -2.35 42.79 -42.20
CA MET A 87 -1.74 41.53 -41.81
C MET A 87 -0.62 41.75 -40.78
N PHE A 88 -0.19 40.64 -40.19
CA PHE A 88 0.90 40.62 -39.23
C PHE A 88 1.75 39.39 -39.51
N ALA A 89 3.08 39.55 -39.47
CA ALA A 89 3.98 38.43 -39.69
C ALA A 89 4.92 38.25 -38.51
N ARG A 90 5.19 37.01 -38.17
CA ARG A 90 6.28 36.66 -37.25
C ARG A 90 7.24 35.69 -37.92
N PHE A 91 8.50 36.09 -37.92
CA PHE A 91 9.59 35.27 -38.42
C PHE A 91 10.34 34.76 -37.20
N SER A 92 10.98 33.61 -37.32
CA SER A 92 11.56 32.95 -36.14
C SER A 92 12.58 31.88 -36.47
N THR A 93 13.43 31.50 -35.51
CA THR A 93 14.18 30.25 -35.60
C THR A 93 13.27 29.13 -35.06
N VAL A 94 13.84 27.95 -34.82
CA VAL A 94 13.02 26.80 -34.43
C VAL A 94 13.44 26.24 -33.06
N ALA A 95 14.71 25.89 -32.94
CA ALA A 95 15.22 25.18 -31.76
C ALA A 95 15.59 26.13 -30.62
N GLY A 96 16.08 27.31 -30.97
CA GLY A 96 16.48 28.29 -29.98
C GLY A 96 15.38 28.72 -29.02
N GLU A 97 15.75 28.87 -27.75
CA GLU A 97 14.86 29.44 -26.74
C GLU A 97 14.85 30.96 -26.91
N ARG A 98 14.11 31.63 -26.02
CA ARG A 98 13.99 33.09 -25.93
C ARG A 98 15.09 34.13 -26.21
C ARG A 98 15.47 33.35 -25.65
N GLY A 99 16.30 33.83 -25.77
N GLY A 99 16.05 34.37 -26.28
CA GLY A 99 17.43 34.72 -25.96
C GLY A 99 18.50 34.03 -26.76
N ALA A 100 18.15 32.91 -27.41
CA ALA A 100 19.09 32.20 -28.28
C ALA A 100 19.52 33.08 -29.47
N ALA A 101 20.64 32.73 -30.07
CA ALA A 101 21.15 33.46 -31.24
C ALA A 101 20.18 33.44 -32.42
N ASP A 102 19.92 34.61 -33.01
CA ASP A 102 19.16 34.68 -34.26
C ASP A 102 19.79 33.93 -35.43
N ALA A 103 21.11 34.06 -35.57
CA ALA A 103 21.81 33.58 -36.76
C ALA A 103 22.34 32.14 -36.62
N GLU A 104 21.45 31.21 -36.29
CA GLU A 104 21.78 29.80 -36.26
C GLU A 104 21.36 29.07 -37.54
N ARG A 105 21.97 27.90 -37.76
CA ARG A 105 21.57 27.01 -38.84
C ARG A 105 20.29 26.28 -38.43
N ASP A 106 19.20 26.58 -39.11
CA ASP A 106 17.89 26.14 -38.67
C ASP A 106 16.90 26.52 -39.75
N ILE A 107 15.74 25.87 -39.74
CA ILE A 107 14.58 26.36 -40.45
C ILE A 107 14.20 27.73 -39.85
N ARG A 108 13.58 28.59 -40.65
CA ARG A 108 12.99 29.83 -40.16
C ARG A 108 11.48 29.77 -40.34
N GLY A 109 10.76 30.12 -39.28
CA GLY A 109 9.33 30.24 -39.35
C GLY A 109 8.96 31.47 -40.16
N PHE A 110 7.82 31.37 -40.86
CA PHE A 110 7.35 32.39 -41.78
C PHE A 110 5.83 32.45 -41.58
N SER A 111 5.43 33.13 -40.51
CA SER A 111 4.08 32.99 -39.98
C SER A 111 3.27 34.25 -40.20
N LEU A 112 2.13 34.09 -40.86
CA LEU A 112 1.32 35.20 -41.33
C LEU A 112 -0.09 35.14 -40.75
N LYS A 113 -0.57 36.29 -40.30
CA LYS A 113 -1.96 36.48 -39.92
C LYS A 113 -2.60 37.53 -40.83
N PHE A 114 -3.62 37.15 -41.60
CA PHE A 114 -4.33 38.08 -42.47
C PHE A 114 -5.67 38.38 -41.82
N TYR A 115 -5.89 39.65 -41.52
CA TYR A 115 -7.10 40.12 -40.86
C TYR A 115 -8.18 40.40 -41.92
N THR A 116 -8.81 39.33 -42.42
CA THR A 116 -9.79 39.44 -43.50
C THR A 116 -11.19 39.80 -43.00
N GLU A 117 -12.09 40.06 -43.94
CA GLU A 117 -13.45 40.46 -43.58
C GLU A 117 -14.30 39.26 -43.15
N GLU A 118 -13.80 38.05 -43.40
CA GLU A 118 -14.47 36.83 -42.95
C GLU A 118 -13.58 36.01 -41.98
N GLY A 119 -12.75 36.73 -41.24
CA GLY A 119 -11.93 36.14 -40.21
C GLY A 119 -10.44 36.27 -40.43
N ASN A 120 -9.68 36.12 -39.34
CA ASN A 120 -8.24 35.98 -39.39
C ASN A 120 -7.86 34.67 -40.04
N TRP A 121 -7.14 34.77 -41.17
CA TRP A 121 -6.54 33.59 -41.78
C TRP A 121 -5.09 33.48 -41.29
N ASP A 122 -4.79 32.44 -40.51
CA ASP A 122 -3.42 32.19 -40.06
C ASP A 122 -2.77 31.17 -40.96
N LEU A 123 -1.65 31.56 -41.57
CA LEU A 123 -0.81 30.63 -42.29
C LEU A 123 0.55 30.63 -41.60
N ALA A 124 0.72 29.63 -40.74
CA ALA A 124 1.97 29.40 -40.03
C ALA A 124 2.95 28.64 -40.94
N GLY A 125 3.62 29.38 -41.82
CA GLY A 125 4.56 28.76 -42.77
C GLY A 125 6.00 28.68 -42.30
N ASN A 126 6.87 28.18 -43.18
CA ASN A 126 8.31 28.10 -42.93
C ASN A 126 9.06 28.60 -44.15
N ASN A 127 10.36 28.78 -44.03
CA ASN A 127 11.17 29.27 -45.16
C ASN A 127 11.56 28.12 -46.12
N THR A 128 10.90 26.97 -45.96
CA THR A 128 11.13 25.76 -46.78
C THR A 128 9.77 25.18 -47.22
N PRO A 129 9.70 24.59 -48.43
CA PRO A 129 8.44 23.98 -48.86
C PRO A 129 8.15 22.61 -48.23
N VAL A 130 9.16 22.02 -47.58
CA VAL A 130 9.00 20.69 -47.00
C VAL A 130 9.37 20.69 -45.50
N PHE A 131 9.26 19.53 -44.87
CA PHE A 131 9.60 19.36 -43.47
C PHE A 131 10.17 17.96 -43.31
N PHE A 132 10.68 17.66 -42.13
CA PHE A 132 11.39 16.41 -41.83
C PHE A 132 10.48 15.20 -41.78
N LEU A 133 9.22 15.42 -41.44
CA LEU A 133 8.34 14.31 -41.00
C LEU A 133 7.12 14.09 -41.88
N ARG A 134 6.63 12.85 -41.94
CA ARG A 134 5.37 12.53 -42.62
C ARG A 134 4.20 12.36 -41.62
N ASP A 135 4.52 12.09 -40.37
CA ASP A 135 3.48 11.81 -39.38
C ASP A 135 3.66 12.66 -38.13
N PRO A 136 2.56 13.26 -37.63
CA PRO A 136 2.65 14.20 -36.51
C PRO A 136 2.98 13.56 -35.17
N LEU A 137 2.81 12.25 -35.04
CA LEU A 137 3.28 11.53 -33.84
C LEU A 137 4.77 11.77 -33.60
N LYS A 138 5.52 12.01 -34.68
CA LYS A 138 6.96 12.19 -34.54
C LYS A 138 7.36 13.59 -34.11
N PHE A 139 6.40 14.49 -33.99
CA PHE A 139 6.79 15.88 -33.72
C PHE A 139 7.41 16.11 -32.35
N PRO A 140 6.81 15.56 -31.26
CA PRO A 140 7.51 15.72 -29.96
C PRO A 140 8.90 15.10 -29.96
N ASP A 141 9.09 14.02 -30.74
CA ASP A 141 10.36 13.34 -30.85
C ASP A 141 11.39 14.21 -31.59
N LEU A 142 10.96 14.90 -32.64
CA LEU A 142 11.82 15.88 -33.32
C LEU A 142 12.30 16.99 -32.37
N ASN A 143 11.36 17.61 -31.67
CA ASN A 143 11.69 18.61 -30.65
C ASN A 143 12.75 18.07 -29.67
N HIS A 144 12.49 16.89 -29.12
CA HIS A 144 13.40 16.30 -28.15
C HIS A 144 14.74 15.93 -28.76
N ALA A 145 14.78 15.71 -30.07
CA ALA A 145 16.05 15.38 -30.74
C ALA A 145 16.85 16.64 -31.08
N VAL A 146 16.17 17.74 -31.40
CA VAL A 146 16.87 18.93 -31.88
C VAL A 146 17.15 19.96 -30.78
N LYS A 147 16.47 19.86 -29.65
CA LYS A 147 16.72 20.76 -28.52
C LYS A 147 17.71 20.20 -27.49
N ARG A 148 17.61 20.62 -26.23
CA ARG A 148 18.60 20.25 -25.21
C ARG A 148 18.45 18.82 -24.68
N ASP A 149 19.58 18.12 -24.53
CA ASP A 149 19.59 16.79 -23.90
C ASP A 149 19.13 16.85 -22.43
N PRO A 150 18.26 15.89 -22.00
CA PRO A 150 17.72 15.86 -20.63
C PRO A 150 18.77 16.00 -19.53
N ARG A 151 19.97 15.45 -19.75
CA ARG A 151 21.05 15.52 -18.76
C ARG A 151 22.03 16.69 -18.96
N THR A 152 22.56 16.85 -20.17
CA THR A 152 23.62 17.85 -20.43
C THR A 152 23.08 19.28 -20.57
N ASN A 153 21.77 19.42 -20.77
CA ASN A 153 21.13 20.70 -21.09
C ASN A 153 21.75 21.45 -22.27
N MET A 154 22.29 20.68 -23.21
CA MET A 154 22.86 21.23 -24.42
C MET A 154 22.37 20.42 -25.60
N ARG A 155 22.38 21.03 -26.78
CA ARG A 155 22.04 20.27 -27.98
C ARG A 155 23.05 19.13 -28.13
N SER A 156 22.54 18.02 -28.68
CA SER A 156 23.34 16.82 -28.83
C SER A 156 23.33 16.44 -30.29
N ALA A 157 24.52 16.42 -30.91
CA ALA A 157 24.59 15.99 -32.30
C ALA A 157 24.19 14.52 -32.43
N LYS A 158 24.60 13.69 -31.48
CA LYS A 158 24.18 12.28 -31.46
C LYS A 158 22.65 12.16 -31.46
N ASN A 159 21.97 12.84 -30.54
CA ASN A 159 20.50 12.75 -30.44
C ASN A 159 19.89 13.18 -31.77
N ASN A 160 20.32 14.34 -32.28
CA ASN A 160 19.80 14.94 -33.51
C ASN A 160 19.95 14.04 -34.74
N TRP A 161 21.15 13.49 -34.92
CA TRP A 161 21.45 12.63 -36.07
C TRP A 161 20.96 11.19 -35.96
N ASP A 162 20.95 10.63 -34.75
CA ASP A 162 20.31 9.33 -34.51
C ASP A 162 18.85 9.38 -35.00
N PHE A 163 18.13 10.42 -34.59
CA PHE A 163 16.71 10.58 -34.95
C PHE A 163 16.54 10.81 -36.45
N TRP A 164 17.31 11.75 -37.02
CA TRP A 164 17.22 12.05 -38.44
C TRP A 164 17.55 10.83 -39.33
N THR A 165 18.61 10.13 -38.98
CA THR A 165 19.03 8.95 -39.77
C THR A 165 18.06 7.77 -39.69
N SER A 166 17.18 7.80 -38.68
CA SER A 166 16.19 6.76 -38.42
C SER A 166 14.92 6.99 -39.22
N LEU A 167 14.84 8.17 -39.83
CA LEU A 167 13.69 8.57 -40.63
C LEU A 167 14.20 9.01 -41.99
N PRO A 168 14.36 8.06 -42.94
CA PRO A 168 14.92 8.40 -44.26
C PRO A 168 14.11 9.50 -44.98
N GLU A 169 12.81 9.60 -44.67
CA GLU A 169 11.93 10.63 -45.23
C GLU A 169 12.41 12.04 -44.87
N ALA A 170 13.19 12.14 -43.80
CA ALA A 170 13.76 13.42 -43.34
C ALA A 170 14.88 13.95 -44.24
N LEU A 171 15.38 13.12 -45.16
CA LEU A 171 16.52 13.52 -45.99
C LEU A 171 16.33 14.82 -46.79
N HIS A 172 15.13 15.03 -47.34
CA HIS A 172 14.82 16.24 -48.12
C HIS A 172 15.08 17.53 -47.31
N GLN A 173 14.51 17.61 -46.11
CA GLN A 173 14.70 18.80 -45.29
C GLN A 173 16.07 18.89 -44.62
N VAL A 174 16.67 17.74 -44.27
CA VAL A 174 18.05 17.75 -43.81
C VAL A 174 18.96 18.38 -44.87
N THR A 175 18.75 18.05 -46.13
CA THR A 175 19.55 18.58 -47.23
C THR A 175 19.41 20.10 -47.31
N ILE A 176 18.18 20.58 -47.20
CA ILE A 176 17.89 22.00 -47.27
C ILE A 176 18.53 22.75 -46.10
N VAL A 177 18.46 22.18 -44.90
CA VAL A 177 18.98 22.86 -43.71
C VAL A 177 20.53 22.86 -43.68
N MET A 178 21.12 21.82 -44.25
CA MET A 178 22.57 21.70 -44.39
C MET A 178 23.14 22.45 -45.61
N SER A 179 22.27 22.84 -46.54
CA SER A 179 22.68 23.62 -47.71
C SER A 179 22.95 25.08 -47.30
N ASP A 180 23.30 25.91 -48.28
CA ASP A 180 23.56 27.34 -48.04
C ASP A 180 22.35 28.13 -47.54
N ARG A 181 21.14 27.62 -47.79
CA ARG A 181 19.92 28.27 -47.32
C ARG A 181 19.59 28.00 -45.84
N GLY A 182 20.46 27.26 -45.17
CA GLY A 182 20.31 26.93 -43.75
C GLY A 182 20.41 28.12 -42.80
N ILE A 183 21.10 29.17 -43.23
CA ILE A 183 21.22 30.40 -42.44
C ILE A 183 20.91 31.61 -43.33
N PRO A 184 19.64 32.03 -43.41
CA PRO A 184 19.38 33.29 -44.11
C PRO A 184 20.15 34.44 -43.47
N ALA A 185 20.63 35.39 -44.28
CA ALA A 185 21.35 36.58 -43.77
C ALA A 185 20.44 37.52 -42.96
N THR A 186 19.18 37.59 -43.36
CA THR A 186 18.16 38.34 -42.63
C THR A 186 16.82 37.68 -42.97
N TYR A 187 15.76 38.08 -42.25
CA TYR A 187 14.42 37.58 -42.52
C TYR A 187 13.84 38.08 -43.85
N ARG A 188 14.41 39.18 -44.35
CA ARG A 188 13.94 39.79 -45.59
C ARG A 188 14.47 39.06 -46.83
N HIS A 189 15.49 38.21 -46.61
CA HIS A 189 16.21 37.54 -47.71
C HIS A 189 16.00 36.03 -47.71
N MET A 190 14.78 35.63 -47.39
CA MET A 190 14.37 34.24 -47.45
C MET A 190 12.97 34.20 -48.02
N HIS A 191 12.62 33.05 -48.60
CA HIS A 191 11.28 32.82 -49.13
C HIS A 191 10.38 32.27 -48.02
N GLY A 192 9.07 32.29 -48.29
CA GLY A 192 8.08 31.69 -47.40
C GLY A 192 7.23 30.63 -48.09
N PHE A 193 6.73 29.67 -47.31
CA PHE A 193 5.90 28.59 -47.87
C PHE A 193 4.86 28.14 -46.86
N GLY A 194 3.65 27.82 -47.32
CA GLY A 194 2.69 27.11 -46.48
C GLY A 194 3.14 25.67 -46.20
N SER A 195 4.04 25.18 -47.08
CA SER A 195 4.56 23.81 -47.07
C SER A 195 3.50 22.74 -47.36
N HIS A 196 2.44 22.67 -46.54
CA HIS A 196 1.39 21.66 -46.72
C HIS A 196 0.57 21.93 -47.97
N THR A 197 -0.02 20.86 -48.48
CA THR A 197 -1.15 21.00 -49.39
C THR A 197 -2.31 21.49 -48.54
N PHE A 198 -2.97 22.54 -49.02
CA PHE A 198 -4.20 23.03 -48.43
C PHE A 198 -5.26 22.86 -49.51
N SER A 199 -6.40 23.52 -49.34
CA SER A 199 -7.41 23.53 -50.37
C SER A 199 -8.03 24.91 -50.57
N PHE A 200 -8.45 25.13 -51.81
CA PHE A 200 -9.29 26.27 -52.19
C PHE A 200 -10.70 25.73 -52.47
N ILE A 201 -11.72 26.47 -52.03
CA ILE A 201 -13.13 26.17 -52.33
C ILE A 201 -13.68 27.40 -53.03
N ASN A 202 -14.28 27.20 -54.22
CA ASN A 202 -14.81 28.33 -54.98
C ASN A 202 -16.31 28.55 -54.78
N SER A 203 -16.84 29.57 -55.46
CA SER A 203 -18.25 29.95 -55.39
C SER A 203 -19.23 28.81 -55.57
N ASP A 204 -18.87 27.85 -56.44
CA ASP A 204 -19.74 26.72 -56.75
C ASP A 204 -19.42 25.50 -55.92
N ASN A 205 -18.70 25.69 -54.80
CA ASN A 205 -18.32 24.60 -53.88
C ASN A 205 -17.46 23.48 -54.48
N GLU A 206 -16.72 23.82 -55.53
CA GLU A 206 -15.68 22.92 -56.06
C GLU A 206 -14.40 23.06 -55.24
N ARG A 207 -13.68 21.94 -55.08
CA ARG A 207 -12.46 21.91 -54.32
C ARG A 207 -11.21 21.74 -55.19
N TYR A 208 -10.19 22.54 -54.88
CA TYR A 208 -8.86 22.43 -55.49
C TYR A 208 -7.83 22.23 -54.39
N TRP A 209 -6.81 21.41 -54.66
CA TRP A 209 -5.66 21.33 -53.75
C TRP A 209 -4.70 22.47 -54.12
N VAL A 210 -4.07 23.09 -53.12
CA VAL A 210 -3.24 24.30 -53.32
C VAL A 210 -1.94 24.29 -52.49
N LYS A 211 -0.90 24.91 -53.05
CA LYS A 211 0.34 25.21 -52.33
C LYS A 211 0.53 26.73 -52.29
N PHE A 212 0.92 27.25 -51.13
CA PHE A 212 1.23 28.68 -51.00
C PHE A 212 2.75 28.90 -51.04
N HIS A 213 3.16 29.89 -51.85
CA HIS A 213 4.56 30.26 -52.06
C HIS A 213 4.70 31.77 -51.89
N PHE A 214 5.69 32.19 -51.09
CA PHE A 214 5.97 33.61 -50.91
C PHE A 214 7.39 33.89 -51.38
N VAL A 215 7.50 34.62 -52.50
CA VAL A 215 8.79 34.86 -53.14
C VAL A 215 9.36 36.20 -52.69
N SER A 216 10.54 36.18 -52.07
CA SER A 216 11.19 37.40 -51.61
C SER A 216 11.50 38.34 -52.77
N GLN A 217 11.11 39.61 -52.62
CA GLN A 217 11.45 40.63 -53.62
C GLN A 217 12.83 41.22 -53.33
N GLN A 218 13.46 40.79 -52.24
CA GLN A 218 14.81 41.22 -51.87
C GLN A 218 15.86 40.21 -52.31
N GLY A 219 15.41 39.05 -52.80
CA GLY A 219 16.31 37.99 -53.22
C GLY A 219 16.81 37.15 -52.05
N ILE A 220 17.46 36.04 -52.35
CA ILE A 220 18.01 35.14 -51.34
C ILE A 220 19.45 35.56 -50.97
N LYS A 221 19.72 35.71 -49.67
CA LYS A 221 21.07 35.98 -49.15
C LYS A 221 21.29 35.11 -47.92
N ASN A 222 22.48 34.53 -47.82
CA ASN A 222 22.77 33.55 -46.76
C ASN A 222 24.07 33.85 -46.05
N LEU A 223 24.25 33.22 -44.87
CA LEU A 223 25.52 33.32 -44.14
C LEU A 223 26.12 31.92 -44.07
N SER A 224 27.45 31.84 -44.22
CA SER A 224 28.17 30.57 -44.01
C SER A 224 28.23 30.31 -42.50
N ASP A 225 28.64 29.12 -42.06
CA ASP A 225 28.84 28.91 -40.62
C ASP A 225 29.84 29.94 -40.05
N ALA A 226 30.90 30.24 -40.81
CA ALA A 226 31.92 31.16 -40.35
C ALA A 226 31.40 32.58 -40.21
N GLU A 227 30.61 33.05 -41.18
CA GLU A 227 30.02 34.38 -41.07
C GLU A 227 29.03 34.47 -39.93
N ALA A 228 28.29 33.39 -39.69
CA ALA A 228 27.25 33.38 -38.65
C ALA A 228 27.86 33.42 -37.26
N GLY A 229 28.90 32.62 -37.03
CA GLY A 229 29.61 32.58 -35.75
C GLY A 229 30.14 33.95 -35.38
N GLU A 230 30.72 34.63 -36.38
CA GLU A 230 31.25 35.97 -36.22
C GLU A 230 30.14 36.94 -35.82
N LEU A 231 29.03 36.88 -36.56
CA LEU A 231 27.89 37.74 -36.28
C LEU A 231 27.32 37.45 -34.86
N VAL A 232 27.18 36.18 -34.53
CA VAL A 232 26.64 35.76 -33.24
C VAL A 232 27.50 36.19 -32.06
N GLY A 233 28.83 36.12 -32.22
CA GLY A 233 29.74 36.63 -31.19
C GLY A 233 29.52 38.11 -30.89
N ASN A 234 29.11 38.87 -31.89
CA ASN A 234 28.80 40.29 -31.70
C ASN A 234 27.35 40.59 -31.31
N ASP A 235 26.40 39.74 -31.72
CA ASP A 235 24.98 40.09 -31.66
C ASP A 235 24.11 38.85 -31.76
N ARG A 236 23.48 38.47 -30.64
CA ARG A 236 22.48 37.38 -30.66
C ARG A 236 21.17 37.85 -31.26
N GLU A 237 21.04 39.15 -31.49
CA GLU A 237 19.76 39.74 -31.93
C GLU A 237 19.79 40.31 -33.35
N SER A 238 20.69 39.79 -34.17
CA SER A 238 20.97 40.32 -35.52
C SER A 238 19.76 40.46 -36.45
N HIS A 239 18.84 39.52 -36.37
CA HIS A 239 17.74 39.44 -37.35
C HIS A 239 16.57 40.31 -36.95
N GLN A 240 16.25 40.32 -35.65
CA GLN A 240 15.42 41.37 -35.06
C GLN A 240 15.96 42.76 -35.41
N ARG A 241 17.27 42.96 -35.21
CA ARG A 241 17.89 44.27 -35.43
C ARG A 241 17.63 44.72 -36.86
N ASP A 242 17.90 43.82 -37.80
CA ASP A 242 17.76 44.12 -39.21
C ASP A 242 16.31 44.44 -39.60
N LEU A 243 15.35 43.65 -39.11
CA LEU A 243 13.94 43.86 -39.48
C LEU A 243 13.43 45.18 -38.95
N LEU A 244 13.70 45.44 -37.66
CA LEU A 244 13.32 46.66 -36.97
C LEU A 244 13.92 47.89 -37.66
N ASP A 245 15.25 47.88 -37.85
CA ASP A 245 15.95 48.99 -38.49
C ASP A 245 15.48 49.24 -39.92
N SER A 246 15.32 48.17 -40.72
CA SER A 246 14.84 48.32 -42.10
C SER A 246 13.47 49.01 -42.18
N ILE A 247 12.52 48.57 -41.36
CA ILE A 247 11.19 49.17 -41.37
C ILE A 247 11.24 50.61 -40.84
N ASP A 248 12.03 50.84 -39.79
CA ASP A 248 12.24 52.21 -39.31
C ASP A 248 12.90 53.13 -40.36
N ASN A 249 13.74 52.56 -41.23
CA ASN A 249 14.37 53.29 -42.33
C ASN A 249 13.51 53.34 -43.58
N GLN A 250 12.29 52.82 -43.48
CA GLN A 250 11.33 52.80 -44.58
C GLN A 250 11.76 51.94 -45.77
N ASP A 251 12.61 50.96 -45.49
CA ASP A 251 13.01 49.98 -46.47
C ASP A 251 12.13 48.73 -46.27
N PHE A 252 10.88 48.82 -46.71
CA PHE A 252 9.86 47.83 -46.38
C PHE A 252 10.02 46.54 -47.19
N PRO A 253 10.24 45.39 -46.52
CA PRO A 253 10.41 44.17 -47.30
C PRO A 253 9.09 43.67 -47.92
N LYS A 254 9.19 43.13 -49.13
CA LYS A 254 8.04 42.56 -49.82
C LYS A 254 8.26 41.12 -50.27
N TRP A 255 7.14 40.41 -50.41
CA TRP A 255 7.10 39.05 -50.91
C TRP A 255 5.91 38.97 -51.86
N THR A 256 6.06 38.18 -52.93
CA THR A 256 4.99 37.93 -53.89
C THR A 256 4.31 36.58 -53.59
N LEU A 257 3.02 36.60 -53.32
CA LEU A 257 2.25 35.36 -53.18
C LEU A 257 1.99 34.72 -54.54
N LYS A 258 2.41 33.47 -54.66
CA LYS A 258 2.10 32.64 -55.81
C LYS A 258 1.55 31.30 -55.35
N VAL A 259 0.67 30.70 -56.14
CA VAL A 259 0.06 29.43 -55.76
C VAL A 259 0.20 28.36 -56.85
N GLN A 260 0.24 27.11 -56.41
CA GLN A 260 0.08 25.98 -57.30
C GLN A 260 -1.31 25.45 -57.05
N ILE A 261 -2.04 25.13 -58.13
CA ILE A 261 -3.43 24.71 -58.01
C ILE A 261 -3.66 23.39 -58.75
N MET A 262 -4.13 22.39 -58.02
CA MET A 262 -4.33 21.03 -58.54
C MET A 262 -5.80 20.65 -58.44
N PRO A 263 -6.42 20.30 -59.59
CA PRO A 263 -7.80 19.86 -59.53
C PRO A 263 -7.92 18.63 -58.65
N GLU A 264 -9.02 18.54 -57.92
CA GLU A 264 -9.22 17.47 -56.94
C GLU A 264 -8.82 16.09 -57.46
N ALA A 265 -9.10 15.84 -58.75
CA ALA A 265 -9.00 14.52 -59.37
C ALA A 265 -7.57 14.07 -59.63
N ASP A 266 -6.67 15.03 -59.86
CA ASP A 266 -5.28 14.72 -60.17
C ASP A 266 -4.56 14.06 -59.00
N ALA A 267 -5.10 14.26 -57.79
CA ALA A 267 -4.53 13.71 -56.54
C ALA A 267 -4.48 12.17 -56.58
N ALA A 268 -5.48 11.58 -57.23
CA ALA A 268 -5.52 10.12 -57.43
C ALA A 268 -4.54 9.62 -58.52
N THR A 269 -4.08 10.52 -59.39
CA THR A 269 -3.32 10.07 -60.58
C THR A 269 -1.85 10.49 -60.63
N VAL A 270 -1.48 11.55 -59.91
CA VAL A 270 -0.07 12.02 -59.93
C VAL A 270 0.89 10.95 -59.39
N PRO A 271 2.12 10.88 -59.92
CA PRO A 271 3.07 9.85 -59.46
C PRO A 271 3.65 10.02 -58.05
N TYR A 272 3.42 11.17 -57.42
CA TYR A 272 3.90 11.42 -56.05
C TYR A 272 2.71 11.56 -55.11
N ASN A 273 2.86 11.20 -53.84
CA ASN A 273 1.79 11.46 -52.87
C ASN A 273 1.70 12.97 -52.70
N PRO A 274 0.58 13.60 -53.15
CA PRO A 274 0.47 15.07 -53.10
C PRO A 274 0.25 15.64 -51.70
N PHE A 275 0.08 14.76 -50.71
CA PHE A 275 -0.17 15.14 -49.33
C PHE A 275 1.04 14.84 -48.42
N ASP A 276 2.15 14.42 -49.02
CA ASP A 276 3.37 14.05 -48.31
C ASP A 276 4.18 15.33 -48.07
N LEU A 277 4.34 15.71 -46.79
CA LEU A 277 5.02 16.95 -46.41
C LEU A 277 6.51 16.96 -46.76
N THR A 278 7.09 15.78 -46.99
CA THR A 278 8.51 15.66 -47.34
C THR A 278 8.74 15.76 -48.87
N LYS A 279 7.67 16.09 -49.59
CA LYS A 279 7.72 16.21 -51.06
C LYS A 279 7.07 17.52 -51.52
N VAL A 280 7.59 18.06 -52.62
CA VAL A 280 7.00 19.22 -53.29
C VAL A 280 6.20 18.73 -54.50
N TRP A 281 5.40 19.62 -55.08
CA TRP A 281 4.85 19.40 -56.41
C TRP A 281 5.77 20.07 -57.43
N PRO A 282 6.27 19.28 -58.43
CA PRO A 282 7.09 19.87 -59.49
C PRO A 282 6.40 21.03 -60.19
N HIS A 283 7.15 22.11 -60.34
CA HIS A 283 6.68 23.32 -61.03
C HIS A 283 6.28 23.03 -62.48
N LYS A 284 6.93 22.04 -63.09
CA LYS A 284 6.57 21.59 -64.44
C LYS A 284 5.13 21.10 -64.50
N ASP A 285 4.73 20.35 -63.47
CA ASP A 285 3.41 19.76 -63.39
C ASP A 285 2.38 20.82 -62.98
N TYR A 286 2.74 21.62 -61.97
CA TYR A 286 1.84 22.69 -61.50
C TYR A 286 2.59 24.01 -61.39
N PRO A 287 2.55 24.83 -62.46
CA PRO A 287 3.26 26.11 -62.49
C PRO A 287 2.74 27.09 -61.43
N LEU A 288 3.64 27.94 -60.94
CA LEU A 288 3.30 29.02 -59.99
C LEU A 288 2.38 30.05 -60.64
N ILE A 289 1.33 30.44 -59.92
CA ILE A 289 0.31 31.35 -60.42
C ILE A 289 0.30 32.58 -59.50
N GLU A 290 0.66 33.74 -60.04
CA GLU A 290 0.74 34.95 -59.23
C GLU A 290 -0.63 35.38 -58.70
N VAL A 291 -0.67 35.84 -57.45
CA VAL A 291 -1.91 36.26 -56.79
C VAL A 291 -1.82 37.71 -56.26
N GLY A 292 -0.72 38.01 -55.57
CA GLY A 292 -0.56 39.31 -54.96
C GLY A 292 0.78 39.43 -54.28
N GLU A 293 0.96 40.52 -53.55
CA GLU A 293 2.15 40.71 -52.71
C GLU A 293 1.79 41.29 -51.35
N PHE A 294 2.61 41.03 -50.34
CA PHE A 294 2.53 41.81 -49.12
C PHE A 294 3.84 42.55 -48.82
N GLU A 295 3.71 43.65 -48.08
CA GLU A 295 4.86 44.41 -47.60
C GLU A 295 4.71 44.68 -46.11
N LEU A 296 5.80 44.51 -45.38
CA LEU A 296 5.84 44.78 -43.95
C LEU A 296 6.32 46.21 -43.76
N ASN A 297 5.49 47.02 -43.11
CA ASN A 297 5.72 48.46 -43.13
C ASN A 297 5.48 49.19 -41.80
N ARG A 298 5.26 48.44 -40.72
CA ARG A 298 5.06 49.01 -39.39
C ARG A 298 5.56 48.08 -38.27
N ASN A 299 6.53 48.56 -37.49
CA ASN A 299 7.03 47.85 -36.32
C ASN A 299 6.00 47.94 -35.18
N PRO A 300 5.81 46.84 -34.44
CA PRO A 300 4.94 46.91 -33.25
C PRO A 300 5.45 47.95 -32.27
N GLN A 301 4.56 48.55 -31.49
CA GLN A 301 5.00 49.50 -30.46
C GLN A 301 5.51 48.81 -29.19
N ASN A 302 4.91 47.66 -28.85
CA ASN A 302 5.34 46.84 -27.69
C ASN A 302 5.54 45.37 -28.09
N TYR A 303 6.78 44.91 -28.02
CA TYR A 303 7.14 43.56 -28.44
C TYR A 303 6.41 42.49 -27.62
N PHE A 304 6.35 42.65 -26.30
CA PHE A 304 5.71 41.62 -25.46
C PHE A 304 4.25 41.46 -25.85
N ALA A 305 3.53 42.58 -25.90
CA ALA A 305 2.08 42.57 -26.09
C ALA A 305 1.67 42.04 -27.47
N GLU A 306 2.47 42.38 -28.48
CA GLU A 306 2.08 42.21 -29.88
C GLU A 306 2.81 41.09 -30.60
N VAL A 307 4.03 40.80 -30.19
CA VAL A 307 4.83 39.74 -30.84
C VAL A 307 4.91 38.49 -29.96
N GLU A 308 5.35 38.65 -28.72
CA GLU A 308 5.45 37.48 -27.82
C GLU A 308 4.07 36.82 -27.64
N GLN A 309 3.05 37.65 -27.43
CA GLN A 309 1.68 37.16 -27.24
C GLN A 309 0.97 36.76 -28.54
N ALA A 310 1.60 36.98 -29.70
CA ALA A 310 0.99 36.59 -30.98
C ALA A 310 0.74 35.08 -31.04
N ALA A 311 -0.41 34.69 -31.58
CA ALA A 311 -0.78 33.29 -31.73
C ALA A 311 -1.30 33.00 -33.15
N PHE A 312 -0.64 32.12 -33.86
CA PHE A 312 -1.10 31.73 -35.20
C PHE A 312 -1.59 30.29 -35.14
N ASN A 313 -2.84 30.07 -35.55
CA ASN A 313 -3.44 28.74 -35.51
C ASN A 313 -3.77 28.28 -36.94
N PRO A 314 -3.07 27.25 -37.43
CA PRO A 314 -3.34 26.71 -38.78
C PRO A 314 -4.84 26.38 -39.02
N ALA A 315 -5.55 26.02 -37.95
CA ALA A 315 -7.00 25.78 -38.02
C ALA A 315 -7.82 27.04 -38.35
N ASN A 316 -7.21 28.22 -38.17
CA ASN A 316 -7.85 29.52 -38.50
C ASN A 316 -7.81 29.84 -40.00
N VAL A 317 -8.82 29.33 -40.68
CA VAL A 317 -8.94 29.44 -42.10
C VAL A 317 -10.18 30.32 -42.35
N VAL A 318 -10.43 30.67 -43.60
CA VAL A 318 -11.54 31.58 -43.94
C VAL A 318 -12.33 30.95 -45.10
N PRO A 319 -13.62 31.32 -45.26
CA PRO A 319 -14.35 30.73 -46.39
C PRO A 319 -13.54 30.84 -47.68
N GLY A 320 -13.40 29.71 -48.37
CA GLY A 320 -12.67 29.64 -49.63
C GLY A 320 -11.30 28.99 -49.47
N ILE A 321 -10.91 28.73 -48.23
CA ILE A 321 -9.61 28.12 -47.88
C ILE A 321 -9.83 27.02 -46.85
N SER A 322 -9.37 25.81 -47.14
CA SER A 322 -9.53 24.73 -46.18
C SER A 322 -8.27 23.88 -46.06
N PHE A 323 -8.41 22.72 -45.43
CA PHE A 323 -7.30 21.84 -45.11
C PHE A 323 -7.08 20.76 -46.19
N SER A 324 -6.31 19.72 -45.86
CA SER A 324 -6.06 18.57 -46.73
C SER A 324 -5.76 17.37 -45.82
N PRO A 325 -5.83 16.13 -46.35
CA PRO A 325 -5.43 14.98 -45.51
C PRO A 325 -3.94 14.72 -45.29
N ASP A 326 -3.11 15.72 -45.53
CA ASP A 326 -1.71 15.66 -45.12
C ASP A 326 -1.74 15.40 -43.61
N LYS A 327 -1.21 14.26 -43.17
CA LYS A 327 -1.33 13.85 -41.76
C LYS A 327 -0.64 14.87 -40.83
N MET A 328 0.47 15.44 -41.29
CA MET A 328 1.14 16.49 -40.55
C MET A 328 0.25 17.71 -40.33
N LEU A 329 -0.49 18.10 -41.37
CA LEU A 329 -1.41 19.24 -41.25
C LEU A 329 -2.53 18.91 -40.27
N GLN A 330 -3.09 17.71 -40.40
CA GLN A 330 -4.15 17.25 -39.52
C GLN A 330 -3.78 17.40 -38.05
N GLY A 331 -2.60 16.94 -37.69
CA GLY A 331 -2.11 17.01 -36.29
C GLY A 331 -2.00 18.45 -35.79
N ARG A 332 -1.52 19.33 -36.66
CA ARG A 332 -1.40 20.75 -36.34
C ARG A 332 -2.75 21.40 -36.06
N LEU A 333 -3.83 20.83 -36.61
CA LEU A 333 -5.18 21.35 -36.33
C LEU A 333 -5.58 21.23 -34.86
N PHE A 334 -4.93 20.31 -34.13
CA PHE A 334 -5.14 20.20 -32.67
C PHE A 334 -4.13 21.00 -31.86
N ALA A 335 -2.85 20.89 -32.19
CA ALA A 335 -1.76 21.30 -31.30
C ALA A 335 -1.59 22.80 -31.02
N TYR A 336 -1.95 23.64 -31.99
CA TYR A 336 -1.77 25.08 -31.82
C TYR A 336 -2.76 25.76 -30.90
N GLY A 337 -4.06 25.56 -31.14
CA GLY A 337 -5.08 26.07 -30.23
C GLY A 337 -4.79 25.61 -28.82
N ASP A 338 -4.43 24.33 -28.70
CA ASP A 338 -4.07 23.70 -27.43
C ASP A 338 -2.86 24.37 -26.74
N ALA A 339 -1.76 24.49 -27.46
CA ALA A 339 -0.54 25.12 -26.95
C ALA A 339 -0.77 26.58 -26.60
N GLN A 340 -1.61 27.26 -27.38
CA GLN A 340 -1.87 28.68 -27.20
C GLN A 340 -2.81 29.00 -26.04
N ARG A 341 -3.80 28.14 -25.80
CA ARG A 341 -4.63 28.25 -24.59
C ARG A 341 -3.82 28.09 -23.30
N TYR A 342 -2.90 27.12 -23.28
CA TYR A 342 -1.94 26.99 -22.19
C TYR A 342 -0.98 28.19 -22.05
N ARG A 343 -0.33 28.57 -23.15
CA ARG A 343 0.70 29.61 -23.14
C ARG A 343 0.12 31.00 -22.83
N LEU A 344 -1.05 31.29 -23.41
CA LEU A 344 -1.57 32.65 -23.39
C LEU A 344 -2.86 32.86 -22.61
N GLY A 345 -3.53 31.79 -22.21
CA GLY A 345 -4.86 31.92 -21.58
C GLY A 345 -5.97 31.59 -22.58
N VAL A 346 -7.10 31.08 -22.09
CA VAL A 346 -8.18 30.68 -22.99
C VAL A 346 -8.74 31.87 -23.79
N ASN A 347 -8.72 33.07 -23.20
CA ASN A 347 -9.23 34.28 -23.84
C ASN A 347 -8.19 35.11 -24.64
N HIS A 348 -7.10 34.45 -25.04
CA HIS A 348 -5.99 35.10 -25.74
C HIS A 348 -6.35 35.74 -27.07
N GLN A 349 -7.50 35.40 -27.63
CA GLN A 349 -7.87 36.05 -28.88
C GLN A 349 -8.48 37.44 -28.67
N HIS A 350 -8.61 37.82 -27.41
CA HIS A 350 -8.94 39.19 -27.01
C HIS A 350 -7.69 40.09 -26.91
N ILE A 351 -6.50 39.47 -26.99
CA ILE A 351 -5.23 40.22 -27.11
C ILE A 351 -5.23 40.90 -28.48
N PRO A 352 -5.03 42.23 -28.53
CA PRO A 352 -5.18 42.99 -29.78
C PRO A 352 -4.59 42.33 -31.04
N VAL A 353 -3.33 41.87 -30.99
CA VAL A 353 -2.70 41.27 -32.18
C VAL A 353 -3.48 40.05 -32.69
N ASN A 354 -4.15 39.36 -31.78
CA ASN A 354 -4.89 38.13 -32.10
C ASN A 354 -6.34 38.40 -32.47
N ALA A 355 -6.83 39.59 -32.15
CA ALA A 355 -8.24 39.92 -32.38
C ALA A 355 -8.59 40.03 -33.87
N PRO A 356 -9.79 39.56 -34.26
CA PRO A 356 -10.26 39.82 -35.61
C PRO A 356 -10.47 41.31 -35.84
N ARG A 357 -10.40 41.73 -37.10
CA ARG A 357 -10.69 43.12 -37.51
C ARG A 357 -11.92 43.11 -38.42
N CYS A 358 -12.84 42.21 -38.08
CA CYS A 358 -14.10 42.01 -38.76
C CYS A 358 -15.09 41.66 -37.66
N PRO A 359 -16.41 41.60 -37.97
CA PRO A 359 -17.38 41.26 -36.92
C PRO A 359 -17.10 39.89 -36.33
N VAL A 360 -17.19 39.81 -35.00
CA VAL A 360 -16.96 38.57 -34.29
C VAL A 360 -18.12 38.37 -33.27
N HIS A 361 -18.58 37.12 -33.15
CA HIS A 361 -19.71 36.79 -32.27
C HIS A 361 -19.51 35.32 -31.95
N SER A 362 -18.56 35.07 -31.03
CA SER A 362 -17.91 33.77 -30.92
C SER A 362 -18.42 32.80 -29.86
N TYR A 363 -19.48 33.16 -29.14
CA TYR A 363 -20.23 32.24 -28.25
C TYR A 363 -19.59 31.90 -26.90
N HIS A 364 -18.30 31.63 -26.91
CA HIS A 364 -17.62 31.10 -25.71
C HIS A 364 -17.73 32.06 -24.54
N ARG A 365 -18.06 31.50 -23.36
CA ARG A 365 -18.29 32.32 -22.18
C ARG A 365 -17.27 32.11 -21.07
N ASP A 366 -17.12 33.14 -20.24
CA ASP A 366 -16.33 33.10 -19.03
C ASP A 366 -14.84 32.86 -19.34
N GLY A 367 -14.16 32.07 -18.51
CA GLY A 367 -12.72 31.85 -18.67
C GLY A 367 -11.90 32.95 -18.01
N ALA A 368 -10.67 32.61 -17.68
CA ALA A 368 -9.74 33.57 -17.04
C ALA A 368 -9.60 34.88 -17.80
N MET A 369 -9.52 35.97 -17.05
CA MET A 369 -9.24 37.31 -17.58
C MET A 369 -10.23 37.72 -18.68
N ARG A 370 -11.51 37.67 -18.33
CA ARG A 370 -12.58 38.01 -19.25
C ARG A 370 -12.80 39.52 -19.20
N VAL A 371 -12.38 40.21 -20.26
CA VAL A 371 -12.38 41.69 -20.26
C VAL A 371 -13.31 42.34 -21.28
N ASP A 372 -13.94 41.52 -22.13
CA ASP A 372 -14.72 42.02 -23.27
C ASP A 372 -16.21 42.24 -22.96
N GLY A 373 -16.62 41.99 -21.72
CA GLY A 373 -18.05 42.10 -21.34
C GLY A 373 -18.80 40.77 -21.32
N ASN A 374 -18.18 39.72 -21.89
CA ASN A 374 -18.71 38.36 -21.84
C ASN A 374 -20.11 38.25 -22.50
N PHE A 375 -20.39 39.14 -23.46
CA PHE A 375 -21.72 39.25 -24.13
C PHE A 375 -22.87 39.72 -23.20
N GLY A 376 -22.54 40.34 -22.07
CA GLY A 376 -23.55 40.76 -21.10
C GLY A 376 -24.51 39.65 -20.72
N SER A 377 -25.80 39.95 -20.84
CA SER A 377 -26.89 39.10 -20.41
C SER A 377 -27.32 38.07 -21.45
N THR A 378 -26.65 38.05 -22.61
CA THR A 378 -27.02 37.15 -23.71
C THR A 378 -27.09 35.70 -23.20
N LEU A 379 -28.21 35.03 -23.47
CA LEU A 379 -28.34 33.61 -23.12
C LEU A 379 -27.19 32.82 -23.75
N GLY A 380 -26.90 31.65 -23.18
CA GLY A 380 -25.68 30.95 -23.54
C GLY A 380 -25.88 29.64 -24.28
N TYR A 381 -27.13 29.30 -24.58
CA TYR A 381 -27.45 27.97 -25.13
C TYR A 381 -28.04 28.10 -26.53
N GLU A 382 -27.79 27.10 -27.37
CA GLU A 382 -28.37 27.03 -28.71
C GLU A 382 -28.64 25.56 -29.03
N PRO A 383 -29.82 25.23 -29.59
CA PRO A 383 -30.97 26.08 -30.02
C PRO A 383 -31.67 26.86 -28.89
N ASN A 384 -32.21 28.03 -29.24
CA ASN A 384 -32.95 28.91 -28.34
C ASN A 384 -34.03 29.70 -29.07
N ASP A 385 -34.97 30.28 -28.32
CA ASP A 385 -36.13 30.93 -28.94
C ASP A 385 -35.88 32.38 -29.41
N GLN A 386 -34.61 32.79 -29.42
CA GLN A 386 -34.21 34.11 -29.87
C GLN A 386 -33.44 34.02 -31.18
N GLY A 387 -33.20 32.80 -31.63
CA GLY A 387 -32.34 32.56 -32.79
C GLY A 387 -30.89 33.03 -32.56
N GLN A 388 -30.49 33.13 -31.28
CA GLN A 388 -29.13 33.56 -30.94
C GLN A 388 -28.12 32.47 -31.29
N TRP A 389 -26.88 32.88 -31.57
CA TRP A 389 -25.80 31.95 -31.92
C TRP A 389 -26.14 31.08 -33.15
N ALA A 390 -26.73 31.69 -34.15
CA ALA A 390 -27.18 31.01 -35.38
C ALA A 390 -26.03 30.59 -36.29
N GLU A 391 -25.96 29.31 -36.60
CA GLU A 391 -24.96 28.79 -37.52
C GLU A 391 -25.22 29.39 -38.90
N GLN A 392 -24.24 29.30 -39.79
CA GLN A 392 -24.32 29.97 -41.08
C GLN A 392 -24.17 28.95 -42.20
N PRO A 393 -25.26 28.22 -42.53
CA PRO A 393 -25.11 27.07 -43.44
C PRO A 393 -24.67 27.42 -44.87
N ASP A 394 -24.84 28.67 -45.29
CA ASP A 394 -24.33 29.07 -46.62
C ASP A 394 -22.80 28.91 -46.73
N PHE A 395 -22.10 28.79 -45.60
CA PHE A 395 -20.64 28.68 -45.63
C PHE A 395 -20.14 27.24 -45.55
N SER A 396 -21.07 26.29 -45.57
CA SER A 396 -20.77 24.87 -45.50
C SER A 396 -19.86 24.39 -46.66
N GLU A 397 -18.80 23.65 -46.31
CA GLU A 397 -17.86 23.06 -47.28
C GLU A 397 -18.43 21.80 -47.92
N PRO A 398 -17.95 21.41 -49.11
CA PRO A 398 -18.46 20.16 -49.70
C PRO A 398 -17.90 18.94 -48.96
N PRO A 399 -18.64 17.82 -48.93
CA PRO A 399 -18.07 16.61 -48.34
C PRO A 399 -16.76 16.19 -49.00
N LEU A 400 -16.00 15.36 -48.32
CA LEU A 400 -14.78 14.78 -48.88
C LEU A 400 -14.93 13.27 -48.95
N ASN A 401 -14.85 12.73 -50.16
CA ASN A 401 -14.93 11.28 -50.36
C ASN A 401 -13.79 10.56 -49.66
N LEU A 402 -14.10 9.38 -49.13
CA LEU A 402 -13.20 8.56 -48.34
C LEU A 402 -13.20 7.15 -48.91
N ASP A 403 -12.13 6.41 -48.64
CA ASP A 403 -12.05 5.01 -48.99
C ASP A 403 -11.07 4.30 -48.07
N GLY A 404 -11.54 3.22 -47.45
CA GLY A 404 -10.72 2.36 -46.63
C GLY A 404 -11.13 2.43 -45.18
N ALA A 405 -10.62 1.48 -44.39
CA ALA A 405 -10.95 1.34 -42.98
C ALA A 405 -10.25 2.37 -42.10
N ALA A 406 -10.83 2.60 -40.92
CA ALA A 406 -10.15 3.29 -39.82
C ALA A 406 -8.99 2.43 -39.31
N ALA A 407 -7.78 2.94 -39.46
CA ALA A 407 -6.57 2.20 -39.09
C ALA A 407 -5.36 3.13 -39.01
N HIS A 408 -4.29 2.63 -38.38
CA HIS A 408 -3.00 3.33 -38.40
C HIS A 408 -2.23 2.90 -39.65
N TRP A 409 -2.52 3.57 -40.78
CA TRP A 409 -1.92 3.19 -42.07
C TRP A 409 -0.43 3.53 -42.14
N ASP A 410 0.37 2.55 -42.55
CA ASP A 410 1.82 2.69 -42.55
C ASP A 410 2.28 3.57 -43.72
N HIS A 411 2.76 4.78 -43.39
CA HIS A 411 3.26 5.69 -44.42
C HIS A 411 4.47 5.16 -45.21
N ARG A 412 5.22 4.23 -44.63
CA ARG A 412 6.38 3.63 -45.32
C ARG A 412 5.98 2.71 -46.49
N GLU A 413 4.68 2.59 -46.74
CA GLU A 413 4.19 1.99 -47.99
C GLU A 413 4.75 2.77 -49.20
N ASP A 414 4.95 4.08 -49.02
CA ASP A 414 5.62 4.92 -49.99
C ASP A 414 7.10 5.04 -49.59
N GLU A 415 7.96 4.32 -50.31
CA GLU A 415 9.37 4.30 -49.97
C GLU A 415 10.21 5.26 -50.82
N ASP A 416 9.56 6.19 -51.52
CA ASP A 416 10.28 7.22 -52.27
C ASP A 416 10.80 8.31 -51.32
N TYR A 417 11.92 8.00 -50.67
CA TYR A 417 12.53 8.90 -49.68
C TYR A 417 13.67 9.70 -50.30
N PHE A 418 14.15 9.25 -51.46
CA PHE A 418 15.45 9.72 -51.97
C PHE A 418 15.44 10.53 -53.27
N SER A 419 14.41 10.36 -54.12
CA SER A 419 14.39 10.99 -55.44
C SER A 419 14.32 12.53 -55.42
N GLN A 420 13.46 13.10 -54.57
CA GLN A 420 13.36 14.55 -54.48
C GLN A 420 14.62 15.25 -53.91
N PRO A 421 15.24 14.68 -52.85
CA PRO A 421 16.56 15.11 -52.39
C PRO A 421 17.65 15.01 -53.47
N GLY A 422 17.63 13.92 -54.24
CA GLY A 422 18.53 13.76 -55.38
C GLY A 422 18.34 14.85 -56.41
N ASP A 423 17.09 15.14 -56.76
CA ASP A 423 16.73 16.22 -57.69
C ASP A 423 17.31 17.56 -57.23
N LEU A 424 17.07 17.89 -55.96
CA LEU A 424 17.61 19.10 -55.34
C LEU A 424 19.13 19.19 -55.42
N PHE A 425 19.81 18.13 -55.00
CA PHE A 425 21.27 18.09 -55.05
C PHE A 425 21.76 18.28 -56.49
N GLY A 426 21.13 17.57 -57.43
CA GLY A 426 21.51 17.63 -58.84
C GLY A 426 21.46 19.04 -59.40
N LEU A 427 20.56 19.87 -58.87
CA LEU A 427 20.39 21.24 -59.32
C LEU A 427 21.43 22.22 -58.75
N MET A 428 22.12 21.82 -57.70
CA MET A 428 23.14 22.68 -57.10
C MET A 428 24.36 22.87 -58.02
N THR A 429 24.98 24.04 -57.95
CA THR A 429 26.29 24.28 -58.57
C THR A 429 27.32 23.49 -57.76
N ALA A 430 28.53 23.35 -58.30
CA ALA A 430 29.65 22.76 -57.56
C ALA A 430 29.92 23.48 -56.24
N GLU A 431 29.82 24.81 -56.24
CA GLU A 431 29.99 25.59 -55.02
C GLU A 431 28.92 25.21 -53.97
N LYS A 432 27.67 25.17 -54.40
CA LYS A 432 26.56 24.81 -53.50
C LYS A 432 26.66 23.37 -52.99
N GLN A 433 27.15 22.45 -53.83
CA GLN A 433 27.37 21.07 -53.41
C GLN A 433 28.50 20.98 -52.39
N ALA A 434 29.58 21.73 -52.62
CA ALA A 434 30.73 21.75 -51.70
C ALA A 434 30.34 22.31 -50.32
N ILE A 435 29.57 23.40 -50.31
CA ILE A 435 28.97 23.95 -49.08
C ILE A 435 28.15 22.87 -48.34
N LEU A 436 27.18 22.28 -49.04
CA LEU A 436 26.41 21.14 -48.51
C LEU A 436 27.29 20.09 -47.84
N PHE A 437 28.31 19.63 -48.57
CA PHE A 437 29.20 18.57 -48.08
C PHE A 437 29.90 18.98 -46.81
N ASP A 438 30.47 20.19 -46.82
CA ASP A 438 31.25 20.71 -45.70
C ASP A 438 30.38 20.93 -44.46
N ASN A 439 29.23 21.60 -44.63
CA ASN A 439 28.25 21.77 -43.54
C ASN A 439 27.85 20.44 -42.89
N THR A 440 27.46 19.47 -43.71
CA THR A 440 27.06 18.14 -43.23
C THR A 440 28.17 17.44 -42.42
N ALA A 441 29.37 17.42 -43.01
CA ALA A 441 30.54 16.78 -42.40
C ALA A 441 30.89 17.36 -41.04
N ARG A 442 30.88 18.68 -40.93
CA ARG A 442 31.19 19.33 -39.66
C ARG A 442 30.06 19.18 -38.65
N ASN A 443 28.81 19.14 -39.13
CA ASN A 443 27.66 18.83 -38.27
C ASN A 443 27.72 17.40 -37.72
N LEU A 444 28.30 16.50 -38.49
CA LEU A 444 28.42 15.10 -38.09
C LEU A 444 29.62 14.82 -37.19
N ASN A 445 30.34 15.87 -36.80
CA ASN A 445 31.53 15.72 -35.99
C ASN A 445 31.20 15.23 -34.58
N GLY A 446 31.89 14.17 -34.15
CA GLY A 446 31.65 13.57 -32.85
C GLY A 446 30.51 12.57 -32.84
N VAL A 447 29.71 12.55 -33.90
CA VAL A 447 28.59 11.64 -34.02
C VAL A 447 29.14 10.21 -34.24
N PRO A 448 28.62 9.20 -33.50
CA PRO A 448 29.10 7.82 -33.67
C PRO A 448 29.09 7.38 -35.12
N LYS A 449 30.16 6.69 -35.54
CA LYS A 449 30.36 6.27 -36.94
C LYS A 449 29.15 5.59 -37.61
N GLU A 450 28.48 4.70 -36.89
CA GLU A 450 27.37 3.97 -37.48
C GLU A 450 26.19 4.88 -37.85
N ILE A 451 26.01 5.98 -37.11
CA ILE A 451 24.98 6.99 -37.40
C ILE A 451 25.41 7.83 -38.61
N GLN A 452 26.68 8.25 -38.61
CA GLN A 452 27.26 8.95 -39.76
C GLN A 452 27.05 8.16 -41.06
N LEU A 453 27.34 6.87 -41.00
CA LEU A 453 27.27 5.97 -42.13
C LEU A 453 25.81 5.80 -42.60
N ARG A 454 24.87 5.76 -41.65
CA ARG A 454 23.44 5.75 -41.97
C ARG A 454 23.05 6.96 -42.82
N HIS A 455 23.53 8.14 -42.45
CA HIS A 455 23.26 9.34 -43.24
C HIS A 455 23.91 9.31 -44.61
N VAL A 456 25.18 8.91 -44.67
CA VAL A 456 25.94 8.92 -45.93
C VAL A 456 25.30 7.96 -46.92
N THR A 457 24.84 6.83 -46.41
CA THR A 457 24.09 5.87 -47.21
C THR A 457 22.83 6.50 -47.80
N HIS A 458 22.07 7.25 -47.01
CA HIS A 458 20.86 7.92 -47.53
C HIS A 458 21.22 8.94 -48.60
N CYS A 459 22.27 9.72 -48.37
CA CYS A 459 22.74 10.67 -49.37
C CYS A 459 23.14 9.94 -50.66
N TYR A 460 23.83 8.81 -50.53
CA TYR A 460 24.23 7.99 -51.69
C TYR A 460 23.04 7.55 -52.54
N LYS A 461 21.97 7.14 -51.86
CA LYS A 461 20.75 6.68 -52.54
C LYS A 461 20.01 7.82 -53.24
N ALA A 462 20.14 9.04 -52.72
CA ALA A 462 19.64 10.22 -53.42
C ALA A 462 20.45 10.47 -54.70
N ASP A 463 21.77 10.44 -54.58
CA ASP A 463 22.70 10.62 -55.71
C ASP A 463 24.05 10.15 -55.24
N PRO A 464 24.69 9.22 -55.97
CA PRO A 464 26.02 8.71 -55.60
C PRO A 464 27.05 9.81 -55.32
N ALA A 465 27.00 10.92 -56.06
CA ALA A 465 27.92 12.04 -55.83
C ALA A 465 27.67 12.73 -54.49
N TYR A 466 26.43 12.68 -54.00
CA TYR A 466 26.05 13.33 -52.73
C TYR A 466 26.62 12.52 -51.58
N GLY A 467 26.39 11.21 -51.59
CA GLY A 467 26.99 10.31 -50.60
C GLY A 467 28.51 10.41 -50.59
N GLU A 468 29.11 10.32 -51.78
CA GLU A 468 30.57 10.37 -51.92
C GLU A 468 31.18 11.68 -51.42
N GLY A 469 30.51 12.79 -51.69
CA GLY A 469 30.98 14.10 -51.26
C GLY A 469 31.16 14.20 -49.76
N ILE A 470 30.22 13.62 -49.03
CA ILE A 470 30.28 13.56 -47.56
C ILE A 470 31.21 12.42 -47.08
N GLY A 471 31.09 11.25 -47.70
CA GLY A 471 31.92 10.09 -47.32
C GLY A 471 33.41 10.39 -47.35
N LYS A 472 33.86 11.04 -48.43
CA LYS A 472 35.26 11.42 -48.60
C LYS A 472 35.79 12.30 -47.46
N LEU A 473 34.97 13.26 -47.05
CA LEU A 473 35.32 14.21 -45.99
C LEU A 473 35.41 13.54 -44.62
N LEU A 474 34.57 12.55 -44.39
CA LEU A 474 34.57 11.80 -43.14
C LEU A 474 35.59 10.67 -43.13
N GLY A 475 36.18 10.38 -44.29
CA GLY A 475 37.19 9.33 -44.42
C GLY A 475 36.65 7.92 -44.59
N PHE A 476 35.46 7.79 -45.18
CA PHE A 476 34.89 6.46 -45.41
C PHE A 476 35.30 5.93 -46.78
N ASP A 477 35.48 4.62 -46.87
CA ASP A 477 35.61 3.96 -48.17
C ASP A 477 34.24 3.90 -48.80
N ILE A 478 34.21 3.95 -50.13
CA ILE A 478 32.95 3.90 -50.87
C ILE A 478 32.15 2.63 -50.57
N SER A 479 32.86 1.52 -50.37
CA SER A 479 32.23 0.22 -50.13
C SER A 479 31.37 0.21 -48.85
N GLU A 480 31.64 1.16 -47.95
CA GLU A 480 30.96 1.26 -46.66
C GLU A 480 29.54 1.83 -46.76
N TYR A 481 29.20 2.47 -47.88
CA TYR A 481 27.93 3.17 -47.99
C TYR A 481 27.27 3.11 -49.38
N ASN A 482 27.81 2.26 -50.26
CA ASN A 482 27.32 2.17 -51.63
C ASN A 482 26.36 1.00 -51.93
N SER A 483 26.09 0.19 -50.91
CA SER A 483 25.14 -0.91 -51.04
C SER A 483 23.75 -0.43 -50.64
N SER B 2 10.31 -3.42 -19.68
CA SER B 2 11.53 -2.56 -19.85
C SER B 2 11.51 -1.82 -21.17
N LYS B 3 11.67 -0.50 -21.10
CA LYS B 3 11.75 0.36 -22.28
C LYS B 3 10.50 0.39 -23.15
N LYS B 4 9.38 -0.13 -22.65
CA LYS B 4 8.13 -0.20 -23.40
C LYS B 4 7.25 1.01 -23.14
N LEU B 5 6.63 1.51 -24.20
CA LEU B 5 5.83 2.72 -24.17
C LEU B 5 4.40 2.46 -23.71
N THR B 6 3.92 3.27 -22.76
CA THR B 6 2.53 3.22 -22.30
C THR B 6 1.95 4.64 -22.26
N THR B 7 0.64 4.74 -22.01
CA THR B 7 -0.01 6.03 -21.74
C THR B 7 0.27 6.40 -20.29
N ALA B 8 -0.03 7.63 -19.90
CA ALA B 8 0.12 8.06 -18.51
C ALA B 8 -0.69 7.20 -17.52
N ALA B 9 -1.79 6.60 -18.00
CA ALA B 9 -2.61 5.70 -17.18
C ALA B 9 -2.16 4.24 -17.28
N GLY B 10 -1.04 4.01 -17.99
CA GLY B 10 -0.38 2.71 -18.03
C GLY B 10 -0.88 1.71 -19.07
N CYS B 11 -1.72 2.16 -19.99
CA CYS B 11 -2.16 1.34 -21.12
C CYS B 11 -1.04 1.19 -22.17
N PRO B 12 -0.77 -0.05 -22.65
CA PRO B 12 0.31 -0.17 -23.63
C PRO B 12 0.00 0.66 -24.86
N VAL B 13 1.03 1.23 -25.49
CA VAL B 13 0.84 1.98 -26.72
C VAL B 13 1.28 1.14 -27.93
N ALA B 14 0.33 0.85 -28.82
CA ALA B 14 0.58 -0.02 -29.98
C ALA B 14 1.19 0.71 -31.20
N HIS B 15 0.78 1.97 -31.40
CA HIS B 15 1.14 2.74 -32.60
C HIS B 15 1.76 4.09 -32.23
N ASN B 16 3.07 4.21 -32.41
CA ASN B 16 3.75 5.47 -32.13
C ASN B 16 4.38 6.06 -33.39
N GLN B 17 4.03 5.50 -34.55
CA GLN B 17 4.66 5.89 -35.83
C GLN B 17 3.66 6.51 -36.81
N ASN B 18 2.41 6.03 -36.76
CA ASN B 18 1.34 6.43 -37.67
C ASN B 18 0.06 6.72 -36.93
N VAL B 19 -0.52 7.88 -37.20
CA VAL B 19 -1.81 8.26 -36.64
C VAL B 19 -2.94 7.51 -37.36
N GLN B 20 -4.08 7.41 -36.68
CA GLN B 20 -5.23 6.70 -37.19
C GLN B 20 -5.96 7.60 -38.17
N THR B 21 -6.25 7.09 -39.36
CA THR B 21 -6.96 7.89 -40.38
C THR B 21 -8.14 7.14 -40.99
N ALA B 22 -9.05 7.91 -41.59
CA ALA B 22 -10.16 7.36 -42.35
C ALA B 22 -9.67 6.90 -43.74
N GLY B 23 -9.01 5.75 -43.75
CA GLY B 23 -8.42 5.21 -44.99
C GLY B 23 -7.01 5.70 -45.17
N LYS B 24 -6.32 5.14 -46.17
CA LYS B 24 -4.91 5.42 -46.40
C LYS B 24 -4.61 6.89 -46.55
N ARG B 25 -5.41 7.56 -47.37
CA ARG B 25 -5.25 8.98 -47.68
C ARG B 25 -6.36 9.88 -47.10
N GLY B 26 -7.03 9.40 -46.06
CA GLY B 26 -8.10 10.16 -45.42
C GLY B 26 -7.64 11.02 -44.25
N PRO B 27 -8.52 11.93 -43.77
CA PRO B 27 -8.22 12.80 -42.63
C PRO B 27 -8.03 11.99 -41.36
N GLN B 28 -7.46 12.63 -40.33
CA GLN B 28 -7.17 11.99 -39.06
C GLN B 28 -8.41 11.80 -38.21
N LEU B 29 -8.45 10.70 -37.47
CA LEU B 29 -9.56 10.42 -36.59
C LEU B 29 -9.30 10.92 -35.16
N LEU B 30 -10.30 11.56 -34.57
CA LEU B 30 -10.26 12.06 -33.19
C LEU B 30 -9.92 10.95 -32.19
N GLN B 31 -10.43 9.74 -32.45
CA GLN B 31 -10.28 8.61 -31.54
C GLN B 31 -8.84 8.05 -31.40
N ASP B 32 -7.89 8.64 -32.11
CA ASP B 32 -6.48 8.34 -31.84
C ASP B 32 -6.08 9.08 -30.57
N VAL B 33 -6.32 8.44 -29.43
CA VAL B 33 -6.20 9.10 -28.15
C VAL B 33 -4.73 9.18 -27.68
N TRP B 34 -3.86 8.28 -28.15
CA TRP B 34 -2.42 8.42 -27.87
C TRP B 34 -1.88 9.71 -28.49
N PHE B 35 -2.25 9.98 -29.73
CA PHE B 35 -1.86 11.24 -30.37
C PHE B 35 -2.26 12.47 -29.56
N LEU B 36 -3.53 12.54 -29.12
CA LEU B 36 -4.03 13.67 -28.34
C LEU B 36 -3.24 13.83 -27.05
N GLU B 37 -3.06 12.72 -26.34
CA GLU B 37 -2.33 12.74 -25.07
C GLU B 37 -0.89 13.14 -25.30
N LYS B 38 -0.22 12.52 -26.27
CA LYS B 38 1.21 12.79 -26.52
C LYS B 38 1.41 14.27 -26.89
N LEU B 39 0.54 14.80 -27.74
CA LEU B 39 0.69 16.20 -28.15
C LEU B 39 0.28 17.19 -27.08
N ALA B 40 -0.74 16.85 -26.30
CA ALA B 40 -1.20 17.74 -25.23
C ALA B 40 -0.16 17.87 -24.12
N HIS B 41 0.56 16.78 -23.80
CA HIS B 41 1.66 16.86 -22.82
C HIS B 41 2.82 17.68 -23.38
N PHE B 42 3.16 17.43 -24.65
CA PHE B 42 4.20 18.14 -25.38
C PHE B 42 3.94 19.66 -25.39
N ASP B 43 2.68 20.00 -25.64
CA ASP B 43 2.23 21.40 -25.71
C ASP B 43 2.36 22.14 -24.38
N ARG B 44 2.59 21.39 -23.31
CA ARG B 44 2.65 21.94 -21.95
C ARG B 44 3.97 21.71 -21.24
N GLU B 45 5.03 21.40 -21.98
CA GLU B 45 6.34 21.11 -21.39
C GLU B 45 6.98 22.35 -20.74
N VAL B 46 6.67 23.53 -21.29
CA VAL B 46 7.36 24.76 -20.89
C VAL B 46 6.66 25.40 -19.71
N ILE B 47 7.46 25.84 -18.74
CA ILE B 47 6.99 26.73 -17.67
C ILE B 47 7.68 28.10 -17.80
N PRO B 48 7.18 29.12 -17.09
CA PRO B 48 7.87 30.41 -17.21
C PRO B 48 9.34 30.32 -16.72
N GLU B 49 10.26 31.00 -17.41
CA GLU B 49 11.63 31.15 -16.96
C GLU B 49 11.67 32.13 -15.76
N ARG B 50 12.76 32.09 -14.99
CA ARG B 50 12.97 33.01 -13.89
C ARG B 50 12.96 34.44 -14.45
N ARG B 51 12.40 35.35 -13.68
CA ARG B 51 12.33 36.77 -14.05
C ARG B 51 13.73 37.41 -14.08
N OMT B 52 14.64 36.88 -13.27
CA OMT B 52 16.05 37.31 -13.25
CB OMT B 52 16.26 38.22 -12.03
CG OMT B 52 17.43 39.20 -12.16
SD OMT B 52 17.03 40.63 -12.96
CE OMT B 52 18.01 41.86 -12.48
C OMT B 52 16.89 36.06 -13.12
O OMT B 52 16.42 35.09 -12.55
OD1 OMT B 52 17.21 40.42 -14.37
OD2 OMT B 52 15.66 40.99 -12.72
N HIS B 53 18.11 36.05 -13.65
CA HIS B 53 18.96 34.85 -13.62
C HIS B 53 18.36 33.61 -14.33
N ALA B 54 17.60 33.83 -15.41
CA ALA B 54 16.98 32.72 -16.17
C ALA B 54 17.95 31.65 -16.71
N LYS B 55 19.14 32.07 -17.11
CA LYS B 55 20.15 31.18 -17.71
C LYS B 55 21.11 30.68 -16.62
N GLY B 56 21.23 29.36 -16.49
CA GLY B 56 22.01 28.82 -15.38
C GLY B 56 22.37 27.34 -15.44
N SER B 57 23.21 26.95 -14.49
CA SER B 57 23.78 25.60 -14.43
C SER B 57 23.85 25.18 -12.97
N GLY B 58 23.58 23.91 -12.70
CA GLY B 58 23.52 23.43 -11.34
C GLY B 58 24.25 22.12 -11.11
N ALA B 59 24.59 21.85 -9.86
CA ALA B 59 25.23 20.59 -9.47
C ALA B 59 25.07 20.37 -7.98
N TYR B 60 25.17 19.11 -7.55
CA TYR B 60 25.10 18.73 -6.14
C TYR B 60 26.50 18.60 -5.59
N GLY B 61 26.63 18.85 -4.28
CA GLY B 61 27.89 18.66 -3.61
C GLY B 61 27.76 18.43 -2.12
N THR B 62 28.85 18.73 -1.41
CA THR B 62 28.99 18.46 0.00
C THR B 62 29.79 19.58 0.66
N PHE B 63 29.23 20.12 1.74
CA PHE B 63 29.91 21.10 2.58
C PHE B 63 30.49 20.39 3.81
N THR B 64 31.75 20.68 4.13
CA THR B 64 32.39 20.15 5.33
C THR B 64 32.89 21.28 6.23
N VAL B 65 32.51 21.22 7.50
CA VAL B 65 33.02 22.14 8.52
C VAL B 65 34.49 21.84 8.84
N THR B 66 35.33 22.86 8.82
CA THR B 66 36.75 22.68 9.17
C THR B 66 37.15 23.36 10.48
N HIS B 67 36.45 24.43 10.83
CA HIS B 67 36.79 25.29 11.98
C HIS B 67 35.57 25.73 12.76
N ASP B 68 35.80 26.12 14.01
CA ASP B 68 34.77 26.31 15.01
C ASP B 68 34.32 27.76 15.12
N ILE B 69 33.07 28.02 14.72
CA ILE B 69 32.46 29.34 14.92
C ILE B 69 31.23 29.24 15.81
N THR B 70 31.15 28.16 16.57
CA THR B 70 29.99 27.91 17.43
C THR B 70 29.85 28.93 18.56
N LYS B 71 30.88 29.75 18.79
CA LYS B 71 30.79 30.88 19.71
C LYS B 71 29.77 31.90 19.20
N TYR B 72 29.63 31.97 17.87
CA TYR B 72 28.83 33.02 17.22
C TYR B 72 27.48 32.53 16.68
N THR B 73 27.40 31.24 16.35
CA THR B 73 26.16 30.66 15.82
C THR B 73 25.86 29.25 16.36
N LYS B 74 24.58 28.98 16.62
CA LYS B 74 24.08 27.66 17.00
C LYS B 74 23.59 26.83 15.80
N ALA B 75 23.81 27.30 14.59
CA ALA B 75 23.37 26.55 13.41
C ALA B 75 23.99 25.17 13.37
N LYS B 76 23.15 24.16 13.23
CA LYS B 76 23.57 22.76 13.22
C LYS B 76 24.60 22.45 12.14
N ILE B 77 24.44 23.08 10.98
CA ILE B 77 25.39 22.89 9.87
C ILE B 77 26.85 23.17 10.29
N PHE B 78 27.05 24.04 11.27
CA PHE B 78 28.38 24.43 11.72
C PHE B 78 28.80 23.81 13.06
N SER B 79 28.00 22.88 13.58
CA SER B 79 28.07 22.48 14.99
C SER B 79 29.30 21.64 15.39
N ASP B 80 29.87 20.90 14.46
CA ASP B 80 31.01 20.03 14.75
C ASP B 80 31.98 20.04 13.58
N ILE B 81 33.28 20.14 13.90
CA ILE B 81 34.34 20.02 12.90
C ILE B 81 34.22 18.67 12.20
N GLY B 82 34.34 18.67 10.88
CA GLY B 82 34.22 17.44 10.10
C GLY B 82 32.78 17.08 9.70
N LYS B 83 31.79 17.71 10.32
CA LYS B 83 30.39 17.48 9.98
C LYS B 83 30.08 17.81 8.51
N LYS B 84 29.45 16.86 7.82
CA LYS B 84 29.18 17.01 6.39
C LYS B 84 27.71 17.28 6.12
N THR B 85 27.45 18.20 5.19
CA THR B 85 26.10 18.59 4.82
C THR B 85 25.96 18.57 3.29
N ASP B 86 25.00 17.80 2.83
CA ASP B 86 24.68 17.76 1.42
C ASP B 86 24.01 19.05 0.94
N MET B 87 24.17 19.34 -0.35
CA MET B 87 23.84 20.65 -0.87
C MET B 87 23.62 20.62 -2.39
N PHE B 88 23.05 21.72 -2.88
CA PHE B 88 22.85 21.91 -4.30
C PHE B 88 23.17 23.35 -4.65
N ALA B 89 23.85 23.56 -5.76
CA ALA B 89 24.18 24.90 -6.23
C ALA B 89 23.72 25.19 -7.66
N ARG B 90 23.24 26.41 -7.89
CA ARG B 90 22.97 26.87 -9.25
C ARG B 90 23.77 28.15 -9.45
N PHE B 91 24.54 28.17 -10.54
CA PHE B 91 25.26 29.34 -11.00
C PHE B 91 24.53 29.87 -12.23
N SER B 92 24.59 31.18 -12.45
CA SER B 92 23.77 31.81 -13.48
C SER B 92 24.34 33.13 -13.96
N THR B 93 23.89 33.59 -15.13
CA THR B 93 24.03 35.00 -15.50
C THR B 93 22.83 35.74 -14.89
N VAL B 94 22.61 37.00 -15.29
CA VAL B 94 21.54 37.82 -14.71
C VAL B 94 20.49 38.28 -15.76
N ALA B 95 20.97 38.98 -16.79
CA ALA B 95 20.09 39.57 -17.81
C ALA B 95 19.63 38.57 -18.89
N GLY B 96 20.45 37.60 -19.23
CA GLY B 96 20.10 36.70 -20.32
C GLY B 96 18.82 35.91 -20.04
N GLU B 97 18.03 35.69 -21.08
CA GLU B 97 16.91 34.76 -21.02
C GLU B 97 17.41 33.31 -21.13
N ARG B 98 16.49 32.36 -21.13
CA ARG B 98 16.75 30.91 -21.41
C ARG B 98 17.38 31.04 -22.81
C ARG B 98 17.88 30.33 -22.25
N GLY B 99 18.51 30.38 -23.04
N GLY B 99 18.09 30.87 -23.45
CA GLY B 99 19.13 30.39 -24.36
C GLY B 99 20.19 31.45 -24.61
N ALA B 100 20.22 32.49 -23.77
CA ALA B 100 21.21 33.55 -23.94
C ALA B 100 22.64 33.02 -23.70
N ALA B 101 23.65 33.71 -24.23
CA ALA B 101 25.03 33.27 -24.09
C ALA B 101 25.48 33.22 -22.64
N ASP B 102 26.16 32.13 -22.26
CA ASP B 102 26.79 32.00 -20.94
C ASP B 102 27.88 33.07 -20.69
N ALA B 103 28.67 33.38 -21.74
CA ALA B 103 29.86 34.23 -21.60
C ALA B 103 29.62 35.72 -21.84
N GLU B 104 28.61 36.29 -21.19
CA GLU B 104 28.36 37.74 -21.30
C GLU B 104 29.01 38.49 -20.13
N ARG B 105 29.21 39.80 -20.31
CA ARG B 105 29.62 40.71 -19.22
C ARG B 105 28.39 40.88 -18.35
N ASP B 106 28.48 40.41 -17.11
CA ASP B 106 27.31 40.36 -16.24
C ASP B 106 27.75 39.88 -14.87
N ILE B 107 26.96 40.25 -13.86
CA ILE B 107 27.02 39.56 -12.58
C ILE B 107 26.73 38.08 -12.81
N ARG B 108 27.37 37.22 -12.01
CA ARG B 108 26.96 35.81 -11.95
C ARG B 108 26.27 35.52 -10.63
N GLY B 109 25.12 34.85 -10.71
CA GLY B 109 24.46 34.32 -9.52
C GLY B 109 25.24 33.14 -8.93
N PHE B 110 25.23 33.03 -7.60
CA PHE B 110 26.00 32.00 -6.88
C PHE B 110 25.10 31.48 -5.78
N SER B 111 24.23 30.55 -6.13
CA SER B 111 23.08 30.23 -5.29
C SER B 111 23.20 28.84 -4.67
N LEU B 112 23.11 28.79 -3.35
CA LEU B 112 23.38 27.57 -2.56
C LEU B 112 22.20 27.11 -1.71
N LYS B 113 21.88 25.82 -1.78
CA LYS B 113 20.87 25.21 -0.92
C LYS B 113 21.56 24.12 -0.08
N PHE B 114 21.58 24.30 1.24
CA PHE B 114 22.19 23.34 2.15
C PHE B 114 21.09 22.55 2.84
N TYR B 115 21.09 21.22 2.67
CA TYR B 115 20.08 20.34 3.28
C TYR B 115 20.43 20.01 4.75
N THR B 116 20.14 20.95 5.65
CA THR B 116 20.54 20.78 7.05
C THR B 116 19.51 19.99 7.85
N GLU B 117 19.90 19.61 9.06
CA GLU B 117 19.02 18.84 9.93
C GLU B 117 17.97 19.74 10.59
N GLU B 118 18.13 21.05 10.43
CA GLU B 118 17.10 22.00 10.92
C GLU B 118 16.53 22.87 9.82
N GLY B 119 16.47 22.31 8.61
CA GLY B 119 15.90 23.00 7.45
C GLY B 119 16.86 23.21 6.29
N ASN B 120 16.31 23.44 5.11
CA ASN B 120 17.13 23.85 3.97
C ASN B 120 17.53 25.30 4.17
N TRP B 121 18.83 25.55 4.21
CA TRP B 121 19.35 26.91 4.25
C TRP B 121 19.63 27.34 2.81
N ASP B 122 18.86 28.31 2.32
CA ASP B 122 19.09 28.88 1.00
C ASP B 122 19.89 30.15 1.11
N LEU B 123 20.99 30.20 0.38
CA LEU B 123 21.79 31.40 0.28
C LEU B 123 21.99 31.74 -1.20
N ALA B 124 21.11 32.59 -1.71
CA ALA B 124 21.14 33.03 -3.10
C ALA B 124 22.11 34.19 -3.23
N GLY B 125 23.40 33.89 -3.38
CA GLY B 125 24.42 34.94 -3.50
C GLY B 125 24.75 35.33 -4.93
N ASN B 126 25.72 36.21 -5.07
CA ASN B 126 26.28 36.59 -6.37
C ASN B 126 27.80 36.44 -6.30
N ASN B 127 28.47 36.61 -7.45
CA ASN B 127 29.93 36.54 -7.53
C ASN B 127 30.60 37.86 -7.15
N THR B 128 29.83 38.72 -6.46
CA THR B 128 30.27 40.04 -6.03
C THR B 128 29.77 40.30 -4.61
N PRO B 129 30.59 40.96 -3.76
CA PRO B 129 30.15 41.28 -2.39
C PRO B 129 29.09 42.41 -2.32
N VAL B 130 28.84 43.09 -3.43
CA VAL B 130 27.93 44.24 -3.43
C VAL B 130 26.92 44.17 -4.58
N PHE B 131 26.10 45.22 -4.73
CA PHE B 131 25.09 45.25 -5.78
C PHE B 131 24.85 46.71 -6.16
N PHE B 132 24.10 46.93 -7.24
CA PHE B 132 23.86 48.28 -7.78
C PHE B 132 23.03 49.19 -6.88
N LEU B 133 22.12 48.62 -6.08
CA LEU B 133 21.03 49.39 -5.46
C LEU B 133 21.07 49.38 -3.95
N ARG B 134 20.54 50.45 -3.34
CA ARG B 134 20.32 50.50 -1.89
C ARG B 134 18.89 50.17 -1.45
N ASP B 135 17.93 50.31 -2.37
CA ASP B 135 16.52 50.14 -2.01
C ASP B 135 15.79 49.22 -2.98
N PRO B 136 15.01 48.26 -2.43
CA PRO B 136 14.40 47.22 -3.25
C PRO B 136 13.32 47.69 -4.23
N LEU B 137 12.77 48.89 -4.01
CA LEU B 137 11.84 49.48 -5.00
C LEU B 137 12.45 49.68 -6.38
N LYS B 138 13.78 49.87 -6.41
CA LYS B 138 14.49 50.06 -7.67
C LYS B 138 14.79 48.77 -8.43
N PHE B 139 14.50 47.61 -7.85
CA PHE B 139 14.80 46.37 -8.55
C PHE B 139 14.05 46.13 -9.88
N PRO B 140 12.71 46.34 -9.93
CA PRO B 140 12.07 46.21 -11.25
C PRO B 140 12.62 47.23 -12.24
N ASP B 141 13.06 48.37 -11.73
CA ASP B 141 13.64 49.39 -12.61
C ASP B 141 14.97 48.93 -13.20
N LEU B 142 15.80 48.32 -12.35
CA LEU B 142 17.05 47.72 -12.82
C LEU B 142 16.79 46.64 -13.88
N ASN B 143 15.90 45.67 -13.59
CA ASN B 143 15.48 44.69 -14.62
C ASN B 143 15.13 45.36 -15.97
N HIS B 144 14.25 46.36 -15.93
CA HIS B 144 13.77 46.99 -17.18
C HIS B 144 14.85 47.81 -17.88
N ALA B 145 15.85 48.27 -17.13
CA ALA B 145 16.98 49.00 -17.71
C ALA B 145 18.03 48.10 -18.33
N VAL B 146 18.26 46.91 -17.76
CA VAL B 146 19.35 46.01 -18.21
C VAL B 146 18.90 44.94 -19.22
N LYS B 147 17.59 44.78 -19.38
CA LYS B 147 17.08 43.76 -20.29
C LYS B 147 16.58 44.40 -21.57
N ARG B 148 15.57 43.79 -22.20
CA ARG B 148 15.16 44.22 -23.53
C ARG B 148 14.25 45.45 -23.50
N ASP B 149 14.54 46.41 -24.38
CA ASP B 149 13.67 47.59 -24.54
C ASP B 149 12.26 47.16 -24.99
N PRO B 150 11.18 47.80 -24.47
CA PRO B 150 9.79 47.46 -24.81
C PRO B 150 9.47 47.43 -26.30
N ARG B 151 10.12 48.32 -27.07
CA ARG B 151 9.88 48.39 -28.52
C ARG B 151 10.90 47.62 -29.34
N THR B 152 12.20 47.86 -29.08
CA THR B 152 13.23 47.25 -29.92
C THR B 152 13.40 45.76 -29.62
N ASN B 153 12.98 45.32 -28.44
CA ASN B 153 13.25 43.94 -27.95
C ASN B 153 14.74 43.56 -27.92
N MET B 154 15.59 44.58 -27.80
CA MET B 154 17.02 44.37 -27.64
C MET B 154 17.48 45.17 -26.44
N ARG B 155 18.61 44.79 -25.87
CA ARG B 155 19.18 45.56 -24.77
C ARG B 155 19.55 46.95 -25.29
N SER B 156 19.50 47.94 -24.41
CA SER B 156 19.67 49.32 -24.82
C SER B 156 20.75 49.93 -23.94
N ALA B 157 21.83 50.38 -24.56
CA ALA B 157 22.90 51.04 -23.80
C ALA B 157 22.41 52.33 -23.17
N LYS B 158 21.57 53.07 -23.89
CA LYS B 158 20.98 54.30 -23.37
C LYS B 158 20.15 54.03 -22.11
N ASN B 159 19.23 53.07 -22.19
CA ASN B 159 18.37 52.76 -21.04
C ASN B 159 19.22 52.39 -19.81
N ASN B 160 20.19 51.51 -20.04
CA ASN B 160 21.04 50.96 -19.00
C ASN B 160 21.86 52.03 -18.28
N TRP B 161 22.55 52.86 -19.06
CA TRP B 161 23.43 53.90 -18.49
C TRP B 161 22.68 55.12 -18.00
N ASP B 162 21.54 55.45 -18.61
CA ASP B 162 20.67 56.49 -18.03
C ASP B 162 20.29 56.11 -16.61
N PHE B 163 19.88 54.86 -16.41
CA PHE B 163 19.51 54.35 -15.10
C PHE B 163 20.70 54.31 -14.14
N TRP B 164 21.80 53.69 -14.55
CA TRP B 164 22.97 53.58 -13.67
C TRP B 164 23.53 54.95 -13.25
N THR B 165 23.55 55.90 -14.18
CA THR B 165 24.07 57.24 -13.89
C THR B 165 23.12 58.08 -13.04
N SER B 166 21.87 57.62 -12.91
CA SER B 166 20.91 58.32 -12.06
C SER B 166 21.06 57.89 -10.61
N LEU B 167 21.82 56.82 -10.40
CA LEU B 167 21.98 56.22 -9.09
C LEU B 167 23.46 56.17 -8.71
N PRO B 168 24.00 57.27 -8.14
CA PRO B 168 25.44 57.31 -7.84
C PRO B 168 25.91 56.11 -7.00
N GLU B 169 25.01 55.59 -6.16
CA GLU B 169 25.27 54.42 -5.33
C GLU B 169 25.64 53.18 -6.15
N ALA B 170 25.16 53.12 -7.39
CA ALA B 170 25.45 52.01 -8.31
C ALA B 170 26.92 51.92 -8.76
N LEU B 171 27.73 52.93 -8.45
CA LEU B 171 29.10 52.99 -8.97
C LEU B 171 29.99 51.81 -8.56
N HIS B 172 29.88 51.38 -7.30
CA HIS B 172 30.70 50.27 -6.81
C HIS B 172 30.51 49.03 -7.70
N GLN B 173 29.27 48.62 -7.92
CA GLN B 173 29.00 47.44 -8.75
C GLN B 173 29.23 47.66 -10.25
N VAL B 174 28.98 48.87 -10.74
CA VAL B 174 29.30 49.20 -12.13
C VAL B 174 30.81 49.04 -12.38
N THR B 175 31.63 49.51 -11.43
CA THR B 175 33.10 49.35 -11.49
C THR B 175 33.49 47.86 -11.57
N ILE B 176 32.88 47.03 -10.73
CA ILE B 176 33.17 45.60 -10.70
C ILE B 176 32.72 44.91 -12.00
N VAL B 177 31.53 45.21 -12.49
CA VAL B 177 31.04 44.55 -13.71
C VAL B 177 31.81 45.05 -14.95
N MET B 178 32.27 46.30 -14.92
CA MET B 178 33.13 46.81 -16.00
C MET B 178 34.61 46.40 -15.86
N SER B 179 35.02 45.92 -14.69
CA SER B 179 36.39 45.43 -14.51
C SER B 179 36.59 44.08 -15.23
N ASP B 180 37.79 43.51 -15.12
CA ASP B 180 38.08 42.20 -15.73
C ASP B 180 37.24 41.06 -15.14
N ARG B 181 36.74 41.23 -13.92
CA ARG B 181 35.94 40.17 -13.30
C ARG B 181 34.49 40.16 -13.75
N GLY B 182 34.17 41.02 -14.71
CA GLY B 182 32.86 41.07 -15.33
C GLY B 182 32.53 39.86 -16.19
N ILE B 183 33.55 39.14 -16.67
CA ILE B 183 33.33 37.89 -17.41
C ILE B 183 34.22 36.75 -16.86
N PRO B 184 33.72 36.01 -15.86
CA PRO B 184 34.46 34.83 -15.42
C PRO B 184 34.68 33.84 -16.58
N ALA B 185 35.86 33.24 -16.64
CA ALA B 185 36.16 32.27 -17.69
C ALA B 185 35.24 31.04 -17.56
N THR B 186 34.97 30.65 -16.32
CA THR B 186 34.04 29.55 -16.00
C THR B 186 33.36 29.89 -14.68
N TYR B 187 32.31 29.14 -14.33
CA TYR B 187 31.69 29.22 -13.00
C TYR B 187 32.63 28.82 -11.87
N ARG B 188 33.57 27.93 -12.19
CA ARG B 188 34.57 27.43 -11.24
C ARG B 188 35.64 28.47 -10.87
N HIS B 189 35.76 29.53 -11.67
CA HIS B 189 36.85 30.51 -11.55
C HIS B 189 36.36 31.90 -11.15
N MET B 190 35.35 31.91 -10.29
CA MET B 190 34.82 33.11 -9.67
C MET B 190 34.60 32.85 -8.17
N HIS B 191 34.52 33.94 -7.40
CA HIS B 191 34.15 33.87 -5.99
C HIS B 191 32.64 33.96 -5.80
N GLY B 192 32.15 33.57 -4.62
CA GLY B 192 30.76 33.78 -4.25
C GLY B 192 30.65 34.55 -2.94
N PHE B 193 29.53 35.23 -2.77
CA PHE B 193 29.27 36.13 -1.65
C PHE B 193 27.79 36.10 -1.32
N GLY B 194 27.47 36.14 -0.04
CA GLY B 194 26.08 36.41 0.38
C GLY B 194 25.70 37.85 0.05
N SER B 195 26.71 38.72 -0.05
CA SER B 195 26.55 40.16 -0.31
C SER B 195 25.97 40.97 0.86
N HIS B 196 24.75 40.64 1.29
CA HIS B 196 24.10 41.34 2.40
C HIS B 196 24.75 40.99 3.71
N THR B 197 24.63 41.91 4.64
CA THR B 197 24.77 41.59 6.04
C THR B 197 23.62 40.68 6.43
N PHE B 198 23.93 39.53 7.02
CA PHE B 198 22.93 38.66 7.62
C PHE B 198 23.19 38.67 9.14
N SER B 199 22.62 37.74 9.88
CA SER B 199 22.99 37.63 11.30
C SER B 199 23.23 36.19 11.70
N PHE B 200 24.04 36.05 12.75
CA PHE B 200 24.28 34.80 13.46
C PHE B 200 23.64 34.96 14.84
N ILE B 201 23.02 33.88 15.32
CA ILE B 201 22.46 33.82 16.68
C ILE B 201 23.10 32.61 17.38
N ASN B 202 23.73 32.84 18.54
CA ASN B 202 24.38 31.76 19.29
C ASN B 202 23.46 31.09 20.32
N SER B 203 23.99 30.10 21.02
CA SER B 203 23.30 29.38 22.11
C SER B 203 22.74 30.23 23.23
N ASP B 204 23.35 31.39 23.45
CA ASP B 204 22.91 32.32 24.49
C ASP B 204 22.02 33.42 23.95
N ASN B 205 21.47 33.19 22.76
CA ASN B 205 20.64 34.16 22.03
C ASN B 205 21.27 35.55 21.84
N GLU B 206 22.60 35.59 21.76
CA GLU B 206 23.29 36.82 21.36
C GLU B 206 23.35 36.94 19.82
N ARG B 207 23.28 38.17 19.33
CA ARG B 207 23.24 38.46 17.89
C ARG B 207 24.58 38.99 17.42
N TYR B 208 25.05 38.48 16.28
CA TYR B 208 26.21 39.01 15.58
C TYR B 208 25.82 39.29 14.14
N TRP B 209 26.28 40.41 13.59
CA TRP B 209 26.11 40.64 12.16
C TRP B 209 27.20 39.87 11.39
N VAL B 210 26.84 39.34 10.22
CA VAL B 210 27.71 38.44 9.46
C VAL B 210 27.64 38.65 7.93
N LYS B 211 28.80 38.48 7.29
CA LYS B 211 28.92 38.44 5.83
C LYS B 211 29.49 37.09 5.45
N PHE B 212 28.95 36.47 4.39
CA PHE B 212 29.42 35.16 3.92
C PHE B 212 30.29 35.33 2.68
N HIS B 213 31.46 34.70 2.68
CA HIS B 213 32.34 34.74 1.51
C HIS B 213 32.69 33.32 1.09
N PHE B 214 32.69 33.06 -0.23
CA PHE B 214 33.10 31.77 -0.78
C PHE B 214 34.28 31.94 -1.71
N VAL B 215 35.44 31.45 -1.28
CA VAL B 215 36.70 31.71 -1.99
C VAL B 215 37.01 30.52 -2.91
N SER B 216 37.13 30.81 -4.21
CA SER B 216 37.40 29.76 -5.21
C SER B 216 38.75 29.14 -4.95
N GLN B 217 38.78 27.82 -4.87
CA GLN B 217 40.03 27.10 -4.71
C GLN B 217 40.68 26.88 -6.08
N GLN B 218 39.97 27.26 -7.14
CA GLN B 218 40.49 27.13 -8.52
C GLN B 218 41.16 28.42 -8.96
N GLY B 219 41.00 29.49 -8.19
CA GLY B 219 41.53 30.79 -8.54
C GLY B 219 40.60 31.58 -9.45
N ILE B 220 40.92 32.85 -9.63
CA ILE B 220 40.15 33.75 -10.47
C ILE B 220 40.71 33.73 -11.87
N LYS B 221 39.84 33.51 -12.87
CA LYS B 221 40.21 33.53 -14.29
C LYS B 221 39.10 34.19 -15.07
N ASN B 222 39.45 35.12 -15.95
CA ASN B 222 38.46 35.92 -16.69
C ASN B 222 38.64 35.91 -18.21
N LEU B 223 37.65 36.42 -18.92
CA LEU B 223 37.74 36.57 -20.36
C LEU B 223 37.58 38.04 -20.70
N SER B 224 38.41 38.52 -21.63
CA SER B 224 38.21 39.84 -22.20
C SER B 224 36.97 39.81 -23.08
N ASP B 225 36.46 40.99 -23.44
CA ASP B 225 35.33 41.11 -24.36
C ASP B 225 35.61 40.42 -25.69
N ALA B 226 36.83 40.61 -26.22
CA ALA B 226 37.23 39.98 -27.47
C ALA B 226 37.24 38.44 -27.35
N GLU B 227 37.84 37.94 -26.27
CA GLU B 227 37.87 36.49 -26.01
C GLU B 227 36.44 35.94 -25.82
N ALA B 228 35.62 36.66 -25.06
CA ALA B 228 34.23 36.24 -24.78
C ALA B 228 33.39 36.20 -26.06
N GLY B 229 33.54 37.22 -26.92
CA GLY B 229 32.81 37.27 -28.20
C GLY B 229 33.16 36.11 -29.14
N GLU B 230 34.44 35.74 -29.17
CA GLU B 230 34.90 34.59 -29.95
C GLU B 230 34.29 33.29 -29.40
N LEU B 231 34.28 33.16 -28.08
CA LEU B 231 33.68 31.99 -27.43
C LEU B 231 32.17 31.89 -27.66
N VAL B 232 31.46 33.01 -27.50
CA VAL B 232 30.01 33.05 -27.71
C VAL B 232 29.65 32.67 -29.15
N GLY B 233 30.40 33.20 -30.12
CA GLY B 233 30.23 32.86 -31.52
C GLY B 233 30.28 31.37 -31.79
N ASN B 234 31.08 30.66 -30.99
CA ASN B 234 31.18 29.20 -31.08
C ASN B 234 30.18 28.42 -30.22
N ASP B 235 29.83 28.98 -29.05
CA ASP B 235 29.14 28.20 -28.02
C ASP B 235 28.45 29.14 -27.03
N ARG B 236 27.11 29.15 -27.08
CA ARG B 236 26.31 29.89 -26.11
C ARG B 236 26.22 29.17 -24.77
N GLU B 237 26.68 27.93 -24.71
CA GLU B 237 26.55 27.07 -23.52
C GLU B 237 27.89 26.77 -22.86
N SER B 238 28.87 27.66 -23.03
CA SER B 238 30.24 27.40 -22.62
C SER B 238 30.42 27.08 -21.14
N HIS B 239 29.67 27.77 -20.29
CA HIS B 239 29.82 27.60 -18.86
C HIS B 239 29.09 26.37 -18.32
N GLN B 240 27.95 26.03 -18.93
CA GLN B 240 27.30 24.75 -18.63
C GLN B 240 28.22 23.60 -19.02
N ARG B 241 28.80 23.70 -20.21
CA ARG B 241 29.68 22.68 -20.75
C ARG B 241 30.88 22.46 -19.82
N ASP B 242 31.47 23.54 -19.34
CA ASP B 242 32.62 23.45 -18.45
C ASP B 242 32.30 22.76 -17.13
N LEU B 243 31.20 23.18 -16.50
CA LEU B 243 30.82 22.64 -15.21
C LEU B 243 30.45 21.15 -15.34
N LEU B 244 29.61 20.82 -16.32
CA LEU B 244 29.23 19.42 -16.54
C LEU B 244 30.43 18.50 -16.81
N ASP B 245 31.28 18.89 -17.76
CA ASP B 245 32.44 18.06 -18.15
C ASP B 245 33.44 17.94 -17.00
N SER B 246 33.64 19.03 -16.26
CA SER B 246 34.58 19.03 -15.12
C SER B 246 34.20 17.99 -14.09
N ILE B 247 32.92 17.96 -13.72
CA ILE B 247 32.40 17.03 -12.74
C ILE B 247 32.42 15.60 -13.28
N ASP B 248 32.00 15.42 -14.54
CA ASP B 248 32.11 14.13 -15.20
C ASP B 248 33.57 13.61 -15.29
N ASN B 249 34.53 14.53 -15.38
CA ASN B 249 35.95 14.20 -15.38
C ASN B 249 36.54 14.08 -13.98
N GLN B 250 35.67 14.18 -12.97
CA GLN B 250 36.03 14.07 -11.56
C GLN B 250 36.99 15.17 -11.09
N ASP B 251 36.93 16.31 -11.76
CA ASP B 251 37.69 17.49 -11.38
C ASP B 251 36.75 18.42 -10.59
N PHE B 252 36.47 18.03 -9.35
CA PHE B 252 35.41 18.65 -8.55
C PHE B 252 35.78 20.06 -8.07
N PRO B 253 35.01 21.09 -8.51
CA PRO B 253 35.33 22.45 -8.07
C PRO B 253 35.01 22.66 -6.60
N LYS B 254 35.81 23.48 -5.93
CA LYS B 254 35.72 23.66 -4.49
C LYS B 254 35.80 25.15 -4.11
N TRP B 255 35.13 25.48 -3.01
CA TRP B 255 35.14 26.86 -2.45
C TRP B 255 35.30 26.77 -0.94
N THR B 256 36.08 27.67 -0.37
CA THR B 256 36.20 27.80 1.08
C THR B 256 35.25 28.86 1.64
N LEU B 257 34.37 28.47 2.56
CA LEU B 257 33.53 29.44 3.27
C LEU B 257 34.33 30.20 4.33
N LYS B 258 34.33 31.53 4.23
CA LYS B 258 34.88 32.40 5.26
C LYS B 258 33.83 33.43 5.65
N VAL B 259 33.87 33.87 6.89
CA VAL B 259 32.92 34.87 7.39
C VAL B 259 33.60 36.09 8.00
N GLN B 260 32.92 37.23 7.88
CA GLN B 260 33.21 38.41 8.68
C GLN B 260 32.17 38.49 9.77
N ILE B 261 32.59 38.81 10.99
CA ILE B 261 31.70 38.79 12.14
C ILE B 261 31.81 40.10 12.90
N MET B 262 30.69 40.82 12.99
CA MET B 262 30.61 42.13 13.64
C MET B 262 29.66 42.07 14.86
N PRO B 263 30.20 42.35 16.07
CA PRO B 263 29.32 42.40 17.25
C PRO B 263 28.20 43.42 17.06
N GLU B 264 27.03 43.13 17.60
CA GLU B 264 25.85 43.98 17.42
C GLU B 264 26.13 45.45 17.69
N ALA B 265 27.00 45.70 18.67
CA ALA B 265 27.31 47.06 19.12
C ALA B 265 28.04 47.90 18.07
N ASP B 266 28.91 47.25 17.29
CA ASP B 266 29.72 47.94 16.28
C ASP B 266 28.90 48.64 15.19
N ALA B 267 27.69 48.15 14.92
CA ALA B 267 26.85 48.70 13.85
C ALA B 267 26.56 50.18 14.01
N ALA B 268 26.54 50.65 15.25
CA ALA B 268 26.29 52.06 15.58
C ALA B 268 27.57 52.91 15.62
N THR B 269 28.73 52.26 15.64
CA THR B 269 30.00 52.96 15.76
C THR B 269 30.85 52.99 14.48
N VAL B 270 30.65 52.03 13.57
CA VAL B 270 31.39 52.03 12.29
C VAL B 270 31.06 53.25 11.41
N PRO B 271 32.06 53.75 10.65
CA PRO B 271 31.88 54.95 9.83
C PRO B 271 31.18 54.72 8.49
N TYR B 272 30.85 53.45 8.20
CA TYR B 272 30.07 53.07 7.03
C TYR B 272 28.78 52.39 7.52
N ASN B 273 27.67 52.67 6.84
CA ASN B 273 26.43 51.94 7.06
C ASN B 273 26.70 50.45 6.85
N PRO B 274 26.57 49.62 7.91
CA PRO B 274 26.94 48.21 7.73
C PRO B 274 25.86 47.40 7.00
N PHE B 275 24.72 48.03 6.70
CA PHE B 275 23.57 47.38 6.05
C PHE B 275 23.33 47.92 4.64
N ASP B 276 24.32 48.65 4.13
CA ASP B 276 24.27 49.23 2.78
C ASP B 276 24.85 48.22 1.79
N LEU B 277 23.98 47.67 0.93
CA LEU B 277 24.38 46.62 -0.03
C LEU B 277 25.41 47.11 -1.06
N THR B 278 25.50 48.41 -1.26
CA THR B 278 26.52 48.98 -2.14
C THR B 278 27.89 49.13 -1.47
N LYS B 279 28.02 48.67 -0.24
CA LYS B 279 29.27 48.79 0.50
C LYS B 279 29.72 47.44 1.02
N VAL B 280 31.04 47.30 1.18
CA VAL B 280 31.64 46.17 1.87
C VAL B 280 32.00 46.56 3.31
N TRP B 281 32.32 45.57 4.16
CA TRP B 281 33.03 45.87 5.39
C TRP B 281 34.50 45.66 5.10
N PRO B 282 35.32 46.71 5.32
CA PRO B 282 36.75 46.63 5.11
C PRO B 282 37.36 45.46 5.88
N HIS B 283 38.20 44.68 5.20
CA HIS B 283 38.96 43.60 5.82
C HIS B 283 39.88 44.11 6.94
N LYS B 284 40.30 45.36 6.82
CA LYS B 284 41.04 46.09 7.86
C LYS B 284 40.31 46.03 9.21
N ASP B 285 38.99 46.08 9.17
CA ASP B 285 38.19 46.09 10.40
C ASP B 285 37.66 44.73 10.78
N TYR B 286 37.22 43.97 9.77
CA TYR B 286 36.64 42.65 9.99
C TYR B 286 37.26 41.64 9.05
N PRO B 287 38.30 40.92 9.51
CA PRO B 287 39.02 39.99 8.66
C PRO B 287 38.18 38.76 8.42
N LEU B 288 38.48 38.03 7.34
CA LEU B 288 37.80 36.79 7.00
C LEU B 288 38.20 35.66 7.95
N ILE B 289 37.18 34.93 8.40
CA ILE B 289 37.32 33.85 9.35
C ILE B 289 36.87 32.57 8.68
N GLU B 290 37.79 31.63 8.52
CA GLU B 290 37.52 30.38 7.81
C GLU B 290 36.57 29.48 8.60
N VAL B 291 35.61 28.90 7.87
CA VAL B 291 34.56 28.08 8.46
C VAL B 291 34.57 26.63 7.95
N GLY B 292 34.64 26.47 6.64
CA GLY B 292 34.60 25.16 6.00
C GLY B 292 34.79 25.28 4.51
N GLU B 293 34.53 24.19 3.78
CA GLU B 293 34.60 24.23 2.33
C GLU B 293 33.48 23.39 1.72
N PHE B 294 33.13 23.70 0.47
CA PHE B 294 32.23 22.78 -0.24
C PHE B 294 32.84 22.34 -1.55
N GLU B 295 32.53 21.12 -1.97
CA GLU B 295 32.85 20.70 -3.34
C GLU B 295 31.59 20.29 -4.08
N LEU B 296 31.58 20.51 -5.39
CA LEU B 296 30.49 20.06 -6.26
C LEU B 296 30.95 18.82 -7.00
N ASN B 297 30.22 17.72 -6.84
CA ASN B 297 30.71 16.40 -7.24
C ASN B 297 29.70 15.50 -7.94
N ARG B 298 28.49 16.01 -8.20
CA ARG B 298 27.45 15.27 -8.92
C ARG B 298 26.69 16.21 -9.87
N ASN B 299 26.64 15.80 -11.14
CA ASN B 299 25.78 16.44 -12.12
C ASN B 299 24.34 15.91 -11.97
N PRO B 300 23.33 16.81 -12.05
CA PRO B 300 21.94 16.33 -11.98
C PRO B 300 21.57 15.31 -13.08
N GLN B 301 20.70 14.36 -12.74
CA GLN B 301 20.18 13.38 -13.70
C GLN B 301 19.30 14.02 -14.79
N ASN B 302 18.41 14.92 -14.36
CA ASN B 302 17.52 15.62 -15.29
C ASN B 302 17.54 17.12 -14.97
N TYR B 303 17.98 17.90 -15.96
CA TYR B 303 18.15 19.36 -15.80
C TYR B 303 16.83 20.10 -15.53
N PHE B 304 15.77 19.79 -16.29
CA PHE B 304 14.48 20.47 -16.05
C PHE B 304 13.98 20.28 -14.62
N ALA B 305 13.93 19.03 -14.19
CA ALA B 305 13.28 18.66 -12.96
C ALA B 305 14.08 19.13 -11.75
N GLU B 306 15.41 19.19 -11.89
CA GLU B 306 16.31 19.47 -10.77
C GLU B 306 16.98 20.85 -10.78
N VAL B 307 17.24 21.40 -11.97
CA VAL B 307 17.89 22.69 -12.05
C VAL B 307 16.86 23.76 -12.40
N GLU B 308 16.12 23.56 -13.49
CA GLU B 308 15.15 24.57 -13.91
C GLU B 308 14.11 24.80 -12.79
N GLN B 309 13.64 23.71 -12.19
CA GLN B 309 12.65 23.77 -11.10
C GLN B 309 13.23 24.06 -9.72
N ALA B 310 14.56 24.17 -9.61
CA ALA B 310 15.17 24.59 -8.35
C ALA B 310 14.66 25.98 -7.91
N ALA B 311 14.34 26.11 -6.63
CA ALA B 311 13.91 27.38 -6.06
C ALA B 311 14.74 27.70 -4.80
N PHE B 312 15.46 28.81 -4.84
CA PHE B 312 16.22 29.30 -3.70
C PHE B 312 15.55 30.55 -3.12
N ASN B 313 15.12 30.47 -1.87
CA ASN B 313 14.44 31.59 -1.20
C ASN B 313 15.31 32.10 -0.04
N PRO B 314 15.78 33.37 -0.13
CA PRO B 314 16.55 34.01 0.95
C PRO B 314 15.90 33.97 2.34
N ALA B 315 14.58 33.85 2.39
CA ALA B 315 13.86 33.71 3.66
C ALA B 315 14.03 32.33 4.28
N ASN B 316 14.56 31.37 3.52
CA ASN B 316 14.82 30.01 4.01
C ASN B 316 16.14 29.93 4.78
N VAL B 317 16.06 30.36 6.02
CA VAL B 317 17.15 30.49 6.93
C VAL B 317 16.98 29.34 7.96
N VAL B 318 17.98 29.09 8.79
CA VAL B 318 17.90 28.04 9.81
C VAL B 318 18.25 28.60 11.20
N PRO B 319 17.77 27.95 12.29
CA PRO B 319 18.15 28.47 13.62
C PRO B 319 19.65 28.71 13.74
N GLY B 320 20.03 29.87 14.26
CA GLY B 320 21.43 30.29 14.28
C GLY B 320 21.77 31.29 13.18
N ILE B 321 20.90 31.38 12.17
CA ILE B 321 21.11 32.31 11.04
C ILE B 321 19.83 33.09 10.79
N SER B 322 19.95 34.41 10.65
CA SER B 322 18.79 35.24 10.44
C SER B 322 19.14 36.41 9.53
N PHE B 323 18.28 37.41 9.47
CA PHE B 323 18.42 38.51 8.50
C PHE B 323 19.10 39.77 9.10
N SER B 324 18.97 40.89 8.41
CA SER B 324 19.45 42.20 8.91
C SER B 324 18.53 43.27 8.34
N PRO B 325 18.59 44.52 8.86
CA PRO B 325 17.79 45.59 8.28
C PRO B 325 18.31 46.21 6.97
N ASP B 326 19.17 45.50 6.25
CA ASP B 326 19.51 45.87 4.88
C ASP B 326 18.20 45.92 4.09
N LYS B 327 17.78 47.11 3.63
CA LYS B 327 16.52 47.29 2.89
C LYS B 327 16.38 46.33 1.69
N MET B 328 17.50 46.07 1.01
CA MET B 328 17.52 45.16 -0.14
C MET B 328 17.23 43.71 0.27
N LEU B 329 17.88 43.22 1.33
CA LEU B 329 17.55 41.91 1.89
C LEU B 329 16.08 41.85 2.32
N GLN B 330 15.58 42.91 2.96
CA GLN B 330 14.19 42.93 3.43
C GLN B 330 13.19 42.69 2.30
N GLY B 331 13.38 43.39 1.17
CA GLY B 331 12.57 43.22 -0.04
C GLY B 331 12.59 41.82 -0.65
N ARG B 332 13.77 41.19 -0.64
CA ARG B 332 13.96 39.83 -1.14
C ARG B 332 13.20 38.80 -0.32
N LEU B 333 12.93 39.13 0.95
CA LEU B 333 12.14 38.25 1.82
C LEU B 333 10.70 38.08 1.33
N PHE B 334 10.21 39.05 0.57
CA PHE B 334 8.91 38.92 -0.05
C PHE B 334 9.01 38.22 -1.42
N ALA B 335 9.88 38.76 -2.27
CA ALA B 335 9.84 38.52 -3.70
C ALA B 335 10.07 37.10 -4.15
N TYR B 336 10.91 36.36 -3.43
CA TYR B 336 11.34 35.06 -3.97
C TYR B 336 10.25 34.01 -3.85
N GLY B 337 9.71 33.85 -2.64
CA GLY B 337 8.59 32.91 -2.45
C GLY B 337 7.48 33.26 -3.41
N ASP B 338 7.22 34.58 -3.52
CA ASP B 338 6.19 35.11 -4.43
C ASP B 338 6.42 34.68 -5.87
N ALA B 339 7.61 34.97 -6.39
CA ALA B 339 7.98 34.59 -7.76
C ALA B 339 7.94 33.09 -8.00
N GLN B 340 8.35 32.31 -7.00
CA GLN B 340 8.47 30.86 -7.12
C GLN B 340 7.12 30.13 -7.10
N ARG B 341 6.19 30.62 -6.28
CA ARG B 341 4.83 30.11 -6.30
C ARG B 341 4.20 30.28 -7.68
N TYR B 342 4.44 31.44 -8.30
CA TYR B 342 3.95 31.68 -9.65
C TYR B 342 4.65 30.77 -10.67
N ARG B 343 5.99 30.75 -10.61
CA ARG B 343 6.78 30.08 -11.63
C ARG B 343 6.62 28.56 -11.56
N LEU B 344 6.47 28.04 -10.33
CA LEU B 344 6.63 26.59 -10.08
C LEU B 344 5.41 25.91 -9.48
N GLY B 345 4.46 26.70 -9.00
CA GLY B 345 3.25 26.16 -8.36
C GLY B 345 3.40 26.28 -6.86
N VAL B 346 2.28 26.40 -6.16
CA VAL B 346 2.31 26.58 -4.69
C VAL B 346 3.02 25.40 -3.98
N ASN B 347 2.92 24.19 -4.53
CA ASN B 347 3.52 23.03 -3.89
C ASN B 347 4.91 22.63 -4.40
N HIS B 348 5.64 23.60 -4.95
CA HIS B 348 6.96 23.34 -5.53
C HIS B 348 8.01 22.79 -4.56
N GLN B 349 7.76 22.90 -3.27
CA GLN B 349 8.74 22.34 -2.34
C GLN B 349 8.60 20.82 -2.16
N HIS B 350 7.62 20.22 -2.82
CA HIS B 350 7.56 18.77 -2.96
C HIS B 350 8.37 18.26 -4.18
N ILE B 351 8.87 19.18 -4.99
CA ILE B 351 9.83 18.84 -6.07
C ILE B 351 11.14 18.40 -5.40
N PRO B 352 11.61 17.18 -5.71
CA PRO B 352 12.75 16.59 -4.99
C PRO B 352 13.91 17.52 -4.63
N VAL B 353 14.41 18.31 -5.58
CA VAL B 353 15.56 19.20 -5.32
C VAL B 353 15.25 20.22 -4.20
N ASN B 354 13.99 20.67 -4.15
CA ASN B 354 13.51 21.66 -3.17
C ASN B 354 13.08 21.06 -1.83
N ALA B 355 12.93 19.73 -1.80
CA ALA B 355 12.44 19.04 -0.60
C ALA B 355 13.50 19.00 0.52
N PRO B 356 13.09 19.28 1.78
CA PRO B 356 14.00 19.13 2.91
C PRO B 356 14.24 17.65 3.18
N ARG B 357 15.42 17.32 3.69
CA ARG B 357 15.66 15.92 4.10
C ARG B 357 15.43 15.68 5.61
N CYS B 358 15.43 16.77 6.38
CA CYS B 358 15.10 16.78 7.81
C CYS B 358 13.58 16.62 8.07
N PRO B 359 13.18 16.50 9.35
CA PRO B 359 11.75 16.48 9.64
C PRO B 359 11.05 17.71 9.07
N VAL B 360 9.93 17.48 8.40
CA VAL B 360 9.13 18.55 7.84
C VAL B 360 7.68 18.29 8.19
N HIS B 361 7.03 19.31 8.73
CA HIS B 361 5.62 19.24 9.08
C HIS B 361 5.07 20.64 8.82
N SER B 362 4.77 20.90 7.56
CA SER B 362 4.67 22.29 7.07
C SER B 362 3.26 22.90 7.05
N TYR B 363 2.25 22.12 7.43
CA TYR B 363 0.90 22.62 7.72
C TYR B 363 0.02 22.91 6.50
N HIS B 364 0.59 23.61 5.51
CA HIS B 364 -0.20 24.12 4.37
C HIS B 364 -0.96 23.00 3.69
N ARG B 365 -2.20 23.28 3.31
CA ARG B 365 -3.07 22.23 2.76
C ARG B 365 -3.50 22.52 1.33
N ASP B 366 -3.79 21.45 0.61
CA ASP B 366 -4.43 21.50 -0.71
C ASP B 366 -3.51 22.18 -1.76
N GLY B 367 -4.07 23.02 -2.62
CA GLY B 367 -3.27 23.65 -3.67
C GLY B 367 -3.02 22.70 -4.83
N ALA B 368 -2.60 23.26 -5.96
CA ALA B 368 -2.44 22.53 -7.20
C ALA B 368 -1.40 21.41 -7.12
N MET B 369 -1.69 20.30 -7.80
CA MET B 369 -0.75 19.19 -7.93
C MET B 369 -0.26 18.70 -6.55
N ARG B 370 -1.22 18.34 -5.71
CA ARG B 370 -0.93 17.87 -4.37
C ARG B 370 -0.71 16.35 -4.43
N VAL B 371 0.55 15.93 -4.29
CA VAL B 371 0.95 14.54 -4.50
C VAL B 371 1.50 13.82 -3.25
N ASP B 372 1.64 14.55 -2.15
CA ASP B 372 2.32 14.06 -0.94
C ASP B 372 1.41 13.32 0.05
N GLY B 373 0.11 13.35 -0.20
CA GLY B 373 -0.90 12.79 0.71
C GLY B 373 -1.65 13.84 1.50
N ASN B 374 -1.16 15.07 1.49
CA ASN B 374 -1.90 16.23 2.05
C ASN B 374 -2.20 16.10 3.54
N PHE B 375 -1.31 15.40 4.23
CA PHE B 375 -1.45 15.04 5.65
C PHE B 375 -2.65 14.14 5.98
N GLY B 376 -3.15 13.42 4.98
CA GLY B 376 -4.33 12.57 5.14
C GLY B 376 -5.48 13.24 5.89
N SER B 377 -5.96 12.59 6.95
CA SER B 377 -7.11 13.10 7.71
C SER B 377 -6.76 14.06 8.83
N THR B 378 -5.48 14.39 8.98
CA THR B 378 -5.02 15.28 10.04
C THR B 378 -5.79 16.59 10.00
N LEU B 379 -6.32 17.00 11.15
CA LEU B 379 -7.01 18.27 11.26
C LEU B 379 -6.11 19.42 10.82
N GLY B 380 -6.73 20.50 10.37
CA GLY B 380 -5.99 21.61 9.76
C GLY B 380 -5.95 22.93 10.50
N TYR B 381 -6.38 22.93 11.77
CA TYR B 381 -6.44 24.15 12.54
C TYR B 381 -5.56 24.10 13.81
N GLU B 382 -5.07 25.27 14.23
CA GLU B 382 -4.30 25.39 15.47
C GLU B 382 -4.59 26.78 16.06
N PRO B 383 -4.86 26.86 17.38
CA PRO B 383 -4.85 25.81 18.41
C PRO B 383 -5.87 24.68 18.27
N ASN B 384 -5.49 23.49 18.74
CA ASN B 384 -6.34 22.30 18.68
C ASN B 384 -6.07 21.38 19.88
N ASP B 385 -6.95 20.39 20.08
CA ASP B 385 -6.87 19.49 21.22
C ASP B 385 -6.14 18.18 20.92
N GLN B 386 -5.39 18.15 19.81
CA GLN B 386 -4.66 16.96 19.39
C GLN B 386 -3.14 17.16 19.43
N GLY B 387 -2.70 18.30 19.93
CA GLY B 387 -1.28 18.64 19.95
C GLY B 387 -0.66 18.82 18.57
N GLN B 388 -1.51 19.01 17.55
CA GLN B 388 -1.06 19.03 16.17
C GLN B 388 -0.57 20.43 15.77
N TRP B 389 0.44 20.47 14.90
CA TRP B 389 1.06 21.72 14.42
C TRP B 389 1.61 22.54 15.58
N ALA B 390 2.32 21.86 16.50
CA ALA B 390 2.83 22.51 17.70
C ALA B 390 4.03 23.42 17.38
N GLU B 391 3.89 24.70 17.70
CA GLU B 391 5.00 25.65 17.52
C GLU B 391 6.18 25.27 18.42
N GLN B 392 7.33 25.86 18.16
CA GLN B 392 8.58 25.42 18.77
C GLN B 392 9.26 26.62 19.41
N PRO B 393 8.76 27.07 20.58
CA PRO B 393 9.22 28.34 21.16
C PRO B 393 10.69 28.37 21.56
N ASP B 394 11.29 27.18 21.74
CA ASP B 394 12.71 27.06 21.99
C ASP B 394 13.57 27.73 20.92
N PHE B 395 13.05 27.84 19.70
CA PHE B 395 13.84 28.40 18.59
C PHE B 395 13.64 29.90 18.39
N SER B 396 12.94 30.52 19.35
CA SER B 396 12.61 31.94 19.29
C SER B 396 13.87 32.80 19.22
N GLU B 397 13.84 33.78 18.31
CA GLU B 397 14.97 34.69 18.14
C GLU B 397 14.82 35.89 19.07
N PRO B 398 15.96 36.48 19.48
CA PRO B 398 15.88 37.62 20.37
C PRO B 398 15.29 38.84 19.62
N PRO B 399 14.64 39.76 20.36
CA PRO B 399 14.11 40.99 19.76
C PRO B 399 15.22 41.86 19.16
N LEU B 400 14.85 42.71 18.21
CA LEU B 400 15.77 43.68 17.65
C LEU B 400 15.32 45.07 18.07
N ASN B 401 16.19 45.78 18.80
CA ASN B 401 15.88 47.14 19.20
C ASN B 401 15.66 48.02 17.97
N LEU B 402 14.72 48.95 18.13
CA LEU B 402 14.30 49.83 17.06
C LEU B 402 14.38 51.26 17.55
N ASP B 403 14.56 52.18 16.63
CA ASP B 403 14.48 53.59 16.95
C ASP B 403 14.00 54.43 15.78
N GLY B 404 13.01 55.28 16.02
CA GLY B 404 12.50 56.19 14.99
C GLY B 404 11.12 55.84 14.44
N ALA B 405 10.49 56.81 13.78
CA ALA B 405 9.13 56.65 13.27
C ALA B 405 9.04 55.72 12.05
N ALA B 406 7.85 55.19 11.78
CA ALA B 406 7.58 54.52 10.51
C ALA B 406 7.52 55.62 9.45
N ALA B 407 8.44 55.55 8.50
CA ALA B 407 8.48 56.49 7.39
C ALA B 407 9.26 55.87 6.23
N HIS B 408 9.16 56.50 5.06
CA HIS B 408 9.99 56.16 3.93
C HIS B 408 11.27 56.99 4.05
N TRP B 409 12.23 56.47 4.82
CA TRP B 409 13.46 57.22 5.13
C TRP B 409 14.40 57.28 3.95
N ASP B 410 14.85 58.51 3.66
CA ASP B 410 15.68 58.78 2.48
C ASP B 410 17.12 58.29 2.65
N HIS B 411 17.49 57.27 1.87
CA HIS B 411 18.83 56.67 1.94
C HIS B 411 19.94 57.63 1.50
N ARG B 412 19.57 58.66 0.74
CA ARG B 412 20.53 59.63 0.22
C ARG B 412 21.02 60.61 1.28
N GLU B 413 20.54 60.42 2.51
CA GLU B 413 21.15 61.04 3.67
C GLU B 413 22.61 60.58 3.78
N ASP B 414 22.89 59.34 3.34
CA ASP B 414 24.26 58.84 3.18
C ASP B 414 24.76 59.13 1.76
N GLU B 415 25.65 60.11 1.64
CA GLU B 415 26.14 60.55 0.33
C GLU B 415 27.50 59.95 -0.02
N ASP B 416 27.93 58.98 0.76
CA ASP B 416 29.19 58.31 0.51
C ASP B 416 28.95 57.28 -0.59
N TYR B 417 28.98 57.75 -1.84
CA TYR B 417 28.75 56.88 -3.01
C TYR B 417 30.05 56.45 -3.66
N PHE B 418 31.13 57.16 -3.36
CA PHE B 418 32.33 57.11 -4.22
C PHE B 418 33.59 56.59 -3.55
N SER B 419 33.66 56.67 -2.22
CA SER B 419 34.89 56.30 -1.53
C SER B 419 35.27 54.84 -1.77
N GLN B 420 34.33 53.90 -1.58
CA GLN B 420 34.64 52.48 -1.79
C GLN B 420 35.02 52.06 -3.23
N PRO B 421 34.27 52.53 -4.25
CA PRO B 421 34.73 52.38 -5.64
C PRO B 421 36.16 52.92 -5.86
N GLY B 422 36.49 54.03 -5.21
CA GLY B 422 37.86 54.58 -5.26
C GLY B 422 38.91 53.68 -4.61
N ASP B 423 38.58 53.11 -3.47
CA ASP B 423 39.46 52.13 -2.80
C ASP B 423 39.77 50.94 -3.72
N LEU B 424 38.73 50.42 -4.36
CA LEU B 424 38.84 49.31 -5.32
C LEU B 424 39.67 49.67 -6.56
N PHE B 425 39.37 50.81 -7.17
CA PHE B 425 40.19 51.32 -8.28
C PHE B 425 41.67 51.40 -7.88
N GLY B 426 41.95 51.97 -6.70
CA GLY B 426 43.31 52.17 -6.21
C GLY B 426 44.13 50.90 -6.05
N LEU B 427 43.46 49.76 -5.87
CA LEU B 427 44.14 48.49 -5.63
C LEU B 427 44.43 47.69 -6.92
N MET B 428 43.80 48.10 -8.03
CA MET B 428 44.01 47.50 -9.32
C MET B 428 45.38 47.88 -9.87
N THR B 429 46.00 46.98 -10.63
CA THR B 429 47.24 47.28 -11.34
C THR B 429 46.95 48.25 -12.49
N ALA B 430 48.01 48.83 -13.05
CA ALA B 430 47.88 49.73 -14.21
C ALA B 430 47.21 49.05 -15.42
N GLU B 431 47.50 47.77 -15.60
CA GLU B 431 46.89 46.95 -16.64
C GLU B 431 45.39 46.70 -16.41
N LYS B 432 45.00 46.42 -15.17
CA LYS B 432 43.59 46.16 -14.86
C LYS B 432 42.75 47.43 -14.89
N GLN B 433 43.40 48.55 -14.57
CA GLN B 433 42.79 49.87 -14.69
C GLN B 433 42.55 50.24 -16.15
N ALA B 434 43.52 49.93 -17.02
CA ALA B 434 43.37 50.17 -18.47
C ALA B 434 42.24 49.31 -19.03
N ILE B 435 42.13 48.09 -18.52
CA ILE B 435 41.05 47.18 -18.92
C ILE B 435 39.68 47.76 -18.51
N LEU B 436 39.60 48.28 -17.29
CA LEU B 436 38.41 48.95 -16.77
C LEU B 436 38.02 50.14 -17.66
N PHE B 437 39.00 50.99 -18.00
CA PHE B 437 38.75 52.17 -18.84
C PHE B 437 38.19 51.75 -20.20
N ASP B 438 38.82 50.74 -20.78
CA ASP B 438 38.45 50.27 -22.11
C ASP B 438 37.04 49.64 -22.11
N ASN B 439 36.77 48.76 -21.15
CA ASN B 439 35.44 48.13 -21.08
C ASN B 439 34.34 49.17 -20.95
N THR B 440 34.57 50.15 -20.07
CA THR B 440 33.63 51.25 -19.82
C THR B 440 33.42 52.15 -21.03
N ALA B 441 34.51 52.64 -21.61
CA ALA B 441 34.39 53.47 -22.81
C ALA B 441 33.65 52.78 -23.97
N ARG B 442 33.92 51.49 -24.20
CA ARG B 442 33.21 50.78 -25.28
C ARG B 442 31.74 50.49 -24.92
N ASN B 443 31.49 50.23 -23.65
CA ASN B 443 30.11 50.12 -23.14
C ASN B 443 29.28 51.40 -23.34
N LEU B 444 29.95 52.55 -23.30
CA LEU B 444 29.29 53.85 -23.44
C LEU B 444 29.11 54.29 -24.89
N ASN B 445 29.52 53.44 -25.83
CA ASN B 445 29.44 53.77 -27.25
C ASN B 445 28.00 54.01 -27.68
N GLY B 446 27.75 55.16 -28.26
CA GLY B 446 26.42 55.52 -28.71
C GLY B 446 25.48 56.04 -27.64
N VAL B 447 25.96 56.10 -26.39
CA VAL B 447 25.17 56.65 -25.29
C VAL B 447 25.24 58.17 -25.34
N PRO B 448 24.08 58.86 -25.23
CA PRO B 448 24.12 60.35 -25.32
C PRO B 448 25.18 60.93 -24.38
N LYS B 449 25.89 61.95 -24.88
CA LYS B 449 27.02 62.57 -24.18
C LYS B 449 26.71 63.03 -22.75
N GLU B 450 25.53 63.60 -22.52
CA GLU B 450 25.18 64.05 -21.17
C GLU B 450 25.14 62.91 -20.15
N ILE B 451 24.74 61.71 -20.59
CA ILE B 451 24.78 60.51 -19.74
C ILE B 451 26.21 59.99 -19.53
N GLN B 452 26.98 59.94 -20.61
CA GLN B 452 28.39 59.58 -20.54
C GLN B 452 29.11 60.46 -19.50
N LEU B 453 28.87 61.76 -19.57
CA LEU B 453 29.53 62.74 -18.71
C LEU B 453 29.18 62.54 -17.24
N ARG B 454 27.91 62.22 -17.00
CA ARG B 454 27.43 61.86 -15.66
C ARG B 454 28.22 60.73 -15.03
N HIS B 455 28.50 59.70 -15.82
CA HIS B 455 29.31 58.59 -15.34
C HIS B 455 30.77 58.98 -15.10
N VAL B 456 31.36 59.69 -16.05
CA VAL B 456 32.77 60.09 -15.89
C VAL B 456 32.95 60.98 -14.63
N THR B 457 31.97 61.85 -14.36
CA THR B 457 31.94 62.67 -13.14
C THR B 457 31.97 61.80 -11.88
N HIS B 458 31.10 60.78 -11.83
CA HIS B 458 31.06 59.85 -10.71
C HIS B 458 32.41 59.17 -10.53
N CYS B 459 32.99 58.65 -11.61
CA CYS B 459 34.29 57.97 -11.57
C CYS B 459 35.39 58.89 -11.04
N TYR B 460 35.36 60.16 -11.45
CA TYR B 460 36.34 61.15 -11.02
C TYR B 460 36.27 61.39 -9.50
N LYS B 461 35.04 61.42 -8.99
CA LYS B 461 34.79 61.56 -7.56
C LYS B 461 35.37 60.40 -6.78
N ALA B 462 35.24 59.19 -7.33
CA ALA B 462 35.90 58.02 -6.76
C ALA B 462 37.42 58.19 -6.76
N ASP B 463 37.97 58.58 -7.90
CA ASP B 463 39.42 58.82 -8.03
C ASP B 463 39.64 59.60 -9.31
N PRO B 464 40.34 60.76 -9.22
CA PRO B 464 40.66 61.59 -10.39
C PRO B 464 41.16 60.80 -11.60
N ALA B 465 42.00 59.80 -11.35
CA ALA B 465 42.61 58.98 -12.42
C ALA B 465 41.62 57.98 -13.04
N TYR B 466 40.62 57.59 -12.26
CA TYR B 466 39.54 56.75 -12.75
C TYR B 466 38.71 57.55 -13.75
N GLY B 467 38.21 58.72 -13.35
CA GLY B 467 37.48 59.59 -14.27
C GLY B 467 38.28 60.01 -15.49
N GLU B 468 39.56 60.34 -15.29
CA GLU B 468 40.41 60.79 -16.39
C GLU B 468 40.67 59.65 -17.38
N GLY B 469 40.88 58.44 -16.87
CA GLY B 469 41.08 57.26 -17.70
C GLY B 469 39.97 57.01 -18.71
N ILE B 470 38.71 57.16 -18.27
CA ILE B 470 37.56 57.05 -19.17
C ILE B 470 37.39 58.32 -20.01
N GLY B 471 37.50 59.48 -19.36
CA GLY B 471 37.38 60.77 -20.05
C GLY B 471 38.28 60.90 -21.28
N LYS B 472 39.54 60.50 -21.13
CA LYS B 472 40.50 60.48 -22.24
C LYS B 472 40.02 59.65 -23.42
N LEU B 473 39.56 58.43 -23.15
CA LEU B 473 39.09 57.53 -24.21
C LEU B 473 37.85 58.07 -24.93
N LEU B 474 37.01 58.83 -24.24
CA LEU B 474 35.83 59.41 -24.87
C LEU B 474 36.08 60.79 -25.50
N GLY B 475 37.26 61.35 -25.28
CA GLY B 475 37.61 62.63 -25.89
C GLY B 475 37.07 63.84 -25.15
N PHE B 476 36.85 63.68 -23.85
CA PHE B 476 36.43 64.80 -23.01
C PHE B 476 37.64 65.51 -22.39
N ASP B 477 37.55 66.84 -22.26
CA ASP B 477 38.50 67.59 -21.43
C ASP B 477 38.17 67.40 -19.96
N ILE B 478 39.20 67.29 -19.12
CA ILE B 478 39.03 67.16 -17.67
C ILE B 478 38.04 68.17 -17.05
N SER B 479 38.07 69.41 -17.51
CA SER B 479 37.16 70.44 -17.00
C SER B 479 35.66 70.15 -17.23
N GLU B 480 35.34 69.21 -18.14
CA GLU B 480 33.95 68.86 -18.45
C GLU B 480 33.29 67.95 -17.41
N TYR B 481 34.10 67.29 -16.57
CA TYR B 481 33.58 66.31 -15.60
C TYR B 481 34.23 66.51 -14.23
N ASN B 482 34.81 67.69 -14.09
CA ASN B 482 35.67 68.06 -12.97
C ASN B 482 35.06 68.03 -11.59
N SER B 483 35.80 67.43 -10.66
CA SER B 483 35.47 67.39 -9.24
C SER B 483 34.03 67.10 -8.91
N SER C 2 -26.45 41.31 -32.70
CA SER C 2 -25.88 40.30 -33.66
C SER C 2 -26.35 38.93 -33.24
N LYS C 3 -26.47 38.02 -34.23
CA LYS C 3 -26.96 36.67 -33.99
C LYS C 3 -26.13 35.57 -34.64
N LYS C 4 -25.51 35.90 -35.76
CA LYS C 4 -24.75 34.92 -36.52
C LYS C 4 -23.48 34.52 -35.79
N LEU C 5 -23.31 33.20 -35.68
CA LEU C 5 -22.18 32.58 -34.98
C LEU C 5 -20.87 32.56 -35.78
N THR C 6 -19.77 32.91 -35.10
CA THR C 6 -18.45 32.87 -35.68
C THR C 6 -17.51 32.16 -34.72
N THR C 7 -16.31 31.83 -35.20
CA THR C 7 -15.21 31.41 -34.34
C THR C 7 -14.63 32.62 -33.62
N ALA C 8 -13.73 32.38 -32.67
CA ALA C 8 -13.04 33.47 -31.97
C ALA C 8 -12.20 34.34 -32.91
N ALA C 9 -11.83 33.78 -34.06
CA ALA C 9 -11.05 34.51 -35.08
C ALA C 9 -11.95 35.16 -36.14
N GLY C 10 -13.26 35.07 -35.96
CA GLY C 10 -14.23 35.79 -36.81
C GLY C 10 -14.70 35.03 -38.03
N CYS C 11 -14.37 33.75 -38.11
CA CYS C 11 -14.76 32.92 -39.24
C CYS C 11 -16.20 32.44 -39.03
N PRO C 12 -17.07 32.59 -40.05
CA PRO C 12 -18.43 32.05 -39.95
C PRO C 12 -18.44 30.56 -39.60
N VAL C 13 -19.28 30.18 -38.63
CA VAL C 13 -19.47 28.77 -38.27
C VAL C 13 -20.69 28.21 -38.99
N ALA C 14 -20.44 27.21 -39.85
CA ALA C 14 -21.47 26.60 -40.69
C ALA C 14 -22.26 25.47 -39.99
N HIS C 15 -21.61 24.73 -39.09
CA HIS C 15 -22.22 23.56 -38.44
C HIS C 15 -22.04 23.57 -36.93
N ASN C 16 -23.14 23.85 -36.22
CA ASN C 16 -23.15 23.87 -34.77
C ASN C 16 -24.11 22.81 -34.19
N GLN C 17 -24.55 21.87 -35.02
CA GLN C 17 -25.52 20.83 -34.61
C GLN C 17 -25.00 19.41 -34.76
N ASN C 18 -24.13 19.23 -35.75
CA ASN C 18 -23.57 17.93 -36.11
C ASN C 18 -22.07 18.03 -36.33
N VAL C 19 -21.32 17.20 -35.61
CA VAL C 19 -19.88 17.07 -35.84
C VAL C 19 -19.58 16.33 -37.13
N GLN C 20 -18.34 16.48 -37.61
CA GLN C 20 -17.87 15.85 -38.84
C GLN C 20 -17.43 14.42 -38.57
N THR C 21 -17.97 13.47 -39.34
CA THR C 21 -17.63 12.06 -39.13
C THR C 21 -17.23 11.40 -40.45
N ALA C 22 -16.55 10.26 -40.34
CA ALA C 22 -16.19 9.45 -41.51
C ALA C 22 -17.36 8.56 -41.91
N GLY C 23 -18.32 9.15 -42.63
CA GLY C 23 -19.58 8.48 -42.96
C GLY C 23 -20.63 8.69 -41.87
N LYS C 24 -21.89 8.49 -42.23
CA LYS C 24 -23.02 8.59 -41.30
C LYS C 24 -22.80 7.91 -39.96
N ARG C 25 -22.29 6.68 -40.00
CA ARG C 25 -22.11 5.88 -38.80
C ARG C 25 -20.64 5.73 -38.40
N GLY C 26 -19.78 6.61 -38.94
CA GLY C 26 -18.34 6.54 -38.70
C GLY C 26 -17.87 7.37 -37.51
N PRO C 27 -16.60 7.16 -37.08
CA PRO C 27 -15.99 7.91 -35.98
C PRO C 27 -15.77 9.38 -36.36
N GLN C 28 -15.59 10.22 -35.34
CA GLN C 28 -15.44 11.67 -35.50
C GLN C 28 -14.08 12.06 -36.11
N LEU C 29 -14.09 13.07 -36.98
CA LEU C 29 -12.85 13.57 -37.59
C LEU C 29 -12.22 14.69 -36.75
N LEU C 30 -10.92 14.63 -36.59
CA LEU C 30 -10.13 15.66 -35.89
C LEU C 30 -10.27 17.06 -36.52
N GLN C 31 -10.47 17.10 -37.83
CA GLN C 31 -10.55 18.37 -38.57
C GLN C 31 -11.84 19.15 -38.35
N ASP C 32 -12.75 18.65 -37.51
CA ASP C 32 -13.85 19.46 -37.03
C ASP C 32 -13.29 20.46 -36.01
N VAL C 33 -12.82 21.58 -36.53
CA VAL C 33 -12.05 22.51 -35.73
C VAL C 33 -12.95 23.39 -34.85
N TRP C 34 -14.18 23.60 -35.28
CA TRP C 34 -15.16 24.28 -34.44
C TRP C 34 -15.50 23.43 -33.23
N PHE C 35 -15.62 22.11 -33.40
CA PHE C 35 -15.84 21.25 -32.23
C PHE C 35 -14.72 21.42 -31.21
N LEU C 36 -13.47 21.34 -31.66
CA LEU C 36 -12.32 21.48 -30.76
C LEU C 36 -12.28 22.84 -30.07
N GLU C 37 -12.52 23.92 -30.81
CA GLU C 37 -12.48 25.25 -30.21
C GLU C 37 -13.57 25.41 -29.15
N LYS C 38 -14.81 25.06 -29.51
CA LYS C 38 -15.98 25.22 -28.65
C LYS C 38 -15.83 24.42 -27.37
N LEU C 39 -15.37 23.18 -27.47
CA LEU C 39 -15.17 22.33 -26.28
C LEU C 39 -13.96 22.75 -25.45
N ALA C 40 -12.87 23.15 -26.11
CA ALA C 40 -11.68 23.62 -25.39
C ALA C 40 -11.94 24.88 -24.57
N HIS C 41 -12.76 25.79 -25.09
CA HIS C 41 -13.20 26.95 -24.32
C HIS C 41 -14.16 26.57 -23.21
N PHE C 42 -15.11 25.71 -23.51
CA PHE C 42 -16.05 25.20 -22.51
C PHE C 42 -15.28 24.59 -21.32
N ASP C 43 -14.27 23.79 -21.65
CA ASP C 43 -13.43 23.09 -20.66
C ASP C 43 -12.68 24.02 -19.73
N ARG C 44 -12.65 25.32 -20.07
CA ARG C 44 -11.85 26.31 -19.32
C ARG C 44 -12.67 27.48 -18.76
N GLU C 45 -14.00 27.32 -18.67
CA GLU C 45 -14.87 28.41 -18.18
C GLU C 45 -14.63 28.77 -16.71
N VAL C 46 -14.28 27.75 -15.92
CA VAL C 46 -14.19 27.87 -14.46
C VAL C 46 -12.80 28.36 -14.04
N ILE C 47 -12.81 29.29 -13.09
CA ILE C 47 -11.60 29.77 -12.40
C ILE C 47 -11.71 29.42 -10.90
N PRO C 48 -10.60 29.42 -10.14
CA PRO C 48 -10.79 29.10 -8.73
C PRO C 48 -11.78 30.07 -8.05
N GLU C 49 -12.65 29.55 -7.18
CA GLU C 49 -13.52 30.41 -6.36
C GLU C 49 -12.70 31.12 -5.29
N ARG C 50 -13.26 32.16 -4.67
CA ARG C 50 -12.59 32.82 -3.55
C ARG C 50 -12.32 31.81 -2.41
N ARG C 51 -11.15 31.91 -1.78
CA ARG C 51 -10.85 31.07 -0.61
C ARG C 51 -11.77 31.36 0.60
N OMT C 52 -12.28 32.59 0.68
CA OMT C 52 -13.25 32.99 1.73
CB OMT C 52 -12.54 33.76 2.85
CG OMT C 52 -13.26 33.63 4.22
SD OMT C 52 -12.82 32.28 5.11
CE OMT C 52 -13.02 32.57 6.74
C OMT C 52 -14.29 33.83 1.05
O OMT C 52 -13.96 34.56 0.12
OD1 OMT C 52 -13.64 31.16 4.79
OD2 OMT C 52 -11.45 31.93 4.88
N HIS C 53 -15.55 33.74 1.50
CA HIS C 53 -16.67 34.49 0.91
C HIS C 53 -16.93 34.14 -0.58
N ALA C 54 -16.81 32.85 -0.91
CA ALA C 54 -16.98 32.37 -2.29
C ALA C 54 -18.40 32.56 -2.83
N LYS C 55 -19.41 32.56 -1.95
CA LYS C 55 -20.82 32.73 -2.34
C LYS C 55 -21.27 34.18 -2.18
N GLY C 56 -21.77 34.78 -3.25
CA GLY C 56 -22.07 36.19 -3.20
C GLY C 56 -22.94 36.79 -4.29
N SER C 57 -23.32 38.04 -4.04
CA SER C 57 -24.23 38.77 -4.89
C SER C 57 -23.73 40.19 -4.99
N GLY C 58 -23.86 40.79 -6.17
CA GLY C 58 -23.32 42.12 -6.43
C GLY C 58 -24.29 43.04 -7.13
N ALA C 59 -24.08 44.33 -6.95
CA ALA C 59 -24.86 45.36 -7.63
C ALA C 59 -24.07 46.65 -7.66
N TYR C 60 -24.40 47.50 -8.63
CA TYR C 60 -23.81 48.82 -8.73
C TYR C 60 -24.72 49.85 -8.08
N GLY C 61 -24.12 50.98 -7.71
CA GLY C 61 -24.84 52.07 -7.10
C GLY C 61 -24.12 53.41 -7.10
N THR C 62 -24.59 54.28 -6.22
CA THR C 62 -24.13 55.66 -6.12
C THR C 62 -24.09 56.09 -4.65
N PHE C 63 -22.98 56.70 -4.26
CA PHE C 63 -22.81 57.26 -2.92
C PHE C 63 -22.90 58.77 -3.05
N THR C 64 -23.60 59.41 -2.11
CA THR C 64 -23.74 60.88 -2.09
C THR C 64 -23.35 61.41 -0.70
N VAL C 65 -22.54 62.46 -0.69
CA VAL C 65 -22.17 63.18 0.54
C VAL C 65 -23.34 64.03 1.03
N THR C 66 -23.63 63.90 2.32
CA THR C 66 -24.70 64.68 2.95
C THR C 66 -24.19 65.58 4.07
N HIS C 67 -23.00 65.29 4.60
CA HIS C 67 -22.42 66.12 5.66
C HIS C 67 -20.94 66.45 5.39
N ASP C 68 -20.46 67.50 6.04
CA ASP C 68 -19.11 67.99 5.83
C ASP C 68 -18.16 67.42 6.90
N ILE C 69 -17.32 66.47 6.51
CA ILE C 69 -16.28 65.93 7.39
C ILE C 69 -14.88 66.24 6.88
N THR C 70 -14.77 67.27 6.02
CA THR C 70 -13.50 67.65 5.41
C THR C 70 -12.46 68.18 6.42
N LYS C 71 -12.90 68.44 7.65
CA LYS C 71 -11.98 68.81 8.72
C LYS C 71 -11.06 67.63 9.10
N TYR C 72 -11.54 66.41 8.86
CA TYR C 72 -10.84 65.20 9.29
C TYR C 72 -10.17 64.45 8.14
N THR C 73 -10.71 64.59 6.93
CA THR C 73 -10.21 63.86 5.74
C THR C 73 -10.19 64.69 4.46
N LYS C 74 -9.09 64.58 3.72
CA LYS C 74 -8.94 65.29 2.47
C LYS C 74 -9.40 64.46 1.26
N ALA C 75 -9.98 63.28 1.52
CA ALA C 75 -10.39 62.38 0.46
C ALA C 75 -11.40 63.06 -0.46
N LYS C 76 -11.16 62.94 -1.76
CA LYS C 76 -12.00 63.60 -2.75
C LYS C 76 -13.44 63.12 -2.75
N ILE C 77 -13.65 61.84 -2.45
CA ILE C 77 -15.01 61.28 -2.36
C ILE C 77 -15.91 62.07 -1.42
N PHE C 78 -15.32 62.61 -0.35
CA PHE C 78 -16.05 63.35 0.69
C PHE C 78 -15.89 64.88 0.61
N SER C 79 -15.37 65.40 -0.50
CA SER C 79 -14.93 66.80 -0.57
C SER C 79 -16.05 67.86 -0.57
N ASP C 80 -17.23 67.50 -1.09
CA ASP C 80 -18.36 68.44 -1.22
C ASP C 80 -19.68 67.77 -0.90
N ILE C 81 -20.56 68.46 -0.17
CA ILE C 81 -21.94 67.99 0.02
C ILE C 81 -22.63 67.94 -1.34
N GLY C 82 -23.31 66.81 -1.61
CA GLY C 82 -23.96 66.60 -2.91
C GLY C 82 -23.11 65.85 -3.90
N LYS C 83 -21.82 65.71 -3.61
CA LYS C 83 -20.91 65.01 -4.50
C LYS C 83 -21.26 63.52 -4.58
N LYS C 84 -21.39 63.02 -5.81
CA LYS C 84 -21.81 61.66 -6.07
C LYS C 84 -20.68 60.86 -6.67
N THR C 85 -20.60 59.59 -6.28
CA THR C 85 -19.55 58.67 -6.69
C THR C 85 -20.18 57.31 -7.00
N ASP C 86 -19.91 56.80 -8.20
CA ASP C 86 -20.31 55.44 -8.56
C ASP C 86 -19.57 54.42 -7.69
N MET C 87 -20.23 53.29 -7.45
CA MET C 87 -19.69 52.24 -6.61
C MET C 87 -20.17 50.84 -7.04
N PHE C 88 -19.47 49.81 -6.57
CA PHE C 88 -19.94 48.43 -6.73
C PHE C 88 -19.87 47.78 -5.36
N ALA C 89 -20.88 46.97 -5.06
CA ALA C 89 -20.93 46.26 -3.79
C ALA C 89 -21.07 44.76 -4.04
N ARG C 90 -20.36 43.97 -3.22
CA ARG C 90 -20.61 42.54 -3.19
C ARG C 90 -20.94 42.05 -1.77
N PHE C 91 -22.09 41.39 -1.63
CA PHE C 91 -22.51 40.76 -0.38
C PHE C 91 -22.28 39.28 -0.49
N SER C 92 -22.04 38.63 0.63
CA SER C 92 -21.58 37.25 0.58
C SER C 92 -21.78 36.53 1.92
N THR C 93 -21.77 35.20 1.90
CA THR C 93 -21.56 34.42 3.12
C THR C 93 -20.04 34.29 3.29
N VAL C 94 -19.59 33.43 4.19
CA VAL C 94 -18.15 33.30 4.47
C VAL C 94 -17.65 31.89 4.16
N ALA C 95 -18.29 30.90 4.76
CA ALA C 95 -17.83 29.52 4.74
C ALA C 95 -18.27 28.75 3.49
N GLY C 96 -19.45 29.08 2.98
CA GLY C 96 -20.03 28.34 1.86
C GLY C 96 -19.24 28.46 0.57
N GLU C 97 -19.15 27.35 -0.16
CA GLU C 97 -18.52 27.37 -1.47
C GLU C 97 -19.52 27.96 -2.47
N ARG C 98 -19.09 28.02 -3.74
CA ARG C 98 -19.90 28.40 -4.91
C ARG C 98 -21.42 28.22 -5.06
C ARG C 98 -21.02 27.36 -4.74
N GLY C 99 -21.94 27.06 -4.68
N GLY C 99 -22.28 27.78 -4.81
CA GLY C 99 -23.36 26.81 -4.77
C GLY C 99 -23.96 26.52 -3.42
N ALA C 100 -23.21 26.80 -2.35
CA ALA C 100 -23.74 26.68 -0.98
C ALA C 100 -24.95 27.58 -0.77
N ALA C 101 -25.79 27.24 0.20
CA ALA C 101 -26.98 28.02 0.53
C ALA C 101 -26.66 29.44 0.98
N ASP C 102 -27.43 30.39 0.44
CA ASP C 102 -27.38 31.79 0.87
C ASP C 102 -27.78 31.98 2.35
N ALA C 103 -28.83 31.27 2.80
CA ALA C 103 -29.43 31.50 4.11
C ALA C 103 -28.83 30.65 5.24
N GLU C 104 -27.50 30.74 5.40
CA GLU C 104 -26.82 30.02 6.45
C GLU C 104 -26.55 30.97 7.62
N ARG C 105 -26.31 30.39 8.79
CA ARG C 105 -25.84 31.10 9.98
C ARG C 105 -24.35 31.38 9.79
N ASP C 106 -24.01 32.65 9.68
CA ASP C 106 -22.70 33.08 9.23
C ASP C 106 -22.60 34.60 9.25
N ILE C 107 -21.38 35.09 9.38
CA ILE C 107 -21.06 36.46 9.03
C ILE C 107 -21.48 36.67 7.55
N ARG C 108 -21.85 37.90 7.21
CA ARG C 108 -22.01 38.28 5.81
C ARG C 108 -20.97 39.31 5.42
N GLY C 109 -20.35 39.10 4.26
CA GLY C 109 -19.47 40.11 3.68
C GLY C 109 -20.26 41.31 3.19
N PHE C 110 -19.64 42.48 3.33
CA PHE C 110 -20.23 43.77 2.97
C PHE C 110 -19.09 44.54 2.29
N SER C 111 -18.89 44.26 1.00
CA SER C 111 -17.68 44.69 0.30
C SER C 111 -17.97 45.81 -0.70
N LEU C 112 -17.26 46.91 -0.59
CA LEU C 112 -17.58 48.11 -1.38
C LEU C 112 -16.38 48.63 -2.14
N LYS C 113 -16.63 49.05 -3.38
CA LYS C 113 -15.60 49.62 -4.26
C LYS C 113 -16.13 50.98 -4.72
N PHE C 114 -15.44 52.06 -4.36
CA PHE C 114 -15.88 53.40 -4.76
C PHE C 114 -14.96 53.90 -5.86
N TYR C 115 -15.53 54.23 -7.01
CA TYR C 115 -14.75 54.68 -8.16
C TYR C 115 -14.45 56.18 -8.06
N THR C 116 -13.48 56.55 -7.20
CA THR C 116 -13.19 57.96 -6.92
C THR C 116 -12.24 58.61 -7.94
N GLU C 117 -12.13 59.94 -7.90
CA GLU C 117 -11.29 60.65 -8.85
C GLU C 117 -9.80 60.50 -8.50
N GLU C 118 -9.51 59.97 -7.31
CA GLU C 118 -8.13 59.70 -6.87
C GLU C 118 -7.86 58.21 -6.65
N GLY C 119 -8.56 57.36 -7.40
CA GLY C 119 -8.40 55.91 -7.29
C GLY C 119 -9.62 55.16 -6.79
N ASN C 120 -9.65 53.85 -7.02
CA ASN C 120 -10.69 53.01 -6.44
C ASN C 120 -10.41 52.79 -4.96
N TRP C 121 -11.37 53.17 -4.12
CA TRP C 121 -11.32 52.84 -2.70
C TRP C 121 -12.10 51.55 -2.41
N ASP C 122 -11.39 50.50 -2.06
CA ASP C 122 -12.01 49.24 -1.65
C ASP C 122 -12.13 49.19 -0.14
N LEU C 123 -13.35 48.99 0.35
CA LEU C 123 -13.58 48.67 1.75
C LEU C 123 -14.30 47.33 1.83
N ALA C 124 -13.53 46.27 2.09
CA ALA C 124 -14.09 44.93 2.26
C ALA C 124 -14.53 44.75 3.71
N GLY C 125 -15.78 45.11 3.98
CA GLY C 125 -16.32 45.04 5.33
C GLY C 125 -17.12 43.79 5.59
N ASN C 126 -17.67 43.71 6.80
CA ASN C 126 -18.57 42.63 7.23
C ASN C 126 -19.87 43.22 7.81
N ASN C 127 -20.86 42.36 8.04
CA ASN C 127 -22.11 42.81 8.65
C ASN C 127 -22.02 42.90 10.18
N THR C 128 -20.78 42.94 10.68
CA THR C 128 -20.49 42.98 12.12
C THR C 128 -19.30 43.94 12.35
N PRO C 129 -19.29 44.66 13.49
CA PRO C 129 -18.18 45.59 13.77
C PRO C 129 -16.88 44.91 14.25
N VAL C 130 -16.92 43.60 14.50
CA VAL C 130 -15.79 42.90 15.13
C VAL C 130 -15.51 41.58 14.41
N PHE C 131 -14.47 40.87 14.82
CA PHE C 131 -14.18 39.57 14.22
C PHE C 131 -13.75 38.59 15.32
N PHE C 132 -13.58 37.34 14.96
CA PHE C 132 -13.16 36.28 15.88
C PHE C 132 -11.74 36.45 16.41
N LEU C 133 -10.87 37.07 15.61
CA LEU C 133 -9.43 36.96 15.83
C LEU C 133 -8.74 38.29 16.07
N ARG C 134 -7.64 38.23 16.82
CA ARG C 134 -6.76 39.38 17.09
C ARG C 134 -5.48 39.43 16.25
N ASP C 135 -5.10 38.27 15.70
CA ASP C 135 -3.84 38.13 14.97
C ASP C 135 -4.04 37.35 13.67
N PRO C 136 -3.50 37.86 12.55
CA PRO C 136 -3.73 37.30 11.22
C PRO C 136 -3.16 35.90 10.99
N LEU C 137 -2.21 35.46 11.82
CA LEU C 137 -1.68 34.08 11.73
C LEU C 137 -2.78 33.03 11.91
N LYS C 138 -3.80 33.37 12.70
CA LYS C 138 -4.91 32.46 12.97
C LYS C 138 -5.96 32.39 11.87
N PHE C 139 -5.82 33.20 10.82
CA PHE C 139 -6.85 33.22 9.77
C PHE C 139 -6.98 31.90 9.00
N PRO C 140 -5.86 31.32 8.50
CA PRO C 140 -5.99 30.01 7.85
C PRO C 140 -6.58 28.94 8.77
N ASP C 141 -6.26 29.02 10.06
CA ASP C 141 -6.79 28.14 11.08
C ASP C 141 -8.30 28.28 11.23
N LEU C 142 -8.78 29.52 11.25
CA LEU C 142 -10.22 29.79 11.24
C LEU C 142 -10.91 29.19 10.02
N ASN C 143 -10.37 29.44 8.83
CA ASN C 143 -10.89 28.80 7.62
C ASN C 143 -10.98 27.27 7.77
N HIS C 144 -9.91 26.64 8.24
CA HIS C 144 -9.85 25.19 8.36
C HIS C 144 -10.80 24.64 9.43
N ALA C 145 -11.06 25.45 10.46
CA ALA C 145 -12.02 25.07 11.51
C ALA C 145 -13.49 25.23 11.12
N VAL C 146 -13.81 26.27 10.33
CA VAL C 146 -15.21 26.54 9.95
C VAL C 146 -15.67 25.89 8.63
N LYS C 147 -14.73 25.44 7.82
CA LYS C 147 -15.08 24.81 6.54
C LYS C 147 -15.06 23.28 6.66
N ARG C 148 -14.83 22.60 5.55
CA ARG C 148 -14.95 21.15 5.49
C ARG C 148 -13.75 20.43 6.11
N ASP C 149 -14.05 19.39 6.89
CA ASP C 149 -13.03 18.55 7.52
C ASP C 149 -12.26 17.85 6.40
N PRO C 150 -10.92 17.68 6.56
CA PRO C 150 -10.10 17.05 5.52
C PRO C 150 -10.55 15.65 5.09
N ARG C 151 -11.13 14.87 6.01
CA ARG C 151 -11.61 13.52 5.69
C ARG C 151 -13.09 13.44 5.34
N THR C 152 -13.95 14.03 6.17
CA THR C 152 -15.40 13.86 6.03
C THR C 152 -15.96 14.67 4.86
N ASN C 153 -15.23 15.73 4.50
CA ASN C 153 -15.69 16.75 3.54
C ASN C 153 -17.01 17.44 3.93
N MET C 154 -17.24 17.56 5.24
CA MET C 154 -18.41 18.22 5.75
C MET C 154 -17.96 19.12 6.85
N ARG C 155 -18.73 20.15 7.17
CA ARG C 155 -18.39 20.97 8.33
C ARG C 155 -18.40 20.13 9.59
N SER C 156 -17.53 20.48 10.53
CA SER C 156 -17.38 19.72 11.74
C SER C 156 -17.61 20.59 12.97
N ALA C 157 -18.66 20.34 13.72
CA ALA C 157 -18.91 21.07 14.98
C ALA C 157 -17.72 21.00 15.95
N LYS C 158 -17.15 19.81 16.10
CA LYS C 158 -15.97 19.62 16.93
C LYS C 158 -14.80 20.49 16.48
N ASN C 159 -14.46 20.47 15.18
CA ASN C 159 -13.35 21.29 14.70
C ASN C 159 -13.62 22.77 15.00
N ASN C 160 -14.81 23.22 14.64
CA ASN C 160 -15.21 24.61 14.80
C ASN C 160 -15.14 25.09 16.25
N TRP C 161 -15.70 24.29 17.16
CA TRP C 161 -15.82 24.70 18.55
C TRP C 161 -14.53 24.50 19.33
N ASP C 162 -13.79 23.45 18.99
CA ASP C 162 -12.44 23.26 19.57
C ASP C 162 -11.61 24.52 19.31
N PHE C 163 -11.61 24.97 18.05
CA PHE C 163 -10.88 26.17 17.70
C PHE C 163 -11.42 27.43 18.40
N TRP C 164 -12.72 27.69 18.26
CA TRP C 164 -13.32 28.87 18.89
C TRP C 164 -13.06 28.91 20.39
N THR C 165 -13.24 27.77 21.08
CA THR C 165 -13.06 27.73 22.55
C THR C 165 -11.61 27.86 23.01
N SER C 166 -10.67 27.74 22.08
CA SER C 166 -9.24 27.91 22.37
C SER C 166 -8.79 29.37 22.24
N LEU C 167 -9.68 30.21 21.74
CA LEU C 167 -9.41 31.64 21.58
C LEU C 167 -10.51 32.40 22.31
N PRO C 168 -10.32 32.65 23.64
CA PRO C 168 -11.37 33.34 24.40
C PRO C 168 -11.74 34.69 23.80
N GLU C 169 -10.78 35.37 23.16
CA GLU C 169 -11.05 36.60 22.39
C GLU C 169 -12.13 36.47 21.30
N ALA C 170 -12.38 35.24 20.84
CA ALA C 170 -13.40 34.99 19.80
C ALA C 170 -14.84 35.13 20.30
N LEU C 171 -15.03 35.24 21.62
CA LEU C 171 -16.37 35.21 22.21
C LEU C 171 -17.31 36.30 21.71
N HIS C 172 -16.77 37.49 21.46
CA HIS C 172 -17.58 38.62 21.00
C HIS C 172 -18.26 38.24 19.69
N GLN C 173 -17.48 37.80 18.71
CA GLN C 173 -18.05 37.48 17.39
C GLN C 173 -18.85 36.19 17.42
N VAL C 174 -18.44 35.23 18.24
CA VAL C 174 -19.23 34.00 18.42
C VAL C 174 -20.65 34.32 18.93
N THR C 175 -20.74 35.17 19.95
CA THR C 175 -22.01 35.68 20.48
C THR C 175 -22.87 36.33 19.40
N ILE C 176 -22.25 37.15 18.56
CA ILE C 176 -22.95 37.79 17.45
C ILE C 176 -23.50 36.78 16.44
N VAL C 177 -22.68 35.81 16.04
CA VAL C 177 -23.13 34.85 15.02
C VAL C 177 -24.18 33.87 15.56
N MET C 178 -24.13 33.62 16.87
CA MET C 178 -25.13 32.77 17.54
C MET C 178 -26.39 33.54 17.94
N SER C 179 -26.34 34.88 17.85
CA SER C 179 -27.51 35.70 18.16
C SER C 179 -28.51 35.69 16.97
N ASP C 180 -29.61 36.43 17.11
CA ASP C 180 -30.62 36.50 16.03
C ASP C 180 -30.06 37.13 14.76
N ARG C 181 -28.97 37.89 14.89
CA ARG C 181 -28.32 38.58 13.75
C ARG C 181 -27.46 37.67 12.88
N GLY C 182 -27.28 36.42 13.32
CA GLY C 182 -26.52 35.41 12.57
C GLY C 182 -27.05 34.99 11.21
N ILE C 183 -28.36 35.17 10.97
CA ILE C 183 -28.96 34.90 9.66
C ILE C 183 -29.82 36.10 9.18
N PRO C 184 -29.18 37.08 8.51
CA PRO C 184 -29.98 38.17 7.96
C PRO C 184 -31.03 37.63 6.99
N ALA C 185 -32.22 38.22 7.01
CA ALA C 185 -33.31 37.77 6.14
C ALA C 185 -33.02 38.02 4.65
N THR C 186 -32.37 39.15 4.38
CA THR C 186 -31.87 39.53 3.05
C THR C 186 -30.58 40.36 3.26
N TYR C 187 -29.82 40.60 2.20
CA TYR C 187 -28.65 41.50 2.25
C TYR C 187 -29.05 42.96 2.52
N ARG C 188 -30.30 43.28 2.21
CA ARG C 188 -30.83 44.63 2.36
C ARG C 188 -31.17 44.97 3.82
N HIS C 189 -31.32 43.94 4.65
CA HIS C 189 -31.74 44.06 6.04
C HIS C 189 -30.64 43.70 7.02
N MET C 190 -29.42 44.13 6.69
CA MET C 190 -28.26 43.97 7.56
C MET C 190 -27.43 45.25 7.50
N HIS C 191 -26.63 45.48 8.53
CA HIS C 191 -25.69 46.61 8.54
C HIS C 191 -24.36 46.18 7.95
N GLY C 192 -23.52 47.18 7.62
CA GLY C 192 -22.14 46.94 7.22
C GLY C 192 -21.20 47.75 8.09
N PHE C 193 -19.97 47.26 8.21
CA PHE C 193 -18.92 47.91 9.01
C PHE C 193 -17.56 47.70 8.34
N GLY C 194 -16.66 48.67 8.46
CA GLY C 194 -15.25 48.44 8.14
C GLY C 194 -14.59 47.47 9.12
N SER C 195 -15.18 47.36 10.31
CA SER C 195 -14.71 46.55 11.46
C SER C 195 -13.42 47.06 12.09
N HIS C 196 -12.34 47.10 11.29
CA HIS C 196 -11.05 47.62 11.72
C HIS C 196 -11.11 49.10 12.03
N THR C 197 -10.22 49.52 12.92
CA THR C 197 -9.78 50.91 12.94
C THR C 197 -8.97 51.17 11.68
N PHE C 198 -9.32 52.25 10.98
CA PHE C 198 -8.54 52.78 9.87
C PHE C 198 -8.11 54.19 10.29
N SER C 199 -7.60 54.98 9.35
CA SER C 199 -7.29 56.37 9.64
C SER C 199 -7.81 57.31 8.55
N PHE C 200 -8.08 58.56 8.95
CA PHE C 200 -8.31 59.68 8.05
C PHE C 200 -7.09 60.59 8.13
N ILE C 201 -6.68 61.14 7.00
CA ILE C 201 -5.63 62.17 6.98
C ILE C 201 -6.22 63.44 6.35
N ASN C 202 -6.03 64.59 7.01
CA ASN C 202 -6.59 65.83 6.48
C ASN C 202 -5.60 66.70 5.67
N SER C 203 -6.09 67.85 5.23
CA SER C 203 -5.32 68.84 4.45
C SER C 203 -4.02 69.28 5.11
N ASP C 204 -3.99 69.29 6.44
CA ASP C 204 -2.81 69.71 7.16
C ASP C 204 -1.93 68.53 7.61
N ASN C 205 -2.21 67.36 7.03
CA ASN C 205 -1.48 66.11 7.35
C ASN C 205 -1.64 65.65 8.79
N GLU C 206 -2.76 66.00 9.40
CA GLU C 206 -3.13 65.47 10.71
C GLU C 206 -3.83 64.13 10.53
N ARG C 207 -3.52 63.20 11.44
CA ARG C 207 -4.10 61.86 11.42
C ARG C 207 -5.21 61.67 12.46
N TYR C 208 -6.29 61.02 12.06
CA TYR C 208 -7.37 60.58 12.98
C TYR C 208 -7.59 59.08 12.80
N TRP C 209 -7.90 58.37 13.89
CA TRP C 209 -8.33 56.98 13.76
C TRP C 209 -9.83 56.97 13.51
N VAL C 210 -10.31 56.05 12.68
CA VAL C 210 -11.71 56.05 12.23
C VAL C 210 -12.32 54.65 12.21
N LYS C 211 -13.62 54.56 12.49
CA LYS C 211 -14.44 53.37 12.19
C LYS C 211 -15.51 53.75 11.14
N PHE C 212 -15.71 52.89 10.15
CA PHE C 212 -16.82 53.07 9.18
C PHE C 212 -18.03 52.24 9.59
N HIS C 213 -19.21 52.86 9.54
CA HIS C 213 -20.46 52.17 9.83
C HIS C 213 -21.44 52.42 8.70
N PHE C 214 -22.11 51.36 8.26
CA PHE C 214 -23.15 51.48 7.22
C PHE C 214 -24.47 51.00 7.78
N VAL C 215 -25.36 51.96 8.02
CA VAL C 215 -26.63 51.69 8.67
C VAL C 215 -27.72 51.48 7.62
N SER C 216 -28.29 50.28 7.62
CA SER C 216 -29.35 49.92 6.69
C SER C 216 -30.57 50.80 6.90
N GLN C 217 -31.05 51.42 5.83
CA GLN C 217 -32.27 52.22 5.90
C GLN C 217 -33.52 51.35 5.78
N GLN C 218 -33.33 50.07 5.47
CA GLN C 218 -34.43 49.10 5.41
C GLN C 218 -34.69 48.50 6.79
N GLY C 219 -33.73 48.69 7.71
CA GLY C 219 -33.82 48.16 9.05
C GLY C 219 -33.27 46.74 9.09
N ILE C 220 -33.28 46.13 10.26
CA ILE C 220 -32.74 44.79 10.48
C ILE C 220 -33.87 43.74 10.48
N LYS C 221 -33.71 42.69 9.69
CA LYS C 221 -34.65 41.55 9.68
C LYS C 221 -33.83 40.27 9.63
N ASN C 222 -34.23 39.29 10.42
CA ASN C 222 -33.47 38.06 10.56
C ASN C 222 -34.36 36.85 10.38
N LEU C 223 -33.72 35.69 10.21
CA LEU C 223 -34.42 34.41 10.16
C LEU C 223 -33.91 33.51 11.29
N SER C 224 -34.85 32.81 11.92
CA SER C 224 -34.51 31.74 12.84
C SER C 224 -33.89 30.57 12.06
N ASP C 225 -33.21 29.68 12.78
CA ASP C 225 -32.71 28.43 12.20
C ASP C 225 -33.84 27.67 11.48
N ALA C 226 -35.03 27.59 12.08
CA ALA C 226 -36.13 26.84 11.46
C ALA C 226 -36.62 27.49 10.16
N GLU C 227 -36.75 28.82 10.19
CA GLU C 227 -37.16 29.58 8.99
C GLU C 227 -36.12 29.46 7.88
N ALA C 228 -34.84 29.60 8.24
CA ALA C 228 -33.74 29.51 7.28
C ALA C 228 -33.65 28.11 6.64
N GLY C 229 -33.80 27.07 7.45
CA GLY C 229 -33.84 25.69 6.94
C GLY C 229 -34.96 25.49 5.93
N GLU C 230 -36.15 25.93 6.30
CA GLU C 230 -37.33 25.89 5.42
C GLU C 230 -37.05 26.62 4.09
N LEU C 231 -36.47 27.80 4.20
CA LEU C 231 -36.10 28.60 3.02
C LEU C 231 -35.07 27.85 2.14
N VAL C 232 -33.98 27.36 2.76
CA VAL C 232 -32.89 26.69 2.05
C VAL C 232 -33.39 25.47 1.28
N GLY C 233 -34.28 24.69 1.92
CA GLY C 233 -34.94 23.56 1.29
C GLY C 233 -35.64 23.93 -0.01
N ASN C 234 -36.20 25.13 -0.07
CA ASN C 234 -36.82 25.65 -1.31
C ASN C 234 -35.84 26.33 -2.27
N ASP C 235 -34.78 26.96 -1.74
CA ASP C 235 -34.00 27.90 -2.53
C ASP C 235 -32.64 28.16 -1.91
N ARG C 236 -31.60 27.64 -2.53
CA ARG C 236 -30.23 27.94 -2.11
C ARG C 236 -29.76 29.35 -2.55
N GLU C 237 -30.61 30.06 -3.30
CA GLU C 237 -30.24 31.33 -3.92
C GLU C 237 -31.10 32.47 -3.43
N SER C 238 -31.70 32.33 -2.24
CA SER C 238 -32.67 33.29 -1.70
C SER C 238 -32.22 34.76 -1.66
N HIS C 239 -30.95 34.98 -1.31
CA HIS C 239 -30.46 36.34 -1.08
C HIS C 239 -30.06 37.04 -2.39
N GLN C 240 -29.51 36.27 -3.32
CA GLN C 240 -29.31 36.71 -4.71
C GLN C 240 -30.62 37.05 -5.35
N ARG C 241 -31.61 36.16 -5.21
CA ARG C 241 -32.93 36.36 -5.82
C ARG C 241 -33.54 37.64 -5.27
N ASP C 242 -33.48 37.81 -3.95
CA ASP C 242 -34.03 39.00 -3.33
C ASP C 242 -33.37 40.29 -3.83
N LEU C 243 -32.05 40.31 -3.85
CA LEU C 243 -31.31 41.50 -4.28
C LEU C 243 -31.56 41.83 -5.75
N LEU C 244 -31.41 40.84 -6.61
CA LEU C 244 -31.67 41.02 -8.03
C LEU C 244 -33.09 41.50 -8.28
N ASP C 245 -34.08 40.82 -7.70
CA ASP C 245 -35.48 41.19 -7.89
C ASP C 245 -35.85 42.57 -7.35
N SER C 246 -35.35 42.94 -6.17
CA SER C 246 -35.60 44.28 -5.60
C SER C 246 -35.15 45.38 -6.58
N ILE C 247 -33.93 45.23 -7.08
CA ILE C 247 -33.38 46.20 -8.03
C ILE C 247 -34.14 46.17 -9.37
N ASP C 248 -34.51 44.98 -9.85
CA ASP C 248 -35.30 44.90 -11.08
C ASP C 248 -36.72 45.47 -10.93
N ASN C 249 -37.15 45.67 -9.68
CA ASN C 249 -38.46 46.30 -9.44
C ASN C 249 -38.35 47.69 -8.80
N GLN C 250 -37.16 48.27 -8.91
CA GLN C 250 -36.87 49.64 -8.48
C GLN C 250 -37.23 49.92 -7.01
N ASP C 251 -36.93 48.96 -6.15
CA ASP C 251 -36.97 49.18 -4.71
C ASP C 251 -35.51 49.11 -4.26
N PHE C 252 -34.81 50.21 -4.50
CA PHE C 252 -33.36 50.28 -4.34
C PHE C 252 -33.02 50.37 -2.84
N PRO C 253 -32.15 49.47 -2.31
CA PRO C 253 -31.77 49.57 -0.90
C PRO C 253 -30.74 50.67 -0.67
N LYS C 254 -30.83 51.32 0.49
CA LYS C 254 -29.90 52.36 0.88
C LYS C 254 -29.24 52.04 2.23
N TRP C 255 -28.03 52.57 2.41
CA TRP C 255 -27.33 52.56 3.69
C TRP C 255 -26.79 53.96 3.94
N THR C 256 -26.75 54.36 5.21
CA THR C 256 -26.15 55.63 5.63
C THR C 256 -24.76 55.37 6.20
N LEU C 257 -23.75 56.02 5.63
CA LEU C 257 -22.38 55.98 6.17
C LEU C 257 -22.29 56.90 7.36
N LYS C 258 -21.84 56.35 8.47
CA LYS C 258 -21.52 57.11 9.66
C LYS C 258 -20.13 56.69 10.14
N VAL C 259 -19.41 57.61 10.74
CA VAL C 259 -18.07 57.32 11.22
C VAL C 259 -17.87 57.68 12.70
N GLN C 260 -16.99 56.95 13.36
CA GLN C 260 -16.43 57.38 14.64
C GLN C 260 -15.05 57.96 14.34
N ILE C 261 -14.72 59.09 14.96
CA ILE C 261 -13.44 59.76 14.74
C ILE C 261 -12.71 59.99 16.07
N MET C 262 -11.52 59.37 16.21
CA MET C 262 -10.69 59.47 17.40
C MET C 262 -9.38 60.23 17.08
N PRO C 263 -9.12 61.38 17.76
CA PRO C 263 -7.82 62.05 17.54
C PRO C 263 -6.66 61.08 17.80
N GLU C 264 -5.59 61.19 17.02
CA GLU C 264 -4.47 60.23 17.08
C GLU C 264 -3.97 60.01 18.53
N ALA C 265 -3.85 61.11 19.28
CA ALA C 265 -3.32 61.08 20.65
C ALA C 265 -4.16 60.28 21.64
N ASP C 266 -5.46 60.16 21.37
CA ASP C 266 -6.39 59.40 22.22
C ASP C 266 -6.08 57.90 22.33
N ALA C 267 -5.43 57.33 21.32
CA ALA C 267 -5.21 55.88 21.24
C ALA C 267 -4.31 55.34 22.36
N ALA C 268 -3.47 56.23 22.89
CA ALA C 268 -2.56 55.90 23.99
C ALA C 268 -3.24 56.07 25.34
N THR C 269 -4.35 56.80 25.36
CA THR C 269 -5.01 57.15 26.61
C THR C 269 -6.34 56.41 26.90
N VAL C 270 -6.93 55.77 25.89
CA VAL C 270 -8.21 55.03 26.08
C VAL C 270 -8.06 53.72 26.89
N PRO C 271 -9.11 53.31 27.63
CA PRO C 271 -8.99 52.13 28.51
C PRO C 271 -9.04 50.77 27.80
N TYR C 272 -9.44 50.77 26.53
CA TYR C 272 -9.44 49.57 25.68
C TYR C 272 -8.37 49.72 24.59
N ASN C 273 -7.93 48.60 24.02
CA ASN C 273 -7.07 48.63 22.85
C ASN C 273 -7.90 49.08 21.63
N PRO C 274 -7.61 50.27 21.07
CA PRO C 274 -8.38 50.82 19.93
C PRO C 274 -8.13 50.08 18.61
N PHE C 275 -7.15 49.17 18.59
CA PHE C 275 -6.77 48.42 17.39
C PHE C 275 -7.06 46.94 17.53
N ASP C 276 -7.82 46.59 18.56
CA ASP C 276 -8.22 45.21 18.81
C ASP C 276 -9.51 44.91 18.04
N LEU C 277 -9.42 44.07 17.01
CA LEU C 277 -10.55 43.78 16.14
C LEU C 277 -11.69 43.02 16.83
N THR C 278 -11.43 42.48 18.03
CA THR C 278 -12.46 41.79 18.79
C THR C 278 -13.21 42.76 19.69
N LYS C 279 -12.92 44.05 19.54
CA LYS C 279 -13.52 45.11 20.37
C LYS C 279 -14.07 46.23 19.51
N VAL C 280 -15.13 46.86 20.00
CA VAL C 280 -15.68 48.08 19.39
C VAL C 280 -15.24 49.28 20.21
N TRP C 281 -15.39 50.47 19.64
CA TRP C 281 -15.32 51.71 20.42
C TRP C 281 -16.73 52.08 20.91
N PRO C 282 -16.92 52.22 22.24
CA PRO C 282 -18.24 52.64 22.76
C PRO C 282 -18.74 53.92 22.11
N HIS C 283 -20.01 53.92 21.70
CA HIS C 283 -20.64 55.08 21.07
C HIS C 283 -20.63 56.31 22.00
N LYS C 284 -20.58 56.03 23.31
CA LYS C 284 -20.55 57.08 24.32
C LYS C 284 -19.25 57.86 24.27
N ASP C 285 -18.14 57.16 24.03
CA ASP C 285 -16.83 57.79 23.93
C ASP C 285 -16.68 58.52 22.60
N TYR C 286 -17.15 57.88 21.53
CA TYR C 286 -17.00 58.37 20.15
C TYR C 286 -18.32 58.21 19.40
N PRO C 287 -19.15 59.27 19.41
CA PRO C 287 -20.46 59.22 18.79
C PRO C 287 -20.39 59.07 17.28
N LEU C 288 -21.40 58.45 16.71
CA LEU C 288 -21.52 58.31 15.27
C LEU C 288 -21.73 59.68 14.61
N ILE C 289 -20.90 59.95 13.61
CA ILE C 289 -20.92 61.20 12.84
C ILE C 289 -21.35 60.84 11.41
N GLU C 290 -22.51 61.33 11.02
CA GLU C 290 -23.10 60.99 9.71
C GLU C 290 -22.35 61.71 8.57
N VAL C 291 -22.17 61.02 7.45
CA VAL C 291 -21.33 61.46 6.34
C VAL C 291 -22.11 61.52 5.02
N GLY C 292 -22.83 60.45 4.70
CA GLY C 292 -23.54 60.34 3.43
C GLY C 292 -24.31 59.04 3.36
N GLU C 293 -24.81 58.70 2.17
CA GLU C 293 -25.57 57.48 1.99
C GLU C 293 -25.28 56.88 0.61
N PHE C 294 -25.49 55.57 0.48
CA PHE C 294 -25.47 54.97 -0.85
C PHE C 294 -26.75 54.22 -1.15
N GLU C 295 -27.07 54.08 -2.44
CA GLU C 295 -28.13 53.19 -2.87
C GLU C 295 -27.60 52.27 -3.94
N LEU C 296 -28.14 51.07 -3.99
CA LEU C 296 -27.83 50.11 -5.04
C LEU C 296 -28.96 50.09 -6.05
N ASN C 297 -28.65 50.46 -7.29
CA ASN C 297 -29.69 50.77 -8.25
C ASN C 297 -29.52 50.11 -9.63
N ARG C 298 -28.56 49.20 -9.76
CA ARG C 298 -28.26 48.61 -11.07
C ARG C 298 -27.70 47.19 -10.89
N ASN C 299 -28.30 46.22 -11.58
CA ASN C 299 -27.81 44.84 -11.55
C ASN C 299 -26.78 44.63 -12.64
N PRO C 300 -25.73 43.82 -12.36
CA PRO C 300 -24.69 43.56 -13.37
C PRO C 300 -25.30 42.87 -14.58
N GLN C 301 -24.79 43.17 -15.77
CA GLN C 301 -25.26 42.48 -16.97
C GLN C 301 -24.78 41.05 -17.05
N ASN C 302 -23.54 40.80 -16.63
CA ASN C 302 -22.98 39.45 -16.63
C ASN C 302 -22.32 39.15 -15.30
N TYR C 303 -22.86 38.17 -14.59
CA TYR C 303 -22.42 37.85 -13.24
C TYR C 303 -20.95 37.40 -13.16
N PHE C 304 -20.54 36.52 -14.06
CA PHE C 304 -19.15 36.04 -14.03
C PHE C 304 -18.14 37.17 -14.19
N ALA C 305 -18.35 37.98 -15.21
CA ALA C 305 -17.39 39.00 -15.59
C ALA C 305 -17.34 40.16 -14.60
N GLU C 306 -18.47 40.46 -13.98
CA GLU C 306 -18.57 41.63 -13.11
C GLU C 306 -18.62 41.31 -11.61
N VAL C 307 -19.21 40.19 -11.22
CA VAL C 307 -19.30 39.83 -9.79
C VAL C 307 -18.25 38.80 -9.39
N GLU C 308 -18.18 37.71 -10.14
CA GLU C 308 -17.26 36.62 -9.81
C GLU C 308 -15.83 37.14 -9.92
N GLN C 309 -15.56 37.93 -10.97
CA GLN C 309 -14.22 38.49 -11.19
C GLN C 309 -13.92 39.76 -10.39
N ALA C 310 -14.88 40.24 -9.60
CA ALA C 310 -14.61 41.42 -8.76
C ALA C 310 -13.50 41.11 -7.73
N ALA C 311 -12.60 42.06 -7.53
CA ALA C 311 -11.51 41.97 -6.55
C ALA C 311 -11.51 43.23 -5.69
N PHE C 312 -11.70 43.06 -4.39
CA PHE C 312 -11.64 44.15 -3.41
C PHE C 312 -10.40 43.93 -2.56
N ASN C 313 -9.49 44.89 -2.56
CA ASN C 313 -8.24 44.78 -1.81
C ASN C 313 -8.24 45.93 -0.79
N PRO C 314 -8.24 45.60 0.52
CA PRO C 314 -8.20 46.61 1.60
C PRO C 314 -7.03 47.58 1.48
N ALA C 315 -5.98 47.15 0.80
CA ALA C 315 -4.82 48.02 0.55
C ALA C 315 -5.12 49.15 -0.45
N ASN C 316 -6.20 49.01 -1.23
CA ASN C 316 -6.65 50.05 -2.17
C ASN C 316 -7.40 51.14 -1.44
N VAL C 317 -6.60 52.06 -0.92
CA VAL C 317 -7.02 53.22 -0.18
C VAL C 317 -6.84 54.43 -1.12
N VAL C 318 -7.31 55.60 -0.73
CA VAL C 318 -7.18 56.83 -1.53
C VAL C 318 -6.62 57.94 -0.62
N PRO C 319 -6.01 59.00 -1.21
CA PRO C 319 -5.46 60.07 -0.35
C PRO C 319 -6.52 60.60 0.63
N GLY C 320 -6.14 60.67 1.91
CA GLY C 320 -7.08 61.05 2.97
C GLY C 320 -7.63 59.87 3.75
N ILE C 321 -7.31 58.65 3.32
CA ILE C 321 -7.74 57.44 4.02
C ILE C 321 -6.55 56.50 4.06
N SER C 322 -6.26 55.95 5.24
CA SER C 322 -5.14 55.03 5.36
C SER C 322 -5.47 53.93 6.36
N PHE C 323 -4.44 53.23 6.83
CA PHE C 323 -4.65 52.05 7.65
C PHE C 323 -4.49 52.36 9.14
N SER C 324 -4.24 51.32 9.94
CA SER C 324 -3.93 51.43 11.36
C SER C 324 -3.07 50.23 11.75
N PRO C 325 -2.42 50.29 12.93
CA PRO C 325 -1.67 49.13 13.45
C PRO C 325 -2.46 47.93 14.01
N ASP C 326 -3.78 47.88 13.79
CA ASP C 326 -4.54 46.63 13.94
C ASP C 326 -3.84 45.53 13.14
N LYS C 327 -3.32 44.53 13.86
CA LYS C 327 -2.53 43.45 13.26
C LYS C 327 -3.31 42.66 12.21
N MET C 328 -4.61 42.51 12.44
CA MET C 328 -5.52 41.88 11.48
C MET C 328 -5.60 42.66 10.18
N LEU C 329 -5.74 43.98 10.27
CA LEU C 329 -5.78 44.82 9.07
C LEU C 329 -4.44 44.70 8.34
N GLN C 330 -3.36 44.76 9.10
CA GLN C 330 -2.01 44.60 8.58
C GLN C 330 -1.83 43.34 7.73
N GLY C 331 -2.28 42.19 8.23
CA GLY C 331 -2.15 40.94 7.48
C GLY C 331 -2.93 40.94 6.16
N ARG C 332 -4.10 41.59 6.18
CA ARG C 332 -4.95 41.70 5.00
C ARG C 332 -4.31 42.54 3.90
N LEU C 333 -3.42 43.46 4.29
CA LEU C 333 -2.67 44.28 3.32
C LEU C 333 -1.81 43.46 2.36
N PHE C 334 -1.45 42.25 2.77
CA PHE C 334 -0.72 41.32 1.95
C PHE C 334 -1.68 40.40 1.21
N ALA C 335 -2.58 39.79 1.98
CA ALA C 335 -3.31 38.60 1.52
C ALA C 335 -4.25 38.80 0.35
N TYR C 336 -4.88 39.97 0.21
CA TYR C 336 -5.88 40.12 -0.87
C TYR C 336 -5.28 40.22 -2.24
N GLY C 337 -4.38 41.17 -2.47
CA GLY C 337 -3.70 41.28 -3.76
C GLY C 337 -3.07 39.94 -4.12
N ASP C 338 -2.50 39.28 -3.12
CA ASP C 338 -1.88 37.96 -3.31
C ASP C 338 -2.90 36.93 -3.82
N ALA C 339 -4.02 36.81 -3.11
CA ALA C 339 -5.11 35.89 -3.48
C ALA C 339 -5.70 36.25 -4.85
N GLN C 340 -5.82 37.56 -5.12
CA GLN C 340 -6.45 38.02 -6.36
C GLN C 340 -5.57 37.79 -7.62
N ARG C 341 -4.25 37.95 -7.48
CA ARG C 341 -3.34 37.63 -8.59
C ARG C 341 -3.41 36.15 -8.99
N TYR C 342 -3.48 35.29 -7.99
CA TYR C 342 -3.68 33.85 -8.24
C TYR C 342 -5.06 33.55 -8.87
N ARG C 343 -6.11 34.07 -8.26
CA ARG C 343 -7.48 33.74 -8.65
C ARG C 343 -7.84 34.31 -10.04
N LEU C 344 -7.36 35.52 -10.32
CA LEU C 344 -7.89 36.30 -11.45
C LEU C 344 -6.86 36.63 -12.53
N GLY C 345 -5.59 36.44 -12.21
CA GLY C 345 -4.47 36.79 -13.10
C GLY C 345 -3.82 38.09 -12.65
N VAL C 346 -2.53 38.25 -12.93
CA VAL C 346 -1.81 39.47 -12.52
C VAL C 346 -2.45 40.76 -13.10
N ASN C 347 -3.03 40.65 -14.29
CA ASN C 347 -3.60 41.83 -14.96
C ASN C 347 -5.11 42.02 -14.72
N HIS C 348 -5.61 41.44 -13.64
CA HIS C 348 -7.04 41.50 -13.29
C HIS C 348 -7.61 42.91 -13.10
N GLN C 349 -6.77 43.90 -12.83
CA GLN C 349 -7.34 45.25 -12.70
C GLN C 349 -7.71 45.88 -14.05
N HIS C 350 -7.45 45.15 -15.12
CA HIS C 350 -7.95 45.50 -16.45
C HIS C 350 -9.38 44.99 -16.71
N ILE C 351 -9.85 44.01 -15.92
CA ILE C 351 -11.25 43.56 -15.97
C ILE C 351 -12.13 44.76 -15.59
N PRO C 352 -13.12 45.11 -16.43
CA PRO C 352 -13.84 46.40 -16.27
C PRO C 352 -14.32 46.78 -14.86
N VAL C 353 -14.92 45.85 -14.11
CA VAL C 353 -15.42 46.12 -12.75
C VAL C 353 -14.30 46.57 -11.79
N ASN C 354 -13.09 46.05 -12.01
CA ASN C 354 -11.90 46.38 -11.21
C ASN C 354 -11.14 47.62 -11.67
N ALA C 355 -11.47 48.13 -12.85
CA ALA C 355 -10.70 49.22 -13.45
C ALA C 355 -11.04 50.56 -12.82
N PRO C 356 -10.05 51.44 -12.64
CA PRO C 356 -10.37 52.77 -12.15
C PRO C 356 -11.18 53.56 -13.17
N ARG C 357 -11.92 54.56 -12.73
CA ARG C 357 -12.60 55.43 -13.68
C ARG C 357 -11.83 56.73 -13.85
N CYS C 358 -10.81 56.90 -13.00
CA CYS C 358 -9.89 58.06 -13.05
C CYS C 358 -8.63 57.76 -13.89
N PRO C 359 -7.74 58.78 -14.04
CA PRO C 359 -6.44 58.55 -14.69
C PRO C 359 -5.64 57.43 -14.00
N VAL C 360 -5.11 56.50 -14.79
CA VAL C 360 -4.24 55.42 -14.28
C VAL C 360 -2.98 55.31 -15.13
N HIS C 361 -1.83 55.33 -14.45
CA HIS C 361 -0.53 55.25 -15.12
C HIS C 361 0.35 54.40 -14.20
N SER C 362 0.13 53.09 -14.27
CA SER C 362 0.45 52.18 -13.16
C SER C 362 1.76 51.41 -13.27
N TYR C 363 2.55 51.75 -14.30
CA TYR C 363 3.93 51.24 -14.43
C TYR C 363 4.10 49.77 -14.82
N HIS C 364 3.37 48.87 -14.17
CA HIS C 364 3.60 47.41 -14.29
C HIS C 364 3.52 46.91 -15.71
N ARG C 365 4.46 46.05 -16.10
CA ARG C 365 4.54 45.62 -17.50
C ARG C 365 4.34 44.13 -17.67
N ASP C 366 3.91 43.79 -18.89
CA ASP C 366 3.80 42.44 -19.39
C ASP C 366 2.77 41.67 -18.54
N GLY C 367 3.06 40.41 -18.25
CA GLY C 367 2.13 39.56 -17.48
C GLY C 367 1.09 38.92 -18.39
N ALA C 368 0.47 37.84 -17.92
CA ALA C 368 -0.51 37.10 -18.71
C ALA C 368 -1.68 37.97 -19.16
N MET C 369 -2.18 37.68 -20.36
CA MET C 369 -3.38 38.34 -20.89
C MET C 369 -3.29 39.86 -20.87
N ARG C 370 -2.23 40.38 -21.47
CA ARG C 370 -1.99 41.82 -21.54
C ARG C 370 -2.69 42.41 -22.78
N VAL C 371 -3.79 43.13 -22.55
CA VAL C 371 -4.70 43.54 -23.62
C VAL C 371 -4.81 45.06 -23.80
N ASP C 372 -4.15 45.82 -22.93
CA ASP C 372 -4.31 47.27 -22.88
C ASP C 372 -3.25 48.05 -23.69
N GLY C 373 -2.45 47.34 -24.47
CA GLY C 373 -1.34 48.00 -25.17
C GLY C 373 -0.01 48.00 -24.41
N ASN C 374 -0.05 47.80 -23.10
CA ASN C 374 1.19 47.62 -22.30
C ASN C 374 2.08 48.89 -22.30
N PHE C 375 1.44 50.05 -22.35
CA PHE C 375 2.11 51.35 -22.47
C PHE C 375 2.97 51.49 -23.72
N GLY C 376 2.73 50.68 -24.75
CA GLY C 376 3.46 50.83 -25.99
C GLY C 376 4.97 50.76 -25.80
N SER C 377 5.65 51.75 -26.39
CA SER C 377 7.11 51.82 -26.41
C SER C 377 7.70 52.56 -25.22
N THR C 378 6.84 53.04 -24.33
CA THR C 378 7.28 53.77 -23.14
C THR C 378 8.34 53.00 -22.37
N LEU C 379 9.48 53.63 -22.12
CA LEU C 379 10.52 53.04 -21.28
C LEU C 379 9.96 52.53 -19.93
N GLY C 380 10.66 51.58 -19.32
CA GLY C 380 10.16 50.85 -18.16
C GLY C 380 10.87 51.13 -16.85
N TYR C 381 11.86 52.03 -16.87
CA TYR C 381 12.70 52.27 -15.71
C TYR C 381 12.57 53.71 -15.16
N GLU C 382 12.74 53.83 -13.85
CA GLU C 382 12.72 55.10 -13.17
C GLU C 382 13.70 54.98 -12.01
N PRO C 383 14.58 55.98 -11.81
CA PRO C 383 14.73 57.26 -12.54
C PRO C 383 15.10 57.14 -14.03
N ASN C 384 14.56 58.06 -14.83
CA ASN C 384 14.85 58.14 -16.26
C ASN C 384 14.92 59.60 -16.68
N ASP C 385 15.45 59.86 -17.87
CA ASP C 385 15.64 61.23 -18.32
C ASP C 385 14.45 61.81 -19.06
N GLN C 386 13.32 61.11 -19.04
CA GLN C 386 12.09 61.55 -19.70
C GLN C 386 11.01 62.04 -18.72
N GLY C 387 11.32 62.02 -17.43
CA GLY C 387 10.32 62.35 -16.39
C GLY C 387 9.18 61.33 -16.29
N GLN C 388 9.42 60.14 -16.84
CA GLN C 388 8.39 59.11 -16.88
C GLN C 388 8.26 58.40 -15.53
N TRP C 389 7.02 58.00 -15.20
CA TRP C 389 6.71 57.28 -13.95
C TRP C 389 7.04 58.11 -12.71
N ALA C 390 6.71 59.41 -12.77
CA ALA C 390 7.09 60.36 -11.72
C ALA C 390 6.25 60.18 -10.46
N GLU C 391 6.91 59.97 -9.31
CA GLU C 391 6.19 59.80 -8.05
C GLU C 391 5.52 61.11 -7.66
N GLN C 392 4.59 61.06 -6.71
CA GLN C 392 3.80 62.26 -6.37
C GLN C 392 3.94 62.64 -4.88
N PRO C 393 5.07 63.29 -4.51
CA PRO C 393 5.40 63.57 -3.11
C PRO C 393 4.37 64.40 -2.33
N ASP C 394 3.54 65.18 -3.02
CA ASP C 394 2.49 65.98 -2.37
C ASP C 394 1.43 65.11 -1.71
N PHE C 395 1.35 63.85 -2.13
CA PHE C 395 0.38 62.91 -1.56
C PHE C 395 0.96 62.08 -0.40
N SER C 396 2.15 62.46 0.07
CA SER C 396 2.83 61.73 1.14
C SER C 396 2.05 61.76 2.45
N GLU C 397 1.94 60.59 3.09
CA GLU C 397 1.34 60.48 4.42
C GLU C 397 2.33 60.92 5.52
N PRO C 398 1.82 61.44 6.65
CA PRO C 398 2.74 61.77 7.73
C PRO C 398 3.32 60.49 8.38
N PRO C 399 4.53 60.59 8.98
CA PRO C 399 5.08 59.42 9.72
C PRO C 399 4.20 58.94 10.89
N LEU C 400 4.33 57.67 11.26
CA LEU C 400 3.73 57.16 12.48
C LEU C 400 4.81 56.92 13.53
N ASN C 401 4.64 57.50 14.72
CA ASN C 401 5.58 57.22 15.80
C ASN C 401 5.49 55.79 16.28
N LEU C 402 6.64 55.29 16.70
CA LEU C 402 6.81 53.90 17.07
C LEU C 402 7.50 53.82 18.42
N ASP C 403 7.18 52.79 19.19
CA ASP C 403 7.93 52.52 20.42
C ASP C 403 8.03 51.04 20.67
N GLY C 404 9.25 50.56 20.92
CA GLY C 404 9.46 49.18 21.33
C GLY C 404 10.21 48.36 20.29
N ALA C 405 10.69 47.20 20.70
CA ALA C 405 11.52 46.37 19.81
C ALA C 405 10.70 45.60 18.78
N ALA C 406 11.38 45.24 17.69
CA ALA C 406 10.87 44.26 16.74
C ALA C 406 10.78 42.91 17.45
N ALA C 407 9.56 42.38 17.54
CA ALA C 407 9.28 41.16 18.29
C ALA C 407 7.89 40.62 17.96
N HIS C 408 7.64 39.40 18.39
CA HIS C 408 6.33 38.78 18.32
C HIS C 408 5.63 39.01 19.65
N TRP C 409 5.12 40.22 19.83
CA TRP C 409 4.47 40.62 21.08
C TRP C 409 3.18 39.84 21.33
N ASP C 410 3.05 39.28 22.52
CA ASP C 410 1.92 38.44 22.89
C ASP C 410 0.68 39.31 23.11
N HIS C 411 -0.32 39.14 22.26
CA HIS C 411 -1.56 39.91 22.40
C HIS C 411 -2.33 39.57 23.70
N ARG C 412 -2.03 38.41 24.28
CA ARG C 412 -2.69 37.94 25.50
C ARG C 412 -2.28 38.70 26.76
N GLU C 413 -1.40 39.68 26.60
CA GLU C 413 -1.12 40.68 27.62
C GLU C 413 -2.45 41.39 27.93
N ASP C 414 -3.30 41.55 26.91
CA ASP C 414 -4.66 42.06 27.10
C ASP C 414 -5.65 40.90 27.33
N GLU C 415 -6.03 40.71 28.59
CA GLU C 415 -6.89 39.57 28.94
C GLU C 415 -8.36 39.98 29.04
N ASP C 416 -8.70 41.14 28.48
CA ASP C 416 -10.09 41.57 28.45
C ASP C 416 -10.81 40.84 27.33
N TYR C 417 -11.18 39.59 27.58
CA TYR C 417 -11.84 38.77 26.57
C TYR C 417 -13.36 38.82 26.66
N PHE C 418 -13.89 39.18 27.84
CA PHE C 418 -15.28 38.89 28.15
C PHE C 418 -16.19 40.10 28.41
N SER C 419 -15.62 41.27 28.69
CA SER C 419 -16.46 42.42 29.09
C SER C 419 -17.38 42.95 27.98
N GLN C 420 -16.88 43.03 26.75
CA GLN C 420 -17.69 43.50 25.62
C GLN C 420 -18.78 42.49 25.20
N PRO C 421 -18.44 41.18 25.12
CA PRO C 421 -19.53 40.18 25.04
C PRO C 421 -20.57 40.30 26.17
N GLY C 422 -20.10 40.46 27.41
CA GLY C 422 -20.98 40.75 28.55
C GLY C 422 -21.91 41.93 28.33
N ASP C 423 -21.36 43.06 27.83
CA ASP C 423 -22.16 44.28 27.58
C ASP C 423 -23.23 44.02 26.51
N LEU C 424 -22.83 43.34 25.43
CA LEU C 424 -23.74 42.96 24.36
C LEU C 424 -24.90 42.08 24.85
N PHE C 425 -24.55 40.99 25.55
CA PHE C 425 -25.53 40.13 26.21
C PHE C 425 -26.49 40.90 27.13
N GLY C 426 -25.94 41.78 27.97
CA GLY C 426 -26.74 42.56 28.92
C GLY C 426 -27.78 43.43 28.26
N LEU C 427 -27.54 43.82 27.01
CA LEU C 427 -28.46 44.70 26.31
C LEU C 427 -29.53 43.94 25.53
N MET C 428 -29.43 42.62 25.46
CA MET C 428 -30.45 41.81 24.79
C MET C 428 -31.71 41.67 25.66
N THR C 429 -32.87 41.71 25.02
CA THR C 429 -34.15 41.38 25.68
C THR C 429 -34.11 39.91 26.05
N ALA C 430 -35.06 39.45 26.87
CA ALA C 430 -35.10 38.04 27.25
C ALA C 430 -35.28 37.10 26.06
N GLU C 431 -36.08 37.52 25.07
CA GLU C 431 -36.31 36.75 23.85
C GLU C 431 -35.04 36.58 23.03
N LYS C 432 -34.27 37.65 22.91
CA LYS C 432 -32.99 37.62 22.20
C LYS C 432 -31.95 36.76 22.94
N GLN C 433 -31.96 36.82 24.27
CA GLN C 433 -31.06 35.99 25.05
C GLN C 433 -31.39 34.50 24.92
N ALA C 434 -32.68 34.18 24.90
CA ALA C 434 -33.15 32.81 24.74
C ALA C 434 -32.82 32.24 23.38
N ILE C 435 -32.95 33.08 22.35
CA ILE C 435 -32.54 32.74 20.99
C ILE C 435 -31.03 32.43 20.96
N LEU C 436 -30.23 33.28 21.60
CA LEU C 436 -28.79 33.07 21.74
C LEU C 436 -28.49 31.71 22.42
N PHE C 437 -29.11 31.48 23.58
CA PHE C 437 -28.93 30.23 24.34
C PHE C 437 -29.25 29.01 23.47
N ASP C 438 -30.41 29.05 22.83
CA ASP C 438 -30.91 27.96 21.99
C ASP C 438 -30.03 27.69 20.74
N ASN C 439 -29.61 28.76 20.07
CA ASN C 439 -28.74 28.62 18.88
C ASN C 439 -27.42 27.98 19.25
N THR C 440 -26.83 28.47 20.33
CA THR C 440 -25.55 27.98 20.84
C THR C 440 -25.62 26.51 21.27
N ALA C 441 -26.61 26.18 22.11
CA ALA C 441 -26.82 24.81 22.62
C ALA C 441 -26.99 23.81 21.47
N ARG C 442 -27.80 24.17 20.49
CA ARG C 442 -28.02 23.31 19.32
C ARG C 442 -26.79 23.23 18.41
N ASN C 443 -26.07 24.34 18.26
CA ASN C 443 -24.80 24.35 17.53
C ASN C 443 -23.76 23.45 18.16
N LEU C 444 -23.79 23.36 19.50
CA LEU C 444 -22.85 22.58 20.28
C LEU C 444 -23.26 21.11 20.37
N ASN C 445 -24.29 20.73 19.63
CA ASN C 445 -24.77 19.36 19.67
C ASN C 445 -23.76 18.36 19.14
N GLY C 446 -23.49 17.32 19.91
CA GLY C 446 -22.51 16.30 19.54
C GLY C 446 -21.04 16.67 19.73
N VAL C 447 -20.78 17.91 20.15
CA VAL C 447 -19.43 18.37 20.46
C VAL C 447 -19.00 17.76 21.82
N PRO C 448 -17.76 17.22 21.91
CA PRO C 448 -17.32 16.63 23.20
C PRO C 448 -17.56 17.57 24.38
N LYS C 449 -17.98 17.02 25.52
CA LYS C 449 -18.35 17.83 26.69
C LYS C 449 -17.27 18.82 27.17
N GLU C 450 -16.01 18.41 27.13
CA GLU C 450 -14.95 19.30 27.61
C GLU C 450 -14.86 20.58 26.78
N ILE C 451 -15.15 20.47 25.49
CA ILE C 451 -15.19 21.64 24.60
C ILE C 451 -16.43 22.50 24.90
N GLN C 452 -17.58 21.85 25.06
CA GLN C 452 -18.81 22.56 25.43
C GLN C 452 -18.61 23.38 26.72
N LEU C 453 -17.96 22.76 27.71
CA LEU C 453 -17.71 23.38 29.01
C LEU C 453 -16.81 24.60 28.90
N ARG C 454 -15.79 24.51 28.04
CA ARG C 454 -14.92 25.64 27.73
C ARG C 454 -15.70 26.86 27.26
N HIS C 455 -16.67 26.64 26.37
CA HIS C 455 -17.49 27.72 25.87
C HIS C 455 -18.43 28.27 26.93
N VAL C 456 -19.08 27.37 27.67
CA VAL C 456 -19.96 27.77 28.78
C VAL C 456 -19.19 28.59 29.84
N THR C 457 -17.96 28.19 30.15
CA THR C 457 -17.09 28.93 31.08
C THR C 457 -16.83 30.35 30.58
N HIS C 458 -16.45 30.48 29.30
CA HIS C 458 -16.22 31.80 28.73
C HIS C 458 -17.47 32.66 28.80
N CYS C 459 -18.63 32.07 28.48
CA CYS C 459 -19.92 32.76 28.51
C CYS C 459 -20.26 33.23 29.91
N TYR C 460 -20.04 32.36 30.89
CA TYR C 460 -20.22 32.70 32.30
C TYR C 460 -19.37 33.91 32.70
N LYS C 461 -18.12 33.91 32.24
CA LYS C 461 -17.21 35.02 32.54
C LYS C 461 -17.66 36.33 31.88
N ALA C 462 -18.36 36.22 30.75
CA ALA C 462 -19.01 37.41 30.15
C ALA C 462 -20.12 37.93 31.07
N ASP C 463 -21.02 37.04 31.45
CA ASP C 463 -22.13 37.31 32.36
C ASP C 463 -22.61 35.96 32.93
N PRO C 464 -22.76 35.84 34.27
CA PRO C 464 -23.23 34.59 34.85
C PRO C 464 -24.53 34.05 34.22
N ALA C 465 -25.47 34.94 33.88
CA ALA C 465 -26.73 34.50 33.25
C ALA C 465 -26.53 33.95 31.84
N TYR C 466 -25.45 34.38 31.18
CA TYR C 466 -25.12 33.92 29.84
C TYR C 466 -24.59 32.47 29.90
N GLY C 467 -23.60 32.23 30.75
CA GLY C 467 -23.09 30.87 30.93
C GLY C 467 -24.19 29.92 31.36
N GLU C 468 -24.92 30.31 32.40
CA GLU C 468 -26.03 29.52 32.96
C GLU C 468 -27.16 29.25 31.96
N GLY C 469 -27.49 30.24 31.13
CA GLY C 469 -28.50 30.08 30.07
C GLY C 469 -28.20 28.92 29.15
N ILE C 470 -26.93 28.82 28.74
CA ILE C 470 -26.47 27.69 27.93
C ILE C 470 -26.21 26.46 28.80
N GLY C 471 -25.59 26.66 29.96
CA GLY C 471 -25.31 25.58 30.90
C GLY C 471 -26.53 24.73 31.20
N LYS C 472 -27.64 25.39 31.53
CA LYS C 472 -28.92 24.72 31.82
C LYS C 472 -29.44 23.87 30.67
N LEU C 473 -29.42 24.44 29.46
CA LEU C 473 -29.86 23.71 28.26
C LEU C 473 -29.08 22.41 28.01
N LEU C 474 -27.78 22.44 28.35
CA LEU C 474 -26.88 21.31 28.13
C LEU C 474 -26.84 20.31 29.30
N GLY C 475 -27.44 20.68 30.43
CA GLY C 475 -27.55 19.78 31.59
C GLY C 475 -26.33 19.84 32.51
N PHE C 476 -25.60 20.95 32.44
CA PHE C 476 -24.41 21.11 33.27
C PHE C 476 -24.78 21.61 34.66
N ASP C 477 -24.05 21.15 35.67
CA ASP C 477 -24.16 21.72 36.99
C ASP C 477 -23.41 23.04 36.99
N ILE C 478 -23.96 24.03 37.67
CA ILE C 478 -23.36 25.35 37.72
C ILE C 478 -21.89 25.36 38.20
N SER C 479 -21.54 24.42 39.10
CA SER C 479 -20.18 24.35 39.65
C SER C 479 -19.14 23.92 38.60
N GLU C 480 -19.60 23.22 37.57
CA GLU C 480 -18.75 22.81 36.45
C GLU C 480 -18.16 23.98 35.63
N TYR C 481 -18.84 25.13 35.63
CA TYR C 481 -18.39 26.29 34.83
C TYR C 481 -18.36 27.57 35.66
N ASN C 482 -18.73 27.40 36.94
CA ASN C 482 -18.77 28.39 38.03
C ASN C 482 -17.49 29.19 38.22
N SER C 483 -16.35 28.54 37.98
CA SER C 483 -15.07 29.09 38.40
C SER C 483 -14.07 29.21 37.25
N SER D 2 6.22 13.19 14.13
CA SER D 2 6.28 14.42 14.99
C SER D 2 5.21 15.43 14.61
N LYS D 3 4.70 16.12 15.61
CA LYS D 3 3.58 17.01 15.43
C LYS D 3 4.08 18.45 15.44
N LYS D 4 5.39 18.61 15.55
CA LYS D 4 5.96 19.95 15.62
C LYS D 4 5.95 20.64 14.26
N LEU D 5 5.64 21.92 14.31
CA LEU D 5 5.43 22.75 13.16
C LEU D 5 6.72 23.23 12.53
N THR D 6 6.83 23.10 11.22
CA THR D 6 7.94 23.66 10.47
C THR D 6 7.47 24.47 9.25
N THR D 7 8.43 25.17 8.64
CA THR D 7 8.22 25.79 7.32
C THR D 7 8.23 24.69 6.25
N ALA D 8 7.85 25.05 5.02
CA ALA D 8 7.90 24.12 3.89
C ALA D 8 9.33 23.61 3.65
N ALA D 9 10.32 24.42 4.02
CA ALA D 9 11.73 24.05 3.89
C ALA D 9 12.30 23.34 5.15
N GLY D 10 11.43 23.09 6.13
CA GLY D 10 11.80 22.31 7.32
C GLY D 10 12.43 23.08 8.47
N CYS D 11 12.38 24.42 8.42
CA CYS D 11 12.83 25.24 9.54
C CYS D 11 11.77 25.21 10.66
N PRO D 12 12.20 24.98 11.92
CA PRO D 12 11.25 25.09 13.04
C PRO D 12 10.50 26.42 13.05
N VAL D 13 9.20 26.38 13.32
CA VAL D 13 8.42 27.62 13.48
C VAL D 13 8.21 27.91 14.96
N ALA D 14 8.75 29.05 15.42
CA ALA D 14 8.72 29.42 16.83
C ALA D 14 7.43 30.15 17.23
N HIS D 15 6.87 30.91 16.29
CA HIS D 15 5.74 31.81 16.58
C HIS D 15 4.59 31.62 15.61
N ASN D 16 3.60 30.83 16.02
CA ASN D 16 2.42 30.62 15.21
C ASN D 16 1.17 31.34 15.75
N GLN D 17 1.35 32.19 16.77
CA GLN D 17 0.21 32.86 17.44
C GLN D 17 0.20 34.36 17.28
N ASN D 18 1.39 34.94 17.15
CA ASN D 18 1.57 36.40 17.14
C ASN D 18 2.54 36.80 16.05
N VAL D 19 2.12 37.72 15.16
CA VAL D 19 3.03 38.24 14.12
C VAL D 19 4.04 39.22 14.73
N GLN D 20 5.13 39.43 13.99
CA GLN D 20 6.20 40.34 14.40
C GLN D 20 5.79 41.77 14.04
N THR D 21 5.83 42.67 15.01
CA THR D 21 5.45 44.08 14.81
C THR D 21 6.55 45.02 15.35
N ALA D 22 6.53 46.28 14.93
CA ALA D 22 7.45 47.29 15.47
C ALA D 22 6.89 47.88 16.78
N GLY D 23 7.17 47.22 17.90
CA GLY D 23 6.55 47.57 19.18
C GLY D 23 5.20 46.86 19.36
N LYS D 24 4.72 46.88 20.61
CA LYS D 24 3.45 46.22 20.98
C LYS D 24 2.27 46.65 20.13
N ARG D 25 2.22 47.95 19.83
CA ARG D 25 1.11 48.57 19.11
C ARG D 25 1.54 49.16 17.77
N GLY D 26 2.63 48.64 17.23
CA GLY D 26 3.14 49.10 15.95
C GLY D 26 2.73 48.24 14.76
N PRO D 27 3.00 48.72 13.54
CA PRO D 27 2.74 47.99 12.30
C PRO D 27 3.53 46.68 12.17
N GLN D 28 3.02 45.78 11.33
CA GLN D 28 3.62 44.48 11.09
C GLN D 28 4.89 44.61 10.26
N LEU D 29 5.86 43.76 10.56
CA LEU D 29 7.13 43.72 9.85
C LEU D 29 7.10 42.68 8.75
N LEU D 30 7.66 43.05 7.60
CA LEU D 30 7.75 42.18 6.43
C LEU D 30 8.55 40.90 6.72
N GLN D 31 9.55 41.00 7.59
CA GLN D 31 10.47 39.90 7.89
C GLN D 31 9.83 38.77 8.69
N ASP D 32 8.53 38.87 9.00
CA ASP D 32 7.80 37.73 9.52
C ASP D 32 7.49 36.83 8.33
N VAL D 33 8.45 35.98 7.99
CA VAL D 33 8.40 35.22 6.77
C VAL D 33 7.48 34.00 6.90
N TRP D 34 7.31 33.51 8.12
CA TRP D 34 6.33 32.44 8.37
C TRP D 34 4.92 32.92 8.07
N PHE D 35 4.58 34.15 8.49
CA PHE D 35 3.32 34.76 8.14
C PHE D 35 3.13 34.80 6.62
N LEU D 36 4.14 35.28 5.89
CA LEU D 36 4.06 35.39 4.43
C LEU D 36 3.84 34.04 3.77
N GLU D 37 4.63 33.05 4.17
CA GLU D 37 4.50 31.72 3.61
C GLU D 37 3.14 31.07 3.93
N LYS D 38 2.76 31.05 5.21
CA LYS D 38 1.48 30.49 5.65
C LYS D 38 0.28 31.11 4.87
N LEU D 39 0.26 32.43 4.74
CA LEU D 39 -0.86 33.10 4.06
C LEU D 39 -0.80 32.91 2.55
N ALA D 40 0.40 32.91 1.97
CA ALA D 40 0.56 32.68 0.52
C ALA D 40 0.11 31.29 0.09
N HIS D 41 0.36 30.28 0.93
CA HIS D 41 -0.12 28.92 0.63
C HIS D 41 -1.63 28.86 0.82
N PHE D 42 -2.12 29.49 1.90
CA PHE D 42 -3.55 29.58 2.19
C PHE D 42 -4.30 30.21 1.00
N ASP D 43 -3.70 31.25 0.43
CA ASP D 43 -4.27 32.01 -0.68
C ASP D 43 -4.37 31.19 -1.96
N ARG D 44 -3.71 30.03 -1.98
CA ARG D 44 -3.63 29.17 -3.19
C ARG D 44 -4.18 27.75 -2.99
N GLU D 45 -4.99 27.58 -1.94
CA GLU D 45 -5.58 26.27 -1.63
C GLU D 45 -6.58 25.76 -2.69
N VAL D 46 -7.25 26.69 -3.37
CA VAL D 46 -8.39 26.37 -4.22
C VAL D 46 -7.96 26.20 -5.67
N ILE D 47 -8.41 25.12 -6.31
CA ILE D 47 -8.28 24.95 -7.76
C ILE D 47 -9.68 25.02 -8.42
N PRO D 48 -9.75 25.17 -9.76
CA PRO D 48 -11.10 25.25 -10.38
C PRO D 48 -11.90 23.97 -10.14
N GLU D 49 -13.18 24.08 -9.77
CA GLU D 49 -14.04 22.88 -9.71
C GLU D 49 -14.22 22.28 -11.10
N ARG D 50 -14.73 21.05 -11.19
CA ARG D 50 -15.06 20.44 -12.47
C ARG D 50 -16.13 21.28 -13.15
N ARG D 51 -16.08 21.35 -14.47
CA ARG D 51 -17.07 22.11 -15.23
C ARG D 51 -18.48 21.46 -15.21
N OMT D 52 -18.52 20.15 -14.99
CA OMT D 52 -19.75 19.37 -14.85
CB OMT D 52 -20.05 18.64 -16.18
CG OMT D 52 -21.54 18.33 -16.40
SD OMT D 52 -22.41 19.60 -17.09
CE OMT D 52 -23.71 18.99 -17.94
C OMT D 52 -19.49 18.40 -13.74
O OMT D 52 -18.34 18.04 -13.52
OD1 OMT D 52 -22.91 20.48 -16.07
OD2 OMT D 52 -21.60 20.36 -17.97
N HIS D 53 -20.53 17.99 -13.01
CA HIS D 53 -20.40 17.05 -11.89
C HIS D 53 -19.43 17.56 -10.80
N ALA D 54 -19.48 18.86 -10.54
CA ALA D 54 -18.57 19.49 -9.58
C ALA D 54 -18.77 18.95 -8.14
N LYS D 55 -20.00 18.58 -7.81
CA LYS D 55 -20.33 18.12 -6.45
C LYS D 55 -20.27 16.59 -6.36
N GLY D 56 -19.47 16.04 -5.46
CA GLY D 56 -19.34 14.58 -5.44
C GLY D 56 -18.71 13.93 -4.22
N SER D 57 -18.74 12.60 -4.25
CA SER D 57 -18.29 11.75 -3.16
C SER D 57 -17.58 10.54 -3.73
N GLY D 58 -16.52 10.10 -3.07
CA GLY D 58 -15.70 9.00 -3.55
C GLY D 58 -15.35 7.98 -2.50
N ALA D 59 -15.02 6.77 -2.94
CA ALA D 59 -14.59 5.69 -2.07
C ALA D 59 -13.80 4.64 -2.86
N TYR D 60 -12.87 3.98 -2.20
CA TYR D 60 -12.11 2.88 -2.82
C TYR D 60 -12.86 1.58 -2.58
N GLY D 61 -12.61 0.60 -3.44
CA GLY D 61 -13.21 -0.72 -3.32
C GLY D 61 -12.48 -1.78 -4.15
N THR D 62 -13.16 -2.89 -4.38
CA THR D 62 -12.58 -4.04 -5.09
C THR D 62 -13.59 -4.66 -6.02
N PHE D 63 -13.17 -4.93 -7.26
CA PHE D 63 -13.99 -5.67 -8.22
C PHE D 63 -13.55 -7.13 -8.22
N THR D 64 -14.52 -8.05 -8.25
CA THR D 64 -14.25 -9.50 -8.36
C THR D 64 -15.04 -10.12 -9.50
N VAL D 65 -14.33 -10.84 -10.37
CA VAL D 65 -14.94 -11.57 -11.46
C VAL D 65 -15.70 -12.78 -10.91
N THR D 66 -16.94 -12.97 -11.38
CA THR D 66 -17.76 -14.10 -10.94
C THR D 66 -18.09 -15.05 -12.09
N HIS D 67 -18.00 -14.54 -13.32
CA HIS D 67 -18.42 -15.28 -14.52
C HIS D 67 -17.41 -15.09 -15.65
N ASP D 68 -17.46 -15.98 -16.64
CA ASP D 68 -16.49 -16.01 -17.75
C ASP D 68 -17.05 -15.34 -19.01
N ILE D 69 -16.52 -14.17 -19.35
CA ILE D 69 -16.84 -13.49 -20.64
C ILE D 69 -15.61 -13.38 -21.55
N THR D 70 -14.59 -14.19 -21.26
CA THR D 70 -13.33 -14.13 -22.02
C THR D 70 -13.50 -14.55 -23.47
N LYS D 71 -14.65 -15.14 -23.81
CA LYS D 71 -14.99 -15.39 -25.22
C LYS D 71 -15.07 -14.09 -26.00
N TYR D 72 -15.45 -13.01 -25.31
CA TYR D 72 -15.75 -11.72 -25.94
C TYR D 72 -14.66 -10.67 -25.70
N THR D 73 -13.96 -10.77 -24.57
CA THR D 73 -12.93 -9.80 -24.25
C THR D 73 -11.65 -10.41 -23.69
N LYS D 74 -10.51 -9.90 -24.15
CA LYS D 74 -9.19 -10.31 -23.63
C LYS D 74 -8.71 -9.44 -22.46
N ALA D 75 -9.57 -8.50 -22.02
CA ALA D 75 -9.20 -7.59 -20.94
C ALA D 75 -8.78 -8.37 -19.71
N LYS D 76 -7.60 -8.01 -19.16
CA LYS D 76 -7.01 -8.73 -18.02
C LYS D 76 -7.88 -8.70 -16.77
N ILE D 77 -8.57 -7.58 -16.55
CA ILE D 77 -9.50 -7.45 -15.41
C ILE D 77 -10.56 -8.59 -15.38
N PHE D 78 -10.93 -9.10 -16.55
CA PHE D 78 -11.95 -10.15 -16.66
C PHE D 78 -11.38 -11.58 -16.91
N SER D 79 -10.06 -11.73 -16.82
CA SER D 79 -9.41 -12.94 -17.35
C SER D 79 -9.73 -14.25 -16.61
N ASP D 80 -9.97 -14.16 -15.30
CA ASP D 80 -10.16 -15.34 -14.46
C ASP D 80 -11.24 -15.11 -13.42
N ILE D 81 -12.10 -16.11 -13.24
CA ILE D 81 -13.09 -16.10 -12.18
C ILE D 81 -12.40 -16.00 -10.80
N GLY D 82 -12.90 -15.10 -9.97
CA GLY D 82 -12.35 -14.86 -8.64
C GLY D 82 -11.20 -13.84 -8.61
N LYS D 83 -10.79 -13.37 -9.79
CA LYS D 83 -9.74 -12.34 -9.93
C LYS D 83 -10.20 -11.00 -9.37
N LYS D 84 -9.40 -10.43 -8.47
CA LYS D 84 -9.73 -9.17 -7.81
C LYS D 84 -8.90 -8.01 -8.35
N THR D 85 -9.57 -6.88 -8.56
CA THR D 85 -8.93 -5.67 -9.05
C THR D 85 -9.40 -4.51 -8.19
N ASP D 86 -8.46 -3.76 -7.60
CA ASP D 86 -8.82 -2.55 -6.83
C ASP D 86 -9.36 -1.44 -7.74
N MET D 87 -10.14 -0.55 -7.13
CA MET D 87 -10.82 0.51 -7.88
C MET D 87 -11.10 1.71 -6.99
N PHE D 88 -11.47 2.83 -7.62
CA PHE D 88 -11.93 4.04 -6.94
C PHE D 88 -13.19 4.50 -7.64
N ALA D 89 -14.21 4.90 -6.89
CA ALA D 89 -15.42 5.42 -7.51
C ALA D 89 -15.73 6.82 -7.02
N ARG D 90 -16.31 7.63 -7.89
CA ARG D 90 -16.83 8.93 -7.49
C ARG D 90 -18.25 9.04 -8.03
N PHE D 91 -19.17 9.34 -7.12
CA PHE D 91 -20.54 9.63 -7.47
C PHE D 91 -20.75 11.13 -7.33
N SER D 92 -21.73 11.66 -8.03
CA SER D 92 -21.86 13.10 -8.14
C SER D 92 -23.24 13.52 -8.62
N THR D 93 -23.59 14.78 -8.40
CA THR D 93 -24.67 15.40 -9.15
C THR D 93 -24.07 15.93 -10.47
N VAL D 94 -24.83 16.73 -11.22
CA VAL D 94 -24.36 17.25 -12.51
C VAL D 94 -24.30 18.78 -12.51
N ALA D 95 -25.41 19.40 -12.19
CA ALA D 95 -25.56 20.86 -12.33
C ALA D 95 -24.95 21.65 -11.16
N GLY D 96 -24.97 21.04 -9.98
CA GLY D 96 -24.56 21.75 -8.78
C GLY D 96 -23.09 22.09 -8.78
N GLU D 97 -22.75 23.23 -8.20
CA GLU D 97 -21.36 23.59 -7.98
C GLU D 97 -20.87 22.87 -6.72
N ARG D 98 -19.60 23.12 -6.37
CA ARG D 98 -18.95 22.72 -5.12
C ARG D 98 -19.93 23.38 -4.13
C ARG D 98 -19.67 22.48 -3.78
N GLY D 99 -20.41 22.66 -3.13
N GLY D 99 -20.50 23.42 -3.37
CA GLY D 99 -21.26 23.29 -2.13
C GLY D 99 -22.75 23.23 -2.40
N ALA D 100 -23.15 22.95 -3.64
CA ALA D 100 -24.59 22.76 -3.94
C ALA D 100 -25.17 21.53 -3.23
N ALA D 101 -26.50 21.50 -3.12
CA ALA D 101 -27.20 20.41 -2.43
C ALA D 101 -26.99 19.05 -3.09
N ASP D 102 -26.65 18.04 -2.28
CA ASP D 102 -26.60 16.64 -2.72
C ASP D 102 -27.98 16.15 -3.26
N ALA D 103 -29.07 16.45 -2.55
CA ALA D 103 -30.38 15.86 -2.89
C ALA D 103 -31.23 16.66 -3.90
N GLU D 104 -30.65 16.98 -5.05
CA GLU D 104 -31.38 17.64 -6.13
C GLU D 104 -31.93 16.64 -7.15
N ARG D 105 -32.98 17.03 -7.87
CA ARG D 105 -33.47 16.29 -9.03
C ARG D 105 -32.45 16.46 -10.15
N ASP D 106 -31.79 15.36 -10.52
CA ASP D 106 -30.64 15.46 -11.43
C ASP D 106 -30.20 14.07 -11.80
N ILE D 107 -29.51 13.95 -12.92
CA ILE D 107 -28.66 12.79 -13.16
C ILE D 107 -27.63 12.68 -12.03
N ARG D 108 -27.20 11.46 -11.72
CA ARG D 108 -26.06 11.22 -10.86
C ARG D 108 -24.93 10.60 -11.65
N GLY D 109 -23.74 11.17 -11.52
CA GLY D 109 -22.54 10.55 -12.11
C GLY D 109 -22.20 9.29 -11.36
N PHE D 110 -21.70 8.28 -12.09
CA PHE D 110 -21.35 6.97 -11.55
C PHE D 110 -19.98 6.63 -12.13
N SER D 111 -18.92 7.20 -11.55
CA SER D 111 -17.61 7.17 -12.20
C SER D 111 -16.64 6.18 -11.54
N LEU D 112 -16.06 5.28 -12.35
CA LEU D 112 -15.24 4.16 -11.86
C LEU D 112 -13.84 4.17 -12.47
N LYS D 113 -12.84 3.89 -11.63
CA LYS D 113 -11.46 3.74 -12.08
C LYS D 113 -10.93 2.40 -11.59
N PHE D 114 -10.68 1.48 -12.51
CA PHE D 114 -10.17 0.14 -12.14
C PHE D 114 -8.67 0.10 -12.34
N TYR D 115 -7.92 -0.23 -11.29
CA TYR D 115 -6.47 -0.28 -11.37
C TYR D 115 -6.01 -1.64 -11.88
N THR D 116 -6.11 -1.84 -13.19
CA THR D 116 -5.80 -3.14 -13.79
C THR D 116 -4.32 -3.26 -14.15
N GLU D 117 -3.91 -4.49 -14.44
CA GLU D 117 -2.50 -4.80 -14.71
C GLU D 117 -2.04 -4.30 -16.08
N GLU D 118 -2.99 -3.88 -16.93
CA GLU D 118 -2.67 -3.27 -18.25
C GLU D 118 -3.22 -1.84 -18.37
N GLY D 119 -3.28 -1.14 -17.23
CA GLY D 119 -3.66 0.26 -17.18
C GLY D 119 -4.86 0.56 -16.32
N ASN D 120 -5.06 1.84 -16.00
CA ASN D 120 -6.28 2.29 -15.37
C ASN D 120 -7.41 2.32 -16.40
N TRP D 121 -8.47 1.56 -16.14
CA TRP D 121 -9.70 1.60 -16.93
C TRP D 121 -10.67 2.57 -16.24
N ASP D 122 -10.87 3.73 -16.86
CA ASP D 122 -11.87 4.67 -16.38
C ASP D 122 -13.18 4.43 -17.11
N LEU D 123 -14.26 4.25 -16.35
CA LEU D 123 -15.60 4.26 -16.93
C LEU D 123 -16.37 5.35 -16.22
N ALA D 124 -16.48 6.51 -16.88
CA ALA D 124 -17.22 7.64 -16.34
C ALA D 124 -18.68 7.50 -16.75
N GLY D 125 -19.44 6.76 -15.97
CA GLY D 125 -20.83 6.48 -16.30
C GLY D 125 -21.80 7.40 -15.57
N ASN D 126 -23.09 7.10 -15.71
CA ASN D 126 -24.19 7.84 -15.09
C ASN D 126 -25.20 6.85 -14.48
N ASN D 127 -26.16 7.36 -13.71
CA ASN D 127 -27.17 6.50 -13.08
C ASN D 127 -28.33 6.21 -14.04
N THR D 128 -28.09 6.47 -15.32
CA THR D 128 -29.08 6.31 -16.38
C THR D 128 -28.40 5.69 -17.60
N PRO D 129 -29.13 4.79 -18.33
CA PRO D 129 -28.60 4.14 -19.54
C PRO D 129 -28.50 5.06 -20.75
N VAL D 130 -29.19 6.21 -20.69
CA VAL D 130 -29.23 7.14 -21.80
C VAL D 130 -28.82 8.56 -21.37
N PHE D 131 -28.87 9.50 -22.32
CA PHE D 131 -28.56 10.91 -22.04
C PHE D 131 -29.42 11.81 -22.93
N PHE D 132 -29.35 13.13 -22.73
CA PHE D 132 -30.24 14.07 -23.41
C PHE D 132 -29.90 14.28 -24.88
N LEU D 133 -28.64 14.03 -25.25
CA LEU D 133 -28.09 14.51 -26.53
C LEU D 133 -27.59 13.39 -27.43
N ARG D 134 -27.57 13.68 -28.73
CA ARG D 134 -27.02 12.78 -29.72
C ARG D 134 -25.66 13.24 -30.29
N ASP D 135 -25.35 14.52 -30.10
CA ASP D 135 -24.17 15.12 -30.69
C ASP D 135 -23.42 16.01 -29.69
N PRO D 136 -22.09 15.81 -29.58
CA PRO D 136 -21.23 16.43 -28.58
C PRO D 136 -21.10 17.95 -28.69
N LEU D 137 -21.49 18.51 -29.84
CA LEU D 137 -21.53 19.96 -30.00
C LEU D 137 -22.58 20.61 -29.11
N LYS D 138 -23.62 19.87 -28.75
CA LYS D 138 -24.65 20.38 -27.87
C LYS D 138 -24.29 20.38 -26.39
N PHE D 139 -23.15 19.81 -26.03
CA PHE D 139 -22.84 19.70 -24.60
C PHE D 139 -22.63 21.04 -23.90
N PRO D 140 -21.85 21.97 -24.49
CA PRO D 140 -21.72 23.24 -23.76
C PRO D 140 -23.06 23.97 -23.67
N ASP D 141 -23.91 23.79 -24.67
CA ASP D 141 -25.26 24.35 -24.68
C ASP D 141 -26.10 23.76 -23.55
N LEU D 142 -26.00 22.44 -23.34
CA LEU D 142 -26.68 21.80 -22.22
C LEU D 142 -26.25 22.40 -20.89
N ASN D 143 -24.94 22.46 -20.67
CA ASN D 143 -24.36 23.08 -19.48
C ASN D 143 -24.98 24.46 -19.27
N HIS D 144 -25.01 25.28 -20.33
CA HIS D 144 -25.46 26.66 -20.21
C HIS D 144 -26.96 26.77 -19.99
N ALA D 145 -27.69 25.75 -20.44
CA ALA D 145 -29.15 25.71 -20.27
C ALA D 145 -29.58 25.21 -18.89
N VAL D 146 -28.80 24.30 -18.30
CA VAL D 146 -29.17 23.71 -17.01
C VAL D 146 -28.50 24.34 -15.77
N LYS D 147 -27.49 25.18 -15.98
CA LYS D 147 -26.78 25.83 -14.87
C LYS D 147 -27.24 27.30 -14.73
N ARG D 148 -26.37 28.20 -14.25
CA ARG D 148 -26.82 29.55 -13.90
C ARG D 148 -26.91 30.49 -15.07
N ASP D 149 -28.02 31.22 -15.14
CA ASP D 149 -28.25 32.26 -16.15
C ASP D 149 -27.13 33.29 -16.05
N PRO D 150 -26.61 33.74 -17.21
CA PRO D 150 -25.52 34.73 -17.20
C PRO D 150 -25.82 36.01 -16.41
N ARG D 151 -27.07 36.44 -16.38
CA ARG D 151 -27.45 37.65 -15.66
C ARG D 151 -27.95 37.38 -14.24
N THR D 152 -28.90 36.46 -14.09
CA THR D 152 -29.56 36.22 -12.81
C THR D 152 -28.67 35.44 -11.81
N ASN D 153 -27.63 34.78 -12.32
CA ASN D 153 -26.83 33.82 -11.55
C ASN D 153 -27.63 32.72 -10.83
N MET D 154 -28.80 32.41 -11.37
CA MET D 154 -29.63 31.33 -10.84
C MET D 154 -30.04 30.43 -11.98
N ARG D 155 -30.45 29.20 -11.66
CA ARG D 155 -31.01 28.32 -12.67
C ARG D 155 -32.29 28.97 -13.23
N SER D 156 -32.56 28.66 -14.49
CA SER D 156 -33.66 29.28 -15.19
C SER D 156 -34.53 28.18 -15.79
N ALA D 157 -35.79 28.08 -15.35
CA ALA D 157 -36.72 27.10 -15.93
C ALA D 157 -36.92 27.38 -17.43
N LYS D 158 -36.99 28.66 -17.80
CA LYS D 158 -37.14 29.03 -19.21
C LYS D 158 -35.95 28.55 -20.04
N ASN D 159 -34.73 28.88 -19.60
CA ASN D 159 -33.53 28.43 -20.32
C ASN D 159 -33.50 26.89 -20.49
N ASN D 160 -33.66 26.18 -19.37
CA ASN D 160 -33.60 24.71 -19.35
C ASN D 160 -34.63 24.06 -20.28
N TRP D 161 -35.87 24.53 -20.21
CA TRP D 161 -36.98 23.94 -20.96
C TRP D 161 -37.04 24.40 -22.41
N ASP D 162 -36.69 25.65 -22.68
CA ASP D 162 -36.47 26.10 -24.07
C ASP D 162 -35.49 25.18 -24.77
N PHE D 163 -34.35 24.91 -24.12
CA PHE D 163 -33.34 24.01 -24.67
C PHE D 163 -33.82 22.55 -24.86
N TRP D 164 -34.37 21.94 -23.81
CA TRP D 164 -34.87 20.56 -23.89
C TRP D 164 -35.99 20.40 -24.94
N THR D 165 -36.97 21.32 -24.95
CA THR D 165 -38.05 21.25 -25.96
C THR D 165 -37.54 21.46 -27.40
N SER D 166 -36.32 22.01 -27.55
CA SER D 166 -35.77 22.25 -28.89
C SER D 166 -35.11 20.99 -29.43
N LEU D 167 -34.91 20.01 -28.56
CA LEU D 167 -34.27 18.74 -28.91
C LEU D 167 -35.18 17.59 -28.56
N PRO D 168 -36.01 17.14 -29.52
CA PRO D 168 -36.99 16.09 -29.18
C PRO D 168 -36.32 14.80 -28.69
N GLU D 169 -35.09 14.53 -29.18
CA GLU D 169 -34.29 13.38 -28.73
C GLU D 169 -34.01 13.36 -27.21
N ALA D 170 -34.15 14.52 -26.57
CA ALA D 170 -33.90 14.67 -25.14
C ALA D 170 -35.04 14.08 -24.29
N LEU D 171 -36.19 13.83 -24.94
CA LEU D 171 -37.37 13.39 -24.22
C LEU D 171 -37.15 12.16 -23.34
N HIS D 172 -36.40 11.17 -23.86
CA HIS D 172 -36.09 9.94 -23.10
C HIS D 172 -35.46 10.23 -21.71
N GLN D 173 -34.38 11.02 -21.71
CA GLN D 173 -33.71 11.39 -20.46
C GLN D 173 -34.51 12.41 -19.64
N VAL D 174 -35.24 13.29 -20.32
CA VAL D 174 -36.13 14.22 -19.59
C VAL D 174 -37.18 13.39 -18.82
N THR D 175 -37.72 12.36 -19.47
CA THR D 175 -38.72 11.50 -18.83
C THR D 175 -38.14 10.83 -17.60
N ILE D 176 -36.90 10.36 -17.71
CA ILE D 176 -36.20 9.67 -16.61
C ILE D 176 -35.95 10.63 -15.45
N VAL D 177 -35.41 11.81 -15.74
CA VAL D 177 -35.10 12.77 -14.67
C VAL D 177 -36.38 13.35 -13.99
N MET D 178 -37.50 13.39 -14.71
CA MET D 178 -38.78 13.84 -14.13
C MET D 178 -39.54 12.72 -13.43
N SER D 179 -39.05 11.49 -13.56
CA SER D 179 -39.68 10.34 -12.93
C SER D 179 -39.22 10.20 -11.48
N ASP D 180 -39.79 9.23 -10.77
CA ASP D 180 -39.41 8.97 -9.38
C ASP D 180 -37.89 8.70 -9.22
N ARG D 181 -37.22 8.30 -10.29
CA ARG D 181 -35.77 8.03 -10.27
C ARG D 181 -34.87 9.28 -10.37
N GLY D 182 -35.48 10.44 -10.52
CA GLY D 182 -34.75 11.71 -10.60
C GLY D 182 -33.97 12.13 -9.36
N ILE D 183 -34.41 11.65 -8.19
CA ILE D 183 -33.69 11.88 -6.93
C ILE D 183 -33.44 10.57 -6.16
N PRO D 184 -32.28 9.94 -6.38
CA PRO D 184 -31.91 8.79 -5.56
C PRO D 184 -31.78 9.18 -4.09
N ALA D 185 -32.28 8.32 -3.20
CA ALA D 185 -32.25 8.60 -1.75
C ALA D 185 -30.82 8.62 -1.22
N THR D 186 -29.98 7.75 -1.78
CA THR D 186 -28.54 7.75 -1.52
C THR D 186 -27.81 7.31 -2.81
N TYR D 187 -26.47 7.41 -2.81
CA TYR D 187 -25.64 6.91 -3.91
C TYR D 187 -25.65 5.39 -4.00
N ARG D 188 -25.92 4.74 -2.87
CA ARG D 188 -25.96 3.28 -2.78
C ARG D 188 -27.26 2.71 -3.35
N HIS D 189 -28.27 3.58 -3.49
CA HIS D 189 -29.60 3.16 -3.92
C HIS D 189 -29.94 3.58 -5.32
N MET D 190 -28.94 3.52 -6.20
CA MET D 190 -29.11 3.78 -7.64
C MET D 190 -28.26 2.81 -8.45
N HIS D 191 -28.68 2.56 -9.69
CA HIS D 191 -27.86 1.80 -10.64
C HIS D 191 -26.82 2.70 -11.32
N GLY D 192 -25.83 2.07 -11.93
CA GLY D 192 -24.86 2.76 -12.78
C GLY D 192 -24.88 2.16 -14.18
N PHE D 193 -24.43 2.95 -15.15
CA PHE D 193 -24.45 2.56 -16.56
C PHE D 193 -23.27 3.25 -17.27
N GLY D 194 -22.68 2.55 -18.24
CA GLY D 194 -21.72 3.17 -19.16
C GLY D 194 -22.46 4.12 -20.10
N SER D 195 -23.76 3.84 -20.27
CA SER D 195 -24.67 4.54 -21.20
C SER D 195 -24.29 4.29 -22.67
N HIS D 196 -23.05 4.64 -23.04
CA HIS D 196 -22.57 4.43 -24.41
C HIS D 196 -22.44 2.98 -24.79
N THR D 197 -22.60 2.71 -26.08
CA THR D 197 -22.01 1.55 -26.69
C THR D 197 -20.48 1.71 -26.68
N PHE D 198 -19.80 0.72 -26.11
CA PHE D 198 -18.36 0.56 -26.21
C PHE D 198 -18.10 -0.68 -27.06
N SER D 199 -16.85 -1.14 -27.09
CA SER D 199 -16.53 -2.40 -27.75
C SER D 199 -15.69 -3.31 -26.85
N PHE D 200 -15.83 -4.62 -27.07
CA PHE D 200 -14.92 -5.62 -26.49
C PHE D 200 -14.16 -6.16 -27.69
N ILE D 201 -12.88 -6.48 -27.48
CA ILE D 201 -12.06 -7.17 -28.47
C ILE D 201 -11.52 -8.43 -27.80
N ASN D 202 -11.68 -9.58 -28.44
CA ASN D 202 -11.19 -10.84 -27.87
C ASN D 202 -9.76 -11.22 -28.31
N SER D 203 -9.27 -12.37 -27.86
CA SER D 203 -7.96 -12.90 -28.22
C SER D 203 -7.72 -13.04 -29.71
N ASP D 204 -8.80 -13.28 -30.45
CA ASP D 204 -8.75 -13.47 -31.90
C ASP D 204 -8.95 -12.16 -32.69
N ASN D 205 -8.87 -11.03 -31.98
CA ASN D 205 -9.14 -9.70 -32.53
C ASN D 205 -10.53 -9.47 -33.13
N GLU D 206 -11.50 -10.27 -32.68
CA GLU D 206 -12.90 -10.06 -33.05
C GLU D 206 -13.54 -9.02 -32.13
N ARG D 207 -14.37 -8.17 -32.72
CA ARG D 207 -14.99 -7.05 -32.04
C ARG D 207 -16.48 -7.29 -31.80
N TYR D 208 -16.90 -7.03 -30.55
CA TYR D 208 -18.30 -7.04 -30.15
C TYR D 208 -18.59 -5.65 -29.62
N TRP D 209 -19.81 -5.18 -29.84
CA TRP D 209 -20.27 -3.96 -29.19
C TRP D 209 -20.85 -4.32 -27.82
N VAL D 210 -20.65 -3.45 -26.83
CA VAL D 210 -21.02 -3.75 -25.43
C VAL D 210 -21.67 -2.56 -24.72
N LYS D 211 -22.62 -2.88 -23.82
CA LYS D 211 -23.15 -1.93 -22.84
C LYS D 211 -22.86 -2.44 -21.44
N PHE D 212 -22.44 -1.54 -20.55
CA PHE D 212 -22.12 -1.89 -19.16
C PHE D 212 -23.27 -1.45 -18.24
N HIS D 213 -23.70 -2.38 -17.38
CA HIS D 213 -24.75 -2.13 -16.40
C HIS D 213 -24.23 -2.49 -15.02
N PHE D 214 -24.46 -1.62 -14.04
CA PHE D 214 -24.10 -1.88 -12.65
C PHE D 214 -25.36 -1.89 -11.77
N VAL D 215 -25.78 -3.10 -11.38
CA VAL D 215 -27.05 -3.30 -10.67
C VAL D 215 -26.83 -3.24 -9.17
N SER D 216 -27.48 -2.26 -8.54
CA SER D 216 -27.34 -2.04 -7.10
C SER D 216 -27.84 -3.25 -6.34
N GLN D 217 -26.98 -3.80 -5.47
CA GLN D 217 -27.41 -4.85 -4.57
C GLN D 217 -28.21 -4.31 -3.37
N GLN D 218 -28.26 -2.98 -3.22
CA GLN D 218 -29.03 -2.35 -2.14
C GLN D 218 -30.47 -2.08 -2.58
N GLY D 219 -30.71 -2.16 -3.89
CA GLY D 219 -32.02 -1.87 -4.46
C GLY D 219 -32.16 -0.38 -4.73
N ILE D 220 -33.26 -0.01 -5.38
CA ILE D 220 -33.56 1.37 -5.74
C ILE D 220 -34.41 2.04 -4.64
N LYS D 221 -33.95 3.20 -4.17
CA LYS D 221 -34.75 4.03 -3.27
C LYS D 221 -34.65 5.46 -3.73
N ASN D 222 -35.79 6.15 -3.74
CA ASN D 222 -35.89 7.52 -4.24
C ASN D 222 -36.56 8.44 -3.21
N LEU D 223 -36.46 9.74 -3.48
CA LEU D 223 -37.09 10.75 -2.67
C LEU D 223 -37.99 11.57 -3.57
N SER D 224 -39.14 11.99 -3.05
CA SER D 224 -39.97 12.94 -3.76
C SER D 224 -39.36 14.34 -3.64
N ASP D 225 -39.87 15.26 -4.45
CA ASP D 225 -39.45 16.67 -4.37
C ASP D 225 -39.64 17.21 -2.96
N ALA D 226 -40.79 16.91 -2.36
CA ALA D 226 -41.09 17.36 -1.02
C ALA D 226 -40.14 16.75 0.01
N GLU D 227 -39.86 15.44 -0.11
CA GLU D 227 -38.92 14.80 0.80
C GLU D 227 -37.49 15.35 0.61
N ALA D 228 -37.10 15.58 -0.64
CA ALA D 228 -35.76 16.09 -0.94
C ALA D 228 -35.60 17.50 -0.41
N GLY D 229 -36.63 18.35 -0.57
CA GLY D 229 -36.62 19.71 -0.03
C GLY D 229 -36.39 19.77 1.49
N GLU D 230 -37.10 18.91 2.22
CA GLU D 230 -36.95 18.78 3.66
C GLU D 230 -35.51 18.37 4.03
N LEU D 231 -34.98 17.40 3.28
CA LEU D 231 -33.62 16.90 3.52
C LEU D 231 -32.59 18.00 3.25
N VAL D 232 -32.73 18.68 2.12
CA VAL D 232 -31.78 19.73 1.72
C VAL D 232 -31.75 20.85 2.77
N GLY D 233 -32.94 21.25 3.23
CA GLY D 233 -33.06 22.25 4.27
C GLY D 233 -32.26 21.95 5.52
N ASN D 234 -32.09 20.68 5.83
CA ASN D 234 -31.32 20.24 7.00
C ASN D 234 -29.87 19.97 6.69
N ASP D 235 -29.61 19.52 5.46
CA ASP D 235 -28.32 18.96 5.10
C ASP D 235 -28.04 19.05 3.59
N ARG D 236 -27.11 19.91 3.19
CA ARG D 236 -26.67 19.96 1.78
C ARG D 236 -25.70 18.83 1.43
N GLU D 237 -25.26 18.08 2.44
CA GLU D 237 -24.24 17.04 2.29
C GLU D 237 -24.76 15.63 2.58
N SER D 238 -26.05 15.43 2.37
CA SER D 238 -26.74 14.18 2.74
C SER D 238 -26.16 12.89 2.14
N HIS D 239 -25.70 12.95 0.89
CA HIS D 239 -25.30 11.75 0.17
C HIS D 239 -23.85 11.38 0.48
N GLN D 240 -23.04 12.43 0.69
CA GLN D 240 -21.68 12.25 1.22
C GLN D 240 -21.74 11.65 2.61
N ARG D 241 -22.61 12.21 3.46
CA ARG D 241 -22.77 11.73 4.83
C ARG D 241 -23.13 10.25 4.85
N ASP D 242 -24.08 9.87 4.01
CA ASP D 242 -24.53 8.49 3.92
C ASP D 242 -23.41 7.54 3.49
N LEU D 243 -22.69 7.89 2.42
CA LEU D 243 -21.63 7.03 1.87
C LEU D 243 -20.48 6.85 2.86
N LEU D 244 -19.97 7.97 3.36
CA LEU D 244 -18.91 7.98 4.37
C LEU D 244 -19.31 7.14 5.59
N ASP D 245 -20.44 7.49 6.21
CA ASP D 245 -20.94 6.80 7.39
C ASP D 245 -21.22 5.31 7.14
N SER D 246 -21.77 4.99 5.99
CA SER D 246 -22.05 3.58 5.65
C SER D 246 -20.78 2.75 5.59
N ILE D 247 -19.73 3.31 4.99
CA ILE D 247 -18.46 2.63 4.86
C ILE D 247 -17.74 2.53 6.20
N ASP D 248 -17.77 3.60 6.99
CA ASP D 248 -17.20 3.55 8.34
C ASP D 248 -17.88 2.52 9.24
N ASN D 249 -19.17 2.30 9.01
CA ASN D 249 -19.95 1.33 9.78
C ASN D 249 -19.82 -0.08 9.24
N GLN D 250 -18.96 -0.20 8.23
CA GLN D 250 -18.71 -1.45 7.51
C GLN D 250 -19.94 -2.01 6.82
N ASP D 251 -20.83 -1.12 6.40
CA ASP D 251 -21.95 -1.50 5.55
C ASP D 251 -21.60 -1.17 4.11
N PHE D 252 -20.75 -2.03 3.52
CA PHE D 252 -20.14 -1.74 2.22
C PHE D 252 -21.15 -1.91 1.07
N PRO D 253 -21.39 -0.83 0.27
CA PRO D 253 -22.31 -0.95 -0.86
C PRO D 253 -21.71 -1.75 -2.01
N LYS D 254 -22.56 -2.52 -2.70
CA LYS D 254 -22.14 -3.39 -3.79
C LYS D 254 -23.01 -3.23 -5.03
N TRP D 255 -22.40 -3.43 -6.20
CA TRP D 255 -23.11 -3.50 -7.48
C TRP D 255 -22.64 -4.71 -8.26
N THR D 256 -23.57 -5.31 -9.02
CA THR D 256 -23.27 -6.40 -9.92
C THR D 256 -23.10 -5.87 -11.35
N LEU D 257 -21.91 -6.10 -11.91
CA LEU D 257 -21.65 -5.79 -13.31
C LEU D 257 -22.31 -6.83 -14.20
N LYS D 258 -23.20 -6.37 -15.07
CA LYS D 258 -23.74 -7.17 -16.16
C LYS D 258 -23.53 -6.43 -17.48
N VAL D 259 -23.42 -7.16 -18.59
CA VAL D 259 -23.23 -6.57 -19.92
C VAL D 259 -24.26 -7.04 -20.96
N GLN D 260 -24.52 -6.18 -21.95
CA GLN D 260 -25.15 -6.62 -23.20
C GLN D 260 -24.05 -6.74 -24.24
N ILE D 261 -24.10 -7.81 -25.03
CA ILE D 261 -23.06 -8.07 -26.03
C ILE D 261 -23.71 -8.24 -27.40
N MET D 262 -23.32 -7.38 -28.33
CA MET D 262 -23.84 -7.41 -29.70
C MET D 262 -22.72 -7.70 -30.71
N PRO D 263 -22.84 -8.83 -31.45
CA PRO D 263 -21.92 -9.11 -32.55
C PRO D 263 -21.88 -7.95 -33.54
N GLU D 264 -20.69 -7.68 -34.05
CA GLU D 264 -20.44 -6.51 -34.87
C GLU D 264 -21.42 -6.37 -36.04
N ALA D 265 -21.78 -7.49 -36.65
CA ALA D 265 -22.66 -7.47 -37.84
C ALA D 265 -24.10 -7.06 -37.54
N ASP D 266 -24.56 -7.27 -36.31
CA ASP D 266 -25.92 -6.90 -35.88
C ASP D 266 -26.19 -5.41 -35.96
N ALA D 267 -25.17 -4.59 -35.72
CA ALA D 267 -25.32 -3.13 -35.66
C ALA D 267 -26.00 -2.54 -36.91
N ALA D 268 -25.75 -3.15 -38.05
CA ALA D 268 -26.32 -2.72 -39.32
C ALA D 268 -27.78 -3.14 -39.51
N THR D 269 -28.21 -4.15 -38.75
CA THR D 269 -29.52 -4.80 -38.95
C THR D 269 -30.61 -4.47 -37.92
N VAL D 270 -30.20 -4.13 -36.70
CA VAL D 270 -31.14 -3.77 -35.61
C VAL D 270 -32.02 -2.56 -36.01
N PRO D 271 -33.30 -2.54 -35.58
CA PRO D 271 -34.26 -1.47 -35.96
C PRO D 271 -34.02 -0.09 -35.29
N TYR D 272 -33.05 -0.05 -34.39
CA TYR D 272 -32.71 1.16 -33.67
C TYR D 272 -31.23 1.44 -33.92
N ASN D 273 -30.84 2.72 -33.90
CA ASN D 273 -29.42 3.07 -34.03
C ASN D 273 -28.71 2.61 -32.75
N PRO D 274 -27.77 1.64 -32.87
CA PRO D 274 -27.12 1.11 -31.67
C PRO D 274 -26.11 2.06 -31.02
N PHE D 275 -25.77 3.15 -31.72
CA PHE D 275 -24.81 4.16 -31.25
C PHE D 275 -25.50 5.46 -30.84
N ASP D 276 -26.83 5.43 -30.74
CA ASP D 276 -27.61 6.60 -30.36
C ASP D 276 -27.73 6.64 -28.83
N LEU D 277 -27.05 7.61 -28.22
CA LEU D 277 -27.02 7.73 -26.75
C LEU D 277 -28.41 7.97 -26.12
N THR D 278 -29.38 8.36 -26.92
CA THR D 278 -30.73 8.60 -26.42
C THR D 278 -31.60 7.34 -26.46
N LYS D 279 -31.00 6.22 -26.89
CA LYS D 279 -31.71 4.93 -26.98
C LYS D 279 -30.98 3.84 -26.21
N VAL D 280 -31.74 2.87 -25.71
CA VAL D 280 -31.18 1.67 -25.07
C VAL D 280 -31.29 0.50 -26.04
N TRP D 281 -30.60 -0.60 -25.73
CA TRP D 281 -30.81 -1.84 -26.46
C TRP D 281 -31.79 -2.66 -25.63
N PRO D 282 -32.93 -3.05 -26.26
CA PRO D 282 -33.92 -3.87 -25.56
C PRO D 282 -33.31 -5.15 -24.97
N HIS D 283 -33.60 -5.38 -23.70
CA HIS D 283 -33.11 -6.57 -22.99
C HIS D 283 -33.58 -7.87 -23.66
N LYS D 284 -34.74 -7.80 -24.31
CA LYS D 284 -35.28 -8.91 -25.09
C LYS D 284 -34.33 -9.30 -26.21
N ASP D 285 -33.79 -8.30 -26.91
CA ASP D 285 -32.85 -8.53 -28.02
C ASP D 285 -31.48 -8.93 -27.49
N TYR D 286 -31.04 -8.25 -26.43
CA TYR D 286 -29.69 -8.47 -25.86
C TYR D 286 -29.77 -8.57 -24.35
N PRO D 287 -29.95 -9.80 -23.84
CA PRO D 287 -30.10 -10.06 -22.40
C PRO D 287 -28.83 -9.71 -21.63
N LEU D 288 -29.02 -9.32 -20.37
CA LEU D 288 -27.90 -9.01 -19.49
C LEU D 288 -27.11 -10.28 -19.21
N ILE D 289 -25.79 -10.19 -19.36
CA ILE D 289 -24.86 -11.28 -19.09
C ILE D 289 -24.03 -10.90 -17.87
N GLU D 290 -24.09 -11.71 -16.82
CA GLU D 290 -23.40 -11.40 -15.58
C GLU D 290 -21.88 -11.51 -15.72
N VAL D 291 -21.16 -10.61 -15.04
CA VAL D 291 -19.70 -10.56 -15.16
C VAL D 291 -19.00 -10.67 -13.81
N GLY D 292 -19.43 -9.85 -12.86
CA GLY D 292 -18.80 -9.76 -11.55
C GLY D 292 -19.50 -8.74 -10.68
N GLU D 293 -18.86 -8.36 -9.57
CA GLU D 293 -19.41 -7.36 -8.66
C GLU D 293 -18.31 -6.55 -8.02
N PHE D 294 -18.65 -5.34 -7.57
CA PHE D 294 -17.71 -4.57 -6.78
C PHE D 294 -18.34 -4.08 -5.49
N GLU D 295 -17.49 -3.88 -4.50
CA GLU D 295 -17.90 -3.26 -3.26
C GLU D 295 -16.95 -2.11 -2.95
N LEU D 296 -17.51 -1.06 -2.34
CA LEU D 296 -16.76 0.09 -1.89
C LEU D 296 -16.56 -0.06 -0.38
N ASN D 297 -15.31 -0.19 0.04
CA ASN D 297 -15.01 -0.57 1.41
C ASN D 297 -13.98 0.30 2.11
N ARG D 298 -13.63 1.43 1.50
CA ARG D 298 -12.58 2.27 2.07
C ARG D 298 -12.81 3.74 1.75
N ASN D 299 -12.99 4.54 2.78
CA ASN D 299 -13.09 5.99 2.63
C ASN D 299 -11.68 6.58 2.42
N PRO D 300 -11.56 7.58 1.52
CA PRO D 300 -10.29 8.31 1.36
C PRO D 300 -9.86 8.98 2.65
N GLN D 301 -8.55 9.06 2.87
CA GLN D 301 -8.03 9.74 4.06
C GLN D 301 -8.14 11.26 3.89
N ASN D 302 -7.85 11.76 2.68
CA ASN D 302 -7.96 13.20 2.40
C ASN D 302 -8.83 13.45 1.17
N TYR D 303 -9.97 14.13 1.37
CA TYR D 303 -10.92 14.39 0.28
C TYR D 303 -10.34 15.23 -0.88
N PHE D 304 -9.65 16.32 -0.57
CA PHE D 304 -9.09 17.15 -1.66
C PHE D 304 -8.14 16.34 -2.54
N ALA D 305 -7.15 15.72 -1.91
CA ALA D 305 -6.06 15.07 -2.65
C ALA D 305 -6.54 13.85 -3.45
N GLU D 306 -7.54 13.14 -2.92
CA GLU D 306 -8.01 11.87 -3.47
C GLU D 306 -9.32 11.94 -4.23
N VAL D 307 -10.25 12.79 -3.78
CA VAL D 307 -11.53 12.89 -4.45
C VAL D 307 -11.59 14.08 -5.40
N GLU D 308 -11.33 15.28 -4.88
CA GLU D 308 -11.43 16.50 -5.70
C GLU D 308 -10.47 16.43 -6.88
N GLN D 309 -9.28 15.90 -6.63
CA GLN D 309 -8.22 15.80 -7.62
C GLN D 309 -8.31 14.57 -8.50
N ALA D 310 -9.32 13.73 -8.27
CA ALA D 310 -9.54 12.54 -9.11
C ALA D 310 -9.91 12.98 -10.52
N ALA D 311 -9.35 12.26 -11.50
CA ALA D 311 -9.60 12.50 -12.92
C ALA D 311 -9.94 11.18 -13.61
N PHE D 312 -11.16 11.12 -14.14
CA PHE D 312 -11.67 9.96 -14.87
C PHE D 312 -11.79 10.37 -16.35
N ASN D 313 -11.07 9.66 -17.22
CA ASN D 313 -10.99 9.97 -18.64
C ASN D 313 -11.48 8.76 -19.44
N PRO D 314 -12.62 8.90 -20.16
CA PRO D 314 -13.20 7.80 -20.93
C PRO D 314 -12.25 7.21 -21.98
N ALA D 315 -11.24 7.99 -22.39
CA ALA D 315 -10.19 7.53 -23.30
C ALA D 315 -9.22 6.53 -22.65
N ASN D 316 -9.25 6.44 -21.33
CA ASN D 316 -8.44 5.45 -20.58
C ASN D 316 -9.09 4.08 -20.56
N VAL D 317 -8.90 3.41 -21.67
CA VAL D 317 -9.42 2.09 -21.93
C VAL D 317 -8.23 1.16 -21.73
N VAL D 318 -8.48 -0.14 -21.66
CA VAL D 318 -7.40 -1.13 -21.52
C VAL D 318 -7.53 -2.15 -22.66
N PRO D 319 -6.42 -2.84 -23.01
CA PRO D 319 -6.52 -3.87 -24.08
C PRO D 319 -7.73 -4.81 -23.88
N GLY D 320 -8.53 -5.00 -24.93
CA GLY D 320 -9.75 -5.80 -24.82
C GLY D 320 -11.02 -4.98 -24.66
N ILE D 321 -10.85 -3.69 -24.39
CA ILE D 321 -11.96 -2.74 -24.28
C ILE D 321 -11.66 -1.52 -25.15
N SER D 322 -12.66 -1.10 -25.92
CA SER D 322 -12.46 0.06 -26.79
C SER D 322 -13.73 0.90 -26.96
N PHE D 323 -13.74 1.76 -27.99
CA PHE D 323 -14.79 2.78 -28.15
C PHE D 323 -15.87 2.32 -29.13
N SER D 324 -16.65 3.27 -29.63
CA SER D 324 -17.65 3.04 -30.64
C SER D 324 -17.85 4.35 -31.36
N PRO D 325 -18.48 4.32 -32.55
CA PRO D 325 -18.80 5.55 -33.26
C PRO D 325 -19.98 6.36 -32.69
N ASP D 326 -20.41 6.09 -31.46
CA ASP D 326 -21.34 6.98 -30.80
C ASP D 326 -20.66 8.35 -30.75
N LYS D 327 -21.24 9.33 -31.43
CA LYS D 327 -20.61 10.65 -31.59
C LYS D 327 -20.44 11.34 -30.23
N MET D 328 -21.37 11.05 -29.31
CA MET D 328 -21.27 11.59 -27.96
C MET D 328 -20.05 11.04 -27.25
N LEU D 329 -19.80 9.74 -27.39
CA LEU D 329 -18.58 9.15 -26.81
C LEU D 329 -17.34 9.70 -27.52
N GLN D 330 -17.39 9.81 -28.85
CA GLN D 330 -16.26 10.38 -29.62
C GLN D 330 -15.84 11.76 -29.06
N GLY D 331 -16.79 12.67 -28.87
CA GLY D 331 -16.49 14.01 -28.30
C GLY D 331 -15.84 13.96 -26.92
N ARG D 332 -16.26 12.99 -26.11
CA ARG D 332 -15.69 12.82 -24.77
C ARG D 332 -14.24 12.41 -24.81
N LEU D 333 -13.83 11.76 -25.89
CA LEU D 333 -12.45 11.31 -26.04
C LEU D 333 -11.48 12.48 -26.06
N PHE D 334 -11.99 13.65 -26.42
CA PHE D 334 -11.20 14.87 -26.39
C PHE D 334 -11.33 15.62 -25.06
N ALA D 335 -12.57 15.86 -24.65
CA ALA D 335 -12.91 16.84 -23.61
C ALA D 335 -12.30 16.59 -22.23
N TYR D 336 -12.23 15.34 -21.80
CA TYR D 336 -11.84 15.03 -20.42
C TYR D 336 -10.38 15.29 -20.11
N GLY D 337 -9.49 14.71 -20.90
CA GLY D 337 -8.06 14.94 -20.74
C GLY D 337 -7.78 16.43 -20.87
N ASP D 338 -8.49 17.10 -21.80
CA ASP D 338 -8.39 18.56 -21.97
C ASP D 338 -8.81 19.34 -20.71
N ALA D 339 -10.03 19.08 -20.24
CA ALA D 339 -10.54 19.65 -18.98
C ALA D 339 -9.63 19.35 -17.78
N GLN D 340 -9.09 18.14 -17.74
CA GLN D 340 -8.29 17.69 -16.59
C GLN D 340 -6.89 18.31 -16.53
N ARG D 341 -6.24 18.45 -17.68
CA ARG D 341 -4.95 19.15 -17.73
C ARG D 341 -5.06 20.61 -17.31
N TYR D 342 -6.14 21.29 -17.71
CA TYR D 342 -6.45 22.63 -17.21
C TYR D 342 -6.74 22.64 -15.71
N ARG D 343 -7.66 21.78 -15.27
CA ARG D 343 -8.12 21.78 -13.88
C ARG D 343 -7.01 21.36 -12.89
N LEU D 344 -6.26 20.32 -13.26
CA LEU D 344 -5.35 19.67 -12.33
C LEU D 344 -3.86 19.79 -12.63
N GLY D 345 -3.49 20.37 -13.77
CA GLY D 345 -2.10 20.39 -14.23
C GLY D 345 -1.76 19.28 -15.19
N VAL D 346 -0.82 19.53 -16.10
CA VAL D 346 -0.41 18.53 -17.07
C VAL D 346 0.03 17.20 -16.44
N ASN D 347 0.65 17.28 -15.25
CA ASN D 347 1.22 16.08 -14.60
C ASN D 347 0.32 15.46 -13.53
N HIS D 348 -0.99 15.71 -13.62
CA HIS D 348 -1.97 15.18 -12.66
C HIS D 348 -1.99 13.67 -12.54
N GLN D 349 -1.44 12.96 -13.51
CA GLN D 349 -1.44 11.53 -13.38
C GLN D 349 -0.38 11.02 -12.40
N HIS D 350 0.42 11.94 -11.86
CA HIS D 350 1.30 11.63 -10.72
C HIS D 350 0.61 11.86 -9.36
N ILE D 351 -0.60 12.40 -9.36
CA ILE D 351 -1.41 12.46 -8.12
C ILE D 351 -1.79 11.00 -7.76
N PRO D 352 -1.50 10.53 -6.52
CA PRO D 352 -1.72 9.11 -6.17
C PRO D 352 -3.03 8.45 -6.65
N VAL D 353 -4.18 9.12 -6.49
CA VAL D 353 -5.45 8.50 -6.91
C VAL D 353 -5.48 8.22 -8.44
N ASN D 354 -4.78 9.04 -9.22
CA ASN D 354 -4.81 8.91 -10.68
C ASN D 354 -3.70 8.04 -11.25
N ALA D 355 -2.73 7.68 -10.42
CA ALA D 355 -1.58 6.89 -10.85
C ALA D 355 -1.96 5.44 -11.15
N PRO D 356 -1.33 4.84 -12.16
CA PRO D 356 -1.57 3.40 -12.37
C PRO D 356 -0.88 2.55 -11.29
N ARG D 357 -1.38 1.33 -11.07
CA ARG D 357 -0.77 0.36 -10.15
C ARG D 357 -0.25 -0.82 -10.96
N CYS D 358 0.36 -0.48 -12.10
CA CYS D 358 0.90 -1.48 -13.02
C CYS D 358 2.09 -0.81 -13.67
N PRO D 359 2.87 -1.56 -14.50
CA PRO D 359 4.03 -0.94 -15.14
C PRO D 359 3.60 0.28 -15.98
N VAL D 360 4.26 1.42 -15.79
CA VAL D 360 3.98 2.64 -16.56
C VAL D 360 5.32 3.24 -17.03
N HIS D 361 5.36 3.68 -18.29
CA HIS D 361 6.56 4.26 -18.87
C HIS D 361 6.02 5.17 -19.97
N SER D 362 5.63 6.38 -19.55
CA SER D 362 4.68 7.18 -20.32
C SER D 362 5.28 8.26 -21.22
N TYR D 363 6.61 8.40 -21.21
CA TYR D 363 7.32 9.21 -22.20
C TYR D 363 7.27 10.74 -22.01
N HIS D 364 6.10 11.31 -21.71
CA HIS D 364 5.96 12.78 -21.64
C HIS D 364 6.98 13.36 -20.66
N ARG D 365 7.57 14.48 -21.05
CA ARG D 365 8.66 15.10 -20.27
C ARG D 365 8.26 16.46 -19.73
N ASP D 366 8.95 16.88 -18.66
CA ASP D 366 8.86 18.25 -18.13
C ASP D 366 7.44 18.60 -17.71
N GLY D 367 6.98 19.82 -18.01
CA GLY D 367 5.69 20.28 -17.51
C GLY D 367 5.71 20.69 -16.04
N ALA D 368 4.69 21.44 -15.64
CA ALA D 368 4.63 22.03 -14.29
C ALA D 368 4.59 20.97 -13.18
N MET D 369 5.21 21.28 -12.04
CA MET D 369 5.21 20.40 -10.87
C MET D 369 5.63 18.96 -11.17
N ARG D 370 6.85 18.82 -11.68
CA ARG D 370 7.37 17.54 -12.11
C ARG D 370 8.11 16.89 -10.93
N VAL D 371 7.51 15.86 -10.35
CA VAL D 371 8.00 15.29 -9.08
C VAL D 371 8.51 13.85 -9.15
N ASP D 372 8.30 13.21 -10.31
CA ASP D 372 8.56 11.77 -10.46
C ASP D 372 10.00 11.46 -10.89
N GLY D 373 10.83 12.50 -11.00
CA GLY D 373 12.18 12.35 -11.53
C GLY D 373 12.36 12.57 -13.04
N ASN D 374 11.24 12.65 -13.78
CA ASN D 374 11.25 13.01 -15.21
C ASN D 374 12.08 12.05 -16.08
N PHE D 375 12.10 10.78 -15.67
CA PHE D 375 12.92 9.73 -16.29
C PHE D 375 14.43 9.98 -16.25
N GLY D 376 14.90 10.83 -15.33
CA GLY D 376 16.32 11.18 -15.26
C GLY D 376 16.97 11.58 -16.57
N SER D 377 18.08 10.93 -16.89
CA SER D 377 18.88 11.24 -18.08
C SER D 377 18.35 10.54 -19.35
N THR D 378 17.30 9.73 -19.22
CA THR D 378 16.75 8.99 -20.33
C THR D 378 16.53 9.89 -21.55
N LEU D 379 17.02 9.46 -22.71
CA LEU D 379 16.78 10.21 -23.96
C LEU D 379 15.28 10.35 -24.27
N GLY D 380 14.92 11.39 -25.04
CA GLY D 380 13.51 11.73 -25.19
C GLY D 380 12.86 11.57 -26.54
N TYR D 381 13.56 10.90 -27.47
CA TYR D 381 13.11 10.83 -28.85
C TYR D 381 12.99 9.38 -29.30
N GLU D 382 12.02 9.12 -30.17
CA GLU D 382 11.87 7.79 -30.76
C GLU D 382 11.47 7.96 -32.23
N PRO D 383 12.08 7.20 -33.17
CA PRO D 383 13.08 6.12 -33.01
C PRO D 383 14.42 6.59 -32.47
N ASN D 384 15.13 5.66 -31.82
CA ASN D 384 16.43 5.93 -31.22
C ASN D 384 17.23 4.63 -31.20
N ASP D 385 18.53 4.72 -30.95
CA ASP D 385 19.41 3.55 -31.06
C ASP D 385 19.51 2.73 -29.77
N GLN D 386 18.69 3.08 -28.79
CA GLN D 386 18.63 2.40 -27.49
C GLN D 386 17.42 1.45 -27.33
N GLY D 387 16.52 1.44 -28.31
CA GLY D 387 15.29 0.67 -28.19
C GLY D 387 14.36 1.25 -27.13
N GLN D 388 14.59 2.53 -26.78
CA GLN D 388 13.82 3.21 -25.75
C GLN D 388 12.46 3.66 -26.29
N TRP D 389 11.46 3.68 -25.41
CA TRP D 389 10.07 4.06 -25.73
C TRP D 389 9.48 3.17 -26.82
N ALA D 390 9.76 1.88 -26.74
CA ALA D 390 9.37 0.91 -27.76
C ALA D 390 7.86 0.70 -27.74
N GLU D 391 7.21 0.89 -28.89
CA GLU D 391 5.78 0.61 -29.02
C GLU D 391 5.51 -0.89 -28.86
N GLN D 392 4.23 -1.22 -28.59
CA GLN D 392 3.81 -2.58 -28.28
C GLN D 392 2.79 -3.07 -29.32
N PRO D 393 3.28 -3.47 -30.52
CA PRO D 393 2.39 -3.79 -31.63
C PRO D 393 1.44 -4.97 -31.37
N ASP D 394 1.80 -5.85 -30.44
CA ASP D 394 0.95 -6.98 -30.05
C ASP D 394 -0.41 -6.53 -29.53
N PHE D 395 -0.48 -5.29 -29.04
CA PHE D 395 -1.73 -4.77 -28.48
C PHE D 395 -2.61 -4.02 -29.48
N SER D 396 -2.22 -4.06 -30.75
CA SER D 396 -2.91 -3.35 -31.83
C SER D 396 -4.38 -3.82 -31.99
N GLU D 397 -5.30 -2.87 -32.15
CA GLU D 397 -6.74 -3.16 -32.36
C GLU D 397 -7.01 -3.49 -33.83
N PRO D 398 -8.08 -4.24 -34.12
CA PRO D 398 -8.42 -4.47 -35.53
C PRO D 398 -8.91 -3.18 -36.17
N PRO D 399 -8.74 -3.05 -37.50
CA PRO D 399 -9.34 -1.90 -38.19
C PRO D 399 -10.86 -1.90 -38.07
N LEU D 400 -11.46 -0.71 -38.15
CA LEU D 400 -12.91 -0.57 -38.19
C LEU D 400 -13.31 -0.19 -39.61
N ASN D 401 -14.16 -1.00 -40.23
CA ASN D 401 -14.67 -0.70 -41.56
C ASN D 401 -15.49 0.59 -41.59
N LEU D 402 -15.29 1.34 -42.68
CA LEU D 402 -15.90 2.65 -42.86
C LEU D 402 -16.69 2.68 -44.16
N ASP D 403 -17.67 3.59 -44.23
CA ASP D 403 -18.42 3.81 -45.46
C ASP D 403 -19.04 5.21 -45.49
N GLY D 404 -18.77 5.96 -46.55
CA GLY D 404 -19.39 7.27 -46.77
C GLY D 404 -18.39 8.42 -46.67
N ALA D 405 -18.76 9.59 -47.18
CA ALA D 405 -17.87 10.75 -47.22
C ALA D 405 -17.69 11.43 -45.84
N ALA D 406 -16.56 12.11 -45.67
CA ALA D 406 -16.33 13.02 -44.55
C ALA D 406 -17.33 14.16 -44.67
N ALA D 407 -18.19 14.31 -43.66
CA ALA D 407 -19.28 15.28 -43.68
C ALA D 407 -19.87 15.48 -42.27
N HIS D 408 -20.63 16.56 -42.10
CA HIS D 408 -21.42 16.76 -40.89
C HIS D 408 -22.78 16.11 -41.12
N TRP D 409 -22.86 14.80 -40.94
CA TRP D 409 -24.09 14.05 -41.20
C TRP D 409 -25.18 14.39 -40.18
N ASP D 410 -26.37 14.70 -40.69
CA ASP D 410 -27.48 15.16 -39.87
C ASP D 410 -28.11 13.97 -39.13
N HIS D 411 -28.03 14.01 -37.80
CA HIS D 411 -28.55 12.92 -36.96
C HIS D 411 -30.06 12.89 -36.97
N ARG D 412 -30.68 14.00 -37.37
CA ARG D 412 -32.13 14.10 -37.46
C ARG D 412 -32.73 13.30 -38.64
N GLU D 413 -31.86 12.64 -39.42
CA GLU D 413 -32.29 11.61 -40.36
C GLU D 413 -33.06 10.51 -39.59
N ASP D 414 -32.67 10.27 -38.35
CA ASP D 414 -33.37 9.35 -37.46
C ASP D 414 -34.34 10.14 -36.59
N GLU D 415 -35.63 10.10 -36.95
CA GLU D 415 -36.64 10.85 -36.20
C GLU D 415 -37.38 10.03 -35.15
N ASP D 416 -36.85 8.84 -34.83
CA ASP D 416 -37.41 8.03 -33.74
C ASP D 416 -37.07 8.71 -32.39
N TYR D 417 -37.81 9.77 -32.08
CA TYR D 417 -37.59 10.53 -30.85
C TYR D 417 -38.47 10.07 -29.68
N PHE D 418 -39.59 9.44 -30.02
CA PHE D 418 -40.68 9.28 -29.05
C PHE D 418 -40.99 7.84 -28.63
N SER D 419 -40.54 6.85 -29.39
CA SER D 419 -40.96 5.47 -29.14
C SER D 419 -40.43 4.88 -27.84
N GLN D 420 -39.15 5.09 -27.54
CA GLN D 420 -38.57 4.57 -26.31
C GLN D 420 -39.05 5.28 -25.02
N PRO D 421 -39.21 6.62 -25.06
CA PRO D 421 -39.92 7.30 -23.96
C PRO D 421 -41.34 6.77 -23.76
N GLY D 422 -42.08 6.54 -24.86
CA GLY D 422 -43.43 5.99 -24.81
C GLY D 422 -43.47 4.60 -24.20
N ASP D 423 -42.48 3.77 -24.56
CA ASP D 423 -42.30 2.44 -23.94
C ASP D 423 -42.07 2.53 -22.43
N LEU D 424 -41.17 3.43 -22.02
CA LEU D 424 -40.83 3.59 -20.60
C LEU D 424 -42.03 4.01 -19.75
N PHE D 425 -42.78 4.99 -20.27
CA PHE D 425 -44.03 5.43 -19.70
C PHE D 425 -45.03 4.27 -19.59
N GLY D 426 -45.13 3.46 -20.64
CA GLY D 426 -46.03 2.31 -20.66
C GLY D 426 -45.75 1.27 -19.58
N LEU D 427 -44.52 1.24 -19.09
CA LEU D 427 -44.08 0.30 -18.04
C LEU D 427 -44.36 0.81 -16.63
N MET D 428 -44.75 2.07 -16.51
CA MET D 428 -44.99 2.70 -15.21
C MET D 428 -46.38 2.37 -14.68
N THR D 429 -46.43 2.09 -13.39
CA THR D 429 -47.69 2.02 -12.65
C THR D 429 -48.43 3.35 -12.74
N ALA D 430 -49.73 3.33 -12.46
CA ALA D 430 -50.54 4.55 -12.39
C ALA D 430 -49.94 5.58 -11.42
N GLU D 431 -49.43 5.09 -10.29
CA GLU D 431 -48.79 5.95 -9.30
C GLU D 431 -47.51 6.62 -9.84
N LYS D 432 -46.66 5.83 -10.51
CA LYS D 432 -45.42 6.36 -11.08
C LYS D 432 -45.69 7.37 -12.20
N GLN D 433 -46.74 7.10 -12.96
CA GLN D 433 -47.20 8.07 -13.96
C GLN D 433 -47.64 9.38 -13.30
N ALA D 434 -48.44 9.28 -12.23
CA ALA D 434 -48.89 10.47 -11.51
C ALA D 434 -47.72 11.31 -10.98
N ILE D 435 -46.68 10.65 -10.46
CA ILE D 435 -45.47 11.32 -9.97
C ILE D 435 -44.76 12.08 -11.12
N LEU D 436 -44.62 11.40 -12.26
CA LEU D 436 -44.07 11.97 -13.49
C LEU D 436 -44.83 13.23 -13.94
N PHE D 437 -46.16 13.15 -13.95
CA PHE D 437 -47.02 14.27 -14.38
C PHE D 437 -46.82 15.46 -13.45
N ASP D 438 -46.88 15.19 -12.15
CA ASP D 438 -46.74 16.20 -11.09
C ASP D 438 -45.35 16.85 -11.16
N ASN D 439 -44.31 16.02 -11.20
CA ASN D 439 -42.92 16.51 -11.29
C ASN D 439 -42.70 17.42 -12.49
N THR D 440 -43.23 17.01 -13.64
CA THR D 440 -43.09 17.77 -14.87
C THR D 440 -43.85 19.08 -14.84
N ALA D 441 -45.12 19.03 -14.43
CA ALA D 441 -45.97 20.23 -14.37
C ALA D 441 -45.39 21.30 -13.45
N ARG D 442 -44.93 20.86 -12.28
CA ARG D 442 -44.29 21.75 -11.30
C ARG D 442 -42.94 22.28 -11.78
N ASN D 443 -42.20 21.46 -12.53
CA ASN D 443 -40.93 21.90 -13.11
C ASN D 443 -41.15 22.92 -14.22
N LEU D 444 -42.30 22.85 -14.88
CA LEU D 444 -42.66 23.78 -15.95
C LEU D 444 -43.36 25.06 -15.45
N ASN D 445 -43.48 25.19 -14.12
CA ASN D 445 -44.05 26.39 -13.53
C ASN D 445 -43.27 27.65 -13.88
N GLY D 446 -43.98 28.66 -14.38
CA GLY D 446 -43.35 29.89 -14.79
C GLY D 446 -42.71 29.86 -16.17
N VAL D 447 -42.65 28.69 -16.80
CA VAL D 447 -42.06 28.55 -18.15
C VAL D 447 -43.07 29.08 -19.19
N PRO D 448 -42.62 29.91 -20.17
CA PRO D 448 -43.53 30.47 -21.18
C PRO D 448 -44.44 29.40 -21.83
N LYS D 449 -45.72 29.73 -22.00
CA LYS D 449 -46.72 28.73 -22.40
C LYS D 449 -46.35 27.97 -23.68
N GLU D 450 -45.79 28.67 -24.66
CA GLU D 450 -45.41 28.04 -25.92
C GLU D 450 -44.33 26.98 -25.75
N ILE D 451 -43.45 27.18 -24.77
CA ILE D 451 -42.43 26.17 -24.43
C ILE D 451 -43.10 24.98 -23.72
N GLN D 452 -43.98 25.25 -22.75
CA GLN D 452 -44.73 24.18 -22.07
C GLN D 452 -45.43 23.27 -23.10
N LEU D 453 -46.13 23.90 -24.02
CA LEU D 453 -46.90 23.23 -25.07
C LEU D 453 -46.00 22.36 -25.96
N ARG D 454 -44.76 22.83 -26.22
CA ARG D 454 -43.78 22.04 -26.97
C ARG D 454 -43.42 20.71 -26.30
N HIS D 455 -43.24 20.76 -24.97
CA HIS D 455 -42.95 19.55 -24.20
C HIS D 455 -44.17 18.62 -24.16
N VAL D 456 -45.32 19.17 -23.83
CA VAL D 456 -46.55 18.38 -23.75
C VAL D 456 -46.83 17.69 -25.11
N THR D 457 -46.60 18.42 -26.20
CA THR D 457 -46.72 17.86 -27.56
C THR D 457 -45.80 16.65 -27.73
N HIS D 458 -44.54 16.78 -27.31
CA HIS D 458 -43.60 15.66 -27.38
C HIS D 458 -44.04 14.46 -26.52
N CYS D 459 -44.54 14.78 -25.32
CA CYS D 459 -45.03 13.76 -24.40
C CYS D 459 -46.25 13.06 -25.02
N TYR D 460 -47.10 13.84 -25.69
CA TYR D 460 -48.28 13.31 -26.39
C TYR D 460 -47.91 12.31 -27.48
N LYS D 461 -46.89 12.65 -28.27
CA LYS D 461 -46.39 11.78 -29.33
C LYS D 461 -45.74 10.50 -28.82
N ALA D 462 -45.14 10.57 -27.63
CA ALA D 462 -44.63 9.37 -26.95
C ALA D 462 -45.77 8.43 -26.51
N ASP D 463 -46.82 9.03 -25.92
CA ASP D 463 -48.04 8.29 -25.52
C ASP D 463 -49.10 9.34 -25.22
N PRO D 464 -50.29 9.23 -25.86
CA PRO D 464 -51.36 10.21 -25.63
C PRO D 464 -51.67 10.48 -24.15
N ALA D 465 -51.57 9.45 -23.31
CA ALA D 465 -51.86 9.56 -21.88
C ALA D 465 -50.77 10.34 -21.14
N TYR D 466 -49.54 10.24 -21.64
CA TYR D 466 -48.38 10.97 -21.12
C TYR D 466 -48.57 12.48 -21.33
N GLY D 467 -48.80 12.87 -22.58
CA GLY D 467 -49.17 14.25 -22.91
C GLY D 467 -50.35 14.77 -22.11
N GLU D 468 -51.44 13.99 -22.08
CA GLU D 468 -52.67 14.43 -21.40
C GLU D 468 -52.50 14.59 -19.89
N GLY D 469 -51.68 13.72 -19.27
CA GLY D 469 -51.43 13.80 -17.83
C GLY D 469 -50.89 15.15 -17.36
N ILE D 470 -49.92 15.68 -18.13
CA ILE D 470 -49.33 16.99 -17.85
C ILE D 470 -50.29 18.08 -18.33
N GLY D 471 -50.87 17.87 -19.50
CA GLY D 471 -51.79 18.83 -20.10
C GLY D 471 -52.90 19.22 -19.15
N LYS D 472 -53.47 18.23 -18.46
CA LYS D 472 -54.55 18.47 -17.51
C LYS D 472 -54.10 19.37 -16.37
N LEU D 473 -52.96 19.01 -15.78
CA LEU D 473 -52.40 19.71 -14.63
C LEU D 473 -52.09 21.17 -14.94
N LEU D 474 -51.73 21.44 -16.19
CA LEU D 474 -51.38 22.79 -16.64
C LEU D 474 -52.59 23.60 -17.13
N GLY D 475 -53.74 22.94 -17.23
CA GLY D 475 -54.98 23.60 -17.63
C GLY D 475 -55.17 23.74 -19.13
N PHE D 476 -54.43 22.95 -19.90
CA PHE D 476 -54.52 22.98 -21.37
C PHE D 476 -55.65 22.10 -21.89
N ASP D 477 -56.27 22.52 -23.01
CA ASP D 477 -57.21 21.68 -23.75
C ASP D 477 -56.43 20.73 -24.66
N ILE D 478 -56.93 19.50 -24.80
CA ILE D 478 -56.28 18.47 -25.61
C ILE D 478 -55.97 18.91 -27.04
N SER D 479 -56.78 19.79 -27.61
CA SER D 479 -56.56 20.26 -28.97
C SER D 479 -55.32 21.14 -29.10
N GLU D 480 -54.82 21.66 -27.97
CA GLU D 480 -53.61 22.49 -27.98
C GLU D 480 -52.31 21.69 -28.22
N TYR D 481 -52.35 20.38 -28.00
CA TYR D 481 -51.14 19.56 -28.06
C TYR D 481 -51.31 18.20 -28.76
N ASN D 482 -52.53 17.90 -29.21
CA ASN D 482 -52.82 16.61 -29.86
C ASN D 482 -52.51 16.55 -31.37
N SER D 483 -51.99 17.64 -31.90
CA SER D 483 -51.53 17.67 -33.28
C SER D 483 -50.04 18.01 -33.30
N SER E 2 -0.13 -52.86 37.61
CA SER E 2 -1.58 -52.66 37.91
C SER E 2 -2.39 -52.44 36.65
N LYS E 3 -3.67 -52.81 36.69
CA LYS E 3 -4.59 -52.58 35.57
C LYS E 3 -5.56 -51.42 35.85
N LYS E 4 -5.44 -50.80 37.02
CA LYS E 4 -6.33 -49.71 37.45
C LYS E 4 -6.13 -48.44 36.61
N LEU E 5 -7.24 -47.84 36.19
CA LEU E 5 -7.21 -46.74 35.25
C LEU E 5 -6.95 -45.43 35.97
N THR E 6 -6.05 -44.61 35.42
CA THR E 6 -5.81 -43.28 35.95
C THR E 6 -5.90 -42.27 34.81
N THR E 7 -5.93 -40.98 35.17
CA THR E 7 -5.73 -39.91 34.19
C THR E 7 -4.22 -39.82 33.85
N ALA E 8 -3.88 -38.97 32.89
CA ALA E 8 -2.47 -38.79 32.50
C ALA E 8 -1.60 -38.23 33.64
N ALA E 9 -2.26 -37.52 34.57
CA ALA E 9 -1.62 -36.97 35.76
C ALA E 9 -1.60 -37.94 36.95
N GLY E 10 -2.19 -39.12 36.76
CA GLY E 10 -2.17 -40.19 37.74
C GLY E 10 -3.27 -40.22 38.79
N CYS E 11 -4.33 -39.43 38.58
CA CYS E 11 -5.52 -39.44 39.45
C CYS E 11 -6.37 -40.66 39.10
N PRO E 12 -6.86 -41.42 40.11
CA PRO E 12 -7.76 -42.54 39.82
C PRO E 12 -9.00 -42.08 39.02
N VAL E 13 -9.41 -42.92 38.06
CA VAL E 13 -10.63 -42.65 37.29
C VAL E 13 -11.75 -43.54 37.82
N ALA E 14 -12.76 -42.90 38.40
CA ALA E 14 -13.89 -43.57 39.03
C ALA E 14 -14.97 -44.03 38.04
N HIS E 15 -15.12 -43.29 36.93
CA HIS E 15 -16.24 -43.48 36.00
C HIS E 15 -15.78 -43.48 34.55
N ASN E 16 -15.71 -44.68 33.98
CA ASN E 16 -15.29 -44.83 32.59
C ASN E 16 -16.42 -45.40 31.69
N GLN E 17 -17.65 -45.48 32.23
CA GLN E 17 -18.80 -46.01 31.48
C GLN E 17 -19.91 -44.98 31.21
N ASN E 18 -20.06 -44.00 32.11
CA ASN E 18 -21.13 -43.00 32.04
C ASN E 18 -20.59 -41.59 32.24
N VAL E 19 -20.98 -40.69 31.34
CA VAL E 19 -20.63 -39.27 31.51
C VAL E 19 -21.49 -38.63 32.60
N GLN E 20 -21.00 -37.52 33.14
CA GLN E 20 -21.72 -36.74 34.14
C GLN E 20 -22.75 -35.85 33.44
N THR E 21 -24.02 -35.96 33.85
CA THR E 21 -25.11 -35.16 33.25
C THR E 21 -25.92 -34.46 34.35
N ALA E 22 -26.61 -33.38 33.98
CA ALA E 22 -27.52 -32.71 34.90
C ALA E 22 -28.81 -33.51 35.01
N GLY E 23 -28.80 -34.54 35.87
CA GLY E 23 -29.93 -35.45 36.01
C GLY E 23 -29.92 -36.56 34.97
N LYS E 24 -30.68 -37.62 35.25
CA LYS E 24 -30.76 -38.83 34.42
C LYS E 24 -30.88 -38.57 32.92
N ARG E 25 -31.73 -37.61 32.54
CA ARG E 25 -32.05 -37.39 31.14
C ARG E 25 -31.68 -35.97 30.73
N GLY E 26 -30.74 -35.37 31.45
CA GLY E 26 -30.25 -34.03 31.14
C GLY E 26 -28.96 -33.99 30.32
N PRO E 27 -28.56 -32.79 29.89
CA PRO E 27 -27.36 -32.57 29.09
C PRO E 27 -26.08 -32.83 29.90
N GLN E 28 -24.97 -33.02 29.16
CA GLN E 28 -23.69 -33.37 29.74
C GLN E 28 -23.04 -32.14 30.35
N LEU E 29 -22.30 -32.37 31.43
CA LEU E 29 -21.67 -31.31 32.18
C LEU E 29 -20.24 -31.21 31.76
N LEU E 30 -19.78 -29.98 31.56
CA LEU E 30 -18.41 -29.70 31.17
C LEU E 30 -17.38 -30.27 32.16
N GLN E 31 -17.75 -30.38 33.44
CA GLN E 31 -16.82 -30.75 34.50
C GLN E 31 -16.49 -32.25 34.57
N ASP E 32 -17.00 -33.04 33.61
CA ASP E 32 -16.54 -34.40 33.41
C ASP E 32 -15.19 -34.31 32.71
N VAL E 33 -14.15 -34.08 33.51
CA VAL E 33 -12.83 -33.76 32.96
C VAL E 33 -12.18 -35.01 32.39
N TRP E 34 -12.52 -36.18 32.91
CA TRP E 34 -12.04 -37.43 32.30
C TRP E 34 -12.58 -37.57 30.88
N PHE E 35 -13.86 -37.24 30.67
CA PHE E 35 -14.40 -37.25 29.30
C PHE E 35 -13.57 -36.36 28.36
N LEU E 36 -13.34 -35.12 28.78
CA LEU E 36 -12.56 -34.18 27.97
C LEU E 36 -11.17 -34.69 27.66
N GLU E 37 -10.46 -35.20 28.67
CA GLU E 37 -9.09 -35.68 28.47
C GLU E 37 -9.06 -36.90 27.54
N LYS E 38 -9.92 -37.87 27.80
CA LYS E 38 -9.91 -39.12 27.05
C LYS E 38 -10.22 -38.87 25.57
N LEU E 39 -11.20 -38.00 25.31
CA LEU E 39 -11.57 -37.70 23.94
C LEU E 39 -10.54 -36.81 23.26
N ALA E 40 -9.96 -35.87 24.01
CA ALA E 40 -8.95 -35.00 23.40
C ALA E 40 -7.65 -35.75 23.04
N HIS E 41 -7.26 -36.76 23.81
CA HIS E 41 -6.13 -37.61 23.43
C HIS E 41 -6.50 -38.48 22.23
N PHE E 42 -7.70 -39.07 22.28
CA PHE E 42 -8.26 -39.81 21.14
C PHE E 42 -8.24 -39.00 19.84
N ASP E 43 -8.69 -37.75 19.92
CA ASP E 43 -8.75 -36.85 18.76
C ASP E 43 -7.37 -36.56 18.12
N ARG E 44 -6.29 -36.92 18.83
CA ARG E 44 -4.91 -36.62 18.41
C ARG E 44 -4.03 -37.86 18.19
N GLU E 45 -4.64 -39.03 18.10
CA GLU E 45 -3.89 -40.27 17.89
C GLU E 45 -3.09 -40.30 16.58
N VAL E 46 -3.63 -39.65 15.54
CA VAL E 46 -3.11 -39.78 14.19
C VAL E 46 -2.05 -38.71 13.88
N ILE E 47 -0.96 -39.16 13.27
CA ILE E 47 0.07 -38.27 12.73
C ILE E 47 0.07 -38.48 11.21
N PRO E 48 0.70 -37.58 10.43
CA PRO E 48 0.72 -37.77 8.98
C PRO E 48 1.43 -39.07 8.60
N GLU E 49 0.89 -39.78 7.60
CA GLU E 49 1.58 -40.94 7.05
C GLU E 49 2.79 -40.47 6.23
N ARG E 50 3.71 -41.39 5.94
CA ARG E 50 4.83 -41.11 5.07
C ARG E 50 4.33 -40.66 3.70
N ARG E 51 5.00 -39.68 3.10
CA ARG E 51 4.66 -39.17 1.76
C ARG E 51 4.91 -40.23 0.69
N OMT E 52 5.80 -41.16 0.98
CA OMT E 52 6.08 -42.29 0.10
CB OMT E 52 7.30 -41.95 -0.77
CG OMT E 52 7.38 -42.75 -2.09
SD OMT E 52 6.54 -42.02 -3.33
CE OMT E 52 7.19 -42.43 -4.82
C OMT E 52 6.31 -43.46 1.01
O OMT E 52 6.81 -43.29 2.14
OD1 OMT E 52 5.19 -42.47 -3.32
OD2 OMT E 52 6.56 -40.58 -3.17
N HIS E 53 5.95 -44.66 0.54
CA HIS E 53 6.06 -45.92 1.31
C HIS E 53 5.24 -45.93 2.61
N ALA E 54 4.04 -45.35 2.56
CA ALA E 54 3.16 -45.19 3.74
C ALA E 54 2.72 -46.51 4.38
N LYS E 55 2.66 -47.57 3.57
CA LYS E 55 2.18 -48.88 3.98
C LYS E 55 3.35 -49.83 4.14
N GLY E 56 3.53 -50.37 5.35
CA GLY E 56 4.68 -51.19 5.65
C GLY E 56 4.57 -52.06 6.89
N SER E 57 5.60 -52.90 7.07
CA SER E 57 5.70 -53.86 8.16
C SER E 57 7.13 -53.84 8.62
N GLY E 58 7.36 -54.02 9.92
CA GLY E 58 8.71 -53.98 10.46
C GLY E 58 9.02 -55.06 11.48
N ALA E 59 10.31 -55.33 11.66
CA ALA E 59 10.77 -56.33 12.64
C ALA E 59 12.20 -56.04 13.07
N TYR E 60 12.52 -56.44 14.30
CA TYR E 60 13.90 -56.39 14.79
C TYR E 60 14.69 -57.64 14.42
N GLY E 61 16.01 -57.49 14.30
CA GLY E 61 16.88 -58.60 13.97
C GLY E 61 18.34 -58.43 14.39
N THR E 62 19.20 -59.26 13.82
CA THR E 62 20.62 -59.28 14.13
C THR E 62 21.40 -59.49 12.86
N PHE E 63 22.37 -58.59 12.62
CA PHE E 63 23.36 -58.76 11.57
C PHE E 63 24.62 -59.43 12.15
N THR E 64 25.13 -60.44 11.46
CA THR E 64 26.39 -61.11 11.85
C THR E 64 27.39 -61.07 10.71
N VAL E 65 28.60 -60.63 11.02
CA VAL E 65 29.69 -60.63 10.04
C VAL E 65 30.13 -62.08 9.80
N THR E 66 30.29 -62.46 8.53
CA THR E 66 30.80 -63.79 8.21
C THR E 66 32.17 -63.76 7.49
N HIS E 67 32.49 -62.63 6.86
CA HIS E 67 33.71 -62.48 6.06
C HIS E 67 34.40 -61.16 6.34
N ASP E 68 35.68 -61.08 6.01
CA ASP E 68 36.53 -59.93 6.29
C ASP E 68 36.60 -59.01 5.06
N ILE E 69 35.93 -57.86 5.15
CA ILE E 69 36.06 -56.80 4.13
C ILE E 69 36.77 -55.56 4.67
N THR E 70 37.58 -55.72 5.71
CA THR E 70 38.23 -54.57 6.40
C THR E 70 39.35 -53.92 5.60
N LYS E 71 39.79 -54.57 4.52
CA LYS E 71 40.70 -53.95 3.57
C LYS E 71 40.06 -52.71 2.95
N TYR E 72 38.73 -52.74 2.81
CA TYR E 72 38.01 -51.70 2.09
C TYR E 72 37.27 -50.69 2.99
N THR E 73 36.91 -51.11 4.20
CA THR E 73 36.16 -50.24 5.11
C THR E 73 36.58 -50.40 6.57
N LYS E 74 36.64 -49.28 7.29
CA LYS E 74 36.90 -49.26 8.73
C LYS E 74 35.63 -49.30 9.58
N ALA E 75 34.47 -49.45 8.94
CA ALA E 75 33.18 -49.47 9.65
C ALA E 75 33.18 -50.51 10.76
N LYS E 76 32.95 -50.07 11.99
CA LYS E 76 32.97 -50.95 13.16
C LYS E 76 32.00 -52.12 13.06
N ILE E 77 30.87 -51.89 12.40
CA ILE E 77 29.89 -52.97 12.17
C ILE E 77 30.53 -54.19 11.47
N PHE E 78 31.57 -53.95 10.69
CA PHE E 78 32.21 -55.01 9.88
C PHE E 78 33.61 -55.46 10.38
N SER E 79 34.00 -55.03 11.57
CA SER E 79 35.41 -55.11 12.01
C SER E 79 35.95 -56.51 12.32
N ASP E 80 35.09 -57.45 12.66
CA ASP E 80 35.51 -58.80 13.09
C ASP E 80 34.52 -59.85 12.65
N ILE E 81 35.02 -60.96 12.12
CA ILE E 81 34.14 -62.09 11.78
C ILE E 81 33.37 -62.53 13.04
N GLY E 82 32.07 -62.79 12.88
CA GLY E 82 31.18 -63.16 13.98
C GLY E 82 30.61 -62.02 14.84
N LYS E 83 31.02 -60.79 14.56
CA LYS E 83 30.49 -59.61 15.25
C LYS E 83 28.99 -59.44 14.97
N LYS E 84 28.22 -59.30 16.04
CA LYS E 84 26.77 -59.17 15.97
C LYS E 84 26.33 -57.74 16.28
N THR E 85 25.36 -57.25 15.49
CA THR E 85 24.82 -55.90 15.63
C THR E 85 23.28 -55.93 15.57
N ASP E 86 22.63 -55.34 16.57
CA ASP E 86 21.17 -55.17 16.59
C ASP E 86 20.71 -54.34 15.39
N MET E 87 19.51 -54.63 14.89
CA MET E 87 19.00 -53.94 13.73
C MET E 87 17.47 -53.93 13.71
N PHE E 88 16.93 -53.03 12.89
CA PHE E 88 15.49 -52.94 12.66
C PHE E 88 15.26 -52.82 11.14
N ALA E 89 14.22 -53.49 10.64
CA ALA E 89 13.89 -53.44 9.22
C ALA E 89 12.43 -53.07 9.01
N ARG E 90 12.17 -52.23 8.01
CA ARG E 90 10.81 -51.97 7.56
C ARG E 90 10.72 -52.26 6.07
N PHE E 91 9.74 -53.09 5.70
CA PHE E 91 9.40 -53.34 4.31
C PHE E 91 8.10 -52.63 3.99
N SER E 92 7.89 -52.29 2.73
CA SER E 92 6.75 -51.46 2.36
C SER E 92 6.46 -51.52 0.88
N THR E 93 5.23 -51.14 0.52
CA THR E 93 4.90 -50.78 -0.86
C THR E 93 5.33 -49.32 -1.07
N VAL E 94 5.02 -48.74 -2.23
CA VAL E 94 5.42 -47.37 -2.52
C VAL E 94 4.22 -46.43 -2.64
N ALA E 95 3.26 -46.81 -3.47
CA ALA E 95 2.20 -45.88 -3.86
C ALA E 95 1.02 -45.91 -2.89
N GLY E 96 0.78 -47.05 -2.27
CA GLY E 96 -0.33 -47.21 -1.32
C GLY E 96 -0.29 -46.30 -0.11
N GLU E 97 -1.46 -45.77 0.27
CA GLU E 97 -1.64 -45.08 1.55
C GLU E 97 -1.66 -46.13 2.67
N ARG E 98 -1.83 -45.64 3.89
CA ARG E 98 -2.08 -46.43 5.11
C ARG E 98 -2.89 -47.73 5.23
C ARG E 98 -3.40 -47.09 4.69
N GLY E 99 -4.00 -47.84 4.52
N GLY E 99 -3.55 -48.40 4.92
CA GLY E 99 -4.79 -49.08 4.58
C GLY E 99 -4.84 -49.70 3.20
N ALA E 100 -3.98 -49.25 2.29
CA ALA E 100 -3.96 -49.76 0.91
C ALA E 100 -3.48 -51.21 0.91
N ALA E 101 -3.81 -51.96 -0.13
CA ALA E 101 -3.47 -53.39 -0.20
C ALA E 101 -1.96 -53.63 -0.18
N ASP E 102 -1.53 -54.63 0.58
CA ASP E 102 -0.13 -55.10 0.57
C ASP E 102 0.30 -55.74 -0.75
N ALA E 103 -0.62 -56.42 -1.43
CA ALA E 103 -0.25 -57.23 -2.59
C ALA E 103 -0.51 -56.52 -3.90
N GLU E 104 0.11 -55.35 -4.07
CA GLU E 104 -0.01 -54.57 -5.29
C GLU E 104 1.25 -54.71 -6.15
N ARG E 105 1.11 -54.44 -7.45
CA ARG E 105 2.25 -54.32 -8.36
C ARG E 105 2.97 -53.00 -8.08
N ASP E 106 4.20 -53.10 -7.60
CA ASP E 106 4.91 -51.94 -7.04
C ASP E 106 6.30 -52.35 -6.61
N ILE E 107 7.20 -51.37 -6.56
CA ILE E 107 8.47 -51.53 -5.86
C ILE E 107 8.16 -51.84 -4.39
N ARG E 108 9.03 -52.60 -3.72
CA ARG E 108 8.95 -52.74 -2.27
C ARG E 108 10.14 -52.07 -1.62
N GLY E 109 9.86 -51.32 -0.56
CA GLY E 109 10.89 -50.76 0.28
C GLY E 109 11.59 -51.83 1.08
N PHE E 110 12.88 -51.64 1.30
CA PHE E 110 13.71 -52.62 2.00
C PHE E 110 14.62 -51.77 2.86
N SER E 111 14.07 -51.28 3.96
CA SER E 111 14.73 -50.25 4.75
C SER E 111 15.31 -50.84 6.03
N LEU E 112 16.60 -50.60 6.24
CA LEU E 112 17.36 -51.21 7.31
C LEU E 112 18.01 -50.18 8.23
N LYS E 113 17.90 -50.41 9.54
CA LYS E 113 18.55 -49.57 10.53
C LYS E 113 19.51 -50.42 11.36
N PHE E 114 20.80 -50.09 11.32
CA PHE E 114 21.81 -50.87 12.04
C PHE E 114 22.33 -50.09 13.25
N TYR E 115 22.05 -50.61 14.45
CA TYR E 115 22.39 -49.93 15.70
C TYR E 115 23.87 -50.17 16.06
N THR E 116 24.78 -49.51 15.35
CA THR E 116 26.22 -49.78 15.49
C THR E 116 26.83 -49.02 16.67
N GLU E 117 28.05 -49.40 17.04
CA GLU E 117 28.77 -48.77 18.14
C GLU E 117 29.25 -47.36 17.80
N GLU E 118 29.20 -46.98 16.52
CA GLU E 118 29.58 -45.64 16.09
C GLU E 118 28.42 -44.94 15.34
N GLY E 119 27.19 -45.29 15.72
CA GLY E 119 25.99 -44.60 15.23
C GLY E 119 25.00 -45.55 14.57
N ASN E 120 23.74 -45.10 14.42
CA ASN E 120 22.78 -45.83 13.61
C ASN E 120 23.10 -45.63 12.15
N TRP E 121 23.33 -46.74 11.45
CA TRP E 121 23.47 -46.71 10.00
C TRP E 121 22.11 -47.01 9.35
N ASP E 122 21.56 -46.01 8.66
CA ASP E 122 20.29 -46.19 7.94
C ASP E 122 20.58 -46.49 6.50
N LEU E 123 20.03 -47.61 6.03
CA LEU E 123 20.12 -47.95 4.63
C LEU E 123 18.71 -48.16 4.11
N ALA E 124 18.12 -47.08 3.60
CA ALA E 124 16.76 -47.15 3.03
C ALA E 124 16.84 -47.67 1.60
N GLY E 125 16.80 -49.00 1.47
CA GLY E 125 16.92 -49.65 0.16
C GLY E 125 15.58 -50.01 -0.44
N ASN E 126 15.64 -50.65 -1.60
CA ASN E 126 14.44 -51.14 -2.29
C ASN E 126 14.67 -52.59 -2.74
N ASN E 127 13.60 -53.26 -3.17
CA ASN E 127 13.71 -54.61 -3.70
C ASN E 127 14.23 -54.67 -5.15
N THR E 128 14.83 -53.56 -5.60
CA THR E 128 15.40 -53.42 -6.93
C THR E 128 16.75 -52.68 -6.83
N PRO E 129 17.73 -53.06 -7.67
CA PRO E 129 19.05 -52.42 -7.73
C PRO E 129 19.00 -51.05 -8.41
N VAL E 130 17.90 -50.75 -9.07
CA VAL E 130 17.79 -49.53 -9.87
C VAL E 130 16.50 -48.78 -9.51
N PHE E 131 16.29 -47.63 -10.14
CA PHE E 131 15.09 -46.82 -9.90
C PHE E 131 14.70 -46.11 -11.20
N PHE E 132 13.56 -45.41 -11.19
CA PHE E 132 13.03 -44.83 -12.42
C PHE E 132 13.78 -43.60 -12.92
N LEU E 133 14.42 -42.89 -12.00
CA LEU E 133 14.87 -41.52 -12.26
C LEU E 133 16.39 -41.35 -12.16
N ARG E 134 16.94 -40.39 -12.90
CA ARG E 134 18.35 -40.01 -12.75
C ARG E 134 18.55 -38.73 -11.93
N ASP E 135 17.51 -37.88 -11.86
CA ASP E 135 17.61 -36.60 -11.14
C ASP E 135 16.50 -36.45 -10.08
N PRO E 136 16.89 -36.00 -8.85
CA PRO E 136 15.95 -35.87 -7.71
C PRO E 136 14.83 -34.84 -7.88
N LEU E 137 14.99 -33.86 -8.77
CA LEU E 137 13.90 -32.94 -9.11
C LEU E 137 12.65 -33.63 -9.62
N LYS E 138 12.81 -34.83 -10.17
CA LYS E 138 11.68 -35.54 -10.76
C LYS E 138 10.92 -36.40 -9.76
N PHE E 139 11.42 -36.47 -8.53
CA PHE E 139 10.76 -37.30 -7.50
C PHE E 139 9.32 -36.89 -7.12
N PRO E 140 9.08 -35.59 -6.83
CA PRO E 140 7.68 -35.18 -6.60
C PRO E 140 6.78 -35.43 -7.83
N ASP E 141 7.33 -35.24 -9.03
CA ASP E 141 6.62 -35.59 -10.26
C ASP E 141 6.28 -37.07 -10.32
N LEU E 142 7.23 -37.93 -9.94
CA LEU E 142 6.97 -39.37 -9.85
C LEU E 142 5.81 -39.68 -8.89
N ASN E 143 5.87 -39.11 -7.70
CA ASN E 143 4.80 -39.28 -6.72
C ASN E 143 3.42 -38.88 -7.28
N HIS E 144 3.36 -37.73 -7.94
CA HIS E 144 2.10 -37.21 -8.48
C HIS E 144 1.60 -38.03 -9.67
N ALA E 145 2.51 -38.71 -10.34
CA ALA E 145 2.19 -39.56 -11.48
C ALA E 145 1.66 -40.94 -11.08
N VAL E 146 2.18 -41.51 -9.98
CA VAL E 146 1.84 -42.89 -9.58
C VAL E 146 0.72 -43.00 -8.52
N LYS E 147 0.44 -41.88 -7.83
CA LYS E 147 -0.57 -41.81 -6.79
C LYS E 147 -1.90 -41.26 -7.36
N ARG E 148 -2.75 -40.69 -6.51
CA ARG E 148 -4.10 -40.35 -6.93
C ARG E 148 -4.17 -39.05 -7.73
N ASP E 149 -4.92 -39.07 -8.84
CA ASP E 149 -5.19 -37.88 -9.63
C ASP E 149 -5.84 -36.80 -8.74
N PRO E 150 -5.45 -35.51 -8.92
CA PRO E 150 -6.04 -34.42 -8.13
C PRO E 150 -7.58 -34.35 -8.14
N ARG E 151 -8.20 -34.80 -9.22
CA ARG E 151 -9.66 -34.72 -9.37
C ARG E 151 -10.37 -36.06 -9.09
N THR E 152 -9.89 -37.13 -9.71
CA THR E 152 -10.58 -38.42 -9.60
C THR E 152 -10.36 -39.08 -8.24
N ASN E 153 -9.35 -38.60 -7.50
CA ASN E 153 -8.80 -39.28 -6.32
C ASN E 153 -8.55 -40.78 -6.51
N MET E 154 -8.22 -41.16 -7.74
CA MET E 154 -7.90 -42.53 -8.04
C MET E 154 -6.64 -42.49 -8.88
N ARG E 155 -5.89 -43.59 -8.83
CA ARG E 155 -4.71 -43.72 -9.67
C ARG E 155 -5.12 -43.68 -11.13
N SER E 156 -4.21 -43.19 -11.94
CA SER E 156 -4.50 -42.84 -13.32
C SER E 156 -3.42 -43.46 -14.18
N ALA E 157 -3.82 -44.41 -15.01
CA ALA E 157 -2.89 -45.05 -15.93
C ALA E 157 -2.34 -44.01 -16.92
N LYS E 158 -3.20 -43.09 -17.37
CA LYS E 158 -2.75 -41.99 -18.23
C LYS E 158 -1.64 -41.16 -17.57
N ASN E 159 -1.88 -40.65 -16.36
CA ASN E 159 -0.86 -39.87 -15.64
C ASN E 159 0.43 -40.67 -15.47
N ASN E 160 0.29 -41.92 -15.04
CA ASN E 160 1.44 -42.75 -14.76
C ASN E 160 2.27 -43.03 -16.02
N TRP E 161 1.60 -43.45 -17.09
CA TRP E 161 2.31 -43.80 -18.32
C TRP E 161 2.81 -42.61 -19.13
N ASP E 162 2.08 -41.49 -19.10
CA ASP E 162 2.57 -40.25 -19.68
C ASP E 162 3.93 -39.84 -19.07
N PHE E 163 4.01 -39.85 -17.74
CA PHE E 163 5.26 -39.51 -17.03
C PHE E 163 6.38 -40.49 -17.40
N TRP E 164 6.14 -41.79 -17.24
CA TRP E 164 7.15 -42.79 -17.51
C TRP E 164 7.64 -42.78 -18.96
N THR E 165 6.74 -42.59 -19.92
CA THR E 165 7.15 -42.58 -21.35
C THR E 165 7.95 -41.32 -21.70
N SER E 166 7.83 -40.29 -20.87
CA SER E 166 8.54 -39.02 -21.11
C SER E 166 9.97 -39.09 -20.55
N LEU E 167 10.27 -40.17 -19.82
CA LEU E 167 11.60 -40.39 -19.28
C LEU E 167 12.10 -41.74 -19.77
N PRO E 168 12.73 -41.78 -20.97
CA PRO E 168 13.22 -43.06 -21.48
C PRO E 168 14.10 -43.82 -20.49
N GLU E 169 14.84 -43.09 -19.64
CA GLU E 169 15.66 -43.67 -18.58
C GLU E 169 14.89 -44.54 -17.57
N ALA E 170 13.58 -44.35 -17.48
CA ALA E 170 12.75 -45.11 -16.54
C ALA E 170 12.47 -46.55 -16.99
N LEU E 171 12.88 -46.88 -18.22
CA LEU E 171 12.56 -48.18 -18.81
C LEU E 171 13.12 -49.35 -18.03
N HIS E 172 14.35 -49.20 -17.54
CA HIS E 172 14.96 -50.28 -16.74
C HIS E 172 14.05 -50.67 -15.57
N GLN E 173 13.64 -49.70 -14.76
CA GLN E 173 12.76 -49.98 -13.62
C GLN E 173 11.32 -50.34 -14.01
N VAL E 174 10.80 -49.73 -15.07
CA VAL E 174 9.46 -50.09 -15.58
C VAL E 174 9.42 -51.58 -15.97
N THR E 175 10.43 -52.02 -16.73
CA THR E 175 10.57 -53.44 -17.09
C THR E 175 10.53 -54.34 -15.86
N ILE E 176 11.27 -53.96 -14.80
CA ILE E 176 11.34 -54.74 -13.55
C ILE E 176 9.99 -54.83 -12.84
N VAL E 177 9.35 -53.67 -12.66
CA VAL E 177 8.04 -53.61 -11.98
C VAL E 177 6.92 -54.28 -12.80
N MET E 178 7.05 -54.25 -14.13
CA MET E 178 6.13 -54.93 -15.03
C MET E 178 6.45 -56.43 -15.19
N SER E 179 7.59 -56.87 -14.65
CA SER E 179 7.98 -58.29 -14.70
C SER E 179 7.30 -59.09 -13.60
N ASP E 180 7.60 -60.40 -13.54
CA ASP E 180 7.00 -61.26 -12.51
C ASP E 180 7.43 -60.86 -11.09
N ARG E 181 8.52 -60.11 -10.99
CA ARG E 181 9.00 -59.62 -9.70
C ARG E 181 8.30 -58.35 -9.16
N GLY E 182 7.34 -57.85 -9.93
CA GLY E 182 6.48 -56.73 -9.54
C GLY E 182 5.60 -56.98 -8.31
N ILE E 183 5.24 -58.23 -8.06
CA ILE E 183 4.51 -58.57 -6.84
C ILE E 183 5.18 -59.74 -6.10
N PRO E 184 6.09 -59.45 -5.15
CA PRO E 184 6.58 -60.55 -4.34
C PRO E 184 5.44 -61.20 -3.57
N ALA E 185 5.51 -62.52 -3.37
CA ALA E 185 4.50 -63.26 -2.62
C ALA E 185 4.43 -62.79 -1.17
N THR E 186 5.62 -62.48 -0.62
CA THR E 186 5.79 -62.02 0.76
C THR E 186 7.04 -61.15 0.80
N TYR E 187 7.23 -60.38 1.88
CA TYR E 187 8.47 -59.62 2.09
C TYR E 187 9.72 -60.48 2.29
N ARG E 188 9.51 -61.75 2.66
CA ARG E 188 10.62 -62.70 2.88
C ARG E 188 11.16 -63.30 1.57
N HIS E 189 10.40 -63.14 0.48
CA HIS E 189 10.70 -63.75 -0.82
C HIS E 189 11.09 -62.71 -1.88
N MET E 190 11.82 -61.69 -1.43
CA MET E 190 12.37 -60.67 -2.30
C MET E 190 13.80 -60.34 -1.89
N HIS E 191 14.58 -59.84 -2.84
CA HIS E 191 15.93 -59.35 -2.56
C HIS E 191 15.92 -57.89 -2.07
N GLY E 192 17.02 -57.47 -1.46
CA GLY E 192 17.21 -56.09 -1.03
C GLY E 192 18.42 -55.49 -1.67
N PHE E 193 18.38 -54.18 -1.91
CA PHE E 193 19.50 -53.45 -2.53
C PHE E 193 19.62 -52.03 -1.96
N GLY E 194 20.86 -51.54 -1.80
CA GLY E 194 21.08 -50.12 -1.55
C GLY E 194 20.67 -49.29 -2.77
N SER E 195 20.74 -49.92 -3.94
CA SER E 195 20.47 -49.30 -5.25
C SER E 195 21.57 -48.33 -5.68
N HIS E 196 21.74 -47.25 -4.94
CA HIS E 196 22.79 -46.28 -5.22
C HIS E 196 24.18 -46.89 -5.07
N THR E 197 25.12 -46.28 -5.79
CA THR E 197 26.51 -46.33 -5.45
C THR E 197 26.71 -45.54 -4.16
N PHE E 198 27.34 -46.18 -3.18
CA PHE E 198 27.79 -45.52 -1.95
C PHE E 198 29.32 -45.54 -1.94
N SER E 199 29.93 -45.22 -0.82
CA SER E 199 31.38 -45.36 -0.71
C SER E 199 31.77 -46.05 0.59
N PHE E 200 32.92 -46.72 0.53
CA PHE E 200 33.58 -47.30 1.69
C PHE E 200 34.84 -46.48 1.89
N ILE E 201 35.21 -46.22 3.15
CA ILE E 201 36.50 -45.57 3.47
C ILE E 201 37.26 -46.46 4.46
N ASN E 202 38.50 -46.83 4.13
CA ASN E 202 39.29 -47.74 4.98
C ASN E 202 40.19 -47.03 6.01
N SER E 203 40.97 -47.81 6.73
CA SER E 203 41.90 -47.32 7.76
C SER E 203 42.90 -46.29 7.27
N ASP E 204 43.29 -46.42 6.01
CA ASP E 204 44.28 -45.55 5.36
C ASP E 204 43.61 -44.44 4.54
N ASN E 205 42.33 -44.19 4.82
CA ASN E 205 41.58 -43.11 4.19
C ASN E 205 41.45 -43.22 2.66
N GLU E 206 41.60 -44.45 2.15
CA GLU E 206 41.33 -44.74 0.75
C GLU E 206 39.83 -44.97 0.55
N ARG E 207 39.32 -44.52 -0.59
CA ARG E 207 37.91 -44.58 -0.92
C ARG E 207 37.64 -45.64 -2.00
N TYR E 208 36.57 -46.41 -1.81
CA TYR E 208 36.07 -47.37 -2.79
C TYR E 208 34.60 -47.06 -3.01
N TRP E 209 34.17 -47.07 -4.27
CA TRP E 209 32.73 -47.04 -4.55
C TRP E 209 32.13 -48.44 -4.27
N VAL E 210 30.91 -48.48 -3.74
CA VAL E 210 30.30 -49.75 -3.33
C VAL E 210 28.80 -49.85 -3.68
N LYS E 211 28.35 -51.09 -3.95
CA LYS E 211 26.93 -51.41 -4.05
C LYS E 211 26.59 -52.43 -2.98
N PHE E 212 25.47 -52.23 -2.30
CA PHE E 212 24.98 -53.17 -1.28
C PHE E 212 23.91 -54.08 -1.86
N HIS E 213 24.07 -55.38 -1.63
CA HIS E 213 23.14 -56.40 -2.13
C HIS E 213 22.69 -57.30 -0.99
N PHE E 214 21.39 -57.49 -0.86
CA PHE E 214 20.83 -58.35 0.18
C PHE E 214 20.08 -59.50 -0.47
N VAL E 215 20.66 -60.70 -0.39
CA VAL E 215 20.16 -61.87 -1.13
C VAL E 215 19.32 -62.71 -0.20
N SER E 216 18.05 -62.90 -0.57
CA SER E 216 17.10 -63.66 0.24
C SER E 216 17.53 -65.10 0.39
N GLN E 217 17.57 -65.56 1.64
CA GLN E 217 17.85 -66.97 1.91
C GLN E 217 16.59 -67.82 1.76
N GLN E 218 15.46 -67.17 1.48
CA GLN E 218 14.18 -67.85 1.27
C GLN E 218 13.92 -68.05 -0.22
N GLY E 219 14.72 -67.40 -1.05
CA GLY E 219 14.54 -67.44 -2.51
C GLY E 219 13.48 -66.47 -2.98
N ILE E 220 13.29 -66.39 -4.28
CA ILE E 220 12.30 -65.48 -4.89
C ILE E 220 10.98 -66.22 -5.12
N LYS E 221 9.88 -65.59 -4.72
CA LYS E 221 8.52 -66.06 -5.01
C LYS E 221 7.65 -64.85 -5.31
N ASN E 222 6.84 -64.96 -6.35
CA ASN E 222 5.99 -63.85 -6.83
C ASN E 222 4.53 -64.26 -6.99
N LEU E 223 3.65 -63.27 -7.08
CA LEU E 223 2.25 -63.52 -7.44
C LEU E 223 1.92 -62.90 -8.79
N SER E 224 1.12 -63.59 -9.58
CA SER E 224 0.62 -63.01 -10.81
C SER E 224 -0.40 -61.94 -10.43
N ASP E 225 -0.82 -61.13 -11.40
CA ASP E 225 -1.91 -60.18 -11.20
C ASP E 225 -3.20 -60.88 -10.74
N ALA E 226 -3.49 -62.04 -11.33
CA ALA E 226 -4.70 -62.79 -10.99
C ALA E 226 -4.62 -63.27 -9.55
N GLU E 227 -3.48 -63.84 -9.19
CA GLU E 227 -3.24 -64.37 -7.85
C GLU E 227 -3.25 -63.28 -6.78
N ALA E 228 -2.62 -62.15 -7.09
CA ALA E 228 -2.62 -60.98 -6.21
C ALA E 228 -4.03 -60.41 -6.03
N GLY E 229 -4.77 -60.29 -7.13
CA GLY E 229 -6.17 -59.85 -7.08
C GLY E 229 -7.01 -60.70 -6.14
N GLU E 230 -6.94 -62.02 -6.31
CA GLU E 230 -7.65 -62.92 -5.42
C GLU E 230 -7.23 -62.76 -3.95
N LEU E 231 -5.93 -62.62 -3.72
CA LEU E 231 -5.40 -62.39 -2.37
C LEU E 231 -5.93 -61.08 -1.74
N VAL E 232 -5.84 -59.99 -2.50
CA VAL E 232 -6.30 -58.67 -2.04
C VAL E 232 -7.79 -58.73 -1.61
N GLY E 233 -8.62 -59.37 -2.41
CA GLY E 233 -10.03 -59.55 -2.09
C GLY E 233 -10.28 -60.13 -0.71
N ASN E 234 -9.41 -61.06 -0.30
CA ASN E 234 -9.46 -61.68 1.03
C ASN E 234 -8.74 -60.91 2.14
N ASP E 235 -7.65 -60.20 1.80
CA ASP E 235 -6.77 -59.65 2.81
C ASP E 235 -5.93 -58.51 2.26
N ARG E 236 -6.19 -57.28 2.72
CA ARG E 236 -5.33 -56.13 2.36
C ARG E 236 -4.04 -56.12 3.19
N GLU E 237 -3.93 -57.05 4.13
CA GLU E 237 -2.81 -57.07 5.08
C GLU E 237 -1.93 -58.32 4.94
N SER E 238 -1.90 -58.89 3.73
CA SER E 238 -1.29 -60.20 3.49
C SER E 238 0.20 -60.30 3.91
N HIS E 239 0.93 -59.22 3.68
CA HIS E 239 2.39 -59.22 3.87
C HIS E 239 2.79 -58.87 5.31
N GLN E 240 1.97 -58.04 5.98
CA GLN E 240 2.06 -57.88 7.43
C GLN E 240 1.80 -59.22 8.14
N ARG E 241 0.70 -59.86 7.77
CA ARG E 241 0.28 -61.12 8.35
C ARG E 241 1.37 -62.19 8.19
N ASP E 242 1.91 -62.33 6.97
CA ASP E 242 2.97 -63.28 6.72
C ASP E 242 4.19 -63.08 7.62
N LEU E 243 4.65 -61.82 7.70
CA LEU E 243 5.89 -61.47 8.44
C LEU E 243 5.72 -61.69 9.92
N LEU E 244 4.67 -61.07 10.47
CA LEU E 244 4.33 -61.23 11.88
C LEU E 244 4.21 -62.72 12.29
N ASP E 245 3.42 -63.48 11.53
CA ASP E 245 3.19 -64.90 11.84
C ASP E 245 4.44 -65.77 11.71
N SER E 246 5.24 -65.53 10.66
CA SER E 246 6.52 -66.22 10.49
C SER E 246 7.46 -66.05 11.67
N ILE E 247 7.63 -64.81 12.15
CA ILE E 247 8.50 -64.55 13.29
C ILE E 247 7.89 -65.16 14.56
N ASP E 248 6.57 -65.05 14.69
CA ASP E 248 5.86 -65.66 15.81
C ASP E 248 6.02 -67.19 15.85
N ASN E 249 6.10 -67.80 14.66
CA ASN E 249 6.34 -69.26 14.53
C ASN E 249 7.82 -69.65 14.47
N GLN E 250 8.69 -68.69 14.75
CA GLN E 250 10.15 -68.89 14.77
C GLN E 250 10.76 -69.30 13.42
N ASP E 251 10.07 -68.95 12.34
CA ASP E 251 10.57 -69.12 10.97
C ASP E 251 11.21 -67.78 10.55
N PHE E 252 12.38 -67.50 11.12
CA PHE E 252 13.04 -66.21 10.93
C PHE E 252 13.67 -66.04 9.53
N PRO E 253 13.21 -65.01 8.78
CA PRO E 253 13.76 -64.75 7.44
C PRO E 253 15.17 -64.16 7.52
N LYS E 254 15.98 -64.49 6.51
CA LYS E 254 17.41 -64.14 6.47
C LYS E 254 17.83 -63.64 5.11
N TRP E 255 18.80 -62.73 5.12
CA TRP E 255 19.37 -62.20 3.90
C TRP E 255 20.87 -62.19 4.05
N THR E 256 21.57 -62.53 2.97
CA THR E 256 23.02 -62.45 2.93
C THR E 256 23.42 -61.11 2.33
N LEU E 257 24.21 -60.35 3.09
CA LEU E 257 24.80 -59.12 2.57
C LEU E 257 26.01 -59.43 1.69
N LYS E 258 25.94 -58.95 0.45
CA LYS E 258 27.07 -58.99 -0.46
C LYS E 258 27.29 -57.58 -1.01
N VAL E 259 28.53 -57.28 -1.37
CA VAL E 259 28.89 -55.97 -1.88
C VAL E 259 29.67 -56.10 -3.20
N GLN E 260 29.55 -55.07 -4.04
CA GLN E 260 30.46 -54.89 -5.16
C GLN E 260 31.36 -53.74 -4.76
N ILE E 261 32.64 -53.84 -5.05
CA ILE E 261 33.59 -52.81 -4.61
C ILE E 261 34.40 -52.36 -5.80
N MET E 262 34.37 -51.07 -6.07
CA MET E 262 35.04 -50.50 -7.23
C MET E 262 36.07 -49.49 -6.78
N PRO E 263 37.35 -49.72 -7.11
CA PRO E 263 38.34 -48.72 -6.73
C PRO E 263 37.99 -47.35 -7.34
N GLU E 264 38.26 -46.30 -6.58
CA GLU E 264 37.89 -44.94 -6.92
C GLU E 264 38.27 -44.55 -8.36
N ALA E 265 39.45 -44.99 -8.78
CA ALA E 265 39.99 -44.66 -10.11
C ALA E 265 39.18 -45.20 -11.27
N ASP E 266 38.61 -46.40 -11.07
CA ASP E 266 37.80 -47.07 -12.09
C ASP E 266 36.60 -46.27 -12.57
N ALA E 267 36.11 -45.38 -11.72
CA ALA E 267 34.89 -44.62 -12.01
C ALA E 267 35.06 -43.71 -13.23
N ALA E 268 36.29 -43.21 -13.41
CA ALA E 268 36.60 -42.36 -14.55
C ALA E 268 36.81 -43.16 -15.83
N THR E 269 36.81 -44.50 -15.75
CA THR E 269 37.18 -45.31 -16.91
C THR E 269 36.12 -46.31 -17.39
N VAL E 270 35.21 -46.74 -16.51
CA VAL E 270 34.15 -47.69 -16.89
C VAL E 270 33.25 -47.13 -18.00
N PRO E 271 32.76 -48.01 -18.90
CA PRO E 271 31.96 -47.57 -20.07
C PRO E 271 30.59 -46.97 -19.71
N TYR E 272 30.08 -47.32 -18.54
CA TYR E 272 28.80 -46.82 -18.03
C TYR E 272 29.03 -45.81 -16.91
N ASN E 273 28.12 -44.84 -16.76
CA ASN E 273 28.15 -43.92 -15.62
C ASN E 273 27.96 -44.74 -14.33
N PRO E 274 28.99 -44.80 -13.45
CA PRO E 274 28.87 -45.66 -12.25
C PRO E 274 27.92 -45.09 -11.19
N PHE E 275 27.49 -43.85 -11.40
CA PHE E 275 26.61 -43.14 -10.46
C PHE E 275 25.19 -42.96 -11.01
N ASP E 276 24.86 -43.66 -12.10
CA ASP E 276 23.52 -43.59 -12.71
C ASP E 276 22.58 -44.62 -12.07
N LEU E 277 21.57 -44.13 -11.35
CA LEU E 277 20.64 -44.97 -10.58
C LEU E 277 19.74 -45.86 -11.46
N THR E 278 19.63 -45.51 -12.74
CA THR E 278 18.94 -46.37 -13.70
C THR E 278 19.85 -47.49 -14.23
N LYS E 279 21.07 -47.60 -13.71
CA LYS E 279 22.03 -48.61 -14.15
C LYS E 279 22.61 -49.48 -13.01
N VAL E 280 22.93 -50.72 -13.35
CA VAL E 280 23.67 -51.61 -12.44
C VAL E 280 25.15 -51.70 -12.86
N TRP E 281 25.98 -52.23 -11.96
CA TRP E 281 27.33 -52.60 -12.33
C TRP E 281 27.31 -54.09 -12.67
N PRO E 282 27.73 -54.45 -13.90
CA PRO E 282 27.82 -55.85 -14.30
C PRO E 282 28.67 -56.69 -13.35
N HIS E 283 28.10 -57.81 -12.90
CA HIS E 283 28.75 -58.72 -11.95
C HIS E 283 30.13 -59.18 -12.47
N LYS E 284 30.21 -59.45 -13.77
CA LYS E 284 31.48 -59.87 -14.37
C LYS E 284 32.62 -58.86 -14.20
N ASP E 285 32.25 -57.58 -14.11
CA ASP E 285 33.21 -56.48 -13.90
C ASP E 285 33.58 -56.35 -12.43
N TYR E 286 32.57 -56.48 -11.57
CA TYR E 286 32.72 -56.32 -10.12
C TYR E 286 31.92 -57.41 -9.44
N PRO E 287 32.55 -58.58 -9.17
CA PRO E 287 31.83 -59.72 -8.61
C PRO E 287 31.34 -59.42 -7.20
N LEU E 288 30.29 -60.13 -6.79
CA LEU E 288 29.72 -60.00 -5.46
C LEU E 288 30.68 -60.56 -4.41
N ILE E 289 30.94 -59.76 -3.37
CA ILE E 289 31.81 -60.17 -2.28
C ILE E 289 30.95 -60.34 -1.03
N GLU E 290 30.98 -61.54 -0.46
CA GLU E 290 30.19 -61.86 0.72
C GLU E 290 30.72 -61.15 1.98
N VAL E 291 29.80 -60.69 2.83
CA VAL E 291 30.15 -59.92 4.01
C VAL E 291 29.57 -60.54 5.27
N GLY E 292 28.28 -60.83 5.25
CA GLY E 292 27.56 -61.30 6.43
C GLY E 292 26.10 -61.57 6.14
N GLU E 293 25.33 -61.77 7.19
CA GLU E 293 23.89 -62.00 7.03
C GLU E 293 23.10 -61.36 8.17
N PHE E 294 21.84 -61.02 7.89
CA PHE E 294 20.94 -60.61 8.96
C PHE E 294 19.69 -61.48 9.05
N GLU E 295 19.23 -61.72 10.27
CA GLU E 295 17.96 -62.40 10.47
C GLU E 295 17.01 -61.52 11.27
N LEU E 296 15.72 -61.56 10.93
CA LEU E 296 14.69 -60.84 11.68
C LEU E 296 14.03 -61.83 12.63
N ASN E 297 14.11 -61.54 13.92
CA ASN E 297 13.77 -62.54 14.92
C ASN E 297 12.92 -62.02 16.09
N ARG E 298 12.41 -60.80 15.98
CA ARG E 298 11.56 -60.24 17.03
C ARG E 298 10.55 -59.26 16.46
N ASN E 299 9.26 -59.53 16.70
CA ASN E 299 8.20 -58.61 16.31
C ASN E 299 8.17 -57.46 17.29
N PRO E 300 7.81 -56.25 16.81
CA PRO E 300 7.67 -55.12 17.73
C PRO E 300 6.43 -55.29 18.61
N GLN E 301 6.51 -54.82 19.85
CA GLN E 301 5.37 -54.92 20.77
C GLN E 301 4.27 -53.93 20.39
N ASN E 302 4.65 -52.73 19.95
CA ASN E 302 3.67 -51.74 19.53
C ASN E 302 3.96 -51.19 18.15
N TYR E 303 3.08 -51.50 17.21
CA TYR E 303 3.30 -51.09 15.82
C TYR E 303 3.39 -49.57 15.64
N PHE E 304 2.47 -48.81 16.25
CA PHE E 304 2.56 -47.35 16.10
C PHE E 304 3.92 -46.81 16.56
N ALA E 305 4.30 -47.16 17.78
CA ALA E 305 5.47 -46.55 18.39
C ALA E 305 6.77 -46.99 17.73
N GLU E 306 6.80 -48.23 17.24
CA GLU E 306 8.04 -48.81 16.73
C GLU E 306 8.15 -48.90 15.19
N VAL E 307 7.02 -49.03 14.50
CA VAL E 307 7.02 -49.12 13.04
C VAL E 307 6.55 -47.81 12.38
N GLU E 308 5.36 -47.33 12.74
CA GLU E 308 4.82 -46.10 12.15
C GLU E 308 5.76 -44.91 12.41
N GLN E 309 6.29 -44.83 13.63
CA GLN E 309 7.21 -43.78 14.04
C GLN E 309 8.68 -44.02 13.65
N ALA E 310 8.97 -45.14 13.00
CA ALA E 310 10.35 -45.38 12.54
C ALA E 310 10.72 -44.36 11.46
N ALA E 311 11.96 -43.87 11.56
CA ALA E 311 12.50 -42.90 10.61
C ALA E 311 13.88 -43.38 10.12
N PHE E 312 14.02 -43.58 8.83
CA PHE E 312 15.28 -44.02 8.26
C PHE E 312 15.81 -42.85 7.42
N ASN E 313 17.01 -42.39 7.73
CA ASN E 313 17.61 -41.26 7.03
C ASN E 313 18.93 -41.67 6.35
N PRO E 314 18.94 -41.77 5.01
CA PRO E 314 20.12 -42.12 4.20
C PRO E 314 21.38 -41.33 4.54
N ALA E 315 21.22 -40.12 5.07
CA ALA E 315 22.34 -39.32 5.57
C ALA E 315 22.97 -39.87 6.86
N ASN E 316 22.27 -40.82 7.51
CA ASN E 316 22.74 -41.47 8.75
C ASN E 316 23.69 -42.62 8.42
N VAL E 317 24.94 -42.24 8.22
CA VAL E 317 25.98 -43.15 7.83
C VAL E 317 26.92 -43.27 9.03
N VAL E 318 27.94 -44.13 8.93
CA VAL E 318 28.87 -44.32 10.05
C VAL E 318 30.30 -44.27 9.51
N PRO E 319 31.30 -43.99 10.40
CA PRO E 319 32.69 -43.94 9.91
C PRO E 319 33.04 -45.23 9.14
N GLY E 320 33.64 -45.06 7.96
CA GLY E 320 33.92 -46.18 7.05
C GLY E 320 32.96 -46.32 5.89
N ILE E 321 31.79 -45.70 6.01
CA ILE E 321 30.77 -45.70 4.95
C ILE E 321 30.35 -44.25 4.65
N SER E 322 30.24 -43.89 3.37
CA SER E 322 29.80 -42.55 3.00
C SER E 322 28.96 -42.54 1.72
N PHE E 323 28.84 -41.37 1.11
CA PHE E 323 27.93 -41.17 -0.02
C PHE E 323 28.64 -41.29 -1.39
N SER E 324 27.98 -40.84 -2.46
CA SER E 324 28.57 -40.78 -3.81
C SER E 324 27.88 -39.61 -4.53
N PRO E 325 28.47 -39.14 -5.66
CA PRO E 325 27.84 -38.08 -6.46
C PRO E 325 26.64 -38.48 -7.34
N ASP E 326 26.07 -39.68 -7.11
CA ASP E 326 24.75 -40.03 -7.65
C ASP E 326 23.79 -38.91 -7.23
N LYS E 327 23.26 -38.17 -8.20
CA LYS E 327 22.41 -37.01 -7.90
C LYS E 327 21.15 -37.40 -7.12
N MET E 328 20.65 -38.60 -7.39
CA MET E 328 19.48 -39.13 -6.69
C MET E 328 19.74 -39.35 -5.20
N LEU E 329 20.87 -39.96 -4.88
CA LEU E 329 21.31 -40.07 -3.48
C LEU E 329 21.52 -38.70 -2.83
N GLN E 330 22.15 -37.79 -3.57
CA GLN E 330 22.39 -36.43 -3.08
C GLN E 330 21.09 -35.76 -2.59
N GLY E 331 20.04 -35.83 -3.40
CA GLY E 331 18.74 -35.23 -3.06
C GLY E 331 18.08 -35.87 -1.84
N ARG E 332 18.27 -37.18 -1.69
CA ARG E 332 17.80 -37.91 -0.51
C ARG E 332 18.49 -37.48 0.80
N LEU E 333 19.69 -36.90 0.70
CA LEU E 333 20.40 -36.43 1.91
C LEU E 333 19.69 -35.24 2.54
N PHE E 334 18.90 -34.51 1.75
CA PHE E 334 18.05 -33.46 2.28
C PHE E 334 16.67 -33.97 2.75
N ALA E 335 15.99 -34.71 1.89
CA ALA E 335 14.55 -34.91 2.01
C ALA E 335 14.09 -35.75 3.20
N TYR E 336 14.89 -36.72 3.63
CA TYR E 336 14.41 -37.66 4.66
C TYR E 336 14.36 -37.02 6.02
N GLY E 337 15.46 -36.39 6.42
CA GLY E 337 15.49 -35.62 7.66
C GLY E 337 14.42 -34.54 7.65
N ASP E 338 14.23 -33.92 6.49
CA ASP E 338 13.20 -32.87 6.32
C ASP E 338 11.78 -33.41 6.51
N ALA E 339 11.47 -34.47 5.79
CA ALA E 339 10.17 -35.10 5.87
C ALA E 339 9.91 -35.70 7.24
N GLN E 340 10.97 -36.18 7.89
CA GLN E 340 10.85 -36.81 9.21
C GLN E 340 10.66 -35.81 10.36
N ARG E 341 11.35 -34.67 10.33
CA ARG E 341 11.06 -33.61 11.31
C ARG E 341 9.61 -33.13 11.26
N TYR E 342 9.07 -32.98 10.05
CA TYR E 342 7.65 -32.67 9.86
C TYR E 342 6.73 -33.79 10.37
N ARG E 343 6.97 -35.01 9.89
CA ARG E 343 6.09 -36.15 10.17
C ARG E 343 6.05 -36.51 11.65
N LEU E 344 7.20 -36.41 12.32
CA LEU E 344 7.38 -37.01 13.65
C LEU E 344 7.81 -36.06 14.76
N GLY E 345 8.21 -34.84 14.41
CA GLY E 345 8.65 -33.84 15.39
C GLY E 345 10.15 -33.72 15.29
N VAL E 346 10.71 -32.58 15.69
CA VAL E 346 12.16 -32.34 15.57
C VAL E 346 12.97 -33.32 16.43
N ASN E 347 12.39 -33.77 17.54
CA ASN E 347 13.05 -34.66 18.50
C ASN E 347 12.72 -36.15 18.35
N HIS E 348 12.30 -36.53 17.15
CA HIS E 348 11.87 -37.91 16.84
C HIS E 348 12.98 -38.94 17.04
N GLN E 349 14.23 -38.50 17.14
CA GLN E 349 15.29 -39.46 17.40
C GLN E 349 15.36 -39.87 18.87
N HIS E 350 14.52 -39.25 19.70
CA HIS E 350 14.31 -39.71 21.08
C HIS E 350 13.25 -40.80 21.18
N ILE E 351 12.58 -41.10 20.07
CA ILE E 351 11.63 -42.21 20.00
C ILE E 351 12.46 -43.51 19.97
N PRO E 352 12.12 -44.48 20.85
CA PRO E 352 13.02 -45.63 21.08
C PRO E 352 13.58 -46.33 19.81
N VAL E 353 12.74 -46.65 18.83
CA VAL E 353 13.21 -47.32 17.59
C VAL E 353 14.26 -46.52 16.79
N ASN E 354 14.24 -45.20 16.95
CA ASN E 354 15.16 -44.32 16.24
C ASN E 354 16.40 -43.96 17.06
N ALA E 355 16.39 -44.26 18.35
CA ALA E 355 17.48 -43.88 19.24
C ALA E 355 18.73 -44.69 18.96
N PRO E 356 19.91 -44.07 19.12
CA PRO E 356 21.14 -44.86 19.00
C PRO E 356 21.26 -45.83 20.17
N ARG E 357 22.04 -46.89 19.98
CA ARG E 357 22.32 -47.88 21.05
C ARG E 357 23.81 -47.84 21.40
N CYS E 358 24.39 -46.65 21.22
CA CYS E 358 25.78 -46.35 21.49
C CYS E 358 25.77 -44.98 22.18
N PRO E 359 26.93 -44.48 22.67
CA PRO E 359 26.88 -43.18 23.36
C PRO E 359 26.49 -42.10 22.36
N VAL E 360 25.67 -41.16 22.79
CA VAL E 360 25.23 -40.05 21.94
C VAL E 360 25.35 -38.75 22.74
N HIS E 361 25.74 -37.67 22.05
CA HIS E 361 25.99 -36.36 22.65
C HIS E 361 25.79 -35.30 21.56
N SER E 362 24.53 -34.99 21.26
CA SER E 362 24.13 -34.47 19.93
C SER E 362 23.85 -32.98 19.83
N TYR E 363 24.05 -32.26 20.94
CA TYR E 363 24.10 -30.80 20.92
C TYR E 363 22.75 -30.08 20.83
N HIS E 364 21.86 -30.54 19.93
CA HIS E 364 20.61 -29.78 19.64
C HIS E 364 19.81 -29.56 20.91
N ARG E 365 19.31 -28.32 21.08
CA ARG E 365 18.58 -27.94 22.29
C ARG E 365 17.12 -27.68 21.99
N ASP E 366 16.30 -27.86 23.03
CA ASP E 366 14.89 -27.44 23.04
C ASP E 366 14.10 -28.18 21.97
N GLY E 367 13.17 -27.48 21.31
CA GLY E 367 12.25 -28.12 20.36
C GLY E 367 11.09 -28.82 21.05
N ALA E 368 10.03 -29.09 20.28
CA ALA E 368 8.82 -29.72 20.81
C ALA E 368 9.06 -31.07 21.49
N MET E 369 8.32 -31.30 22.58
CA MET E 369 8.30 -32.57 23.30
C MET E 369 9.71 -33.02 23.70
N ARG E 370 10.40 -32.12 24.39
CA ARG E 370 11.75 -32.38 24.90
C ARG E 370 11.67 -33.16 26.21
N VAL E 371 12.00 -34.46 26.15
CA VAL E 371 11.83 -35.37 27.29
C VAL E 371 13.14 -35.97 27.87
N ASP E 372 14.28 -35.67 27.27
CA ASP E 372 15.53 -36.36 27.63
C ASP E 372 16.37 -35.63 28.66
N GLY E 373 15.84 -34.53 29.20
CA GLY E 373 16.61 -33.65 30.09
C GLY E 373 17.25 -32.45 29.42
N ASN E 374 17.34 -32.48 28.08
CA ASN E 374 17.86 -31.32 27.29
C ASN E 374 19.32 -30.97 27.69
N PHE E 375 20.08 -31.97 28.11
CA PHE E 375 21.47 -31.79 28.62
C PHE E 375 21.56 -30.95 29.91
N GLY E 376 20.44 -30.75 30.59
CA GLY E 376 20.42 -29.96 31.83
C GLY E 376 21.03 -28.59 31.63
N SER E 377 21.94 -28.21 32.53
CA SER E 377 22.52 -26.88 32.56
C SER E 377 23.68 -26.66 31.58
N THR E 378 24.06 -27.70 30.84
CA THR E 378 25.20 -27.65 29.92
C THR E 378 25.10 -26.42 29.01
N LEU E 379 26.18 -25.65 28.91
CA LEU E 379 26.24 -24.50 27.99
C LEU E 379 25.94 -24.93 26.55
N GLY E 380 25.45 -24.00 25.74
CA GLY E 380 24.94 -24.37 24.42
C GLY E 380 25.77 -23.92 23.24
N TYR E 381 26.91 -23.29 23.50
CA TYR E 381 27.73 -22.67 22.45
C TYR E 381 29.10 -23.34 22.32
N GLU E 382 29.62 -23.38 21.09
CA GLU E 382 30.96 -23.89 20.81
C GLU E 382 31.55 -23.05 19.67
N PRO E 383 32.83 -22.62 19.80
CA PRO E 383 33.83 -22.84 20.88
C PRO E 383 33.48 -22.30 22.27
N ASN E 384 33.97 -22.99 23.31
CA ASN E 384 33.72 -22.61 24.70
C ASN E 384 34.91 -22.98 25.59
N ASP E 385 34.94 -22.45 26.81
CA ASP E 385 36.09 -22.66 27.66
C ASP E 385 36.03 -23.97 28.46
N GLN E 386 35.05 -24.81 28.17
CA GLN E 386 34.96 -26.11 28.83
C GLN E 386 35.38 -27.27 27.92
N GLY E 387 35.70 -26.96 26.66
CA GLY E 387 35.93 -28.00 25.66
C GLY E 387 34.70 -28.85 25.39
N GLN E 388 33.52 -28.30 25.67
CA GLN E 388 32.24 -29.01 25.49
C GLN E 388 31.87 -29.04 24.00
N TRP E 389 31.11 -30.06 23.57
CA TRP E 389 30.69 -30.23 22.18
C TRP E 389 31.89 -30.26 21.22
N ALA E 390 32.94 -30.99 21.64
CA ALA E 390 34.21 -31.05 20.90
C ALA E 390 34.05 -31.92 19.65
N GLU E 391 34.50 -31.40 18.51
CA GLU E 391 34.45 -32.15 17.26
C GLU E 391 35.48 -33.28 17.31
N GLN E 392 35.34 -34.25 16.42
CA GLN E 392 36.20 -35.44 16.46
C GLN E 392 36.98 -35.62 15.17
N PRO E 393 38.08 -34.87 15.02
CA PRO E 393 38.75 -34.76 13.72
C PRO E 393 39.40 -36.07 13.26
N ASP E 394 39.59 -37.03 14.16
CA ASP E 394 40.13 -38.35 13.80
C ASP E 394 39.19 -39.11 12.85
N PHE E 395 37.93 -38.69 12.82
CA PHE E 395 36.92 -39.31 11.95
C PHE E 395 36.71 -38.58 10.63
N SER E 396 37.58 -37.60 10.34
CA SER E 396 37.49 -36.83 9.12
C SER E 396 37.61 -37.69 7.85
N GLU E 397 36.73 -37.45 6.87
CA GLU E 397 36.74 -38.17 5.58
C GLU E 397 37.74 -37.50 4.63
N PRO E 398 38.28 -38.26 3.64
CA PRO E 398 39.22 -37.66 2.70
C PRO E 398 38.51 -36.74 1.68
N PRO E 399 39.22 -35.74 1.14
CA PRO E 399 38.53 -34.87 0.20
C PRO E 399 38.09 -35.65 -1.04
N LEU E 400 37.12 -35.11 -1.75
CA LEU E 400 36.74 -35.69 -3.03
C LEU E 400 37.13 -34.72 -4.11
N ASN E 401 37.98 -35.19 -5.04
CA ASN E 401 38.37 -34.40 -6.19
C ASN E 401 37.19 -34.04 -7.08
N LEU E 402 37.24 -32.82 -7.61
CA LEU E 402 36.17 -32.26 -8.40
C LEU E 402 36.70 -31.74 -9.73
N ASP E 403 35.84 -31.76 -10.75
CA ASP E 403 36.17 -31.18 -12.05
C ASP E 403 34.94 -30.56 -12.69
N GLY E 404 35.05 -29.29 -13.04
CA GLY E 404 34.00 -28.63 -13.83
C GLY E 404 33.30 -27.54 -13.06
N ALA E 405 32.54 -26.72 -13.80
CA ALA E 405 31.86 -25.56 -13.25
C ALA E 405 30.57 -25.92 -12.52
N ALA E 406 30.11 -25.01 -11.68
CA ALA E 406 28.79 -25.10 -11.06
C ALA E 406 27.73 -24.84 -12.15
N ALA E 407 26.88 -25.83 -12.40
CA ALA E 407 25.83 -25.71 -13.43
C ALA E 407 24.78 -26.78 -13.22
N HIS E 408 23.65 -26.65 -13.92
CA HIS E 408 22.69 -27.76 -14.03
C HIS E 408 23.08 -28.60 -15.26
N TRP E 409 23.95 -29.59 -15.03
CA TRP E 409 24.47 -30.39 -16.13
C TRP E 409 23.40 -31.37 -16.61
N ASP E 410 23.23 -31.42 -17.93
CA ASP E 410 22.17 -32.20 -18.54
C ASP E 410 22.54 -33.70 -18.53
N HIS E 411 21.76 -34.49 -17.79
CA HIS E 411 22.03 -35.92 -17.69
C HIS E 411 21.79 -36.65 -19.01
N ARG E 412 21.03 -36.02 -19.90
CA ARG E 412 20.67 -36.59 -21.20
C ARG E 412 21.84 -36.63 -22.19
N GLU E 413 22.98 -36.07 -21.78
CA GLU E 413 24.25 -36.31 -22.47
C GLU E 413 24.52 -37.82 -22.53
N ASP E 414 24.06 -38.54 -21.50
CA ASP E 414 24.09 -40.00 -21.50
C ASP E 414 22.76 -40.51 -22.06
N GLU E 415 22.78 -40.90 -23.34
CA GLU E 415 21.60 -41.40 -24.01
C GLU E 415 21.52 -42.92 -23.97
N ASP E 416 22.31 -43.56 -23.11
CA ASP E 416 22.22 -45.00 -22.95
C ASP E 416 21.02 -45.38 -22.08
N TYR E 417 19.83 -45.30 -22.65
CA TYR E 417 18.60 -45.57 -21.94
C TYR E 417 18.15 -47.02 -22.05
N PHE E 418 18.57 -47.70 -23.12
CA PHE E 418 17.91 -48.95 -23.54
C PHE E 418 18.72 -50.25 -23.42
N SER E 419 20.03 -50.13 -23.24
CA SER E 419 20.90 -51.32 -23.30
C SER E 419 20.73 -52.30 -22.13
N GLN E 420 20.71 -51.79 -20.89
CA GLN E 420 20.49 -52.64 -19.71
C GLN E 420 19.07 -53.25 -19.60
N PRO E 421 18.01 -52.47 -19.88
CA PRO E 421 16.68 -53.10 -20.03
C PRO E 421 16.66 -54.24 -21.06
N GLY E 422 17.33 -54.03 -22.20
CA GLY E 422 17.50 -55.07 -23.23
C GLY E 422 18.26 -56.29 -22.74
N ASP E 423 19.33 -56.06 -21.97
CA ASP E 423 20.09 -57.13 -21.32
C ASP E 423 19.23 -57.95 -20.36
N LEU E 424 18.44 -57.25 -19.55
CA LEU E 424 17.51 -57.88 -18.60
C LEU E 424 16.47 -58.74 -19.32
N PHE E 425 15.87 -58.17 -20.37
CA PHE E 425 14.88 -58.87 -21.17
C PHE E 425 15.48 -60.13 -21.81
N GLY E 426 16.71 -59.98 -22.33
CA GLY E 426 17.44 -61.08 -22.92
C GLY E 426 17.66 -62.27 -21.99
N LEU E 427 17.87 -61.98 -20.71
CA LEU E 427 18.07 -63.00 -19.68
C LEU E 427 16.80 -63.76 -19.28
N MET E 428 15.64 -63.15 -19.52
CA MET E 428 14.36 -63.77 -19.19
C MET E 428 14.05 -64.98 -20.08
N THR E 429 13.42 -66.00 -19.50
CA THR E 429 12.87 -67.13 -20.26
C THR E 429 11.66 -66.69 -21.09
N ALA E 430 11.30 -67.50 -22.08
CA ALA E 430 10.14 -67.24 -22.93
C ALA E 430 8.88 -67.04 -22.09
N GLU E 431 8.77 -67.82 -21.02
CA GLU E 431 7.64 -67.71 -20.07
C GLU E 431 7.60 -66.34 -19.37
N LYS E 432 8.74 -65.88 -18.88
CA LYS E 432 8.81 -64.61 -18.16
C LYS E 432 8.67 -63.40 -19.06
N GLN E 433 9.17 -63.51 -20.29
CA GLN E 433 8.91 -62.48 -21.31
C GLN E 433 7.41 -62.35 -21.60
N ALA E 434 6.74 -63.48 -21.76
CA ALA E 434 5.29 -63.50 -22.01
C ALA E 434 4.53 -62.86 -20.84
N ILE E 435 5.00 -63.11 -19.61
CA ILE E 435 4.44 -62.49 -18.41
C ILE E 435 4.61 -60.96 -18.46
N LEU E 436 5.83 -60.55 -18.83
CA LEU E 436 6.18 -59.15 -19.05
C LEU E 436 5.28 -58.44 -20.06
N PHE E 437 5.11 -59.04 -21.25
CA PHE E 437 4.24 -58.45 -22.28
C PHE E 437 2.82 -58.29 -21.75
N ASP E 438 2.28 -59.39 -21.19
CA ASP E 438 0.93 -59.44 -20.65
C ASP E 438 0.65 -58.37 -19.58
N ASN E 439 1.47 -58.35 -18.53
CA ASN E 439 1.40 -57.34 -17.47
C ASN E 439 1.43 -55.93 -18.04
N THR E 440 2.41 -55.67 -18.90
CA THR E 440 2.56 -54.36 -19.55
C THR E 440 1.33 -54.01 -20.37
N ALA E 441 0.93 -54.90 -21.27
CA ALA E 441 -0.24 -54.68 -22.13
C ALA E 441 -1.48 -54.29 -21.33
N ARG E 442 -1.75 -55.02 -20.26
CA ARG E 442 -2.93 -54.77 -19.42
C ARG E 442 -2.81 -53.49 -18.59
N ASN E 443 -1.60 -53.19 -18.14
CA ASN E 443 -1.33 -51.95 -17.41
C ASN E 443 -1.54 -50.72 -18.26
N LEU E 444 -1.39 -50.90 -19.57
CA LEU E 444 -1.57 -49.81 -20.54
C LEU E 444 -3.02 -49.65 -21.04
N ASN E 445 -3.94 -50.43 -20.46
CA ASN E 445 -5.37 -50.32 -20.79
C ASN E 445 -5.96 -48.94 -20.54
N GLY E 446 -6.68 -48.41 -21.53
CA GLY E 446 -7.28 -47.08 -21.43
C GLY E 446 -6.34 -45.94 -21.81
N VAL E 447 -5.04 -46.18 -21.67
CA VAL E 447 -4.00 -45.18 -21.97
C VAL E 447 -4.06 -44.74 -23.44
N PRO E 448 -4.03 -43.41 -23.69
CA PRO E 448 -4.05 -42.91 -25.07
C PRO E 448 -2.99 -43.58 -25.95
N LYS E 449 -3.39 -43.99 -27.15
CA LYS E 449 -2.51 -44.70 -28.09
C LYS E 449 -1.12 -44.09 -28.27
N GLU E 450 -1.04 -42.76 -28.36
CA GLU E 450 0.24 -42.11 -28.57
C GLU E 450 1.23 -42.34 -27.41
N ILE E 451 0.69 -42.46 -26.19
CA ILE E 451 1.49 -42.80 -25.01
C ILE E 451 1.88 -44.28 -25.03
N GLN E 452 0.91 -45.15 -25.32
CA GLN E 452 1.19 -46.58 -25.53
C GLN E 452 2.34 -46.81 -26.52
N LEU E 453 2.29 -46.08 -27.63
CA LEU E 453 3.25 -46.25 -28.72
C LEU E 453 4.64 -45.80 -28.27
N ARG E 454 4.68 -44.72 -27.48
CA ARG E 454 5.92 -44.24 -26.87
C ARG E 454 6.64 -45.32 -26.06
N HIS E 455 5.90 -46.06 -25.23
CA HIS E 455 6.49 -47.16 -24.45
C HIS E 455 6.91 -48.33 -25.34
N VAL E 456 6.08 -48.69 -26.32
CA VAL E 456 6.40 -49.79 -27.23
C VAL E 456 7.70 -49.45 -28.01
N THR E 457 7.80 -48.21 -28.49
CA THR E 457 9.02 -47.68 -29.13
C THR E 457 10.25 -47.88 -28.24
N HIS E 458 10.16 -47.42 -26.98
CA HIS E 458 11.24 -47.58 -26.03
C HIS E 458 11.67 -49.03 -25.88
N CYS E 459 10.69 -49.93 -25.72
CA CYS E 459 10.96 -51.35 -25.53
C CYS E 459 11.58 -51.97 -26.77
N TYR E 460 11.12 -51.52 -27.94
CA TYR E 460 11.68 -51.93 -29.23
C TYR E 460 13.19 -51.59 -29.32
N LYS E 461 13.53 -50.38 -28.89
CA LYS E 461 14.92 -49.92 -28.85
C LYS E 461 15.79 -50.70 -27.86
N ALA E 462 15.17 -51.23 -26.80
CA ALA E 462 15.85 -52.15 -25.89
C ALA E 462 16.11 -53.49 -26.57
N ASP E 463 15.06 -54.03 -27.20
CA ASP E 463 15.10 -55.28 -27.95
C ASP E 463 13.88 -55.35 -28.86
N PRO E 464 14.08 -55.57 -30.18
CA PRO E 464 12.93 -55.65 -31.09
C PRO E 464 11.85 -56.66 -30.66
N ALA E 465 12.26 -57.76 -30.02
CA ALA E 465 11.31 -58.79 -29.54
C ALA E 465 10.52 -58.33 -28.30
N TYR E 466 11.12 -57.47 -27.50
CA TYR E 466 10.43 -56.86 -26.35
C TYR E 466 9.32 -55.93 -26.89
N GLY E 467 9.70 -54.99 -27.76
CA GLY E 467 8.75 -54.07 -28.39
C GLY E 467 7.62 -54.78 -29.12
N GLU E 468 7.96 -55.79 -29.92
CA GLU E 468 6.95 -56.55 -30.66
C GLU E 468 5.99 -57.34 -29.78
N GLY E 469 6.48 -57.83 -28.64
CA GLY E 469 5.66 -58.60 -27.71
C GLY E 469 4.49 -57.80 -27.16
N ILE E 470 4.74 -56.52 -26.85
CA ILE E 470 3.70 -55.61 -26.35
C ILE E 470 2.88 -55.07 -27.52
N GLY E 471 3.58 -54.63 -28.57
CA GLY E 471 2.93 -54.11 -29.78
C GLY E 471 1.88 -55.03 -30.38
N LYS E 472 2.19 -56.33 -30.43
CA LYS E 472 1.25 -57.34 -30.91
C LYS E 472 -0.04 -57.33 -30.08
N LEU E 473 0.11 -57.42 -28.76
CA LEU E 473 -1.03 -57.49 -27.83
C LEU E 473 -1.87 -56.22 -27.86
N LEU E 474 -1.24 -55.09 -28.21
CA LEU E 474 -1.96 -53.82 -28.26
C LEU E 474 -2.54 -53.55 -29.66
N GLY E 475 -2.30 -54.48 -30.58
CA GLY E 475 -2.87 -54.41 -31.92
C GLY E 475 -2.17 -53.48 -32.89
N PHE E 476 -0.95 -53.08 -32.57
CA PHE E 476 -0.17 -52.17 -33.42
C PHE E 476 0.56 -52.91 -34.53
N ASP E 477 0.76 -52.23 -35.66
CA ASP E 477 1.65 -52.73 -36.69
C ASP E 477 3.07 -52.29 -36.35
N ILE E 478 4.03 -53.17 -36.67
CA ILE E 478 5.43 -52.94 -36.33
C ILE E 478 6.03 -51.63 -36.90
N SER E 479 5.49 -51.16 -38.02
CA SER E 479 5.91 -49.90 -38.63
C SER E 479 5.59 -48.68 -37.76
N GLU E 480 4.72 -48.87 -36.76
CA GLU E 480 4.29 -47.77 -35.87
C GLU E 480 5.29 -47.45 -34.76
N TYR E 481 6.17 -48.40 -34.46
CA TYR E 481 7.16 -48.23 -33.40
C TYR E 481 8.56 -48.69 -33.84
N ASN E 482 8.68 -48.89 -35.16
CA ASN E 482 9.87 -49.46 -35.81
C ASN E 482 11.09 -48.56 -35.86
N SER E 483 10.87 -47.25 -35.75
CA SER E 483 11.94 -46.28 -35.94
C SER E 483 11.96 -45.19 -34.87
N SER F 2 1.45 -18.54 -17.73
CA SER F 2 0.11 -19.24 -17.65
C SER F 2 0.27 -20.73 -17.30
N LYS F 3 1.08 -21.44 -18.09
CA LYS F 3 1.55 -22.77 -17.72
C LYS F 3 3.02 -22.71 -17.29
N LYS F 4 3.60 -21.52 -17.33
CA LYS F 4 5.02 -21.32 -17.03
C LYS F 4 5.31 -21.44 -15.54
N LEU F 5 6.34 -22.22 -15.22
CA LEU F 5 6.65 -22.59 -13.85
C LEU F 5 7.38 -21.47 -13.10
N THR F 6 6.90 -21.18 -11.89
CA THR F 6 7.57 -20.24 -10.98
C THR F 6 7.82 -20.88 -9.61
N THR F 7 8.64 -20.22 -8.80
CA THR F 7 8.73 -20.52 -7.38
C THR F 7 7.48 -19.98 -6.68
N ALA F 8 7.34 -20.28 -5.39
CA ALA F 8 6.21 -19.78 -4.60
C ALA F 8 6.21 -18.26 -4.51
N ALA F 9 7.39 -17.65 -4.68
CA ALA F 9 7.51 -16.19 -4.63
C ALA F 9 7.40 -15.56 -6.02
N GLY F 10 7.07 -16.37 -7.02
CA GLY F 10 6.85 -15.87 -8.39
C GLY F 10 8.08 -15.69 -9.27
N CYS F 11 9.23 -16.22 -8.85
CA CYS F 11 10.44 -16.17 -9.67
C CYS F 11 10.39 -17.25 -10.74
N PRO F 12 10.65 -16.90 -12.01
CA PRO F 12 10.72 -17.93 -13.07
C PRO F 12 11.67 -19.07 -12.69
N VAL F 13 11.25 -20.31 -12.93
CA VAL F 13 12.13 -21.46 -12.70
C VAL F 13 12.74 -21.93 -14.02
N ALA F 14 14.07 -21.83 -14.12
CA ALA F 14 14.79 -22.16 -15.35
C ALA F 14 15.13 -23.64 -15.50
N HIS F 15 15.32 -24.33 -14.38
CA HIS F 15 15.79 -25.71 -14.40
C HIS F 15 14.92 -26.60 -13.52
N ASN F 16 14.11 -27.45 -14.16
CA ASN F 16 13.23 -28.38 -13.43
C ASN F 16 13.54 -29.83 -13.81
N GLN F 17 14.67 -30.04 -14.50
CA GLN F 17 15.04 -31.40 -14.94
C GLN F 17 16.38 -31.84 -14.38
N ASN F 18 17.26 -30.86 -14.11
CA ASN F 18 18.62 -31.14 -13.63
C ASN F 18 18.97 -30.22 -12.47
N VAL F 19 19.37 -30.82 -11.34
CA VAL F 19 19.87 -30.05 -10.20
C VAL F 19 21.28 -29.56 -10.47
N GLN F 20 21.68 -28.52 -9.74
CA GLN F 20 22.99 -27.93 -9.86
C GLN F 20 24.05 -28.77 -9.14
N THR F 21 25.12 -29.12 -9.86
CA THR F 21 26.23 -29.89 -9.30
C THR F 21 27.58 -29.21 -9.53
N ALA F 22 28.59 -29.64 -8.79
CA ALA F 22 29.95 -29.16 -8.95
C ALA F 22 30.61 -30.00 -10.04
N GLY F 23 30.36 -29.62 -11.29
CA GLY F 23 30.79 -30.40 -12.46
C GLY F 23 29.85 -31.55 -12.77
N LYS F 24 30.05 -32.16 -13.95
CA LYS F 24 29.14 -33.17 -14.47
C LYS F 24 28.92 -34.36 -13.55
N ARG F 25 29.98 -34.85 -12.91
CA ARG F 25 29.90 -36.02 -12.04
C ARG F 25 30.20 -35.63 -10.60
N GLY F 26 29.92 -34.37 -10.26
CA GLY F 26 30.20 -33.83 -8.93
C GLY F 26 28.96 -33.84 -8.04
N PRO F 27 29.15 -33.57 -6.72
CA PRO F 27 28.03 -33.57 -5.77
C PRO F 27 27.12 -32.36 -5.93
N GLN F 28 25.91 -32.45 -5.37
CA GLN F 28 24.91 -31.41 -5.47
C GLN F 28 25.28 -30.18 -4.64
N LEU F 29 24.97 -29.03 -5.21
CA LEU F 29 25.18 -27.76 -4.53
C LEU F 29 23.94 -27.37 -3.73
N LEU F 30 24.16 -26.85 -2.52
CA LEU F 30 23.09 -26.36 -1.66
C LEU F 30 22.32 -25.18 -2.29
N GLN F 31 23.01 -24.37 -3.10
CA GLN F 31 22.41 -23.17 -3.70
C GLN F 31 21.40 -23.45 -4.84
N ASP F 32 21.12 -24.73 -5.13
CA ASP F 32 19.94 -25.05 -5.95
C ASP F 32 18.73 -24.88 -5.04
N VAL F 33 18.20 -23.66 -5.04
CA VAL F 33 17.15 -23.28 -4.11
C VAL F 33 15.78 -23.79 -4.55
N TRP F 34 15.59 -23.99 -5.86
CA TRP F 34 14.34 -24.56 -6.36
C TRP F 34 14.21 -26.04 -5.94
N PHE F 35 15.30 -26.80 -6.05
CA PHE F 35 15.29 -28.17 -5.52
C PHE F 35 14.83 -28.18 -4.05
N LEU F 36 15.46 -27.37 -3.23
CA LEU F 36 15.12 -27.31 -1.79
C LEU F 36 13.65 -26.96 -1.54
N GLU F 37 13.14 -25.94 -2.27
CA GLU F 37 11.74 -25.52 -2.11
C GLU F 37 10.77 -26.57 -2.59
N LYS F 38 10.99 -27.08 -3.80
CA LYS F 38 10.15 -28.11 -4.37
C LYS F 38 10.06 -29.35 -3.46
N LEU F 39 11.20 -29.82 -2.95
CA LEU F 39 11.25 -30.99 -2.09
C LEU F 39 10.67 -30.77 -0.71
N ALA F 40 10.90 -29.59 -0.16
CA ALA F 40 10.35 -29.22 1.14
C ALA F 40 8.82 -29.14 1.13
N HIS F 41 8.23 -28.56 0.07
CA HIS F 41 6.78 -28.54 -0.07
C HIS F 41 6.26 -29.96 -0.27
N PHE F 42 6.94 -30.74 -1.12
CA PHE F 42 6.62 -32.16 -1.33
C PHE F 42 6.62 -32.92 0.00
N ASP F 43 7.64 -32.66 0.80
CA ASP F 43 7.78 -33.33 2.09
C ASP F 43 6.65 -33.02 3.06
N ARG F 44 5.84 -31.98 2.74
CA ARG F 44 4.80 -31.52 3.67
C ARG F 44 3.37 -31.58 3.10
N GLU F 45 3.19 -32.35 2.02
CA GLU F 45 1.89 -32.52 1.36
C GLU F 45 0.80 -33.17 2.22
N VAL F 46 1.20 -34.13 3.06
CA VAL F 46 0.30 -34.96 3.86
C VAL F 46 -0.07 -34.30 5.18
N ILE F 47 -1.35 -34.34 5.50
CA ILE F 47 -1.80 -33.95 6.84
C ILE F 47 -2.43 -35.19 7.49
N PRO F 48 -2.68 -35.15 8.82
CA PRO F 48 -3.24 -36.35 9.45
C PRO F 48 -4.61 -36.73 8.85
N GLU F 49 -4.84 -38.02 8.63
CA GLU F 49 -6.15 -38.51 8.21
C GLU F 49 -7.16 -38.37 9.36
N ARG F 50 -8.47 -38.43 9.04
CA ARG F 50 -9.50 -38.41 10.06
C ARG F 50 -9.31 -39.62 10.99
N ARG F 51 -9.57 -39.42 12.28
CA ARG F 51 -9.48 -40.52 13.28
C ARG F 51 -10.57 -41.60 13.09
N OMT F 52 -11.65 -41.24 12.44
CA OMT F 52 -12.74 -42.15 12.11
CB OMT F 52 -13.84 -42.08 13.18
CG OMT F 52 -14.69 -43.35 13.29
SD OMT F 52 -14.01 -44.52 14.28
CE OMT F 52 -13.00 -45.51 13.42
C OMT F 52 -13.27 -41.67 10.80
O OMT F 52 -13.21 -40.47 10.54
OD1 OMT F 52 -13.33 -43.88 15.38
OD2 OMT F 52 -15.10 -45.33 14.82
N HIS F 53 -13.78 -42.59 9.97
CA HIS F 53 -14.24 -42.29 8.61
C HIS F 53 -13.14 -41.68 7.73
N ALA F 54 -11.91 -42.20 7.83
CA ALA F 54 -10.77 -41.65 7.07
C ALA F 54 -10.93 -41.80 5.54
N LYS F 55 -11.68 -42.82 5.12
CA LYS F 55 -11.87 -43.13 3.69
C LYS F 55 -13.22 -42.62 3.20
N GLY F 56 -13.21 -41.77 2.18
CA GLY F 56 -14.44 -41.14 1.72
C GLY F 56 -14.47 -40.46 0.37
N SER F 57 -15.68 -40.07 -0.04
CA SER F 57 -15.94 -39.45 -1.34
C SER F 57 -16.93 -38.32 -1.16
N GLY F 58 -16.71 -37.21 -1.86
CA GLY F 58 -17.56 -36.02 -1.70
C GLY F 58 -18.12 -35.48 -3.00
N ALA F 59 -19.23 -34.74 -2.87
CA ALA F 59 -19.88 -34.08 -4.01
C ALA F 59 -20.75 -32.91 -3.55
N TYR F 60 -20.88 -31.90 -4.41
CA TYR F 60 -21.75 -30.74 -4.14
C TYR F 60 -23.14 -31.00 -4.71
N GLY F 61 -24.14 -30.38 -4.08
CA GLY F 61 -25.49 -30.48 -4.59
C GLY F 61 -26.41 -29.35 -4.17
N THR F 62 -27.70 -29.59 -4.26
CA THR F 62 -28.71 -28.57 -3.95
C THR F 62 -29.89 -29.24 -3.28
N PHE F 63 -30.30 -28.66 -2.14
CA PHE F 63 -31.50 -29.09 -1.42
C PHE F 63 -32.66 -28.17 -1.78
N THR F 64 -33.85 -28.74 -2.00
CA THR F 64 -35.04 -27.98 -2.36
C THR F 64 -36.19 -28.36 -1.44
N VAL F 65 -36.78 -27.36 -0.77
CA VAL F 65 -37.96 -27.57 0.06
C VAL F 65 -39.16 -27.96 -0.81
N THR F 66 -39.81 -29.07 -0.46
CA THR F 66 -41.05 -29.50 -1.12
C THR F 66 -42.32 -29.39 -0.25
N HIS F 67 -42.15 -29.33 1.07
CA HIS F 67 -43.31 -29.31 2.00
C HIS F 67 -43.11 -28.28 3.13
N ASP F 68 -44.22 -27.87 3.75
CA ASP F 68 -44.22 -26.83 4.80
C ASP F 68 -44.17 -27.45 6.21
N ILE F 69 -43.01 -27.34 6.87
CA ILE F 69 -42.85 -27.81 8.26
C ILE F 69 -42.57 -26.66 9.23
N THR F 70 -42.93 -25.45 8.80
CA THR F 70 -42.65 -24.25 9.58
C THR F 70 -43.48 -24.12 10.86
N LYS F 71 -44.45 -25.02 11.08
CA LYS F 71 -45.08 -25.12 12.40
C LYS F 71 -44.04 -25.54 13.46
N TYR F 72 -43.08 -26.35 13.02
CA TYR F 72 -42.13 -26.99 13.93
C TYR F 72 -40.80 -26.24 14.03
N THR F 73 -40.42 -25.54 12.96
CA THR F 73 -39.09 -24.91 12.88
C THR F 73 -39.05 -23.61 12.09
N LYS F 74 -38.33 -22.64 12.65
CA LYS F 74 -38.13 -21.34 12.00
C LYS F 74 -36.84 -21.32 11.17
N ALA F 75 -36.25 -22.49 10.94
CA ALA F 75 -34.98 -22.58 10.21
C ALA F 75 -35.14 -22.08 8.78
N LYS F 76 -34.27 -21.18 8.36
CA LYS F 76 -34.37 -20.52 7.05
C LYS F 76 -34.35 -21.47 5.86
N ILE F 77 -33.55 -22.52 5.97
CA ILE F 77 -33.43 -23.54 4.93
C ILE F 77 -34.79 -24.17 4.58
N PHE F 78 -35.71 -24.19 5.53
CA PHE F 78 -37.05 -24.78 5.34
C PHE F 78 -38.19 -23.75 5.23
N SER F 79 -37.86 -22.45 5.19
CA SER F 79 -38.86 -21.40 5.37
C SER F 79 -39.94 -21.35 4.29
N ASP F 80 -39.57 -21.70 3.05
CA ASP F 80 -40.50 -21.65 1.92
C ASP F 80 -40.37 -22.83 0.98
N ILE F 81 -41.52 -23.36 0.54
CA ILE F 81 -41.58 -24.37 -0.51
C ILE F 81 -40.90 -23.85 -1.78
N GLY F 82 -40.01 -24.67 -2.35
CA GLY F 82 -39.25 -24.29 -3.54
C GLY F 82 -37.91 -23.61 -3.28
N LYS F 83 -37.66 -23.27 -2.01
CA LYS F 83 -36.41 -22.63 -1.61
C LYS F 83 -35.24 -23.57 -1.78
N LYS F 84 -34.20 -23.12 -2.47
CA LYS F 84 -33.03 -23.94 -2.76
C LYS F 84 -31.81 -23.49 -1.96
N THR F 85 -31.13 -24.47 -1.36
CA THR F 85 -29.91 -24.24 -0.58
C THR F 85 -28.78 -25.13 -1.12
N ASP F 86 -27.65 -24.51 -1.45
CA ASP F 86 -26.48 -25.29 -1.86
C ASP F 86 -25.91 -26.11 -0.68
N MET F 87 -25.24 -27.21 -1.02
CA MET F 87 -24.72 -28.14 -0.03
C MET F 87 -23.51 -28.91 -0.58
N PHE F 88 -22.79 -29.56 0.35
CA PHE F 88 -21.68 -30.47 0.06
C PHE F 88 -21.90 -31.71 0.93
N ALA F 89 -21.64 -32.88 0.36
CA ALA F 89 -21.80 -34.13 1.06
C ALA F 89 -20.50 -34.94 1.01
N ARG F 90 -20.22 -35.67 2.10
CA ARG F 90 -19.13 -36.65 2.10
C ARG F 90 -19.66 -37.99 2.61
N PHE F 91 -19.43 -39.04 1.83
CA PHE F 91 -19.79 -40.40 2.20
C PHE F 91 -18.48 -41.11 2.54
N SER F 92 -18.55 -42.15 3.35
CA SER F 92 -17.32 -42.73 3.88
C SER F 92 -17.57 -44.10 4.47
N THR F 93 -16.50 -44.87 4.65
CA THR F 93 -16.53 -46.01 5.56
C THR F 93 -16.17 -45.49 6.95
N VAL F 94 -15.96 -46.40 7.90
CA VAL F 94 -15.68 -46.00 9.28
C VAL F 94 -14.27 -46.41 9.71
N ALA F 95 -14.00 -47.72 9.62
CA ALA F 95 -12.78 -48.32 10.19
C ALA F 95 -11.54 -48.16 9.31
N GLY F 96 -11.73 -48.17 8.00
CA GLY F 96 -10.60 -48.13 7.07
C GLY F 96 -9.80 -46.84 7.10
N GLU F 97 -8.49 -46.97 6.91
CA GLU F 97 -7.60 -45.83 6.79
C GLU F 97 -7.72 -45.25 5.38
N ARG F 98 -6.97 -44.18 5.10
CA ARG F 98 -6.80 -43.59 3.75
C ARG F 98 -6.28 -44.85 3.02
C ARG F 98 -6.88 -44.33 2.42
N GLY F 99 -6.80 -45.14 1.84
N GLY F 99 -6.27 -45.51 2.32
CA GLY F 99 -6.28 -46.26 1.06
C GLY F 99 -7.02 -47.58 1.22
N ALA F 100 -7.74 -47.74 2.33
CA ALA F 100 -8.49 -48.97 2.59
C ALA F 100 -9.63 -49.14 1.58
N ALA F 101 -10.09 -50.38 1.42
CA ALA F 101 -11.12 -50.71 0.45
C ALA F 101 -12.46 -50.04 0.76
N ASP F 102 -13.03 -49.43 -0.27
CA ASP F 102 -14.38 -48.85 -0.19
C ASP F 102 -15.45 -49.89 0.17
N ALA F 103 -15.36 -51.07 -0.43
CA ALA F 103 -16.43 -52.07 -0.33
C ALA F 103 -16.26 -53.03 0.83
N GLU F 104 -16.15 -52.50 2.04
CA GLU F 104 -16.05 -53.32 3.24
C GLU F 104 -17.40 -53.42 3.98
N ARG F 105 -17.54 -54.43 4.83
CA ARG F 105 -18.67 -54.54 5.76
C ARG F 105 -18.47 -53.54 6.89
N ASP F 106 -19.34 -52.53 6.94
CA ASP F 106 -19.12 -51.38 7.80
C ASP F 106 -20.30 -50.41 7.73
N ILE F 107 -20.49 -49.63 8.78
CA ILE F 107 -21.33 -48.43 8.66
C ILE F 107 -20.78 -47.54 7.55
N ARG F 108 -21.65 -46.75 6.93
CA ARG F 108 -21.24 -45.69 6.02
C ARG F 108 -21.60 -44.33 6.58
N GLY F 109 -20.64 -43.40 6.55
CA GLY F 109 -20.90 -42.01 6.90
C GLY F 109 -21.76 -41.35 5.83
N PHE F 110 -22.64 -40.45 6.26
CA PHE F 110 -23.60 -39.77 5.40
C PHE F 110 -23.64 -38.32 5.89
N SER F 111 -22.58 -37.60 5.54
CA SER F 111 -22.28 -36.34 6.19
C SER F 111 -22.65 -35.18 5.28
N LEU F 112 -23.43 -34.24 5.79
CA LEU F 112 -23.97 -33.15 4.96
C LEU F 112 -23.66 -31.77 5.53
N LYS F 113 -23.36 -30.84 4.61
CA LYS F 113 -23.09 -29.46 4.95
C LYS F 113 -24.04 -28.62 4.11
N PHE F 114 -24.95 -27.90 4.75
CA PHE F 114 -25.88 -26.99 4.06
C PHE F 114 -25.46 -25.54 4.26
N TYR F 115 -25.27 -24.84 3.15
CA TYR F 115 -24.82 -23.45 3.17
C TYR F 115 -26.01 -22.50 3.27
N THR F 116 -26.59 -22.38 4.47
CA THR F 116 -27.82 -21.59 4.66
C THR F 116 -27.49 -20.13 4.94
N GLU F 117 -28.53 -19.29 4.87
CA GLU F 117 -28.39 -17.85 5.04
C GLU F 117 -28.13 -17.45 6.50
N GLU F 118 -28.30 -18.40 7.42
CA GLU F 118 -28.00 -18.16 8.83
C GLU F 118 -26.93 -19.13 9.37
N GLY F 119 -26.01 -19.54 8.48
CA GLY F 119 -24.89 -20.39 8.86
C GLY F 119 -24.84 -21.72 8.13
N ASN F 120 -23.66 -22.33 8.11
CA ASN F 120 -23.54 -23.72 7.66
C ASN F 120 -24.17 -24.70 8.66
N TRP F 121 -25.18 -25.43 8.20
CA TRP F 121 -25.76 -26.48 9.00
C TRP F 121 -25.02 -27.78 8.66
N ASP F 122 -24.25 -28.26 9.63
CA ASP F 122 -23.56 -29.56 9.51
C ASP F 122 -24.42 -30.68 10.12
N LEU F 123 -24.77 -31.67 9.30
CA LEU F 123 -25.44 -32.89 9.75
C LEU F 123 -24.55 -34.06 9.39
N ALA F 124 -23.74 -34.48 10.36
CA ALA F 124 -22.87 -35.61 10.15
C ALA F 124 -23.62 -36.89 10.52
N GLY F 125 -24.31 -37.46 9.53
CA GLY F 125 -25.11 -38.65 9.73
C GLY F 125 -24.41 -39.94 9.31
N ASN F 126 -25.12 -41.06 9.45
CA ASN F 126 -24.64 -42.36 9.03
C ASN F 126 -25.73 -43.00 8.14
N ASN F 127 -25.43 -44.13 7.49
CA ASN F 127 -26.45 -44.88 6.73
C ASN F 127 -27.33 -45.79 7.60
N THR F 128 -27.41 -45.48 8.89
CA THR F 128 -28.16 -46.28 9.88
C THR F 128 -28.77 -45.33 10.90
N PRO F 129 -29.98 -45.65 11.40
CA PRO F 129 -30.66 -44.76 12.34
C PRO F 129 -30.14 -44.89 13.78
N VAL F 130 -29.33 -45.92 14.03
CA VAL F 130 -28.82 -46.21 15.36
C VAL F 130 -27.30 -46.36 15.39
N PHE F 131 -26.74 -46.59 16.57
CA PHE F 131 -25.29 -46.77 16.71
C PHE F 131 -25.06 -47.83 17.80
N PHE F 132 -23.78 -48.21 17.98
CA PHE F 132 -23.40 -49.26 18.91
C PHE F 132 -23.52 -48.83 20.38
N LEU F 133 -23.37 -47.53 20.63
CA LEU F 133 -23.15 -47.06 22.00
C LEU F 133 -24.22 -46.09 22.49
N ARG F 134 -24.47 -46.13 23.79
CA ARG F 134 -25.31 -45.16 24.49
C ARG F 134 -24.52 -44.00 25.11
N ASP F 135 -23.24 -44.24 25.42
CA ASP F 135 -22.41 -43.25 26.14
C ASP F 135 -21.11 -42.93 25.40
N PRO F 136 -20.81 -41.63 25.22
CA PRO F 136 -19.63 -41.19 24.43
C PRO F 136 -18.26 -41.60 25.01
N LEU F 137 -18.21 -41.92 26.31
CA LEU F 137 -16.96 -42.43 26.91
C LEU F 137 -16.45 -43.72 26.25
N LYS F 138 -17.38 -44.47 25.65
CA LYS F 138 -17.08 -45.71 24.96
C LYS F 138 -16.58 -45.53 23.52
N PHE F 139 -16.64 -44.32 22.98
CA PHE F 139 -16.23 -44.12 21.58
C PHE F 139 -14.75 -44.47 21.27
N PRO F 140 -13.78 -43.99 22.09
CA PRO F 140 -12.38 -44.38 21.82
C PRO F 140 -12.18 -45.90 21.95
N ASP F 141 -12.92 -46.53 22.86
CA ASP F 141 -12.92 -47.99 22.99
C ASP F 141 -13.45 -48.71 21.74
N LEU F 142 -14.52 -48.20 21.14
CA LEU F 142 -15.03 -48.70 19.87
C LEU F 142 -13.97 -48.61 18.77
N ASN F 143 -13.37 -47.43 18.61
CA ASN F 143 -12.28 -47.24 17.65
C ASN F 143 -11.21 -48.31 17.84
N HIS F 144 -10.76 -48.48 19.08
CA HIS F 144 -9.65 -49.36 19.39
C HIS F 144 -10.00 -50.82 19.22
N ALA F 145 -11.30 -51.12 19.27
CA ALA F 145 -11.78 -52.48 19.13
C ALA F 145 -12.02 -52.85 17.66
N VAL F 146 -12.45 -51.90 16.84
CA VAL F 146 -12.79 -52.15 15.42
C VAL F 146 -11.65 -51.85 14.43
N LYS F 147 -10.59 -51.19 14.88
CA LYS F 147 -9.44 -50.91 14.00
C LYS F 147 -8.27 -51.87 14.30
N ARG F 148 -7.02 -51.42 14.12
CA ARG F 148 -5.88 -52.35 14.19
C ARG F 148 -5.41 -52.60 15.62
N ASP F 149 -5.17 -53.88 15.94
CA ASP F 149 -4.61 -54.31 17.22
C ASP F 149 -3.23 -53.64 17.40
N PRO F 150 -2.88 -53.24 18.63
CA PRO F 150 -1.61 -52.54 18.84
C PRO F 150 -0.37 -53.34 18.43
N ARG F 151 -0.44 -54.68 18.47
CA ARG F 151 0.71 -55.52 18.08
C ARG F 151 0.63 -56.00 16.63
N THR F 152 -0.50 -56.56 16.24
CA THR F 152 -0.60 -57.21 14.94
C THR F 152 -0.71 -56.20 13.80
N ASN F 153 -1.14 -54.98 14.13
CA ASN F 153 -1.49 -53.97 13.13
C ASN F 153 -2.54 -54.45 12.12
N MET F 154 -3.40 -55.35 12.55
CA MET F 154 -4.50 -55.82 11.72
C MET F 154 -5.74 -55.84 12.59
N ARG F 155 -6.90 -55.73 11.96
CA ARG F 155 -8.17 -55.86 12.66
C ARG F 155 -8.24 -57.20 13.40
N SER F 156 -8.93 -57.23 14.53
CA SER F 156 -8.95 -58.41 15.37
C SER F 156 -10.39 -58.77 15.69
N ALA F 157 -10.81 -59.93 15.20
CA ALA F 157 -12.14 -60.46 15.50
C ALA F 157 -12.39 -60.57 17.01
N LYS F 158 -11.41 -61.10 17.75
CA LYS F 158 -11.47 -61.22 19.21
C LYS F 158 -11.70 -59.87 19.87
N ASN F 159 -10.84 -58.89 19.56
CA ASN F 159 -10.95 -57.53 20.09
C ASN F 159 -12.33 -56.94 19.77
N ASN F 160 -12.69 -56.99 18.49
CA ASN F 160 -13.96 -56.46 18.01
C ASN F 160 -15.13 -57.10 18.75
N TRP F 161 -15.16 -58.43 18.80
CA TRP F 161 -16.31 -59.14 19.35
C TRP F 161 -16.33 -59.24 20.87
N ASP F 162 -15.16 -59.19 21.52
CA ASP F 162 -15.09 -59.10 22.99
C ASP F 162 -15.83 -57.83 23.44
N PHE F 163 -15.53 -56.72 22.77
CA PHE F 163 -16.09 -55.42 23.07
C PHE F 163 -17.59 -55.34 22.78
N TRP F 164 -17.99 -55.72 21.57
CA TRP F 164 -19.40 -55.69 21.21
C TRP F 164 -20.25 -56.54 22.16
N THR F 165 -19.77 -57.74 22.48
CA THR F 165 -20.55 -58.65 23.34
C THR F 165 -20.54 -58.19 24.80
N SER F 166 -19.64 -57.26 25.13
CA SER F 166 -19.59 -56.69 26.47
C SER F 166 -20.58 -55.54 26.63
N LEU F 167 -21.11 -55.07 25.50
CA LEU F 167 -22.15 -54.03 25.49
C LEU F 167 -23.44 -54.56 24.85
N PRO F 168 -24.33 -55.14 25.66
CA PRO F 168 -25.57 -55.70 25.11
C PRO F 168 -26.35 -54.70 24.24
N GLU F 169 -26.29 -53.41 24.58
CA GLU F 169 -26.93 -52.32 23.82
C GLU F 169 -26.48 -52.19 22.36
N ALA F 170 -25.31 -52.73 22.05
CA ALA F 170 -24.74 -52.70 20.69
C ALA F 170 -25.45 -53.61 19.71
N LEU F 171 -26.28 -54.52 20.23
CA LEU F 171 -26.86 -55.59 19.42
C LEU F 171 -27.65 -55.05 18.22
N HIS F 172 -28.43 -53.99 18.45
CA HIS F 172 -29.21 -53.37 17.37
C HIS F 172 -28.33 -53.04 16.17
N GLN F 173 -27.24 -52.29 16.38
CA GLN F 173 -26.34 -51.90 15.28
C GLN F 173 -25.46 -53.04 14.78
N VAL F 174 -25.05 -53.95 15.67
CA VAL F 174 -24.36 -55.19 15.23
C VAL F 174 -25.26 -55.96 14.26
N THR F 175 -26.55 -56.02 14.58
CA THR F 175 -27.52 -56.73 13.74
C THR F 175 -27.60 -56.11 12.33
N ILE F 176 -27.63 -54.78 12.30
CA ILE F 176 -27.70 -54.03 11.05
C ILE F 176 -26.41 -54.23 10.24
N VAL F 177 -25.25 -54.07 10.88
CA VAL F 177 -23.98 -54.18 10.16
C VAL F 177 -23.71 -55.61 9.65
N MET F 178 -24.26 -56.60 10.35
CA MET F 178 -24.17 -58.00 9.94
C MET F 178 -25.28 -58.40 8.93
N SER F 179 -26.25 -57.52 8.73
CA SER F 179 -27.32 -57.76 7.76
C SER F 179 -26.83 -57.53 6.32
N ASP F 180 -27.72 -57.70 5.35
CA ASP F 180 -27.36 -57.45 3.96
C ASP F 180 -27.05 -55.98 3.70
N ARG F 181 -27.56 -55.10 4.55
CA ARG F 181 -27.27 -53.67 4.44
C ARG F 181 -25.88 -53.26 4.98
N GLY F 182 -25.11 -54.24 5.47
CA GLY F 182 -23.72 -54.04 5.90
C GLY F 182 -22.75 -53.59 4.82
N ILE F 183 -23.06 -53.92 3.56
CA ILE F 183 -22.26 -53.45 2.43
C ILE F 183 -23.12 -52.87 1.32
N PRO F 184 -23.35 -51.54 1.34
CA PRO F 184 -24.04 -50.88 0.22
C PRO F 184 -23.28 -51.10 -1.07
N ALA F 185 -23.99 -51.34 -2.16
CA ALA F 185 -23.35 -51.61 -3.44
C ALA F 185 -22.67 -50.34 -3.92
N THR F 186 -23.26 -49.18 -3.61
CA THR F 186 -22.66 -47.88 -3.88
C THR F 186 -23.17 -46.90 -2.82
N TYR F 187 -22.60 -45.71 -2.74
CA TYR F 187 -23.12 -44.67 -1.84
C TYR F 187 -24.51 -44.17 -2.24
N ARG F 188 -24.86 -44.35 -3.51
CA ARG F 188 -26.14 -43.90 -4.06
C ARG F 188 -27.30 -44.83 -3.68
N HIS F 189 -26.99 -46.05 -3.26
CA HIS F 189 -28.01 -47.06 -2.94
C HIS F 189 -28.04 -47.40 -1.46
N MET F 190 -27.94 -46.36 -0.64
CA MET F 190 -28.09 -46.45 0.82
C MET F 190 -28.90 -45.25 1.32
N HIS F 191 -29.54 -45.41 2.48
CA HIS F 191 -30.23 -44.30 3.15
C HIS F 191 -29.28 -43.53 4.05
N GLY F 192 -29.70 -42.34 4.46
CA GLY F 192 -28.97 -41.57 5.46
C GLY F 192 -29.86 -41.17 6.62
N PHE F 193 -29.25 -40.98 7.79
CA PHE F 193 -29.96 -40.65 9.01
C PHE F 193 -29.16 -39.67 9.86
N GLY F 194 -29.85 -38.76 10.55
CA GLY F 194 -29.21 -37.96 11.59
C GLY F 194 -28.80 -38.86 12.74
N SER F 195 -29.51 -40.01 12.85
CA SER F 195 -29.40 -41.02 13.92
C SER F 195 -29.91 -40.50 15.28
N HIS F 196 -29.30 -39.43 15.78
CA HIS F 196 -29.68 -38.83 17.07
C HIS F 196 -31.06 -38.19 16.99
N THR F 197 -31.72 -38.13 18.14
CA THR F 197 -32.72 -37.12 18.36
C THR F 197 -32.01 -35.74 18.38
N PHE F 198 -32.54 -34.79 17.62
CA PHE F 198 -32.12 -33.39 17.69
C PHE F 198 -33.34 -32.62 18.11
N SER F 199 -33.35 -31.31 17.86
CA SER F 199 -34.54 -30.52 18.17
C SER F 199 -34.82 -29.45 17.12
N PHE F 200 -36.11 -29.14 16.99
CA PHE F 200 -36.57 -28.04 16.17
C PHE F 200 -37.10 -26.97 17.11
N ILE F 201 -36.87 -25.71 16.77
CA ILE F 201 -37.43 -24.56 17.52
C ILE F 201 -38.21 -23.66 16.56
N ASN F 202 -39.50 -23.44 16.84
CA ASN F 202 -40.32 -22.59 15.96
C ASN F 202 -40.35 -21.10 16.33
N SER F 203 -41.10 -20.33 15.53
CA SER F 203 -41.38 -18.89 15.74
C SER F 203 -41.85 -18.51 17.12
N ASP F 204 -42.56 -19.43 17.76
CA ASP F 204 -43.16 -19.17 19.05
C ASP F 204 -42.29 -19.69 20.17
N ASN F 205 -41.02 -19.93 19.85
CA ASN F 205 -40.02 -20.48 20.78
C ASN F 205 -40.43 -21.81 21.43
N GLU F 206 -41.27 -22.57 20.71
CA GLU F 206 -41.67 -23.92 21.13
C GLU F 206 -40.67 -24.93 20.61
N ARG F 207 -40.44 -25.98 21.40
CA ARG F 207 -39.44 -27.01 21.10
C ARG F 207 -40.10 -28.33 20.74
N TYR F 208 -39.62 -28.94 19.66
CA TYR F 208 -39.96 -30.31 19.28
C TYR F 208 -38.71 -31.17 19.18
N TRP F 209 -38.82 -32.44 19.52
CA TRP F 209 -37.73 -33.38 19.28
C TRP F 209 -37.87 -33.89 17.83
N VAL F 210 -36.74 -34.07 17.15
CA VAL F 210 -36.77 -34.43 15.71
C VAL F 210 -35.75 -35.53 15.37
N LYS F 211 -36.12 -36.40 14.42
CA LYS F 211 -35.21 -37.34 13.76
C LYS F 211 -35.18 -37.00 12.28
N PHE F 212 -33.97 -37.03 11.69
CA PHE F 212 -33.77 -36.78 10.27
C PHE F 212 -33.57 -38.10 9.54
N HIS F 213 -34.30 -38.29 8.43
CA HIS F 213 -34.19 -39.44 7.55
C HIS F 213 -33.96 -38.96 6.11
N PHE F 214 -32.99 -39.57 5.44
CA PHE F 214 -32.74 -39.31 4.01
C PHE F 214 -32.96 -40.58 3.22
N VAL F 215 -34.06 -40.61 2.47
CA VAL F 215 -34.53 -41.79 1.75
C VAL F 215 -34.00 -41.78 0.31
N SER F 216 -33.19 -42.77 -0.03
CA SER F 216 -32.55 -42.84 -1.35
C SER F 216 -33.58 -42.98 -2.47
N GLN F 217 -33.49 -42.10 -3.46
CA GLN F 217 -34.37 -42.18 -4.63
C GLN F 217 -33.89 -43.23 -5.64
N GLN F 218 -32.77 -43.89 -5.34
CA GLN F 218 -32.19 -44.89 -6.22
C GLN F 218 -32.55 -46.29 -5.73
N GLY F 219 -33.06 -46.36 -4.50
CA GLY F 219 -33.37 -47.62 -3.85
C GLY F 219 -32.19 -48.19 -3.09
N ILE F 220 -32.41 -49.30 -2.41
CA ILE F 220 -31.35 -49.98 -1.66
C ILE F 220 -30.78 -51.10 -2.51
N LYS F 221 -29.45 -51.13 -2.64
CA LYS F 221 -28.72 -52.20 -3.31
C LYS F 221 -27.48 -52.56 -2.51
N ASN F 222 -27.27 -53.85 -2.31
CA ASN F 222 -26.18 -54.34 -1.48
C ASN F 222 -25.31 -55.37 -2.19
N LEU F 223 -24.14 -55.63 -1.60
CA LEU F 223 -23.22 -56.67 -2.04
C LEU F 223 -23.10 -57.71 -0.93
N SER F 224 -23.00 -58.97 -1.30
CA SER F 224 -22.70 -60.02 -0.32
C SER F 224 -21.21 -60.01 0.01
N ASP F 225 -20.80 -60.70 1.08
CA ASP F 225 -19.38 -60.82 1.42
C ASP F 225 -18.58 -61.31 0.20
N ALA F 226 -19.10 -62.33 -0.46
CA ALA F 226 -18.45 -62.90 -1.63
C ALA F 226 -18.30 -61.90 -2.78
N GLU F 227 -19.40 -61.21 -3.13
CA GLU F 227 -19.39 -60.23 -4.20
C GLU F 227 -18.44 -59.07 -3.90
N ALA F 228 -18.47 -58.60 -2.65
CA ALA F 228 -17.64 -57.47 -2.20
C ALA F 228 -16.17 -57.88 -2.19
N GLY F 229 -15.90 -59.12 -1.80
CA GLY F 229 -14.55 -59.69 -1.86
C GLY F 229 -13.99 -59.61 -3.26
N GLU F 230 -14.77 -60.09 -4.24
CA GLU F 230 -14.38 -60.06 -5.63
C GLU F 230 -14.16 -58.63 -6.12
N LEU F 231 -15.04 -57.71 -5.73
CA LEU F 231 -14.92 -56.30 -6.11
C LEU F 231 -13.63 -55.67 -5.60
N VAL F 232 -13.33 -55.91 -4.32
CA VAL F 232 -12.14 -55.37 -3.64
C VAL F 232 -10.84 -55.86 -4.30
N GLY F 233 -10.81 -57.13 -4.68
CA GLY F 233 -9.67 -57.70 -5.44
C GLY F 233 -9.32 -56.89 -6.67
N ASN F 234 -10.36 -56.36 -7.34
CA ASN F 234 -10.21 -55.57 -8.56
C ASN F 234 -10.09 -54.05 -8.32
N ASP F 235 -10.66 -53.55 -7.22
CA ASP F 235 -10.81 -52.12 -7.03
C ASP F 235 -11.04 -51.70 -5.58
N ARG F 236 -10.03 -51.08 -4.97
CA ARG F 236 -10.21 -50.52 -3.62
C ARG F 236 -11.01 -49.22 -3.61
N GLU F 237 -11.20 -48.64 -4.80
CA GLU F 237 -11.83 -47.34 -4.96
C GLU F 237 -13.22 -47.42 -5.62
N SER F 238 -13.88 -48.57 -5.47
CA SER F 238 -15.17 -48.83 -6.12
C SER F 238 -16.26 -47.76 -5.93
N HIS F 239 -16.34 -47.19 -4.73
CA HIS F 239 -17.46 -46.29 -4.39
C HIS F 239 -17.19 -44.85 -4.80
N GLN F 240 -15.93 -44.45 -4.74
CA GLN F 240 -15.45 -43.21 -5.30
C GLN F 240 -15.63 -43.22 -6.82
N ARG F 241 -15.31 -44.35 -7.46
CA ARG F 241 -15.44 -44.47 -8.90
C ARG F 241 -16.91 -44.25 -9.32
N ASP F 242 -17.80 -44.97 -8.65
CA ASP F 242 -19.23 -44.90 -8.93
C ASP F 242 -19.80 -43.49 -8.83
N LEU F 243 -19.53 -42.81 -7.71
CA LEU F 243 -20.02 -41.45 -7.47
C LEU F 243 -19.50 -40.47 -8.49
N LEU F 244 -18.18 -40.45 -8.68
CA LEU F 244 -17.53 -39.55 -9.63
C LEU F 244 -18.08 -39.77 -11.05
N ASP F 245 -18.08 -41.02 -11.50
CA ASP F 245 -18.55 -41.34 -12.87
C ASP F 245 -20.05 -41.07 -13.05
N SER F 246 -20.87 -41.43 -12.06
CA SER F 246 -22.31 -41.18 -12.14
C SER F 246 -22.62 -39.71 -12.34
N ILE F 247 -21.96 -38.87 -11.54
CA ILE F 247 -22.13 -37.43 -11.64
C ILE F 247 -21.60 -36.89 -12.97
N ASP F 248 -20.42 -37.35 -13.40
CA ASP F 248 -19.89 -36.95 -14.72
C ASP F 248 -20.81 -37.38 -15.88
N ASN F 249 -21.48 -38.52 -15.72
CA ASN F 249 -22.48 -39.00 -16.67
C ASN F 249 -23.87 -38.38 -16.48
N GLN F 250 -23.96 -37.38 -15.60
CA GLN F 250 -25.23 -36.69 -15.31
C GLN F 250 -26.35 -37.61 -14.83
N ASP F 251 -25.98 -38.67 -14.11
CA ASP F 251 -26.92 -39.52 -13.40
C ASP F 251 -26.87 -39.10 -11.93
N PHE F 252 -27.43 -37.92 -11.66
CA PHE F 252 -27.34 -37.30 -10.33
C PHE F 252 -28.17 -38.02 -9.26
N PRO F 253 -27.52 -38.57 -8.22
CA PRO F 253 -28.28 -39.27 -7.18
C PRO F 253 -29.08 -38.30 -6.30
N LYS F 254 -30.21 -38.76 -5.79
CA LYS F 254 -31.14 -37.92 -5.04
C LYS F 254 -31.57 -38.61 -3.77
N TRP F 255 -31.89 -37.82 -2.74
CA TRP F 255 -32.44 -38.32 -1.47
C TRP F 255 -33.61 -37.44 -1.03
N THR F 256 -34.64 -38.06 -0.45
CA THR F 256 -35.77 -37.30 0.08
C THR F 256 -35.64 -37.16 1.60
N LEU F 257 -35.57 -35.92 2.08
CA LEU F 257 -35.55 -35.66 3.52
C LEU F 257 -36.94 -35.81 4.12
N LYS F 258 -37.06 -36.70 5.11
CA LYS F 258 -38.27 -36.81 5.93
C LYS F 258 -37.88 -36.66 7.40
N VAL F 259 -38.79 -36.11 8.20
CA VAL F 259 -38.55 -35.96 9.64
C VAL F 259 -39.60 -36.70 10.48
N GLN F 260 -39.19 -37.16 11.66
CA GLN F 260 -40.12 -37.59 12.69
C GLN F 260 -40.17 -36.49 13.75
N ILE F 261 -41.37 -36.12 14.18
CA ILE F 261 -41.52 -34.99 15.10
C ILE F 261 -42.24 -35.40 16.38
N MET F 262 -41.58 -35.17 17.51
CA MET F 262 -42.12 -35.53 18.80
C MET F 262 -42.32 -34.28 19.64
N PRO F 263 -43.57 -33.99 20.04
CA PRO F 263 -43.81 -32.86 20.93
C PRO F 263 -43.04 -33.06 22.22
N GLU F 264 -42.53 -31.98 22.79
CA GLU F 264 -41.65 -32.02 23.96
C GLU F 264 -42.23 -32.84 25.12
N ALA F 265 -43.53 -32.71 25.37
CA ALA F 265 -44.20 -33.44 26.46
C ALA F 265 -44.13 -34.96 26.36
N ASP F 266 -44.20 -35.48 25.13
CA ASP F 266 -44.19 -36.93 24.88
C ASP F 266 -42.95 -37.65 25.38
N ALA F 267 -41.83 -36.94 25.46
CA ALA F 267 -40.53 -37.53 25.84
C ALA F 267 -40.57 -38.20 27.21
N ALA F 268 -41.37 -37.65 28.12
CA ALA F 268 -41.51 -38.20 29.47
C ALA F 268 -42.46 -39.41 29.55
N THR F 269 -43.19 -39.69 28.48
CA THR F 269 -44.26 -40.68 28.53
C THR F 269 -44.15 -41.86 27.56
N VAL F 270 -43.30 -41.75 26.53
CA VAL F 270 -43.09 -42.88 25.62
C VAL F 270 -42.41 -44.04 26.35
N PRO F 271 -42.69 -45.30 25.93
CA PRO F 271 -42.14 -46.47 26.62
C PRO F 271 -40.68 -46.78 26.28
N TYR F 272 -40.09 -46.01 25.37
CA TYR F 272 -38.67 -46.11 25.05
C TYR F 272 -37.97 -44.80 25.42
N ASN F 273 -36.68 -44.88 25.78
CA ASN F 273 -35.87 -43.68 25.96
C ASN F 273 -35.76 -43.00 24.59
N PRO F 274 -36.36 -41.79 24.44
CA PRO F 274 -36.31 -41.16 23.12
C PRO F 274 -34.92 -40.63 22.77
N PHE F 275 -34.00 -40.64 23.74
CA PHE F 275 -32.64 -40.12 23.57
C PHE F 275 -31.58 -41.21 23.53
N ASP F 276 -32.03 -42.46 23.44
CA ASP F 276 -31.15 -43.63 23.37
C ASP F 276 -30.76 -43.86 21.90
N LEU F 277 -29.47 -43.62 21.61
CA LEU F 277 -28.93 -43.79 20.25
C LEU F 277 -28.98 -45.24 19.75
N THR F 278 -29.12 -46.21 20.67
CA THR F 278 -29.28 -47.61 20.26
C THR F 278 -30.76 -47.92 19.91
N LYS F 279 -31.64 -46.91 19.99
CA LYS F 279 -33.07 -47.09 19.70
C LYS F 279 -33.63 -46.17 18.60
N VAL F 280 -34.63 -46.66 17.87
CA VAL F 280 -35.38 -45.84 16.92
C VAL F 280 -36.69 -45.38 17.58
N TRP F 281 -37.33 -44.36 17.00
CA TRP F 281 -38.73 -44.10 17.28
C TRP F 281 -39.52 -44.90 16.25
N PRO F 282 -40.41 -45.79 16.72
CA PRO F 282 -41.34 -46.52 15.84
C PRO F 282 -42.18 -45.59 14.96
N HIS F 283 -42.23 -45.92 13.67
CA HIS F 283 -43.00 -45.17 12.67
C HIS F 283 -44.50 -45.15 12.98
N LYS F 284 -44.98 -46.20 13.67
CA LYS F 284 -46.36 -46.25 14.17
C LYS F 284 -46.68 -45.11 15.15
N ASP F 285 -45.71 -44.77 15.99
CA ASP F 285 -45.82 -43.68 16.95
C ASP F 285 -45.60 -42.31 16.28
N TYR F 286 -44.56 -42.25 15.46
CA TYR F 286 -44.13 -41.00 14.81
C TYR F 286 -43.83 -41.26 13.32
N PRO F 287 -44.83 -40.97 12.45
CA PRO F 287 -44.68 -41.21 11.02
C PRO F 287 -43.70 -40.25 10.36
N LEU F 288 -43.08 -40.70 9.28
CA LEU F 288 -42.19 -39.84 8.48
C LEU F 288 -42.98 -38.66 7.89
N ILE F 289 -42.44 -37.45 8.02
CA ILE F 289 -43.05 -36.24 7.48
C ILE F 289 -42.13 -35.68 6.41
N GLU F 290 -42.61 -35.65 5.17
CA GLU F 290 -41.77 -35.23 4.06
C GLU F 290 -41.47 -33.74 4.18
N VAL F 291 -40.24 -33.35 3.81
CA VAL F 291 -39.76 -31.97 3.93
C VAL F 291 -39.22 -31.42 2.62
N GLY F 292 -38.34 -32.18 1.97
CA GLY F 292 -37.70 -31.74 0.74
C GLY F 292 -36.78 -32.81 0.17
N GLU F 293 -36.00 -32.44 -0.84
CA GLU F 293 -35.08 -33.38 -1.47
C GLU F 293 -33.75 -32.73 -1.84
N PHE F 294 -32.70 -33.55 -1.93
CA PHE F 294 -31.45 -33.04 -2.45
C PHE F 294 -30.90 -33.90 -3.57
N GLU F 295 -30.19 -33.27 -4.49
CA GLU F 295 -29.47 -33.99 -5.53
C GLU F 295 -28.04 -33.51 -5.51
N LEU F 296 -27.12 -34.44 -5.76
CA LEU F 296 -25.71 -34.13 -5.87
C LEU F 296 -25.36 -34.11 -7.37
N ASN F 297 -24.84 -32.98 -7.84
CA ASN F 297 -24.70 -32.78 -9.28
C ASN F 297 -23.39 -32.13 -9.70
N ARG F 298 -22.42 -32.08 -8.79
CA ARG F 298 -21.13 -31.46 -9.08
C ARG F 298 -19.97 -32.13 -8.32
N ASN F 299 -19.01 -32.67 -9.07
CA ASN F 299 -17.78 -33.23 -8.47
C ASN F 299 -16.84 -32.10 -8.07
N PRO F 300 -16.07 -32.28 -6.97
CA PRO F 300 -15.03 -31.29 -6.64
C PRO F 300 -13.92 -31.18 -7.71
N GLN F 301 -13.33 -30.00 -7.85
CA GLN F 301 -12.22 -29.80 -8.80
C GLN F 301 -10.94 -30.44 -8.25
N ASN F 302 -10.75 -30.32 -6.93
CA ASN F 302 -9.57 -30.89 -6.27
C ASN F 302 -9.96 -31.64 -4.99
N TYR F 303 -9.70 -32.95 -4.99
CA TYR F 303 -10.10 -33.80 -3.87
C TYR F 303 -9.49 -33.36 -2.53
N PHE F 304 -8.18 -33.14 -2.49
CA PHE F 304 -7.53 -32.73 -1.24
C PHE F 304 -8.15 -31.49 -0.61
N ALA F 305 -8.19 -30.41 -1.39
CA ALA F 305 -8.61 -29.11 -0.90
C ALA F 305 -10.08 -29.09 -0.45
N GLU F 306 -10.90 -29.90 -1.11
CA GLU F 306 -12.37 -29.85 -0.99
C GLU F 306 -13.01 -31.02 -0.23
N VAL F 307 -12.46 -32.21 -0.39
CA VAL F 307 -13.01 -33.40 0.29
C VAL F 307 -12.17 -33.76 1.50
N GLU F 308 -10.85 -33.91 1.31
CA GLU F 308 -9.98 -34.29 2.42
C GLU F 308 -10.03 -33.25 3.54
N GLN F 309 -9.97 -31.96 3.17
CA GLN F 309 -9.98 -30.85 4.13
C GLN F 309 -11.40 -30.45 4.61
N ALA F 310 -12.44 -31.13 4.12
CA ALA F 310 -13.81 -30.89 4.59
C ALA F 310 -13.95 -31.23 6.07
N ALA F 311 -14.64 -30.36 6.80
CA ALA F 311 -14.87 -30.53 8.23
C ALA F 311 -16.35 -30.36 8.53
N PHE F 312 -16.98 -31.41 9.05
CA PHE F 312 -18.39 -31.39 9.47
C PHE F 312 -18.46 -31.48 10.99
N ASN F 313 -19.05 -30.48 11.62
CA ASN F 313 -19.13 -30.43 13.08
C ASN F 313 -20.59 -30.38 13.52
N PRO F 314 -21.09 -31.45 14.19
CA PRO F 314 -22.49 -31.50 14.63
C PRO F 314 -22.94 -30.27 15.43
N ALA F 315 -21.98 -29.56 16.03
CA ALA F 315 -22.26 -28.33 16.79
C ALA F 315 -22.65 -27.17 15.89
N ASN F 316 -22.36 -27.29 14.60
CA ASN F 316 -22.76 -26.28 13.60
C ASN F 316 -24.23 -26.47 13.20
N VAL F 317 -25.08 -25.87 14.04
CA VAL F 317 -26.51 -25.96 13.93
C VAL F 317 -26.95 -24.55 13.44
N VAL F 318 -28.23 -24.35 13.12
CA VAL F 318 -28.72 -23.02 12.69
C VAL F 318 -29.96 -22.64 13.50
N PRO F 319 -30.29 -21.34 13.59
CA PRO F 319 -31.50 -21.00 14.33
C PRO F 319 -32.67 -21.84 13.82
N GLY F 320 -33.45 -22.40 14.76
CA GLY F 320 -34.54 -23.31 14.44
C GLY F 320 -34.19 -24.77 14.58
N ILE F 321 -32.89 -25.08 14.70
CA ILE F 321 -32.41 -26.44 14.85
C ILE F 321 -31.42 -26.47 16.01
N SER F 322 -31.58 -27.45 16.92
CA SER F 322 -30.70 -27.54 18.07
C SER F 322 -30.46 -28.99 18.49
N PHE F 323 -29.96 -29.17 19.71
CA PHE F 323 -29.48 -30.49 20.16
C PHE F 323 -30.53 -31.22 21.00
N SER F 324 -30.08 -32.26 21.69
CA SER F 324 -30.91 -33.04 22.60
C SER F 324 -30.00 -33.64 23.67
N PRO F 325 -30.56 -34.04 24.82
CA PRO F 325 -29.72 -34.68 25.83
C PRO F 325 -29.28 -36.12 25.56
N ASP F 326 -29.35 -36.58 24.31
CA ASP F 326 -28.69 -37.84 23.93
C ASP F 326 -27.21 -37.68 24.31
N LYS F 327 -26.74 -38.47 25.28
CA LYS F 327 -25.35 -38.35 25.77
C LYS F 327 -24.32 -38.50 24.64
N MET F 328 -24.64 -39.33 23.64
CA MET F 328 -23.74 -39.54 22.52
C MET F 328 -23.59 -38.28 21.69
N LEU F 329 -24.72 -37.62 21.40
CA LEU F 329 -24.70 -36.36 20.67
C LEU F 329 -23.96 -35.28 21.46
N GLN F 330 -24.19 -35.25 22.77
CA GLN F 330 -23.52 -34.30 23.68
C GLN F 330 -22.01 -34.39 23.55
N GLY F 331 -21.49 -35.62 23.60
CA GLY F 331 -20.05 -35.88 23.49
C GLY F 331 -19.48 -35.39 22.17
N ARG F 332 -20.26 -35.61 21.10
CA ARG F 332 -19.89 -35.19 19.74
C ARG F 332 -19.74 -33.66 19.62
N LEU F 333 -20.46 -32.93 20.48
CA LEU F 333 -20.44 -31.47 20.49
C LEU F 333 -19.07 -30.91 20.82
N PHE F 334 -18.28 -31.69 21.55
CA PHE F 334 -16.88 -31.34 21.83
C PHE F 334 -15.92 -31.89 20.77
N ALA F 335 -16.01 -33.19 20.51
CA ALA F 335 -14.96 -33.95 19.80
C ALA F 335 -14.65 -33.49 18.36
N TYR F 336 -15.64 -33.00 17.64
CA TYR F 336 -15.40 -32.68 16.21
C TYR F 336 -14.60 -31.41 16.00
N GLY F 337 -15.03 -30.31 16.59
CA GLY F 337 -14.25 -29.09 16.57
C GLY F 337 -12.85 -29.37 17.09
N ASP F 338 -12.75 -30.14 18.17
CA ASP F 338 -11.45 -30.52 18.73
C ASP F 338 -10.54 -31.23 17.69
N ALA F 339 -11.01 -32.36 17.18
CA ALA F 339 -10.32 -33.14 16.15
C ALA F 339 -9.97 -32.33 14.90
N GLN F 340 -10.87 -31.42 14.51
CA GLN F 340 -10.74 -30.66 13.27
C GLN F 340 -9.67 -29.56 13.35
N ARG F 341 -9.58 -28.89 14.51
CA ARG F 341 -8.52 -27.92 14.75
C ARG F 341 -7.14 -28.60 14.77
N TYR F 342 -7.05 -29.80 15.33
CA TYR F 342 -5.80 -30.57 15.28
C TYR F 342 -5.47 -31.01 13.85
N ARG F 343 -6.45 -31.60 13.17
CA ARG F 343 -6.25 -32.20 11.84
C ARG F 343 -5.99 -31.15 10.75
N LEU F 344 -6.66 -30.01 10.87
CA LEU F 344 -6.75 -29.05 9.76
C LEU F 344 -6.20 -27.66 10.08
N GLY F 345 -5.96 -27.39 11.37
CA GLY F 345 -5.50 -26.08 11.82
C GLY F 345 -6.67 -25.25 12.33
N VAL F 346 -6.41 -24.35 13.28
CA VAL F 346 -7.46 -23.57 13.94
C VAL F 346 -8.32 -22.75 12.94
N ASN F 347 -7.71 -22.32 11.85
CA ASN F 347 -8.38 -21.44 10.88
C ASN F 347 -8.97 -22.20 9.67
N HIS F 348 -9.21 -23.50 9.85
CA HIS F 348 -9.70 -24.35 8.77
C HIS F 348 -11.03 -23.89 8.17
N GLN F 349 -11.79 -23.06 8.88
CA GLN F 349 -13.04 -22.60 8.29
C GLN F 349 -12.87 -21.51 7.24
N HIS F 350 -11.61 -21.11 7.01
CA HIS F 350 -11.27 -20.27 5.86
C HIS F 350 -11.04 -21.09 4.58
N ILE F 351 -10.93 -22.40 4.73
CA ILE F 351 -10.86 -23.31 3.58
C ILE F 351 -12.20 -23.25 2.83
N PRO F 352 -12.17 -22.91 1.53
CA PRO F 352 -13.40 -22.64 0.77
C PRO F 352 -14.56 -23.59 1.05
N VAL F 353 -14.35 -24.90 1.07
CA VAL F 353 -15.45 -25.84 1.32
C VAL F 353 -16.09 -25.66 2.71
N ASN F 354 -15.30 -25.24 3.69
CA ASN F 354 -15.77 -25.00 5.06
C ASN F 354 -16.33 -23.60 5.31
N ALA F 355 -16.00 -22.64 4.43
CA ALA F 355 -16.49 -21.26 4.54
C ALA F 355 -18.02 -21.19 4.43
N PRO F 356 -18.65 -20.33 5.26
CA PRO F 356 -20.06 -20.02 5.07
C PRO F 356 -20.33 -19.20 3.79
N ARG F 357 -21.56 -19.29 3.30
CA ARG F 357 -22.00 -18.53 2.14
C ARG F 357 -23.11 -17.58 2.59
N CYS F 358 -22.83 -16.92 3.71
CA CYS F 358 -23.74 -15.95 4.31
C CYS F 358 -22.86 -14.97 5.07
N PRO F 359 -23.43 -13.89 5.64
CA PRO F 359 -22.63 -13.06 6.53
C PRO F 359 -21.95 -13.83 7.66
N VAL F 360 -20.66 -13.55 7.86
CA VAL F 360 -19.87 -14.16 8.92
C VAL F 360 -18.99 -13.09 9.56
N HIS F 361 -19.02 -13.00 10.88
CA HIS F 361 -18.25 -12.02 11.62
C HIS F 361 -17.83 -12.74 12.92
N SER F 362 -16.78 -13.55 12.80
CA SER F 362 -16.57 -14.65 13.74
C SER F 362 -15.65 -14.33 14.91
N TYR F 363 -15.10 -13.12 14.94
CA TYR F 363 -14.42 -12.62 16.16
C TYR F 363 -12.99 -13.14 16.37
N HIS F 364 -12.78 -14.44 16.15
CA HIS F 364 -11.52 -15.08 16.54
C HIS F 364 -10.33 -14.49 15.78
N ARG F 365 -9.23 -14.27 16.51
CA ARG F 365 -8.08 -13.55 16.01
C ARG F 365 -6.83 -14.42 15.93
N ASP F 366 -5.97 -14.09 14.98
CA ASP F 366 -4.65 -14.67 14.82
C ASP F 366 -4.73 -16.18 14.50
N GLY F 367 -3.84 -16.97 15.10
CA GLY F 367 -3.79 -18.40 14.81
C GLY F 367 -2.98 -18.70 13.55
N ALA F 368 -2.53 -19.96 13.43
CA ALA F 368 -1.73 -20.39 12.27
C ALA F 368 -2.39 -20.10 10.92
N MET F 369 -1.60 -19.69 9.94
CA MET F 369 -2.03 -19.54 8.54
C MET F 369 -3.26 -18.65 8.39
N ARG F 370 -3.13 -17.43 8.90
CA ARG F 370 -4.21 -16.44 8.88
C ARG F 370 -4.14 -15.66 7.57
N VAL F 371 -5.07 -15.91 6.65
CA VAL F 371 -4.99 -15.37 5.29
C VAL F 371 -6.08 -14.35 4.91
N ASP F 372 -7.05 -14.14 5.80
CA ASP F 372 -8.26 -13.36 5.50
C ASP F 372 -8.17 -11.87 5.89
N GLY F 373 -7.01 -11.45 6.39
CA GLY F 373 -6.85 -10.06 6.83
C GLY F 373 -7.05 -9.86 8.32
N ASN F 374 -7.57 -10.89 9.00
CA ASN F 374 -7.64 -10.90 10.48
C ASN F 374 -8.48 -9.75 11.09
N PHE F 375 -9.52 -9.35 10.37
CA PHE F 375 -10.36 -8.17 10.70
C PHE F 375 -9.61 -6.81 10.73
N GLY F 376 -8.43 -6.78 10.13
CA GLY F 376 -7.62 -5.56 10.06
C GLY F 376 -7.40 -4.94 11.43
N SER F 377 -7.69 -3.64 11.54
CA SER F 377 -7.42 -2.89 12.77
C SER F 377 -8.54 -2.97 13.80
N THR F 378 -9.60 -3.73 13.52
CA THR F 378 -10.74 -3.83 14.42
C THR F 378 -10.32 -4.28 15.80
N LEU F 379 -10.75 -3.56 16.83
CA LEU F 379 -10.51 -3.93 18.22
C LEU F 379 -11.01 -5.35 18.50
N GLY F 380 -10.42 -6.00 19.49
CA GLY F 380 -10.69 -7.42 19.70
C GLY F 380 -11.45 -7.81 20.95
N TYR F 381 -11.99 -6.82 21.67
CA TYR F 381 -12.67 -7.05 22.94
C TYR F 381 -14.13 -6.61 22.89
N GLU F 382 -14.94 -7.23 23.75
CA GLU F 382 -16.37 -6.94 23.88
C GLU F 382 -16.74 -7.30 25.32
N PRO F 383 -17.48 -6.42 26.03
CA PRO F 383 -18.03 -5.09 25.66
C PRO F 383 -17.02 -4.04 25.24
N ASN F 384 -17.38 -3.25 24.24
CA ASN F 384 -16.57 -2.14 23.75
C ASN F 384 -17.46 -0.94 23.38
N ASP F 385 -16.84 0.22 23.19
CA ASP F 385 -17.58 1.45 22.93
C ASP F 385 -17.84 1.73 21.42
N GLN F 386 -17.64 0.73 20.57
CA GLN F 386 -17.88 0.86 19.12
C GLN F 386 -19.07 0.03 18.64
N GLY F 387 -19.69 -0.72 19.55
CA GLY F 387 -20.77 -1.64 19.20
C GLY F 387 -20.29 -2.84 18.39
N GLN F 388 -18.97 -3.09 18.44
CA GLN F 388 -18.36 -4.19 17.71
C GLN F 388 -18.61 -5.54 18.38
N TRP F 389 -18.69 -6.61 17.58
CA TRP F 389 -18.91 -7.97 18.08
C TRP F 389 -20.24 -8.07 18.86
N ALA F 390 -21.28 -7.42 18.33
CA ALA F 390 -22.58 -7.37 19.01
C ALA F 390 -23.32 -8.70 18.90
N GLU F 391 -23.68 -9.25 20.06
CA GLU F 391 -24.47 -10.48 20.15
C GLU F 391 -25.90 -10.25 19.62
N GLN F 392 -26.59 -11.34 19.33
CA GLN F 392 -27.89 -11.27 18.66
C GLN F 392 -28.96 -11.96 19.52
N PRO F 393 -29.46 -11.27 20.56
CA PRO F 393 -30.39 -11.90 21.50
C PRO F 393 -31.72 -12.38 20.90
N ASP F 394 -32.09 -11.82 19.74
CA ASP F 394 -33.30 -12.25 19.03
C ASP F 394 -33.25 -13.74 18.67
N PHE F 395 -32.04 -14.28 18.53
CA PHE F 395 -31.87 -15.69 18.16
C PHE F 395 -31.73 -16.63 19.37
N SER F 396 -32.00 -16.11 20.56
CA SER F 396 -31.90 -16.92 21.77
C SER F 396 -32.88 -18.11 21.81
N GLU F 397 -32.37 -19.29 22.17
CA GLU F 397 -33.17 -20.51 22.32
C GLU F 397 -33.89 -20.48 23.67
N PRO F 398 -35.05 -21.17 23.77
CA PRO F 398 -35.72 -21.28 25.07
C PRO F 398 -34.96 -22.19 26.05
N PRO F 399 -35.12 -21.96 27.37
CA PRO F 399 -34.53 -22.83 28.39
C PRO F 399 -35.01 -24.29 28.26
N LEU F 400 -34.25 -25.22 28.83
CA LEU F 400 -34.65 -26.62 28.87
C LEU F 400 -34.77 -27.03 30.32
N ASN F 401 -35.94 -27.52 30.70
CA ASN F 401 -36.18 -27.91 32.07
C ASN F 401 -35.36 -29.13 32.44
N LEU F 402 -34.92 -29.14 33.70
CA LEU F 402 -34.01 -30.15 34.19
C LEU F 402 -34.57 -30.79 35.45
N ASP F 403 -34.20 -32.05 35.67
CA ASP F 403 -34.51 -32.70 36.93
C ASP F 403 -33.43 -33.69 37.38
N GLY F 404 -32.99 -33.53 38.64
CA GLY F 404 -32.06 -34.47 39.27
C GLY F 404 -30.66 -33.93 39.45
N ALA F 405 -29.86 -34.64 40.24
CA ALA F 405 -28.52 -34.20 40.61
C ALA F 405 -27.52 -34.36 39.48
N ALA F 406 -26.46 -33.55 39.52
CA ALA F 406 -25.25 -33.77 38.72
C ALA F 406 -24.61 -35.07 39.19
N ALA F 407 -24.57 -36.07 38.30
CA ALA F 407 -24.01 -37.39 38.60
C ALA F 407 -23.67 -38.15 37.31
N HIS F 408 -22.92 -39.24 37.47
CA HIS F 408 -22.66 -40.15 36.36
C HIS F 408 -23.78 -41.20 36.43
N TRP F 409 -24.92 -40.87 35.83
CA TRP F 409 -26.11 -41.72 35.90
C TRP F 409 -25.97 -42.98 35.06
N ASP F 410 -26.21 -44.13 35.68
CA ASP F 410 -25.97 -45.42 35.05
C ASP F 410 -27.03 -45.67 33.97
N HIS F 411 -26.60 -45.70 32.71
CA HIS F 411 -27.53 -45.96 31.59
C HIS F 411 -28.14 -47.37 31.64
N ARG F 412 -27.52 -48.28 32.38
CA ARG F 412 -27.99 -49.68 32.45
C ARG F 412 -29.24 -49.84 33.34
N GLU F 413 -29.75 -48.73 33.84
CA GLU F 413 -31.07 -48.66 34.48
C GLU F 413 -32.12 -49.07 33.43
N ASP F 414 -31.84 -48.72 32.17
CA ASP F 414 -32.62 -49.20 31.03
C ASP F 414 -32.00 -50.49 30.48
N GLU F 415 -32.64 -51.61 30.77
CA GLU F 415 -32.14 -52.90 30.31
C GLU F 415 -32.87 -53.40 29.05
N ASP F 416 -33.60 -52.51 28.38
CA ASP F 416 -34.18 -52.87 27.09
C ASP F 416 -33.06 -52.80 26.05
N TYR F 417 -32.33 -53.91 25.91
CA TYR F 417 -31.24 -54.06 24.95
C TYR F 417 -31.67 -54.85 23.72
N PHE F 418 -32.77 -55.61 23.84
CA PHE F 418 -33.07 -56.71 22.90
C PHE F 418 -34.35 -56.58 22.09
N SER F 419 -35.32 -55.79 22.56
CA SER F 419 -36.64 -55.71 21.93
C SER F 419 -36.60 -55.17 20.49
N GLN F 420 -35.88 -54.06 20.27
CA GLN F 420 -35.78 -53.48 18.92
C GLN F 420 -34.94 -54.29 17.93
N PRO F 421 -33.77 -54.83 18.36
CA PRO F 421 -33.09 -55.78 17.47
C PRO F 421 -34.02 -56.94 17.09
N GLY F 422 -34.81 -57.42 18.06
CA GLY F 422 -35.81 -58.46 17.84
C GLY F 422 -36.84 -58.07 16.79
N ASP F 423 -37.36 -56.85 16.91
CA ASP F 423 -38.31 -56.30 15.92
C ASP F 423 -37.74 -56.32 14.51
N LEU F 424 -36.53 -55.78 14.36
CA LEU F 424 -35.83 -55.76 13.08
C LEU F 424 -35.66 -57.17 12.51
N PHE F 425 -35.20 -58.10 13.35
CA PHE F 425 -35.04 -59.49 12.94
C PHE F 425 -36.36 -60.09 12.48
N GLY F 426 -37.43 -59.78 13.21
CA GLY F 426 -38.78 -60.23 12.89
C GLY F 426 -39.32 -59.74 11.57
N LEU F 427 -38.86 -58.58 11.12
CA LEU F 427 -39.29 -58.02 9.83
C LEU F 427 -38.51 -58.57 8.64
N MET F 428 -37.37 -59.22 8.90
CA MET F 428 -36.57 -59.78 7.83
C MET F 428 -37.25 -61.00 7.22
N THR F 429 -37.13 -61.15 5.90
CA THR F 429 -37.56 -62.36 5.20
C THR F 429 -36.68 -63.54 5.64
N ALA F 430 -37.11 -64.76 5.34
CA ALA F 430 -36.29 -65.94 5.62
C ALA F 430 -34.91 -65.82 4.95
N GLU F 431 -34.89 -65.29 3.72
CA GLU F 431 -33.68 -65.10 2.93
C GLU F 431 -32.69 -64.17 3.64
N LYS F 432 -33.18 -63.02 4.10
CA LYS F 432 -32.35 -62.04 4.79
C LYS F 432 -31.90 -62.49 6.18
N GLN F 433 -32.74 -63.26 6.87
CA GLN F 433 -32.34 -63.89 8.12
C GLN F 433 -31.18 -64.87 7.91
N ALA F 434 -31.26 -65.67 6.85
CA ALA F 434 -30.20 -66.61 6.48
C ALA F 434 -28.87 -65.90 6.24
N ILE F 435 -28.95 -64.78 5.53
CA ILE F 435 -27.81 -63.92 5.22
C ILE F 435 -27.19 -63.38 6.51
N LEU F 436 -28.05 -62.93 7.44
CA LEU F 436 -27.67 -62.46 8.76
C LEU F 436 -26.90 -63.52 9.54
N PHE F 437 -27.44 -64.75 9.59
CA PHE F 437 -26.81 -65.84 10.36
C PHE F 437 -25.41 -66.14 9.82
N ASP F 438 -25.35 -66.25 8.50
CA ASP F 438 -24.13 -66.52 7.75
C ASP F 438 -23.06 -65.46 7.98
N ASN F 439 -23.41 -64.21 7.67
CA ASN F 439 -22.53 -63.07 7.93
C ASN F 439 -21.99 -63.07 9.36
N THR F 440 -22.87 -63.34 10.33
CA THR F 440 -22.49 -63.31 11.74
C THR F 440 -21.57 -64.47 12.12
N ALA F 441 -21.94 -65.68 11.69
CA ALA F 441 -21.17 -66.89 12.02
C ALA F 441 -19.76 -66.81 11.44
N ARG F 442 -19.65 -66.31 10.20
CA ARG F 442 -18.35 -66.18 9.54
C ARG F 442 -17.49 -65.05 10.13
N ASN F 443 -18.13 -63.95 10.54
CA ASN F 443 -17.45 -62.86 11.25
C ASN F 443 -16.92 -63.33 12.60
N LEU F 444 -17.64 -64.28 13.19
CA LEU F 444 -17.27 -64.88 14.47
C LEU F 444 -16.21 -65.98 14.39
N ASN F 445 -15.75 -66.31 13.18
CA ASN F 445 -14.76 -67.38 13.01
C ASN F 445 -13.47 -67.03 13.74
N GLY F 446 -12.95 -67.99 14.52
CA GLY F 446 -11.72 -67.81 15.27
C GLY F 446 -11.87 -67.12 16.62
N VAL F 447 -13.06 -66.59 16.91
CA VAL F 447 -13.32 -65.88 18.17
C VAL F 447 -13.53 -66.88 19.31
N PRO F 448 -12.85 -66.69 20.47
CA PRO F 448 -13.04 -67.56 21.64
C PRO F 448 -14.52 -67.90 21.88
N LYS F 449 -14.79 -69.18 22.17
CA LYS F 449 -16.17 -69.67 22.32
C LYS F 449 -17.02 -68.87 23.31
N GLU F 450 -16.47 -68.59 24.49
CA GLU F 450 -17.19 -67.83 25.51
C GLU F 450 -17.68 -66.48 25.00
N ILE F 451 -16.92 -65.86 24.09
CA ILE F 451 -17.33 -64.60 23.48
C ILE F 451 -18.43 -64.82 22.44
N GLN F 452 -18.25 -65.85 21.60
CA GLN F 452 -19.27 -66.28 20.64
C GLN F 452 -20.61 -66.54 21.34
N LEU F 453 -20.54 -67.23 22.48
CA LEU F 453 -21.70 -67.63 23.29
C LEU F 453 -22.42 -66.43 23.92
N ARG F 454 -21.66 -65.42 24.32
CA ARG F 454 -22.22 -64.13 24.73
C ARG F 454 -23.07 -63.48 23.66
N HIS F 455 -22.61 -63.54 22.41
CA HIS F 455 -23.38 -62.94 21.31
C HIS F 455 -24.60 -63.74 20.92
N VAL F 456 -24.43 -65.07 20.79
CA VAL F 456 -25.55 -65.96 20.52
C VAL F 456 -26.65 -65.77 21.57
N THR F 457 -26.26 -65.73 22.85
CA THR F 457 -27.20 -65.48 23.94
C THR F 457 -27.97 -64.16 23.76
N HIS F 458 -27.26 -63.08 23.41
CA HIS F 458 -27.89 -61.77 23.14
C HIS F 458 -28.92 -61.86 22.02
N CYS F 459 -28.52 -62.50 20.92
CA CYS F 459 -29.40 -62.72 19.77
C CYS F 459 -30.67 -63.50 20.12
N TYR F 460 -30.52 -64.52 20.97
CA TYR F 460 -31.63 -65.34 21.47
C TYR F 460 -32.64 -64.51 22.29
N LYS F 461 -32.14 -63.56 23.06
CA LYS F 461 -32.99 -62.70 23.87
C LYS F 461 -33.70 -61.68 22.99
N ALA F 462 -33.11 -61.35 21.84
CA ALA F 462 -33.83 -60.56 20.83
C ALA F 462 -34.96 -61.36 20.20
N ASP F 463 -34.65 -62.58 19.75
CA ASP F 463 -35.59 -63.56 19.20
C ASP F 463 -34.92 -64.94 19.26
N PRO F 464 -35.61 -65.96 19.82
CA PRO F 464 -35.00 -67.29 19.86
C PRO F 464 -34.54 -67.85 18.49
N ALA F 465 -35.26 -67.53 17.41
CA ALA F 465 -34.88 -67.97 16.05
C ALA F 465 -33.60 -67.30 15.53
N TYR F 466 -33.31 -66.12 16.05
CA TYR F 466 -32.11 -65.34 15.73
C TYR F 466 -30.89 -65.96 16.42
N GLY F 467 -31.05 -66.26 17.72
CA GLY F 467 -30.02 -66.95 18.48
C GLY F 467 -29.74 -68.33 17.91
N GLU F 468 -30.79 -69.08 17.62
CA GLU F 468 -30.64 -70.47 17.13
C GLU F 468 -30.04 -70.55 15.71
N GLY F 469 -30.39 -69.58 14.87
CA GLY F 469 -29.85 -69.50 13.51
C GLY F 469 -28.33 -69.41 13.49
N ILE F 470 -27.78 -68.73 14.49
CA ILE F 470 -26.32 -68.58 14.61
C ILE F 470 -25.73 -69.72 15.46
N GLY F 471 -26.47 -70.12 16.50
CA GLY F 471 -26.04 -71.20 17.38
C GLY F 471 -25.83 -72.49 16.60
N LYS F 472 -26.74 -72.78 15.67
CA LYS F 472 -26.62 -73.96 14.80
C LYS F 472 -25.34 -73.91 13.98
N LEU F 473 -25.07 -72.75 13.37
CA LEU F 473 -23.89 -72.57 12.53
C LEU F 473 -22.58 -72.68 13.30
N LEU F 474 -22.63 -72.38 14.59
CA LEU F 474 -21.44 -72.42 15.43
C LEU F 474 -21.32 -73.74 16.19
N GLY F 475 -22.26 -74.64 15.95
CA GLY F 475 -22.22 -75.98 16.53
C GLY F 475 -22.58 -76.02 17.99
N PHE F 476 -23.33 -75.02 18.46
CA PHE F 476 -23.77 -74.97 19.84
C PHE F 476 -25.09 -75.72 20.04
N ASP F 477 -25.21 -76.39 21.18
CA ASP F 477 -26.49 -76.91 21.62
C ASP F 477 -27.34 -75.74 22.14
N ILE F 478 -28.65 -75.79 21.89
CA ILE F 478 -29.55 -74.72 22.33
C ILE F 478 -29.50 -74.46 23.85
N SER F 479 -29.15 -75.49 24.62
CA SER F 479 -29.03 -75.38 26.08
C SER F 479 -27.83 -74.56 26.54
N GLU F 480 -26.95 -74.19 25.60
CA GLU F 480 -25.78 -73.39 25.96
C GLU F 480 -26.09 -71.90 25.97
N TYR F 481 -27.21 -71.51 25.36
CA TYR F 481 -27.55 -70.10 25.18
C TYR F 481 -29.03 -69.73 25.37
N ASN F 482 -29.84 -70.66 25.90
CA ASN F 482 -31.27 -70.41 26.05
C ASN F 482 -31.70 -70.06 27.48
N SER F 483 -30.72 -69.86 28.36
CA SER F 483 -30.99 -69.63 29.77
C SER F 483 -30.59 -68.20 30.18
N SER G 2 34.04 -37.77 26.53
CA SER G 2 32.57 -37.69 26.87
C SER G 2 31.99 -36.22 26.85
N LYS G 3 32.75 -35.33 26.21
CA LYS G 3 32.34 -33.99 25.79
C LYS G 3 32.31 -34.05 24.26
N LYS G 4 32.56 -35.25 23.73
CA LYS G 4 32.70 -35.45 22.29
C LYS G 4 31.37 -35.36 21.54
N LEU G 5 31.36 -34.56 20.48
CA LEU G 5 30.15 -34.26 19.70
C LEU G 5 29.76 -35.36 18.73
N THR G 6 28.46 -35.70 18.73
CA THR G 6 27.91 -36.66 17.78
C THR G 6 26.66 -36.08 17.05
N THR G 7 26.20 -36.77 16.01
CA THR G 7 24.89 -36.45 15.44
C THR G 7 23.81 -37.09 16.33
N ALA G 8 22.56 -36.76 16.06
CA ALA G 8 21.45 -37.33 16.83
C ALA G 8 21.37 -38.86 16.70
N ALA G 9 21.95 -39.40 15.61
CA ALA G 9 22.05 -40.85 15.42
C ALA G 9 23.28 -41.48 16.09
N GLY G 10 24.10 -40.64 16.73
CA GLY G 10 25.27 -41.11 17.47
C GLY G 10 26.58 -41.19 16.70
N CYS G 11 26.60 -40.69 15.45
CA CYS G 11 27.81 -40.69 14.62
C CYS G 11 28.74 -39.56 15.06
N PRO G 12 30.06 -39.86 15.25
CA PRO G 12 30.99 -38.78 15.57
C PRO G 12 30.93 -37.66 14.54
N VAL G 13 30.97 -36.41 15.01
CA VAL G 13 31.05 -35.26 14.12
C VAL G 13 32.50 -34.79 14.00
N ALA G 14 33.02 -34.80 12.77
CA ALA G 14 34.41 -34.46 12.48
C ALA G 14 34.65 -32.96 12.31
N HIS G 15 33.66 -32.26 11.73
CA HIS G 15 33.78 -30.85 11.35
C HIS G 15 32.61 -30.01 11.87
N ASN G 16 32.87 -29.17 12.87
CA ASN G 16 31.86 -28.29 13.46
C ASN G 16 32.29 -26.83 13.35
N GLN G 17 33.36 -26.57 12.59
CA GLN G 17 33.86 -25.20 12.38
C GLN G 17 33.75 -24.70 10.95
N ASN G 18 33.87 -25.61 9.97
CA ASN G 18 33.87 -25.25 8.56
C ASN G 18 32.92 -26.16 7.80
N VAL G 19 32.02 -25.55 7.01
CA VAL G 19 31.14 -26.31 6.12
C VAL G 19 31.91 -26.84 4.91
N GLN G 20 31.37 -27.88 4.29
CA GLN G 20 31.94 -28.47 3.09
C GLN G 20 31.59 -27.62 1.84
N THR G 21 32.63 -27.19 1.11
CA THR G 21 32.44 -26.45 -0.13
C THR G 21 33.20 -27.10 -1.29
N ALA G 22 32.85 -26.68 -2.50
CA ALA G 22 33.53 -27.14 -3.70
C ALA G 22 34.78 -26.28 -3.98
N GLY G 23 35.88 -26.61 -3.30
CA GLY G 23 37.07 -25.77 -3.32
C GLY G 23 37.03 -24.68 -2.28
N LYS G 24 38.20 -24.12 -1.95
CA LYS G 24 38.35 -23.08 -0.92
C LYS G 24 37.35 -21.95 -1.01
N ARG G 25 37.03 -21.54 -2.24
CA ARG G 25 36.21 -20.35 -2.45
C ARG G 25 34.95 -20.71 -3.24
N GLY G 26 34.53 -21.96 -3.15
CA GLY G 26 33.37 -22.45 -3.89
C GLY G 26 32.10 -22.48 -3.04
N PRO G 27 30.95 -22.69 -3.69
CA PRO G 27 29.67 -22.80 -2.99
C PRO G 27 29.62 -24.03 -2.08
N GLN G 28 28.67 -24.03 -1.15
CA GLN G 28 28.48 -25.11 -0.17
C GLN G 28 27.83 -26.34 -0.79
N LEU G 29 28.26 -27.51 -0.33
CA LEU G 29 27.76 -28.76 -0.87
C LEU G 29 26.62 -29.27 0.00
N LEU G 30 25.60 -29.81 -0.67
CA LEU G 30 24.41 -30.33 0.04
C LEU G 30 24.77 -31.44 1.01
N GLN G 31 25.76 -32.25 0.62
CA GLN G 31 26.15 -33.44 1.38
C GLN G 31 26.85 -33.13 2.71
N ASP G 32 26.97 -31.85 3.08
CA ASP G 32 27.34 -31.51 4.47
C ASP G 32 26.09 -31.73 5.34
N VAL G 33 25.92 -32.97 5.77
CA VAL G 33 24.69 -33.39 6.42
C VAL G 33 24.61 -32.97 7.88
N TRP G 34 25.76 -32.81 8.53
CA TRP G 34 25.76 -32.27 9.89
C TRP G 34 25.28 -30.80 9.88
N PHE G 35 25.70 -30.03 8.88
CA PHE G 35 25.18 -28.67 8.73
C PHE G 35 23.65 -28.67 8.66
N LEU G 36 23.10 -29.53 7.79
CA LEU G 36 21.66 -29.60 7.62
C LEU G 36 20.97 -30.00 8.95
N GLU G 37 21.47 -31.04 9.60
CA GLU G 37 20.89 -31.47 10.88
C GLU G 37 20.94 -30.38 11.95
N LYS G 38 22.14 -29.83 12.17
CA LYS G 38 22.38 -28.78 13.16
C LYS G 38 21.46 -27.58 12.95
N LEU G 39 21.37 -27.11 11.70
CA LEU G 39 20.52 -25.97 11.39
C LEU G 39 19.02 -26.29 11.45
N ALA G 40 18.62 -27.48 11.01
CA ALA G 40 17.20 -27.84 11.06
C ALA G 40 16.68 -28.02 12.49
N HIS G 41 17.52 -28.53 13.40
CA HIS G 41 17.15 -28.56 14.83
C HIS G 41 17.14 -27.16 15.41
N PHE G 42 18.14 -26.36 15.06
CA PHE G 42 18.14 -24.94 15.43
C PHE G 42 16.87 -24.20 14.99
N ASP G 43 16.44 -24.42 13.75
CA ASP G 43 15.29 -23.72 13.19
C ASP G 43 13.96 -24.08 13.90
N ARG G 44 14.01 -25.11 14.73
CA ARG G 44 12.82 -25.70 15.39
C ARG G 44 12.88 -25.69 16.93
N GLU G 45 13.74 -24.84 17.49
CA GLU G 45 13.91 -24.75 18.95
C GLU G 45 12.71 -24.11 19.64
N VAL G 46 12.05 -23.17 18.95
CA VAL G 46 10.96 -22.39 19.56
C VAL G 46 9.62 -23.13 19.44
N ILE G 47 8.88 -23.18 20.55
CA ILE G 47 7.47 -23.59 20.55
C ILE G 47 6.62 -22.35 20.89
N PRO G 48 5.29 -22.42 20.69
CA PRO G 48 4.47 -21.26 21.06
C PRO G 48 4.59 -20.92 22.55
N GLU G 49 4.65 -19.62 22.88
CA GLU G 49 4.53 -19.18 24.29
C GLU G 49 3.10 -19.43 24.81
N ARG G 50 2.93 -19.40 26.14
CA ARG G 50 1.61 -19.44 26.77
C ARG G 50 0.78 -18.23 26.31
N ARG G 51 -0.51 -18.46 26.01
CA ARG G 51 -1.42 -17.36 25.61
C ARG G 51 -1.63 -16.32 26.73
N OMT G 52 -1.46 -16.76 27.96
CA OMT G 52 -1.54 -15.88 29.13
CB OMT G 52 -2.93 -16.00 29.76
CG OMT G 52 -3.35 -14.77 30.60
SD OMT G 52 -4.05 -13.58 29.66
CE OMT G 52 -5.10 -12.66 30.59
C OMT G 52 -0.43 -16.32 30.06
O OMT G 52 -0.09 -17.50 30.10
OD1 OMT G 52 -3.05 -12.72 29.11
OD2 OMT G 52 -4.78 -14.19 28.59
N HIS G 53 0.14 -15.36 30.80
CA HIS G 53 1.24 -15.64 31.74
C HIS G 53 2.50 -16.16 31.02
N ALA G 54 2.83 -15.61 29.85
CA ALA G 54 3.94 -16.15 29.03
C ALA G 54 5.32 -16.01 29.69
N LYS G 55 5.48 -14.94 30.49
CA LYS G 55 6.73 -14.60 31.18
C LYS G 55 6.72 -15.16 32.60
N GLY G 56 7.66 -16.05 32.93
CA GLY G 56 7.66 -16.66 34.25
C GLY G 56 8.97 -17.29 34.73
N SER G 57 8.93 -17.74 35.98
CA SER G 57 10.08 -18.30 36.72
C SER G 57 9.61 -19.51 37.52
N GLY G 58 10.44 -20.54 37.58
CA GLY G 58 10.09 -21.78 38.28
C GLY G 58 11.12 -22.27 39.27
N ALA G 59 10.67 -23.08 40.22
CA ALA G 59 11.55 -23.73 41.20
C ALA G 59 10.84 -24.95 41.76
N TYR G 60 11.62 -25.92 42.23
CA TYR G 60 11.10 -27.08 42.92
C TYR G 60 11.13 -26.89 44.44
N GLY G 61 10.21 -27.56 45.14
CA GLY G 61 10.18 -27.47 46.59
C GLY G 61 9.51 -28.63 47.29
N THR G 62 9.25 -28.43 48.58
CA THR G 62 8.64 -29.44 49.42
C THR G 62 7.53 -28.79 50.22
N PHE G 63 6.38 -29.47 50.28
CA PHE G 63 5.25 -29.10 51.12
C PHE G 63 5.17 -30.06 52.31
N THR G 64 4.99 -29.51 53.51
CA THR G 64 4.85 -30.31 54.71
C THR G 64 3.54 -29.99 55.44
N VAL G 65 2.77 -31.03 55.76
CA VAL G 65 1.58 -30.91 56.59
C VAL G 65 1.98 -30.55 58.03
N THR G 66 1.32 -29.53 58.59
CA THR G 66 1.55 -29.13 60.00
C THR G 66 0.27 -29.15 60.84
N HIS G 67 -0.89 -29.27 60.21
CA HIS G 67 -2.16 -29.36 60.94
C HIS G 67 -3.04 -30.45 60.37
N ASP G 68 -3.95 -30.96 61.20
CA ASP G 68 -4.89 -31.98 60.76
C ASP G 68 -6.22 -31.40 60.23
N ILE G 69 -6.43 -31.48 58.92
CA ILE G 69 -7.72 -31.12 58.34
C ILE G 69 -8.44 -32.35 57.76
N THR G 70 -8.08 -33.54 58.24
CA THR G 70 -8.62 -34.80 57.68
C THR G 70 -10.12 -34.97 57.91
N LYS G 71 -10.68 -34.22 58.86
CA LYS G 71 -12.13 -34.16 59.09
C LYS G 71 -12.85 -33.65 57.84
N TYR G 72 -12.15 -32.84 57.06
CA TYR G 72 -12.73 -32.16 55.89
C TYR G 72 -12.29 -32.74 54.54
N THR G 73 -11.14 -33.41 54.51
CA THR G 73 -10.59 -33.91 53.25
C THR G 73 -9.83 -35.22 53.40
N LYS G 74 -10.11 -36.14 52.49
CA LYS G 74 -9.44 -37.44 52.44
C LYS G 74 -8.18 -37.42 51.56
N ALA G 75 -7.79 -36.23 51.10
CA ALA G 75 -6.62 -36.08 50.24
C ALA G 75 -5.36 -36.64 50.87
N LYS G 76 -4.66 -37.49 50.11
CA LYS G 76 -3.48 -38.14 50.64
C LYS G 76 -2.37 -37.16 50.99
N ILE G 77 -2.27 -36.06 50.25
CA ILE G 77 -1.27 -35.02 50.55
C ILE G 77 -1.43 -34.44 51.97
N PHE G 78 -2.64 -34.45 52.50
CA PHE G 78 -2.95 -33.90 53.84
C PHE G 78 -3.15 -34.97 54.93
N SER G 79 -2.87 -36.22 54.61
CA SER G 79 -3.29 -37.35 55.46
C SER G 79 -2.61 -37.42 56.83
N ASP G 80 -1.35 -36.97 56.93
CA ASP G 80 -0.59 -37.08 58.19
C ASP G 80 0.23 -35.81 58.46
N ILE G 81 0.17 -35.32 59.69
CA ILE G 81 1.08 -34.26 60.11
C ILE G 81 2.54 -34.72 59.93
N GLY G 82 3.32 -33.87 59.29
CA GLY G 82 4.70 -34.23 58.97
C GLY G 82 4.88 -34.82 57.59
N LYS G 83 3.78 -35.20 56.94
CA LYS G 83 3.87 -35.78 55.60
C LYS G 83 4.45 -34.76 54.62
N LYS G 84 5.45 -35.19 53.85
CA LYS G 84 6.16 -34.29 52.93
C LYS G 84 5.88 -34.65 51.49
N THR G 85 5.55 -33.66 50.68
CA THR G 85 5.23 -33.86 49.26
C THR G 85 6.10 -32.98 48.37
N ASP G 86 6.73 -33.58 47.36
CA ASP G 86 7.51 -32.80 46.38
C ASP G 86 6.56 -31.96 45.53
N MET G 87 7.06 -30.86 44.99
CA MET G 87 6.23 -29.90 44.26
C MET G 87 7.06 -29.03 43.34
N PHE G 88 6.38 -28.38 42.40
CA PHE G 88 7.00 -27.43 41.48
C PHE G 88 6.13 -26.18 41.41
N ALA G 89 6.77 -25.01 41.40
CA ALA G 89 6.05 -23.74 41.28
C ALA G 89 6.51 -22.90 40.09
N ARG G 90 5.55 -22.24 39.44
CA ARG G 90 5.89 -21.24 38.45
C ARG G 90 5.18 -19.94 38.81
N PHE G 91 5.97 -18.87 38.95
CA PHE G 91 5.46 -17.53 39.18
C PHE G 91 5.55 -16.79 37.87
N SER G 92 4.66 -15.82 37.65
CA SER G 92 4.57 -15.19 36.34
C SER G 92 3.87 -13.84 36.39
N THR G 93 4.11 -13.01 35.39
CA THR G 93 3.21 -11.88 35.10
C THR G 93 2.04 -12.43 34.25
N VAL G 94 1.22 -11.56 33.67
CA VAL G 94 0.02 -12.01 32.96
C VAL G 94 0.05 -11.58 31.51
N ALA G 95 0.27 -10.28 31.29
CA ALA G 95 0.14 -9.66 29.97
C ALA G 95 1.40 -9.78 29.13
N GLY G 96 2.57 -9.75 29.79
CA GLY G 96 3.83 -9.73 29.07
C GLY G 96 4.05 -10.98 28.25
N GLU G 97 4.62 -10.80 27.07
CA GLU G 97 5.11 -11.91 26.24
C GLU G 97 6.44 -12.39 26.83
N ARG G 98 7.01 -13.40 26.15
CA ARG G 98 8.32 -13.99 26.44
C ARG G 98 9.54 -13.27 27.03
C ARG G 98 9.17 -12.74 26.29
N GLY G 99 9.83 -12.07 26.55
N GLY G 99 10.05 -12.45 27.25
CA GLY G 99 10.94 -11.30 27.10
C GLY G 99 10.48 -9.98 27.70
N ALA G 100 9.18 -9.84 27.96
CA ALA G 100 8.65 -8.63 28.62
C ALA G 100 9.24 -8.44 30.02
N ALA G 101 9.18 -7.21 30.52
CA ALA G 101 9.68 -6.88 31.85
C ALA G 101 8.94 -7.63 32.95
N ASP G 102 9.73 -8.21 33.87
CA ASP G 102 9.22 -8.83 35.09
C ASP G 102 8.47 -7.84 35.99
N ALA G 103 8.95 -6.60 36.07
CA ALA G 103 8.49 -5.66 37.09
C ALA G 103 7.46 -4.67 36.54
N GLU G 104 6.38 -5.22 36.01
CA GLU G 104 5.26 -4.45 35.50
C GLU G 104 4.14 -4.47 36.53
N ARG G 105 3.23 -3.50 36.42
CA ARG G 105 1.99 -3.47 37.20
C ARG G 105 1.07 -4.49 36.55
N ASP G 106 0.73 -5.53 37.29
CA ASP G 106 0.03 -6.68 36.73
C ASP G 106 -0.27 -7.66 37.87
N ILE G 107 -1.26 -8.52 37.66
CA ILE G 107 -1.41 -9.74 38.46
C ILE G 107 -0.14 -10.58 38.28
N ARG G 108 0.19 -11.35 39.32
CA ARG G 108 1.22 -12.39 39.21
C ARG G 108 0.57 -13.76 39.36
N GLY G 109 0.92 -14.68 38.45
CA GLY G 109 0.49 -16.08 38.60
C GLY G 109 1.25 -16.76 39.73
N PHE G 110 0.58 -17.69 40.39
CA PHE G 110 1.09 -18.37 41.58
C PHE G 110 0.68 -19.84 41.42
N SER G 111 1.48 -20.57 40.67
CA SER G 111 1.04 -21.83 40.09
C SER G 111 1.80 -23.00 40.68
N LEU G 112 1.06 -23.96 41.22
CA LEU G 112 1.66 -25.04 41.99
C LEU G 112 1.29 -26.41 41.47
N LYS G 113 2.28 -27.29 41.43
CA LYS G 113 2.09 -28.70 41.05
C LYS G 113 2.66 -29.57 42.18
N PHE G 114 1.75 -30.28 42.86
CA PHE G 114 2.11 -31.19 43.95
C PHE G 114 2.11 -32.62 43.45
N TYR G 115 3.25 -33.29 43.61
CA TYR G 115 3.40 -34.64 43.10
C TYR G 115 2.91 -35.65 44.15
N THR G 116 1.60 -35.84 44.23
CA THR G 116 1.05 -36.68 45.31
C THR G 116 1.03 -38.17 44.95
N GLU G 117 0.75 -39.01 45.94
CA GLU G 117 0.66 -40.46 45.75
C GLU G 117 -0.62 -40.89 45.02
N GLU G 118 -1.56 -39.94 44.85
CA GLU G 118 -2.79 -40.16 44.08
C GLU G 118 -2.97 -39.17 42.89
N GLY G 119 -1.85 -38.77 42.30
CA GLY G 119 -1.87 -37.91 41.11
C GLY G 119 -1.21 -36.57 41.37
N ASN G 120 -0.80 -35.89 40.30
CA ASN G 120 -0.34 -34.51 40.45
C ASN G 120 -1.55 -33.60 40.66
N TRP G 121 -1.53 -32.83 41.74
CA TRP G 121 -2.54 -31.83 42.00
C TRP G 121 -1.98 -30.49 41.49
N ASP G 122 -2.65 -29.95 40.47
CA ASP G 122 -2.31 -28.66 39.92
C ASP G 122 -3.23 -27.59 40.52
N LEU G 123 -2.63 -26.59 41.13
CA LEU G 123 -3.37 -25.42 41.58
C LEU G 123 -2.77 -24.17 40.92
N ALA G 124 -3.41 -23.76 39.82
CA ALA G 124 -2.95 -22.60 39.09
C ALA G 124 -3.55 -21.34 39.72
N GLY G 125 -2.88 -20.83 40.75
CA GLY G 125 -3.37 -19.66 41.48
C GLY G 125 -2.86 -18.33 40.95
N ASN G 126 -3.28 -17.26 41.60
CA ASN G 126 -2.79 -15.91 41.33
C ASN G 126 -2.35 -15.29 42.67
N ASN G 127 -1.69 -14.14 42.61
CA ASN G 127 -1.30 -13.37 43.80
C ASN G 127 -2.44 -12.50 44.39
N THR G 128 -3.66 -12.76 43.92
CA THR G 128 -4.87 -12.09 44.42
C THR G 128 -5.97 -13.12 44.69
N PRO G 129 -6.84 -12.86 45.70
CA PRO G 129 -7.94 -13.77 45.99
C PRO G 129 -9.09 -13.64 45.01
N VAL G 130 -9.08 -12.60 44.17
CA VAL G 130 -10.18 -12.37 43.22
C VAL G 130 -9.69 -12.16 41.80
N PHE G 131 -10.62 -11.96 40.87
CA PHE G 131 -10.29 -11.69 39.47
C PHE G 131 -11.25 -10.64 38.89
N PHE G 132 -10.99 -10.20 37.66
CA PHE G 132 -11.77 -9.14 37.00
C PHE G 132 -13.18 -9.59 36.55
N LEU G 133 -13.32 -10.88 36.25
CA LEU G 133 -14.49 -11.39 35.52
C LEU G 133 -15.34 -12.35 36.32
N ARG G 134 -16.64 -12.32 36.05
CA ARG G 134 -17.56 -13.33 36.59
C ARG G 134 -17.83 -14.50 35.63
N ASP G 135 -17.69 -14.27 34.33
CA ASP G 135 -18.02 -15.28 33.33
C ASP G 135 -16.85 -15.55 32.38
N PRO G 136 -16.54 -16.84 32.11
CA PRO G 136 -15.39 -17.21 31.29
C PRO G 136 -15.47 -16.78 29.82
N LEU G 137 -16.67 -16.50 29.32
CA LEU G 137 -16.83 -15.97 27.96
C LEU G 137 -16.03 -14.69 27.75
N LYS G 138 -15.83 -13.94 28.83
CA LYS G 138 -15.15 -12.67 28.76
C LYS G 138 -13.63 -12.78 28.81
N PHE G 139 -13.11 -13.99 28.97
CA PHE G 139 -11.65 -14.16 29.07
C PHE G 139 -10.85 -13.81 27.81
N PRO G 140 -11.25 -14.30 26.60
CA PRO G 140 -10.56 -13.84 25.39
C PRO G 140 -10.64 -12.32 25.21
N ASP G 141 -11.75 -11.73 25.67
CA ASP G 141 -11.93 -10.27 25.59
C ASP G 141 -10.98 -9.52 26.52
N LEU G 142 -10.79 -10.05 27.73
CA LEU G 142 -9.80 -9.48 28.66
C LEU G 142 -8.39 -9.52 28.09
N ASN G 143 -7.98 -10.69 27.57
CA ASN G 143 -6.70 -10.83 26.89
C ASN G 143 -6.53 -9.76 25.82
N HIS G 144 -7.54 -9.62 24.96
CA HIS G 144 -7.49 -8.68 23.84
C HIS G 144 -7.48 -7.21 24.29
N ALA G 145 -7.99 -6.96 25.49
CA ALA G 145 -8.04 -5.61 26.05
C ALA G 145 -6.74 -5.20 26.75
N VAL G 146 -6.08 -6.17 27.42
CA VAL G 146 -4.87 -5.87 28.21
C VAL G 146 -3.55 -6.08 27.46
N LYS G 147 -3.61 -6.79 26.32
CA LYS G 147 -2.41 -7.08 25.55
C LYS G 147 -2.30 -6.08 24.39
N ARG G 148 -1.66 -6.46 23.29
CA ARG G 148 -1.35 -5.47 22.24
C ARG G 148 -2.53 -5.22 21.29
N ASP G 149 -2.73 -3.94 20.94
CA ASP G 149 -3.78 -3.52 20.00
C ASP G 149 -3.46 -4.13 18.64
N PRO G 150 -4.50 -4.63 17.93
CA PRO G 150 -4.33 -5.27 16.61
C PRO G 150 -3.47 -4.48 15.65
N ARG G 151 -3.61 -3.15 15.67
CA ARG G 151 -2.92 -2.29 14.73
C ARG G 151 -1.61 -1.71 15.27
N THR G 152 -1.64 -1.16 16.48
CA THR G 152 -0.48 -0.47 17.01
C THR G 152 0.62 -1.45 17.50
N ASN G 153 0.24 -2.70 17.76
CA ASN G 153 1.09 -3.72 18.43
C ASN G 153 1.66 -3.26 19.78
N MET G 154 0.97 -2.33 20.41
CA MET G 154 1.34 -1.88 21.75
C MET G 154 0.09 -1.94 22.61
N ARG G 155 0.28 -1.96 23.92
CA ARG G 155 -0.84 -1.95 24.85
C ARG G 155 -1.56 -0.62 24.67
N SER G 156 -2.87 -0.64 24.90
CA SER G 156 -3.73 0.53 24.72
C SER G 156 -4.47 0.79 26.02
N ALA G 157 -4.19 1.93 26.65
CA ALA G 157 -4.94 2.36 27.82
C ALA G 157 -6.45 2.47 27.50
N LYS G 158 -6.79 3.05 26.35
CA LYS G 158 -8.20 3.14 25.91
C LYS G 158 -8.86 1.76 25.85
N ASN G 159 -8.29 0.83 25.08
CA ASN G 159 -8.77 -0.56 25.03
C ASN G 159 -8.97 -1.16 26.43
N ASN G 160 -7.95 -1.03 27.28
CA ASN G 160 -7.93 -1.65 28.59
C ASN G 160 -9.04 -1.09 29.50
N TRP G 161 -9.15 0.23 29.54
CA TRP G 161 -10.07 0.89 30.44
C TRP G 161 -11.51 0.92 29.94
N ASP G 162 -11.70 0.96 28.61
CA ASP G 162 -13.02 0.77 28.01
C ASP G 162 -13.58 -0.59 28.43
N PHE G 163 -12.76 -1.63 28.29
CA PHE G 163 -13.18 -2.97 28.71
C PHE G 163 -13.49 -3.05 30.22
N TRP G 164 -12.56 -2.61 31.06
CA TRP G 164 -12.73 -2.68 32.52
C TRP G 164 -13.93 -1.89 33.03
N THR G 165 -14.13 -0.67 32.54
CA THR G 165 -15.23 0.20 32.99
C THR G 165 -16.59 -0.27 32.47
N SER G 166 -16.58 -1.18 31.50
CA SER G 166 -17.81 -1.79 30.97
C SER G 166 -18.26 -2.99 31.81
N LEU G 167 -17.40 -3.43 32.73
CA LEU G 167 -17.69 -4.52 33.63
C LEU G 167 -17.51 -4.03 35.06
N PRO G 168 -18.59 -3.51 35.68
CA PRO G 168 -18.47 -2.98 37.04
C PRO G 168 -17.96 -4.02 38.03
N GLU G 169 -18.25 -5.30 37.78
CA GLU G 169 -17.74 -6.38 38.62
C GLU G 169 -16.21 -6.42 38.67
N ALA G 170 -15.55 -5.85 37.66
CA ALA G 170 -14.07 -5.80 37.58
C ALA G 170 -13.43 -4.85 38.59
N LEU G 171 -14.22 -4.01 39.24
CA LEU G 171 -13.68 -3.00 40.17
C LEU G 171 -12.79 -3.56 41.29
N HIS G 172 -13.20 -4.68 41.86
CA HIS G 172 -12.47 -5.26 43.00
C HIS G 172 -11.02 -5.55 42.62
N GLN G 173 -10.81 -6.25 41.51
CA GLN G 173 -9.45 -6.59 41.05
C GLN G 173 -8.68 -5.38 40.50
N VAL G 174 -9.37 -4.52 39.75
CA VAL G 174 -8.80 -3.26 39.30
C VAL G 174 -8.23 -2.45 40.46
N THR G 175 -8.99 -2.37 41.54
CA THR G 175 -8.55 -1.71 42.78
C THR G 175 -7.25 -2.35 43.29
N ILE G 176 -7.23 -3.69 43.34
CA ILE G 176 -6.06 -4.43 43.81
C ILE G 176 -4.81 -4.19 42.95
N VAL G 177 -4.93 -4.33 41.62
CA VAL G 177 -3.79 -4.13 40.74
C VAL G 177 -3.32 -2.66 40.65
N MET G 178 -4.24 -1.73 40.94
CA MET G 178 -3.92 -0.29 40.99
C MET G 178 -3.36 0.09 42.35
N SER G 179 -3.53 -0.79 43.34
CA SER G 179 -2.99 -0.57 44.70
C SER G 179 -1.46 -0.79 44.73
N ASP G 180 -0.85 -0.53 45.88
CA ASP G 180 0.60 -0.78 46.01
C ASP G 180 0.99 -2.24 45.74
N ARG G 181 0.04 -3.16 45.90
CA ARG G 181 0.30 -4.59 45.67
C ARG G 181 0.34 -5.02 44.19
N GLY G 182 0.15 -4.04 43.30
CA GLY G 182 0.17 -4.28 41.86
C GLY G 182 1.55 -4.58 41.29
N ILE G 183 2.60 -4.19 42.00
CA ILE G 183 3.99 -4.55 41.63
C ILE G 183 4.76 -5.16 42.81
N PRO G 184 4.69 -6.50 43.00
CA PRO G 184 5.48 -7.08 44.10
C PRO G 184 6.98 -6.88 43.87
N ALA G 185 7.75 -6.71 44.94
CA ALA G 185 9.19 -6.43 44.82
C ALA G 185 9.94 -7.62 44.24
N THR G 186 9.49 -8.81 44.63
CA THR G 186 10.00 -10.10 44.14
C THR G 186 8.86 -11.10 44.22
N TYR G 187 9.01 -12.26 43.59
CA TYR G 187 8.04 -13.36 43.75
C TYR G 187 7.94 -13.91 45.18
N ARG G 188 8.97 -13.66 45.98
CA ARG G 188 9.05 -14.19 47.35
C ARG G 188 8.25 -13.32 48.32
N HIS G 189 7.91 -12.12 47.87
CA HIS G 189 7.28 -11.10 48.72
C HIS G 189 5.83 -10.81 48.30
N MET G 190 5.15 -11.84 47.82
CA MET G 190 3.73 -11.80 47.51
C MET G 190 3.01 -13.04 48.06
N HIS G 191 1.70 -12.92 48.26
CA HIS G 191 0.85 -14.04 48.67
C HIS G 191 0.36 -14.81 47.45
N GLY G 192 -0.20 -15.98 47.69
CA GLY G 192 -0.83 -16.82 46.67
C GLY G 192 -2.24 -17.21 47.09
N PHE G 193 -3.10 -17.44 46.09
CA PHE G 193 -4.50 -17.79 46.36
C PHE G 193 -4.95 -18.71 45.25
N GLY G 194 -5.81 -19.68 45.59
CA GLY G 194 -6.50 -20.48 44.58
C GLY G 194 -7.54 -19.60 43.88
N SER G 195 -7.95 -18.52 44.55
CA SER G 195 -8.93 -17.55 44.07
C SER G 195 -10.37 -18.12 44.04
N HIS G 196 -10.60 -19.15 43.21
CA HIS G 196 -11.89 -19.85 43.17
C HIS G 196 -12.25 -20.54 44.46
N THR G 197 -13.55 -20.69 44.65
CA THR G 197 -14.08 -21.70 45.54
C THR G 197 -13.82 -23.04 44.88
N PHE G 198 -13.21 -23.96 45.63
CA PHE G 198 -13.07 -25.37 45.24
C PHE G 198 -13.84 -26.20 46.27
N SER G 199 -13.67 -27.52 46.24
CA SER G 199 -14.30 -28.34 47.25
C SER G 199 -13.35 -29.35 47.89
N PHE G 200 -13.67 -29.70 49.12
CA PHE G 200 -13.04 -30.80 49.82
C PHE G 200 -14.09 -31.88 49.95
N ILE G 201 -13.67 -33.13 49.74
CA ILE G 201 -14.50 -34.31 49.98
C ILE G 201 -13.79 -35.16 51.03
N ASN G 202 -14.50 -35.51 52.11
CA ASN G 202 -13.88 -36.32 53.19
C ASN G 202 -14.16 -37.84 53.07
N SER G 203 -13.68 -38.60 54.06
CA SER G 203 -13.86 -40.06 54.16
C SER G 203 -15.30 -40.53 54.07
N ASP G 204 -16.21 -39.67 54.50
CA ASP G 204 -17.62 -40.01 54.56
C ASP G 204 -18.38 -39.48 53.36
N ASN G 205 -17.64 -39.08 52.33
CA ASN G 205 -18.22 -38.48 51.11
C ASN G 205 -19.00 -37.19 51.36
N GLU G 206 -18.71 -36.50 52.47
CA GLU G 206 -19.30 -35.18 52.71
C GLU G 206 -18.49 -34.10 51.99
N ARG G 207 -19.18 -33.08 51.50
CA ARG G 207 -18.55 -32.01 50.72
C ARG G 207 -18.49 -30.72 51.53
N TYR G 208 -17.35 -30.03 51.42
CA TYR G 208 -17.18 -28.69 51.97
C TYR G 208 -16.68 -27.81 50.82
N TRP G 209 -17.11 -26.56 50.78
CA TRP G 209 -16.53 -25.58 49.86
C TRP G 209 -15.30 -24.98 50.54
N VAL G 210 -14.27 -24.72 49.74
CA VAL G 210 -12.95 -24.32 50.26
C VAL G 210 -12.30 -23.20 49.44
N LYS G 211 -11.58 -22.34 50.15
CA LYS G 211 -10.67 -21.36 49.56
C LYS G 211 -9.24 -21.68 50.02
N PHE G 212 -8.28 -21.56 49.10
CA PHE G 212 -6.87 -21.81 49.40
C PHE G 212 -6.12 -20.49 49.50
N HIS G 213 -5.28 -20.36 50.53
CA HIS G 213 -4.49 -19.17 50.79
C HIS G 213 -3.04 -19.57 51.03
N PHE G 214 -2.12 -18.85 50.39
CA PHE G 214 -0.70 -19.06 50.67
C PHE G 214 -0.11 -17.74 51.14
N VAL G 215 0.25 -17.72 52.44
CA VAL G 215 0.70 -16.50 53.11
C VAL G 215 2.23 -16.48 53.05
N SER G 216 2.80 -15.44 52.45
CA SER G 216 4.27 -15.34 52.35
C SER G 216 4.91 -15.20 53.71
N GLN G 217 5.83 -16.10 54.04
CA GLN G 217 6.57 -15.99 55.30
C GLN G 217 7.64 -14.89 55.23
N GLN G 218 7.93 -14.40 54.04
CA GLN G 218 8.84 -13.28 53.83
C GLN G 218 8.16 -11.91 53.98
N GLY G 219 6.83 -11.89 54.02
CA GLY G 219 6.07 -10.64 54.14
C GLY G 219 5.86 -10.00 52.78
N ILE G 220 5.00 -9.00 52.73
CA ILE G 220 4.69 -8.29 51.50
C ILE G 220 5.70 -7.17 51.27
N LYS G 221 6.25 -7.10 50.06
CA LYS G 221 7.05 -5.95 49.64
C LYS G 221 6.67 -5.57 48.22
N ASN G 222 6.60 -4.27 47.97
CA ASN G 222 6.15 -3.74 46.69
C ASN G 222 7.10 -2.69 46.12
N LEU G 223 6.98 -2.45 44.82
CA LEU G 223 7.68 -1.38 44.14
C LEU G 223 6.67 -0.32 43.65
N SER G 224 7.01 0.96 43.79
CA SER G 224 6.22 2.04 43.22
C SER G 224 6.40 2.01 41.69
N ASP G 225 5.55 2.75 40.95
CA ASP G 225 5.72 2.84 39.50
C ASP G 225 7.10 3.38 39.16
N ALA G 226 7.53 4.39 39.93
CA ALA G 226 8.83 5.02 39.69
C ALA G 226 9.98 4.03 39.95
N GLU G 227 9.91 3.31 41.06
CA GLU G 227 10.92 2.31 41.39
C GLU G 227 10.98 1.20 40.33
N ALA G 228 9.83 0.67 39.94
CA ALA G 228 9.75 -0.39 38.94
C ALA G 228 10.30 0.08 37.60
N GLY G 229 9.97 1.32 37.22
CA GLY G 229 10.53 1.92 36.01
C GLY G 229 12.05 1.93 36.03
N GLU G 230 12.62 2.44 37.12
CA GLU G 230 14.06 2.48 37.31
C GLU G 230 14.64 1.08 37.15
N LEU G 231 13.98 0.09 37.77
CA LEU G 231 14.49 -1.27 37.74
C LEU G 231 14.41 -1.92 36.34
N VAL G 232 13.27 -1.78 35.67
CA VAL G 232 13.06 -2.27 34.30
C VAL G 232 14.12 -1.76 33.30
N GLY G 233 14.48 -0.48 33.41
CA GLY G 233 15.55 0.12 32.59
C GLY G 233 16.89 -0.60 32.72
N ASN G 234 17.15 -1.16 33.91
CA ASN G 234 18.38 -1.91 34.17
C ASN G 234 18.25 -3.40 33.87
N ASP G 235 17.04 -3.94 34.03
CA ASP G 235 16.86 -5.39 34.07
C ASP G 235 15.40 -5.78 33.85
N ARG G 236 15.13 -6.43 32.72
CA ARG G 236 13.81 -7.01 32.44
C ARG G 236 13.64 -8.37 33.12
N GLU G 237 14.67 -8.86 33.81
CA GLU G 237 14.64 -10.21 34.38
C GLU G 237 14.81 -10.20 35.89
N SER G 238 14.40 -9.09 36.52
CA SER G 238 14.59 -8.84 37.94
C SER G 238 14.07 -9.94 38.88
N HIS G 239 12.90 -10.47 38.53
CA HIS G 239 12.22 -11.41 39.42
C HIS G 239 12.73 -12.82 39.29
N GLN G 240 13.06 -13.21 38.06
CA GLN G 240 13.81 -14.44 37.80
C GLN G 240 15.16 -14.42 38.52
N ARG G 241 15.89 -13.31 38.36
CA ARG G 241 17.22 -13.14 38.95
C ARG G 241 17.15 -13.30 40.47
N ASP G 242 16.21 -12.58 41.08
CA ASP G 242 15.98 -12.69 42.50
C ASP G 242 15.71 -14.15 42.95
N LEU G 243 14.76 -14.82 42.29
CA LEU G 243 14.37 -16.17 42.72
C LEU G 243 15.52 -17.17 42.54
N LEU G 244 16.14 -17.16 41.37
CA LEU G 244 17.27 -18.03 41.08
C LEU G 244 18.40 -17.81 42.08
N ASP G 245 18.79 -16.54 42.29
CA ASP G 245 19.89 -16.23 43.21
C ASP G 245 19.59 -16.55 44.69
N SER G 246 18.35 -16.36 45.14
CA SER G 246 17.98 -16.66 46.52
C SER G 246 18.15 -18.16 46.82
N ILE G 247 17.73 -18.98 45.86
CA ILE G 247 17.79 -20.43 46.00
C ILE G 247 19.27 -20.87 45.90
N ASP G 248 20.00 -20.28 44.96
CA ASP G 248 21.43 -20.56 44.80
C ASP G 248 22.28 -20.11 46.01
N ASN G 249 21.72 -19.23 46.83
CA ASN G 249 22.38 -18.81 48.07
C ASN G 249 21.69 -19.31 49.33
N GLN G 250 20.80 -20.29 49.14
CA GLN G 250 20.12 -21.01 50.23
C GLN G 250 19.32 -20.10 51.17
N ASP G 251 18.71 -19.08 50.59
CA ASP G 251 17.70 -18.31 51.28
C ASP G 251 16.33 -18.71 50.71
N PHE G 252 15.87 -19.90 51.11
CA PHE G 252 14.69 -20.52 50.52
C PHE G 252 13.40 -19.83 50.99
N PRO G 253 12.57 -19.38 50.02
CA PRO G 253 11.30 -18.73 50.41
C PRO G 253 10.27 -19.75 50.86
N LYS G 254 9.46 -19.38 51.85
CA LYS G 254 8.39 -20.22 52.36
C LYS G 254 7.04 -19.50 52.32
N TRP G 255 5.98 -20.29 52.17
CA TRP G 255 4.60 -19.83 52.26
C TRP G 255 3.83 -20.76 53.19
N THR G 256 2.85 -20.22 53.89
CA THR G 256 1.96 -21.02 54.73
C THR G 256 0.62 -21.23 54.03
N LEU G 257 0.22 -22.48 53.85
CA LEU G 257 -1.10 -22.78 53.30
C LEU G 257 -2.14 -22.68 54.40
N LYS G 258 -3.15 -21.84 54.19
CA LYS G 258 -4.32 -21.79 55.05
C LYS G 258 -5.59 -21.95 54.21
N VAL G 259 -6.65 -22.47 54.83
CA VAL G 259 -7.94 -22.59 54.14
C VAL G 259 -9.11 -21.95 54.87
N GLN G 260 -10.09 -21.51 54.09
CA GLN G 260 -11.43 -21.25 54.58
C GLN G 260 -12.30 -22.45 54.19
N ILE G 261 -13.10 -22.93 55.13
CA ILE G 261 -13.92 -24.11 54.91
C ILE G 261 -15.38 -23.79 55.21
N MET G 262 -16.22 -23.91 54.18
CA MET G 262 -17.65 -23.64 54.29
C MET G 262 -18.46 -24.93 54.12
N PRO G 263 -19.24 -25.32 55.14
CA PRO G 263 -20.08 -26.51 54.96
C PRO G 263 -20.99 -26.32 53.76
N GLU G 264 -21.22 -27.39 53.00
CA GLU G 264 -22.01 -27.34 51.77
C GLU G 264 -23.29 -26.50 51.89
N ALA G 265 -24.03 -26.71 52.98
CA ALA G 265 -25.35 -26.09 53.18
C ALA G 265 -25.32 -24.57 53.28
N ASP G 266 -24.18 -24.04 53.72
CA ASP G 266 -24.02 -22.61 53.95
C ASP G 266 -24.12 -21.77 52.68
N ALA G 267 -23.78 -22.36 51.54
CA ALA G 267 -23.80 -21.66 50.25
C ALA G 267 -25.17 -21.09 49.93
N ALA G 268 -26.21 -21.82 50.35
CA ALA G 268 -27.59 -21.39 50.15
C ALA G 268 -28.05 -20.25 51.06
N THR G 269 -27.24 -19.86 52.06
CA THR G 269 -27.67 -18.89 53.09
C THR G 269 -26.78 -17.65 53.28
N VAL G 270 -25.54 -17.71 52.81
CA VAL G 270 -24.65 -16.55 52.93
C VAL G 270 -25.16 -15.37 52.08
N PRO G 271 -24.95 -14.12 52.55
CA PRO G 271 -25.49 -12.94 51.84
C PRO G 271 -24.70 -12.54 50.58
N TYR G 272 -23.61 -13.26 50.29
CA TYR G 272 -22.82 -13.06 49.09
C TYR G 272 -22.83 -14.36 48.28
N ASN G 273 -22.74 -14.25 46.95
CA ASN G 273 -22.58 -15.43 46.09
C ASN G 273 -21.23 -16.08 46.43
N PRO G 274 -21.25 -17.31 46.96
CA PRO G 274 -19.99 -17.91 47.39
C PRO G 274 -19.13 -18.42 46.23
N PHE G 275 -19.68 -18.36 45.01
CA PHE G 275 -19.02 -18.86 43.81
C PHE G 275 -18.64 -17.73 42.86
N ASP G 276 -18.80 -16.49 43.32
CA ASP G 276 -18.47 -15.29 42.55
C ASP G 276 -16.99 -14.95 42.72
N LEU G 277 -16.24 -15.05 41.62
CA LEU G 277 -14.78 -14.85 41.63
C LEU G 277 -14.38 -13.40 41.84
N THR G 278 -15.30 -12.46 41.64
CA THR G 278 -15.01 -11.06 41.95
C THR G 278 -15.17 -10.76 43.46
N LYS G 279 -15.42 -11.79 44.27
CA LYS G 279 -15.69 -11.62 45.70
C LYS G 279 -14.88 -12.56 46.57
N VAL G 280 -14.59 -12.12 47.80
CA VAL G 280 -13.96 -12.97 48.82
C VAL G 280 -15.00 -13.52 49.82
N TRP G 281 -14.64 -14.52 50.61
CA TRP G 281 -15.43 -14.85 51.80
C TRP G 281 -14.80 -14.11 52.99
N PRO G 282 -15.61 -13.28 53.68
CA PRO G 282 -15.09 -12.57 54.85
C PRO G 282 -14.48 -13.52 55.89
N HIS G 283 -13.28 -13.17 56.36
CA HIS G 283 -12.55 -13.95 57.36
C HIS G 283 -13.35 -14.06 58.65
N LYS G 284 -14.12 -13.01 58.96
CA LYS G 284 -15.03 -13.04 60.11
C LYS G 284 -16.09 -14.15 60.01
N ASP G 285 -16.47 -14.50 58.79
CA ASP G 285 -17.45 -15.55 58.54
C ASP G 285 -16.78 -16.92 58.52
N TYR G 286 -15.61 -16.96 57.88
CA TYR G 286 -14.88 -18.20 57.67
C TYR G 286 -13.41 -17.95 57.95
N PRO G 287 -13.01 -18.12 59.24
CA PRO G 287 -11.63 -17.91 59.67
C PRO G 287 -10.64 -18.77 58.89
N LEU G 288 -9.44 -18.25 58.74
CA LEU G 288 -8.36 -19.00 58.12
C LEU G 288 -7.94 -20.18 59.01
N ILE G 289 -7.86 -21.36 58.41
CA ILE G 289 -7.46 -22.59 59.10
C ILE G 289 -6.13 -23.04 58.51
N GLU G 290 -5.08 -23.04 59.34
CA GLU G 290 -3.74 -23.35 58.86
C GLU G 290 -3.61 -24.83 58.55
N VAL G 291 -2.84 -25.18 57.52
CA VAL G 291 -2.75 -26.56 57.01
C VAL G 291 -1.30 -27.05 56.97
N GLY G 292 -0.42 -26.21 56.44
CA GLY G 292 0.98 -26.57 56.31
C GLY G 292 1.76 -25.47 55.64
N GLU G 293 2.96 -25.82 55.18
CA GLU G 293 3.81 -24.84 54.51
C GLU G 293 4.66 -25.51 53.43
N PHE G 294 5.03 -24.72 52.43
CA PHE G 294 6.02 -25.15 51.46
C PHE G 294 7.21 -24.21 51.40
N GLU G 295 8.36 -24.77 51.02
CA GLU G 295 9.53 -23.99 50.72
C GLU G 295 10.01 -24.35 49.31
N LEU G 296 10.57 -23.37 48.60
CA LEU G 296 11.20 -23.62 47.30
C LEU G 296 12.71 -23.65 47.49
N ASN G 297 13.33 -24.77 47.14
CA ASN G 297 14.71 -25.03 47.52
C ASN G 297 15.58 -25.60 46.39
N ARG G 298 15.05 -25.62 45.17
CA ARG G 298 15.81 -26.17 44.05
C ARG G 298 15.49 -25.50 42.71
N ASN G 299 16.53 -25.02 42.03
CA ASN G 299 16.39 -24.42 40.72
C ASN G 299 16.36 -25.54 39.69
N PRO G 300 15.56 -25.37 38.63
CA PRO G 300 15.58 -26.36 37.54
C PRO G 300 16.96 -26.39 36.87
N GLN G 301 17.39 -27.57 36.37
CA GLN G 301 18.65 -27.66 35.62
C GLN G 301 18.56 -26.97 34.25
N ASN G 302 17.44 -27.19 33.56
CA ASN G 302 17.22 -26.63 32.23
C ASN G 302 15.86 -25.94 32.14
N TYR G 303 15.88 -24.63 31.94
CA TYR G 303 14.65 -23.82 31.96
C TYR G 303 13.64 -24.17 30.88
N PHE G 304 14.11 -24.43 29.65
CA PHE G 304 13.14 -24.77 28.60
C PHE G 304 12.37 -26.03 28.94
N ALA G 305 13.12 -27.06 29.34
CA ALA G 305 12.58 -28.39 29.48
C ALA G 305 11.68 -28.51 30.70
N GLU G 306 11.99 -27.75 31.74
CA GLU G 306 11.32 -27.87 33.02
C GLU G 306 10.36 -26.74 33.35
N VAL G 307 10.67 -25.53 32.91
CA VAL G 307 9.83 -24.37 33.25
C VAL G 307 8.95 -23.99 32.06
N GLU G 308 9.57 -23.78 30.89
CA GLU G 308 8.79 -23.40 29.70
C GLU G 308 7.77 -24.48 29.36
N GLN G 309 8.19 -25.75 29.51
CA GLN G 309 7.33 -26.89 29.14
C GLN G 309 6.34 -27.34 30.24
N ALA G 310 6.40 -26.69 31.41
CA ALA G 310 5.47 -26.99 32.49
C ALA G 310 4.07 -26.64 32.06
N ALA G 311 3.15 -27.55 32.39
CA ALA G 311 1.73 -27.39 32.12
C ALA G 311 0.99 -27.63 33.42
N PHE G 312 0.30 -26.61 33.92
CA PHE G 312 -0.59 -26.73 35.08
C PHE G 312 -2.04 -26.71 34.61
N ASN G 313 -2.79 -27.74 34.95
CA ASN G 313 -4.21 -27.83 34.54
C ASN G 313 -5.10 -27.87 35.78
N PRO G 314 -5.95 -26.83 35.99
CA PRO G 314 -6.87 -26.80 37.16
C PRO G 314 -7.77 -28.05 37.28
N ALA G 315 -7.97 -28.77 36.18
CA ALA G 315 -8.76 -30.01 36.16
C ALA G 315 -8.02 -31.17 36.82
N ASN G 316 -6.72 -31.02 37.01
CA ASN G 316 -5.86 -32.00 37.69
C ASN G 316 -5.97 -31.90 39.21
N VAL G 317 -6.98 -32.59 39.69
CA VAL G 317 -7.36 -32.60 41.07
C VAL G 317 -7.01 -34.02 41.56
N VAL G 318 -7.12 -34.27 42.86
CA VAL G 318 -6.83 -35.58 43.45
C VAL G 318 -7.99 -35.96 44.37
N PRO G 319 -8.22 -37.28 44.60
CA PRO G 319 -9.32 -37.64 45.51
C PRO G 319 -9.28 -36.80 46.80
N GLY G 320 -10.44 -36.30 47.22
CA GLY G 320 -10.52 -35.42 48.38
C GLY G 320 -10.52 -33.94 48.04
N ILE G 321 -10.25 -33.61 46.77
CA ILE G 321 -10.27 -32.22 46.30
C ILE G 321 -11.04 -32.18 44.98
N SER G 322 -11.97 -31.24 44.83
CA SER G 322 -12.75 -31.16 43.60
C SER G 322 -13.08 -29.69 43.29
N PHE G 323 -14.07 -29.48 42.43
CA PHE G 323 -14.36 -28.14 41.90
C PHE G 323 -15.53 -27.45 42.62
N SER G 324 -16.09 -26.44 41.96
CA SER G 324 -17.29 -25.74 42.40
C SER G 324 -18.00 -25.16 41.18
N PRO G 325 -19.29 -24.77 41.32
CA PRO G 325 -20.02 -24.15 40.20
C PRO G 325 -19.66 -22.70 39.87
N ASP G 326 -18.51 -22.22 40.36
CA ASP G 326 -17.98 -20.93 39.91
C ASP G 326 -17.75 -21.02 38.40
N LYS G 327 -18.51 -20.24 37.63
CA LYS G 327 -18.52 -20.34 36.16
C LYS G 327 -17.14 -20.14 35.59
N MET G 328 -16.35 -19.24 36.20
CA MET G 328 -14.96 -19.02 35.78
C MET G 328 -14.09 -20.26 35.95
N LEU G 329 -14.21 -20.92 37.10
CA LEU G 329 -13.52 -22.19 37.28
C LEU G 329 -13.98 -23.22 36.25
N GLN G 330 -15.29 -23.28 36.04
CA GLN G 330 -15.87 -24.22 35.07
C GLN G 330 -15.24 -24.06 33.68
N GLY G 331 -15.12 -22.81 33.24
CA GLY G 331 -14.46 -22.49 31.97
C GLY G 331 -13.01 -22.95 31.90
N ARG G 332 -12.28 -22.85 33.00
CA ARG G 332 -10.88 -23.28 33.02
C ARG G 332 -10.70 -24.80 32.91
N LEU G 333 -11.71 -25.55 33.31
CA LEU G 333 -11.66 -27.02 33.20
C LEU G 333 -11.55 -27.47 31.75
N PHE G 334 -11.97 -26.62 30.81
CA PHE G 334 -11.74 -26.89 29.39
C PHE G 334 -10.40 -26.33 28.88
N ALA G 335 -10.18 -25.04 29.10
CA ALA G 335 -9.16 -24.25 28.40
C ALA G 335 -7.71 -24.69 28.53
N TYR G 336 -7.30 -25.21 29.69
CA TYR G 336 -5.88 -25.44 29.93
C TYR G 336 -5.37 -26.69 29.25
N GLY G 337 -6.09 -27.80 29.42
CA GLY G 337 -5.73 -29.03 28.74
C GLY G 337 -5.72 -28.79 27.26
N ASP G 338 -6.71 -28.02 26.79
CA ASP G 338 -6.82 -27.65 25.38
C ASP G 338 -5.62 -26.81 24.91
N ALA G 339 -5.35 -25.71 25.60
CA ALA G 339 -4.16 -24.87 25.33
C ALA G 339 -2.84 -25.64 25.38
N GLN G 340 -2.73 -26.52 26.38
CA GLN G 340 -1.49 -27.26 26.61
C GLN G 340 -1.22 -28.33 25.54
N ARG G 341 -2.28 -29.02 25.08
CA ARG G 341 -2.12 -29.97 23.99
C ARG G 341 -1.60 -29.31 22.72
N TYR G 342 -2.09 -28.10 22.44
CA TYR G 342 -1.64 -27.31 21.29
C TYR G 342 -0.21 -26.79 21.47
N ARG G 343 0.07 -26.24 22.64
CA ARG G 343 1.37 -25.60 22.92
C ARG G 343 2.49 -26.64 23.04
N LEU G 344 2.17 -27.78 23.65
CA LEU G 344 3.21 -28.72 24.06
C LEU G 344 3.16 -30.10 23.39
N GLY G 345 2.10 -30.37 22.64
CA GLY G 345 1.87 -31.71 22.04
C GLY G 345 0.93 -32.51 22.90
N VAL G 346 0.22 -33.46 22.28
CA VAL G 346 -0.74 -34.31 23.02
C VAL G 346 -0.09 -35.10 24.17
N ASN G 347 1.18 -35.47 24.01
CA ASN G 347 1.86 -36.36 24.94
C ASN G 347 2.77 -35.66 25.95
N HIS G 348 2.43 -34.40 26.26
CA HIS G 348 3.26 -33.53 27.09
C HIS G 348 3.36 -34.00 28.52
N GLN G 349 2.54 -34.95 28.90
CA GLN G 349 2.64 -35.40 30.26
C GLN G 349 3.74 -36.44 30.49
N HIS G 350 4.45 -36.80 29.40
CA HIS G 350 5.70 -37.57 29.48
C HIS G 350 6.93 -36.69 29.63
N ILE G 351 6.76 -35.37 29.51
CA ILE G 351 7.84 -34.42 29.81
C ILE G 351 8.03 -34.53 31.34
N PRO G 352 9.27 -34.78 31.80
CA PRO G 352 9.53 -35.08 33.22
C PRO G 352 8.84 -34.18 34.28
N VAL G 353 8.82 -32.86 34.07
CA VAL G 353 8.17 -31.96 35.02
C VAL G 353 6.67 -32.23 35.15
N ASN G 354 6.04 -32.73 34.08
CA ASN G 354 4.60 -32.94 34.07
C ASN G 354 4.18 -34.36 34.45
N ALA G 355 5.17 -35.25 34.63
CA ALA G 355 4.89 -36.66 34.90
C ALA G 355 4.49 -36.88 36.35
N PRO G 356 3.52 -37.79 36.59
CA PRO G 356 3.25 -38.20 37.97
C PRO G 356 4.43 -38.96 38.56
N ARG G 357 4.51 -38.94 39.89
CA ARG G 357 5.56 -39.67 40.58
C ARG G 357 4.98 -40.93 41.22
N CYS G 358 3.68 -41.13 41.03
CA CYS G 358 2.94 -42.27 41.54
C CYS G 358 2.59 -43.19 40.38
N PRO G 359 1.92 -44.34 40.67
CA PRO G 359 1.43 -45.21 39.59
C PRO G 359 0.62 -44.43 38.55
N VAL G 360 0.89 -44.64 37.26
CA VAL G 360 0.07 -44.05 36.20
C VAL G 360 -0.24 -45.09 35.13
N HIS G 361 -1.52 -45.23 34.79
CA HIS G 361 -1.99 -46.19 33.82
C HIS G 361 -3.12 -45.52 33.04
N SER G 362 -2.72 -44.62 32.14
CA SER G 362 -3.58 -43.54 31.68
C SER G 362 -4.30 -43.79 30.36
N TYR G 363 -4.23 -45.02 29.86
CA TYR G 363 -5.04 -45.49 28.71
C TYR G 363 -4.72 -44.91 27.31
N HIS G 364 -4.54 -43.59 27.19
CA HIS G 364 -4.46 -42.93 25.87
C HIS G 364 -3.33 -43.49 25.03
N ARG G 365 -3.59 -43.68 23.74
CA ARG G 365 -2.64 -44.35 22.87
C ARG G 365 -2.17 -43.45 21.76
N ASP G 366 -0.97 -43.80 21.26
CA ASP G 366 -0.41 -43.19 20.06
C ASP G 366 -0.16 -41.70 20.30
N GLY G 367 -0.42 -40.88 19.27
CA GLY G 367 -0.12 -39.45 19.34
C GLY G 367 1.33 -39.12 18.98
N ALA G 368 1.57 -37.86 18.64
CA ALA G 368 2.89 -37.37 18.26
C ALA G 368 3.93 -37.57 19.35
N MET G 369 5.16 -37.92 18.94
CA MET G 369 6.28 -38.08 19.87
C MET G 369 6.01 -39.06 21.03
N ARG G 370 5.50 -40.23 20.68
CA ARG G 370 5.25 -41.29 21.66
C ARG G 370 6.56 -42.02 21.98
N VAL G 371 7.12 -41.73 23.15
CA VAL G 371 8.42 -42.25 23.56
C VAL G 371 8.40 -43.29 24.70
N ASP G 372 7.23 -43.53 25.31
CA ASP G 372 7.16 -44.35 26.54
C ASP G 372 6.84 -45.85 26.33
N GLY G 373 6.84 -46.30 25.07
CA GLY G 373 6.49 -47.68 24.75
C GLY G 373 5.03 -47.88 24.37
N ASN G 374 4.19 -46.89 24.70
CA ASN G 374 2.79 -46.87 24.26
C ASN G 374 2.01 -48.10 24.79
N PHE G 375 2.38 -48.56 25.99
CA PHE G 375 1.78 -49.74 26.63
C PHE G 375 2.01 -51.03 25.83
N GLY G 376 2.99 -51.04 24.93
CA GLY G 376 3.31 -52.23 24.15
C GLY G 376 2.09 -52.84 23.47
N SER G 377 1.87 -54.13 23.71
CA SER G 377 0.82 -54.84 23.00
C SER G 377 -0.52 -54.90 23.75
N THR G 378 -0.59 -54.25 24.91
CA THR G 378 -1.85 -54.19 25.70
C THR G 378 -3.02 -53.73 24.82
N LEU G 379 -4.14 -54.45 24.89
CA LEU G 379 -5.33 -54.12 24.12
C LEU G 379 -5.80 -52.70 24.45
N GLY G 380 -6.52 -52.08 23.53
CA GLY G 380 -6.88 -50.67 23.68
C GLY G 380 -8.31 -50.32 24.08
N TYR G 381 -9.14 -51.34 24.29
CA TYR G 381 -10.57 -51.14 24.52
C TYR G 381 -11.00 -51.61 25.91
N GLU G 382 -12.06 -50.99 26.43
CA GLU G 382 -12.68 -51.36 27.72
C GLU G 382 -14.19 -51.08 27.56
N PRO G 383 -15.08 -52.01 27.99
CA PRO G 383 -14.88 -53.31 28.65
C PRO G 383 -14.10 -54.34 27.83
N ASN G 384 -13.32 -55.18 28.52
CA ASN G 384 -12.51 -56.22 27.89
C ASN G 384 -12.42 -57.42 28.84
N ASP G 385 -11.96 -58.57 28.32
CA ASP G 385 -11.95 -59.81 29.10
C ASP G 385 -10.63 -60.07 29.85
N GLN G 386 -9.75 -59.06 29.89
CA GLN G 386 -8.48 -59.15 30.60
C GLN G 386 -8.44 -58.24 31.82
N GLY G 387 -9.56 -57.62 32.15
CA GLY G 387 -9.65 -56.72 33.30
C GLY G 387 -8.82 -55.47 33.16
N GLN G 388 -8.46 -55.13 31.91
CA GLN G 388 -7.57 -54.03 31.61
C GLN G 388 -8.31 -52.68 31.64
N TRP G 389 -7.58 -51.62 32.02
CA TRP G 389 -8.12 -50.25 32.12
C TRP G 389 -9.33 -50.18 33.08
N ALA G 390 -9.17 -50.83 34.24
CA ALA G 390 -10.27 -50.98 35.21
C ALA G 390 -10.55 -49.69 35.99
N GLU G 391 -11.77 -49.19 35.89
CA GLU G 391 -12.19 -47.99 36.63
C GLU G 391 -12.15 -48.27 38.13
N GLN G 392 -12.11 -47.20 38.91
CA GLN G 392 -11.89 -47.30 40.35
C GLN G 392 -13.09 -46.71 41.10
N PRO G 393 -14.19 -47.49 41.23
CA PRO G 393 -15.43 -46.86 41.70
C PRO G 393 -15.35 -46.40 43.15
N ASP G 394 -14.44 -46.95 43.93
CA ASP G 394 -14.26 -46.51 45.32
C ASP G 394 -13.88 -45.04 45.46
N PHE G 395 -13.38 -44.43 44.39
CA PHE G 395 -12.95 -43.03 44.39
C PHE G 395 -14.03 -42.07 43.88
N SER G 396 -15.23 -42.59 43.66
CA SER G 396 -16.35 -41.79 43.17
C SER G 396 -16.72 -40.65 44.14
N GLU G 397 -17.07 -39.49 43.57
CA GLU G 397 -17.45 -38.31 44.36
C GLU G 397 -18.98 -38.29 44.56
N PRO G 398 -19.48 -37.63 45.63
CA PRO G 398 -20.93 -37.55 45.80
C PRO G 398 -21.61 -36.68 44.72
N PRO G 399 -22.89 -36.96 44.42
CA PRO G 399 -23.69 -36.12 43.52
C PRO G 399 -23.72 -34.68 43.98
N LEU G 400 -23.94 -33.75 43.06
CA LEU G 400 -24.20 -32.36 43.44
C LEU G 400 -25.65 -32.03 43.08
N ASN G 401 -26.41 -31.60 44.07
CA ASN G 401 -27.79 -31.19 43.84
C ASN G 401 -27.90 -29.99 42.90
N LEU G 402 -28.91 -30.03 42.07
CA LEU G 402 -29.14 -29.02 41.06
C LEU G 402 -30.55 -28.44 41.17
N ASP G 403 -30.72 -27.20 40.74
CA ASP G 403 -32.04 -26.61 40.68
C ASP G 403 -32.14 -25.58 39.58
N GLY G 404 -33.18 -25.70 38.74
CA GLY G 404 -33.43 -24.72 37.70
C GLY G 404 -33.06 -25.21 36.32
N ALA G 405 -33.54 -24.47 35.31
CA ALA G 405 -33.43 -24.87 33.92
C ALA G 405 -32.01 -24.68 33.38
N ALA G 406 -31.69 -25.44 32.34
CA ALA G 406 -30.52 -25.20 31.52
C ALA G 406 -30.77 -23.90 30.74
N ALA G 407 -29.94 -22.89 31.01
CA ALA G 407 -30.09 -21.59 30.36
C ALA G 407 -28.82 -20.78 30.54
N HIS G 408 -28.72 -19.68 29.78
CA HIS G 408 -27.64 -18.71 29.99
C HIS G 408 -28.10 -17.70 31.04
N TRP G 409 -27.96 -18.06 32.31
CA TRP G 409 -28.42 -17.20 33.43
C TRP G 409 -27.60 -15.90 33.57
N ASP G 410 -28.30 -14.77 33.63
CA ASP G 410 -27.68 -13.46 33.71
C ASP G 410 -27.02 -13.26 35.08
N HIS G 411 -25.69 -13.22 35.12
CA HIS G 411 -24.99 -13.02 36.40
C HIS G 411 -25.26 -11.62 37.00
N ARG G 412 -25.69 -10.68 36.15
CA ARG G 412 -26.02 -9.32 36.59
C ARG G 412 -27.30 -9.23 37.43
N GLU G 413 -27.96 -10.37 37.63
CA GLU G 413 -28.99 -10.47 38.65
C GLU G 413 -28.41 -10.05 40.00
N ASP G 414 -27.11 -10.31 40.21
CA ASP G 414 -26.39 -9.88 41.41
C ASP G 414 -25.65 -8.58 41.08
N GLU G 415 -26.18 -7.47 41.60
CA GLU G 415 -25.65 -6.15 41.26
C GLU G 415 -24.72 -5.59 42.34
N ASP G 416 -24.27 -6.45 43.24
CA ASP G 416 -23.29 -6.07 44.24
C ASP G 416 -21.91 -6.07 43.60
N TYR G 417 -21.55 -4.94 42.99
CA TYR G 417 -20.26 -4.77 42.30
C TYR G 417 -19.25 -3.98 43.15
N PHE G 418 -19.77 -3.23 44.13
CA PHE G 418 -19.03 -2.15 44.78
C PHE G 418 -18.74 -2.32 46.27
N SER G 419 -19.47 -3.21 46.95
CA SER G 419 -19.36 -3.28 48.42
C SER G 419 -18.01 -3.81 48.89
N GLN G 420 -17.54 -4.88 48.28
CA GLN G 420 -16.24 -5.43 48.64
C GLN G 420 -15.05 -4.54 48.27
N PRO G 421 -15.08 -3.91 47.06
CA PRO G 421 -14.08 -2.87 46.78
C PRO G 421 -14.11 -1.69 47.75
N GLY G 422 -15.29 -1.33 48.23
CA GLY G 422 -15.44 -0.30 49.28
C GLY G 422 -14.84 -0.75 50.58
N ASP G 423 -15.08 -2.01 50.95
CA ASP G 423 -14.48 -2.66 52.12
C ASP G 423 -12.97 -2.63 52.06
N LEU G 424 -12.40 -3.10 50.95
CA LEU G 424 -10.95 -3.07 50.73
C LEU G 424 -10.37 -1.65 50.84
N PHE G 425 -10.97 -0.70 50.13
CA PHE G 425 -10.53 0.69 50.16
C PHE G 425 -10.53 1.23 51.59
N GLY G 426 -11.60 0.92 52.34
CA GLY G 426 -11.77 1.39 53.71
C GLY G 426 -10.68 0.89 54.64
N LEU G 427 -10.17 -0.30 54.36
CA LEU G 427 -9.11 -0.92 55.17
C LEU G 427 -7.72 -0.33 54.92
N MET G 428 -7.51 0.31 53.78
CA MET G 428 -6.21 0.92 53.45
C MET G 428 -5.93 2.17 54.28
N THR G 429 -4.68 2.32 54.72
CA THR G 429 -4.22 3.55 55.37
C THR G 429 -4.36 4.71 54.40
N ALA G 430 -4.43 5.93 54.91
CA ALA G 430 -4.43 7.14 54.09
C ALA G 430 -3.33 7.11 53.04
N GLU G 431 -2.14 6.70 53.47
CA GLU G 431 -0.96 6.53 52.63
C GLU G 431 -1.23 5.58 51.45
N LYS G 432 -1.70 4.38 51.76
CA LYS G 432 -2.07 3.38 50.75
C LYS G 432 -3.17 3.86 49.81
N GLN G 433 -4.12 4.65 50.33
CA GLN G 433 -5.19 5.22 49.50
C GLN G 433 -4.65 6.26 48.51
N ALA G 434 -3.72 7.10 48.97
CA ALA G 434 -3.11 8.13 48.10
C ALA G 434 -2.33 7.46 46.97
N ILE G 435 -1.71 6.33 47.28
CA ILE G 435 -0.99 5.53 46.28
C ILE G 435 -1.97 5.00 45.23
N LEU G 436 -3.08 4.44 45.71
CA LEU G 436 -4.19 3.99 44.85
C LEU G 436 -4.68 5.08 43.89
N PHE G 437 -4.95 6.28 44.43
CA PHE G 437 -5.43 7.42 43.63
C PHE G 437 -4.40 7.82 42.58
N ASP G 438 -3.13 7.88 43.00
CA ASP G 438 -2.07 8.30 42.08
C ASP G 438 -1.85 7.29 40.96
N ASN G 439 -1.75 6.00 41.31
CA ASN G 439 -1.56 4.95 40.32
C ASN G 439 -2.67 4.92 39.28
N THR G 440 -3.92 5.07 39.75
CA THR G 440 -5.10 5.04 38.89
C THR G 440 -5.16 6.24 37.94
N ALA G 441 -5.03 7.44 38.49
CA ALA G 441 -5.02 8.67 37.72
C ALA G 441 -3.95 8.67 36.63
N ARG G 442 -2.79 8.09 36.92
CA ARG G 442 -1.72 8.05 35.93
C ARG G 442 -1.94 6.95 34.89
N ASN G 443 -2.55 5.86 35.31
CA ASN G 443 -2.89 4.76 34.41
C ASN G 443 -3.98 5.16 33.42
N LEU G 444 -4.85 6.08 33.85
CA LEU G 444 -5.93 6.62 33.05
C LEU G 444 -5.47 7.76 32.13
N ASN G 445 -4.17 8.02 32.10
CA ASN G 445 -3.62 9.08 31.25
C ASN G 445 -3.84 8.80 29.76
N GLY G 446 -4.41 9.78 29.08
CA GLY G 446 -4.74 9.65 27.65
C GLY G 446 -6.06 8.96 27.34
N VAL G 447 -6.69 8.36 28.34
CA VAL G 447 -7.98 7.67 28.18
C VAL G 447 -9.12 8.70 27.98
N PRO G 448 -10.00 8.50 26.98
CA PRO G 448 -11.12 9.42 26.77
C PRO G 448 -11.88 9.74 28.06
N LYS G 449 -12.20 11.02 28.26
CA LYS G 449 -12.79 11.52 29.51
C LYS G 449 -14.02 10.71 29.94
N GLU G 450 -14.86 10.32 28.99
CA GLU G 450 -16.08 9.56 29.29
C GLU G 450 -15.81 8.16 29.89
N ILE G 451 -14.70 7.55 29.51
CA ILE G 451 -14.29 6.27 30.08
C ILE G 451 -13.69 6.49 31.47
N GLN G 452 -12.83 7.50 31.58
CA GLN G 452 -12.31 7.95 32.88
C GLN G 452 -13.46 8.12 33.88
N LEU G 453 -14.49 8.87 33.45
CA LEU G 453 -15.63 9.22 34.31
C LEU G 453 -16.41 7.97 34.76
N ARG G 454 -16.58 7.02 33.85
CA ARG G 454 -17.17 5.71 34.16
C ARG G 454 -16.45 5.03 35.32
N HIS G 455 -15.13 5.06 35.32
CA HIS G 455 -14.37 4.42 36.41
C HIS G 455 -14.51 5.20 37.73
N VAL G 456 -14.40 6.53 37.66
CA VAL G 456 -14.57 7.38 38.84
C VAL G 456 -15.94 7.17 39.51
N THR G 457 -16.99 7.06 38.70
CA THR G 457 -18.33 6.75 39.19
C THR G 457 -18.40 5.42 39.92
N HIS G 458 -17.78 4.39 39.34
CA HIS G 458 -17.72 3.08 39.98
C HIS G 458 -17.00 3.15 41.33
N CYS G 459 -15.89 3.88 41.36
CA CYS G 459 -15.11 4.08 42.59
C CYS G 459 -15.92 4.87 43.63
N TYR G 460 -16.65 5.90 43.19
CA TYR G 460 -17.55 6.64 44.08
C TYR G 460 -18.60 5.74 44.72
N LYS G 461 -19.16 4.81 43.93
CA LYS G 461 -20.16 3.87 44.46
C LYS G 461 -19.57 2.86 45.46
N ALA G 462 -18.28 2.56 45.32
CA ALA G 462 -17.56 1.75 46.31
C ALA G 462 -17.41 2.52 47.63
N ASP G 463 -16.93 3.76 47.51
CA ASP G 463 -16.77 4.66 48.65
C ASP G 463 -16.66 6.06 48.06
N PRO G 464 -17.46 7.01 48.58
CA PRO G 464 -17.44 8.39 48.09
C PRO G 464 -16.04 8.99 48.06
N ALA G 465 -15.23 8.67 49.06
CA ALA G 465 -13.86 9.19 49.15
C ALA G 465 -12.94 8.54 48.12
N TYR G 466 -13.28 7.31 47.71
CA TYR G 466 -12.52 6.61 46.69
C TYR G 466 -12.72 7.32 45.33
N GLY G 467 -13.97 7.49 44.92
CA GLY G 467 -14.30 8.25 43.70
C GLY G 467 -13.71 9.64 43.68
N GLU G 468 -13.91 10.38 44.76
CA GLU G 468 -13.42 11.76 44.88
C GLU G 468 -11.89 11.86 44.86
N GLY G 469 -11.22 10.88 45.48
CA GLY G 469 -9.77 10.80 45.47
C GLY G 469 -9.20 10.79 44.06
N ILE G 470 -9.84 10.04 43.16
CA ILE G 470 -9.43 9.99 41.75
C ILE G 470 -10.02 11.13 40.92
N GLY G 471 -11.27 11.49 41.21
CA GLY G 471 -11.95 12.60 40.54
C GLY G 471 -11.17 13.90 40.63
N LYS G 472 -10.67 14.21 41.84
CA LYS G 472 -9.87 15.42 42.09
C LYS G 472 -8.63 15.47 41.19
N LEU G 473 -7.93 14.35 41.11
CA LEU G 473 -6.70 14.27 40.31
C LEU G 473 -6.98 14.40 38.81
N LEU G 474 -8.15 13.92 38.39
CA LEU G 474 -8.53 13.96 36.98
C LEU G 474 -9.31 15.23 36.62
N GLY G 475 -9.52 16.10 37.60
CA GLY G 475 -10.15 17.40 37.37
C GLY G 475 -11.65 17.38 37.16
N PHE G 476 -12.31 16.27 37.47
CA PHE G 476 -13.78 16.20 37.39
C PHE G 476 -14.45 17.00 38.51
N ASP G 477 -15.67 17.46 38.23
CA ASP G 477 -16.53 18.06 39.25
C ASP G 477 -17.27 16.94 39.96
N ILE G 478 -17.44 17.05 41.27
CA ILE G 478 -18.12 16.00 42.03
C ILE G 478 -19.51 15.67 41.49
N SER G 479 -20.22 16.68 40.95
CA SER G 479 -21.56 16.46 40.40
C SER G 479 -21.59 15.49 39.21
N GLU G 480 -20.45 15.33 38.55
CA GLU G 480 -20.35 14.44 37.39
C GLU G 480 -20.38 12.96 37.76
N TYR G 481 -19.97 12.62 38.98
CA TYR G 481 -19.83 11.21 39.37
C TYR G 481 -20.48 10.81 40.71
N ASN G 482 -21.24 11.73 41.31
CA ASN G 482 -21.78 11.48 42.66
C ASN G 482 -23.20 10.90 42.71
N SER G 483 -23.79 10.62 41.57
CA SER G 483 -25.10 9.96 41.51
C SER G 483 -25.18 8.93 40.38
N SER H 2 -23.56 -5.84 10.26
CA SER H 2 -22.09 -5.75 9.97
C SER H 2 -21.23 -5.98 11.19
N LYS H 3 -21.73 -5.56 12.34
CA LYS H 3 -21.01 -5.74 13.59
C LYS H 3 -21.62 -6.84 14.45
N LYS H 4 -22.60 -7.56 13.88
CA LYS H 4 -23.27 -8.64 14.59
C LYS H 4 -22.42 -9.90 14.58
N LEU H 5 -22.33 -10.53 15.77
CA LEU H 5 -21.42 -11.62 16.06
C LEU H 5 -21.96 -12.95 15.56
N THR H 6 -21.10 -13.70 14.86
CA THR H 6 -21.45 -15.03 14.37
C THR H 6 -20.40 -16.06 14.81
N THR H 7 -20.73 -17.34 14.70
CA THR H 7 -19.75 -18.41 14.83
C THR H 7 -18.90 -18.44 13.57
N ALA H 8 -17.81 -19.20 13.58
CA ALA H 8 -16.95 -19.30 12.38
C ALA H 8 -17.72 -19.89 11.18
N ALA H 9 -18.78 -20.64 11.49
CA ALA H 9 -19.68 -21.19 10.45
C ALA H 9 -20.82 -20.25 10.06
N GLY H 10 -20.88 -19.07 10.69
CA GLY H 10 -21.82 -18.00 10.31
C GLY H 10 -23.18 -18.03 10.99
N CYS H 11 -23.32 -18.85 12.03
CA CYS H 11 -24.52 -18.89 12.85
C CYS H 11 -24.52 -17.69 13.80
N PRO H 12 -25.66 -16.95 13.89
CA PRO H 12 -25.75 -15.85 14.86
C PRO H 12 -25.42 -16.34 16.28
N VAL H 13 -24.69 -15.54 17.02
CA VAL H 13 -24.39 -15.84 18.41
C VAL H 13 -25.32 -14.99 19.29
N ALA H 14 -26.18 -15.64 20.09
CA ALA H 14 -27.15 -14.93 20.95
C ALA H 14 -26.60 -14.55 22.32
N HIS H 15 -25.68 -15.36 22.84
CA HIS H 15 -25.15 -15.19 24.20
C HIS H 15 -23.63 -15.11 24.25
N ASN H 16 -23.11 -13.89 24.38
CA ASN H 16 -21.68 -13.67 24.53
C ASN H 16 -21.27 -13.16 25.94
N GLN H 17 -22.20 -13.16 26.89
CA GLN H 17 -21.94 -12.59 28.22
C GLN H 17 -22.00 -13.63 29.34
N ASN H 18 -22.87 -14.62 29.17
CA ASN H 18 -23.12 -15.67 30.16
C ASN H 18 -23.10 -17.03 29.50
N VAL H 19 -22.41 -17.97 30.12
CA VAL H 19 -22.37 -19.35 29.67
C VAL H 19 -23.62 -20.12 30.13
N GLN H 20 -23.90 -21.24 29.46
CA GLN H 20 -25.03 -22.06 29.81
C GLN H 20 -24.69 -22.90 31.03
N THR H 21 -25.59 -22.88 32.01
CA THR H 21 -25.43 -23.69 33.21
C THR H 21 -26.73 -24.41 33.56
N ALA H 22 -26.59 -25.44 34.39
CA ALA H 22 -27.72 -26.18 34.93
C ALA H 22 -28.29 -25.48 36.17
N GLY H 23 -29.15 -24.49 35.92
CA GLY H 23 -29.62 -23.59 36.97
C GLY H 23 -28.68 -22.43 37.18
N LYS H 24 -29.19 -21.39 37.85
CA LYS H 24 -28.45 -20.16 38.15
C LYS H 24 -27.09 -20.35 38.83
N ARG H 25 -27.03 -21.31 39.76
CA ARG H 25 -25.82 -21.61 40.52
C ARG H 25 -25.29 -23.03 40.26
N GLY H 26 -25.59 -23.58 39.09
CA GLY H 26 -25.12 -24.92 38.76
C GLY H 26 -23.90 -24.90 37.84
N PRO H 27 -23.32 -26.08 37.58
CA PRO H 27 -22.13 -26.24 36.75
C PRO H 27 -22.45 -25.97 35.28
N GLN H 28 -21.40 -25.72 34.49
CA GLN H 28 -21.51 -25.35 33.09
C GLN H 28 -21.85 -26.56 32.24
N LEU H 29 -22.65 -26.29 31.22
CA LEU H 29 -23.09 -27.32 30.32
C LEU H 29 -22.16 -27.43 29.14
N LEU H 30 -21.79 -28.66 28.78
CA LEU H 30 -20.95 -28.88 27.59
C LEU H 30 -21.56 -28.31 26.31
N GLN H 31 -22.89 -28.30 26.20
CA GLN H 31 -23.58 -27.87 24.96
C GLN H 31 -23.54 -26.35 24.69
N ASP H 32 -22.86 -25.58 25.53
CA ASP H 32 -22.55 -24.19 25.15
C ASP H 32 -21.41 -24.24 24.13
N VAL H 33 -21.78 -24.33 22.87
CA VAL H 33 -20.82 -24.61 21.82
C VAL H 33 -20.06 -23.35 21.41
N TRP H 34 -20.69 -22.19 21.56
CA TRP H 34 -19.98 -20.94 21.35
C TRP H 34 -18.82 -20.77 22.35
N PHE H 35 -19.06 -21.07 23.63
CA PHE H 35 -17.97 -21.04 24.62
C PHE H 35 -16.80 -21.90 24.16
N LEU H 36 -17.09 -23.15 23.79
CA LEU H 36 -16.05 -24.08 23.36
C LEU H 36 -15.28 -23.54 22.16
N GLU H 37 -15.99 -23.04 21.15
CA GLU H 37 -15.36 -22.47 19.95
C GLU H 37 -14.51 -21.23 20.21
N LYS H 38 -15.09 -20.25 20.92
CA LYS H 38 -14.38 -19.01 21.26
C LYS H 38 -13.09 -19.31 22.02
N LEU H 39 -13.16 -20.19 23.01
CA LEU H 39 -11.99 -20.49 23.84
C LEU H 39 -10.96 -21.33 23.08
N ALA H 40 -11.42 -22.22 22.20
CA ALA H 40 -10.49 -23.08 21.46
C ALA H 40 -9.66 -22.31 20.43
N HIS H 41 -10.29 -21.34 19.78
CA HIS H 41 -9.57 -20.41 18.89
C HIS H 41 -8.66 -19.52 19.70
N PHE H 42 -9.14 -19.10 20.86
CA PHE H 42 -8.37 -18.27 21.77
C PHE H 42 -7.09 -18.97 22.22
N ASP H 43 -7.24 -20.24 22.60
CA ASP H 43 -6.16 -21.14 23.00
C ASP H 43 -5.10 -21.38 21.93
N ARG H 44 -5.41 -21.04 20.67
CA ARG H 44 -4.53 -21.30 19.52
C ARG H 44 -4.07 -20.04 18.74
N GLU H 45 -4.22 -18.87 19.37
CA GLU H 45 -3.83 -17.58 18.75
C GLU H 45 -2.33 -17.45 18.49
N VAL H 46 -1.54 -18.09 19.37
CA VAL H 46 -0.09 -17.93 19.36
C VAL H 46 0.60 -18.94 18.46
N ILE H 47 1.54 -18.43 17.64
CA ILE H 47 2.43 -19.27 16.83
C ILE H 47 3.87 -19.07 17.34
N PRO H 48 4.81 -19.99 17.01
CA PRO H 48 6.19 -19.77 17.50
C PRO H 48 6.80 -18.44 17.00
N GLU H 49 7.48 -17.69 17.88
CA GLU H 49 8.20 -16.49 17.45
C GLU H 49 9.39 -16.88 16.56
N ARG H 50 9.98 -15.92 15.85
CA ARG H 50 11.20 -16.19 15.07
C ARG H 50 12.32 -16.66 16.02
N ARG H 51 13.17 -17.55 15.53
CA ARG H 51 14.33 -18.03 16.32
C ARG H 51 15.37 -16.92 16.53
N OMT H 52 15.44 -15.96 15.60
CA OMT H 52 16.30 -14.78 15.74
CB OMT H 52 17.55 -14.93 14.87
CG OMT H 52 18.80 -14.18 15.36
SD OMT H 52 19.65 -15.07 16.51
CE OMT H 52 21.27 -14.70 16.51
C OMT H 52 15.53 -13.61 15.23
O OMT H 52 14.73 -13.78 14.33
OD1 OMT H 52 19.16 -14.73 17.81
OD2 OMT H 52 19.46 -16.47 16.24
N HIS H 53 15.76 -12.41 15.78
CA HIS H 53 15.05 -11.19 15.34
C HIS H 53 13.55 -11.27 15.67
N ALA H 54 13.23 -11.90 16.80
CA ALA H 54 11.84 -12.12 17.18
C ALA H 54 11.05 -10.80 17.40
N LYS H 55 11.74 -9.76 17.85
CA LYS H 55 11.13 -8.45 18.17
C LYS H 55 11.30 -7.51 16.97
N GLY H 56 10.19 -7.03 16.39
CA GLY H 56 10.24 -6.23 15.17
C GLY H 56 9.06 -5.33 14.88
N SER H 57 9.23 -4.51 13.85
CA SER H 57 8.27 -3.49 13.40
C SER H 57 8.27 -3.43 11.88
N GLY H 58 7.10 -3.31 11.28
CA GLY H 58 6.98 -3.39 9.81
C GLY H 58 6.19 -2.25 9.17
N ALA H 59 6.46 -1.99 7.89
CA ALA H 59 5.75 -0.95 7.13
C ALA H 59 5.89 -1.19 5.63
N TYR H 60 4.88 -0.72 4.89
CA TYR H 60 4.84 -0.81 3.44
C TYR H 60 5.37 0.48 2.82
N GLY H 61 5.96 0.36 1.63
CA GLY H 61 6.47 1.51 0.91
C GLY H 61 6.65 1.25 -0.58
N THR H 62 7.49 2.07 -1.19
CA THR H 62 7.69 2.07 -2.63
C THR H 62 9.15 2.38 -2.89
N PHE H 63 9.79 1.56 -3.75
CA PHE H 63 11.13 1.84 -4.27
C PHE H 63 11.01 2.51 -5.65
N THR H 64 11.81 3.56 -5.88
CA THR H 64 11.85 4.27 -7.18
C THR H 64 13.27 4.29 -7.72
N VAL H 65 13.43 3.93 -8.99
CA VAL H 65 14.72 3.96 -9.68
C VAL H 65 15.11 5.39 -10.09
N THR H 66 16.33 5.81 -9.74
CA THR H 66 16.80 7.15 -10.13
C THR H 66 17.94 7.14 -11.13
N HIS H 67 18.71 6.06 -11.13
CA HIS H 67 19.91 5.93 -11.96
C HIS H 67 19.89 4.61 -12.73
N ASP H 68 20.62 4.57 -13.84
CA ASP H 68 20.66 3.41 -14.74
C ASP H 68 21.84 2.48 -14.42
N ILE H 69 21.55 1.30 -13.89
CA ILE H 69 22.57 0.26 -13.68
C ILE H 69 22.34 -0.99 -14.54
N THR H 70 21.63 -0.81 -15.65
CA THR H 70 21.27 -1.93 -16.53
C THR H 70 22.47 -2.54 -17.28
N LYS H 71 23.62 -1.85 -17.27
CA LYS H 71 24.88 -2.44 -17.76
C LYS H 71 25.28 -3.65 -16.90
N TYR H 72 24.94 -3.60 -15.62
CA TYR H 72 25.38 -4.64 -14.68
C TYR H 72 24.33 -5.68 -14.34
N THR H 73 23.06 -5.30 -14.45
CA THR H 73 21.96 -6.20 -14.06
C THR H 73 20.72 -6.06 -14.95
N LYS H 74 20.13 -7.21 -15.32
CA LYS H 74 18.89 -7.26 -16.07
C LYS H 74 17.62 -7.31 -15.19
N ALA H 75 17.77 -7.14 -13.87
CA ALA H 75 16.61 -7.23 -12.95
C ALA H 75 15.56 -6.19 -13.32
N LYS H 76 14.30 -6.62 -13.45
CA LYS H 76 13.20 -5.71 -13.85
C LYS H 76 12.96 -4.55 -12.89
N ILE H 77 13.14 -4.80 -11.59
CA ILE H 77 13.04 -3.74 -10.58
C ILE H 77 13.90 -2.50 -10.94
N PHE H 78 15.00 -2.70 -11.67
CA PHE H 78 15.93 -1.59 -11.98
C PHE H 78 15.90 -1.12 -13.46
N SER H 79 14.95 -1.61 -14.24
CA SER H 79 15.08 -1.59 -15.71
C SER H 79 14.71 -0.28 -16.44
N ASP H 80 13.97 0.60 -15.77
CA ASP H 80 13.71 1.96 -16.26
C ASP H 80 13.93 2.92 -15.10
N ILE H 81 14.50 4.10 -15.38
CA ILE H 81 14.47 5.20 -14.41
C ILE H 81 13.02 5.63 -14.21
N GLY H 82 12.67 5.90 -12.95
CA GLY H 82 11.31 6.24 -12.59
C GLY H 82 10.46 5.06 -12.16
N LYS H 83 10.86 3.84 -12.54
CA LYS H 83 10.07 2.65 -12.23
C LYS H 83 9.83 2.49 -10.72
N LYS H 84 8.56 2.27 -10.36
CA LYS H 84 8.15 2.12 -8.97
C LYS H 84 7.79 0.66 -8.66
N THR H 85 8.28 0.19 -7.52
CA THR H 85 8.03 -1.16 -7.05
C THR H 85 7.58 -1.10 -5.60
N ASP H 86 6.42 -1.69 -5.29
CA ASP H 86 5.91 -1.72 -3.93
C ASP H 86 6.79 -2.64 -3.09
N MET H 87 6.80 -2.41 -1.78
CA MET H 87 7.71 -3.15 -0.90
C MET H 87 7.18 -3.22 0.51
N PHE H 88 7.73 -4.18 1.27
CA PHE H 88 7.44 -4.31 2.69
C PHE H 88 8.78 -4.42 3.44
N ALA H 89 8.88 -3.70 4.54
CA ALA H 89 10.10 -3.71 5.34
C ALA H 89 9.78 -4.10 6.78
N ARG H 90 10.61 -4.96 7.36
CA ARG H 90 10.53 -5.22 8.80
C ARG H 90 11.88 -4.90 9.43
N PHE H 91 11.89 -4.04 10.44
CA PHE H 91 13.06 -3.74 11.25
C PHE H 91 12.95 -4.49 12.56
N SER H 92 14.07 -4.82 13.18
CA SER H 92 14.07 -5.70 14.34
C SER H 92 15.36 -5.59 15.15
N THR H 93 15.29 -6.01 16.42
CA THR H 93 16.48 -6.36 17.20
C THR H 93 16.88 -7.79 16.81
N VAL H 94 17.82 -8.40 17.54
CA VAL H 94 18.31 -9.74 17.23
C VAL H 94 18.03 -10.73 18.37
N ALA H 95 18.49 -10.37 19.57
CA ALA H 95 18.49 -11.30 20.71
C ALA H 95 17.16 -11.38 21.45
N GLY H 96 16.43 -10.27 21.50
CA GLY H 96 15.21 -10.17 22.29
C GLY H 96 14.11 -11.06 21.77
N GLU H 97 13.32 -11.61 22.69
CA GLU H 97 12.14 -12.37 22.35
C GLU H 97 11.01 -11.38 22.05
N ARG H 98 9.82 -11.91 21.74
CA ARG H 98 8.58 -11.10 21.78
C ARG H 98 8.47 -10.27 23.05
C ARG H 98 8.49 -10.35 23.11
N GLY H 99 8.11 -9.01 22.90
N GLY H 99 8.74 -11.06 24.21
CA GLY H 99 8.14 -8.51 24.30
C GLY H 99 9.43 -7.91 25.00
N ALA H 100 10.61 -8.34 24.57
CA ALA H 100 11.86 -7.69 24.96
C ALA H 100 11.92 -6.23 24.48
N ALA H 101 12.74 -5.44 25.16
CA ALA H 101 12.83 -4.00 24.93
C ALA H 101 13.38 -3.69 23.53
N ASP H 102 12.77 -2.71 22.87
CA ASP H 102 13.23 -2.24 21.57
C ASP H 102 14.64 -1.63 21.65
N ALA H 103 14.91 -0.87 22.72
CA ALA H 103 16.12 -0.05 22.79
C ALA H 103 17.28 -0.72 23.52
N GLU H 104 17.71 -1.86 22.98
CA GLU H 104 18.83 -2.61 23.52
C GLU H 104 20.07 -2.41 22.66
N ARG H 105 21.24 -2.71 23.22
CA ARG H 105 22.49 -2.75 22.44
C ARG H 105 22.49 -4.03 21.63
N ASP H 106 22.42 -3.89 20.31
CA ASP H 106 22.20 -5.05 19.43
C ASP H 106 22.29 -4.59 18.00
N ILE H 107 22.58 -5.54 17.12
CA ILE H 107 22.36 -5.37 15.68
C ILE H 107 20.85 -5.15 15.48
N ARG H 108 20.51 -4.39 14.45
CA ARG H 108 19.13 -4.25 14.01
C ARG H 108 18.96 -4.90 12.63
N GLY H 109 17.95 -5.75 12.52
CA GLY H 109 17.52 -6.27 11.23
C GLY H 109 16.98 -5.17 10.33
N PHE H 110 17.26 -5.30 9.03
CA PHE H 110 16.86 -4.35 8.01
C PHE H 110 16.32 -5.19 6.85
N SER H 111 15.09 -5.66 7.00
CA SER H 111 14.61 -6.70 6.11
C SER H 111 13.60 -6.16 5.08
N LEU H 112 13.88 -6.42 3.81
CA LEU H 112 13.16 -5.81 2.68
C LEU H 112 12.54 -6.85 1.75
N LYS H 113 11.31 -6.59 1.33
CA LYS H 113 10.61 -7.49 0.42
C LYS H 113 10.07 -6.62 -0.70
N PHE H 114 10.60 -6.82 -1.91
CA PHE H 114 10.22 -6.02 -3.08
C PHE H 114 9.29 -6.82 -3.98
N TYR H 115 8.11 -6.29 -4.24
CA TYR H 115 7.11 -7.02 -5.04
C TYR H 115 7.31 -6.74 -6.55
N THR H 116 8.34 -7.37 -7.13
CA THR H 116 8.72 -7.10 -8.53
C THR H 116 7.85 -7.85 -9.53
N GLU H 117 7.99 -7.52 -10.82
CA GLU H 117 7.22 -8.19 -11.86
C GLU H 117 7.80 -9.57 -12.23
N GLU H 118 8.98 -9.89 -11.70
CA GLU H 118 9.56 -11.23 -11.87
C GLU H 118 9.84 -11.91 -10.53
N GLY H 119 9.00 -11.62 -9.54
CA GLY H 119 9.06 -12.29 -8.24
C GLY H 119 9.25 -11.37 -7.05
N ASN H 120 8.98 -11.89 -5.85
CA ASN H 120 9.32 -11.17 -4.63
C ASN H 120 10.82 -11.29 -4.38
N TRP H 121 11.53 -10.17 -4.39
CA TRP H 121 12.95 -10.15 -4.00
C TRP H 121 13.08 -9.85 -2.51
N ASP H 122 13.55 -10.84 -1.76
CA ASP H 122 13.78 -10.66 -0.33
C ASP H 122 15.25 -10.35 -0.08
N LEU H 123 15.51 -9.20 0.53
CA LEU H 123 16.84 -8.85 1.02
C LEU H 123 16.75 -8.70 2.54
N ALA H 124 17.11 -9.76 3.25
CA ALA H 124 17.07 -9.74 4.70
C ALA H 124 18.42 -9.19 5.15
N GLY H 125 18.51 -7.87 5.22
CA GLY H 125 19.77 -7.23 5.60
C GLY H 125 19.85 -6.90 7.08
N ASN H 126 20.95 -6.26 7.49
CA ASN H 126 21.17 -5.76 8.84
C ASN H 126 21.60 -4.30 8.75
N ASN H 127 21.70 -3.64 9.91
CA ASN H 127 22.14 -2.24 9.98
C ASN H 127 23.66 -2.10 10.03
N THR H 128 24.36 -3.15 9.60
CA THR H 128 25.81 -3.21 9.61
C THR H 128 26.23 -3.91 8.30
N PRO H 129 27.35 -3.48 7.69
CA PRO H 129 27.87 -4.13 6.48
C PRO H 129 28.51 -5.49 6.77
N VAL H 130 28.75 -5.79 8.03
CA VAL H 130 29.45 -7.02 8.39
C VAL H 130 28.68 -7.84 9.42
N PHE H 131 29.27 -8.95 9.87
CA PHE H 131 28.66 -9.81 10.88
C PHE H 131 29.76 -10.53 11.67
N PHE H 132 29.37 -11.28 12.70
CA PHE H 132 30.35 -11.86 13.65
C PHE H 132 31.11 -13.07 13.10
N LEU H 133 30.51 -13.79 12.16
CA LEU H 133 30.98 -15.12 11.78
C LEU H 133 31.36 -15.24 10.31
N ARG H 134 32.25 -16.20 10.03
CA ARG H 134 32.67 -16.57 8.69
C ARG H 134 31.97 -17.83 8.17
N ASP H 135 31.53 -18.68 9.09
CA ASP H 135 30.97 -19.98 8.75
C ASP H 135 29.62 -20.22 9.42
N PRO H 136 28.60 -20.61 8.63
CA PRO H 136 27.24 -20.74 9.13
C PRO H 136 27.06 -21.84 10.21
N LEU H 137 28.05 -22.71 10.36
CA LEU H 137 28.02 -23.73 11.43
C LEU H 137 28.02 -23.06 12.80
N LYS H 138 28.67 -21.89 12.89
CA LYS H 138 28.72 -21.12 14.13
C LYS H 138 27.44 -20.39 14.52
N PHE H 139 26.45 -20.37 13.63
CA PHE H 139 25.24 -19.58 13.88
C PHE H 139 24.38 -20.07 15.04
N PRO H 140 24.10 -21.39 15.12
CA PRO H 140 23.40 -21.81 16.33
C PRO H 140 24.21 -21.53 17.60
N ASP H 141 25.52 -21.60 17.50
CA ASP H 141 26.39 -21.29 18.64
C ASP H 141 26.31 -19.83 19.06
N LEU H 142 26.30 -18.92 18.08
CA LEU H 142 26.06 -17.49 18.34
C LEU H 142 24.73 -17.26 19.09
N ASN H 143 23.64 -17.85 18.58
CA ASN H 143 22.33 -17.71 19.20
C ASN H 143 22.37 -18.15 20.65
N HIS H 144 23.00 -19.30 20.90
CA HIS H 144 23.07 -19.85 22.24
C HIS H 144 23.98 -19.02 23.14
N ALA H 145 24.95 -18.31 22.57
CA ALA H 145 25.84 -17.45 23.34
C ALA H 145 25.23 -16.08 23.67
N VAL H 146 24.40 -15.53 22.78
CA VAL H 146 23.86 -14.17 22.98
C VAL H 146 22.47 -14.13 23.60
N LYS H 147 21.77 -15.27 23.62
CA LYS H 147 20.43 -15.32 24.25
C LYS H 147 20.50 -15.89 25.68
N ARG H 148 19.46 -16.57 26.13
CA ARG H 148 19.37 -16.95 27.55
C ARG H 148 20.14 -18.21 27.89
N ASP H 149 20.86 -18.19 29.01
CA ASP H 149 21.58 -19.36 29.51
C ASP H 149 20.57 -20.49 29.77
N PRO H 150 20.92 -21.76 29.41
CA PRO H 150 20.06 -22.93 29.64
C PRO H 150 19.57 -23.07 31.08
N ARG H 151 20.37 -22.66 32.06
CA ARG H 151 19.97 -22.71 33.48
C ARG H 151 19.34 -21.41 34.00
N THR H 152 20.02 -20.29 33.85
CA THR H 152 19.59 -19.04 34.50
C THR H 152 18.41 -18.36 33.79
N ASN H 153 18.16 -18.75 32.54
CA ASN H 153 17.17 -18.08 31.66
C ASN H 153 17.37 -16.58 31.49
N MET H 154 18.62 -16.16 31.58
CA MET H 154 18.95 -14.77 31.40
C MET H 154 20.17 -14.73 30.52
N ARG H 155 20.40 -13.61 29.84
CA ARG H 155 21.64 -13.46 29.12
C ARG H 155 22.85 -13.59 30.07
N SER H 156 23.96 -14.09 29.53
CA SER H 156 25.16 -14.35 30.31
C SER H 156 26.30 -13.63 29.61
N ALA H 157 26.89 -12.65 30.31
CA ALA H 157 28.07 -11.96 29.79
C ALA H 157 29.21 -12.97 29.56
N LYS H 158 29.39 -13.90 30.50
CA LYS H 158 30.43 -14.92 30.37
C LYS H 158 30.26 -15.74 29.09
N ASN H 159 29.06 -16.28 28.87
CA ASN H 159 28.75 -17.06 27.67
C ASN H 159 28.96 -16.21 26.41
N ASN H 160 28.40 -15.01 26.41
CA ASN H 160 28.50 -14.08 25.26
C ASN H 160 29.97 -13.79 24.91
N TRP H 161 30.74 -13.40 25.92
CA TRP H 161 32.13 -12.97 25.74
C TRP H 161 33.11 -14.13 25.55
N ASP H 162 32.85 -15.28 26.19
CA ASP H 162 33.62 -16.52 25.93
C ASP H 162 33.59 -16.87 24.44
N PHE H 163 32.38 -16.87 23.87
CA PHE H 163 32.19 -17.18 22.47
C PHE H 163 32.85 -16.11 21.56
N TRP H 164 32.49 -14.85 21.75
CA TRP H 164 33.10 -13.79 20.94
C TRP H 164 34.63 -13.83 20.95
N THR H 165 35.23 -13.99 22.13
CA THR H 165 36.71 -14.01 22.24
C THR H 165 37.38 -15.26 21.66
N SER H 166 36.61 -16.32 21.44
CA SER H 166 37.14 -17.53 20.86
C SER H 166 37.12 -17.45 19.34
N LEU H 167 36.47 -16.42 18.82
CA LEU H 167 36.39 -16.18 17.38
C LEU H 167 36.98 -14.81 17.07
N PRO H 168 38.30 -14.76 16.79
CA PRO H 168 38.88 -13.44 16.54
C PRO H 168 38.23 -12.69 15.36
N GLU H 169 37.70 -13.42 14.37
CA GLU H 169 37.03 -12.81 13.20
C GLU H 169 35.81 -11.92 13.57
N ALA H 170 35.27 -12.16 14.76
CA ALA H 170 34.10 -11.47 15.29
C ALA H 170 34.40 -10.05 15.73
N LEU H 171 35.69 -9.69 15.81
CA LEU H 171 36.09 -8.41 16.38
C LEU H 171 35.49 -7.23 15.65
N HIS H 172 35.44 -7.31 14.31
CA HIS H 172 34.88 -6.21 13.51
C HIS H 172 33.45 -5.86 13.95
N GLN H 173 32.57 -6.87 14.00
CA GLN H 173 31.18 -6.65 14.42
C GLN H 173 31.03 -6.36 15.90
N VAL H 174 31.86 -6.97 16.75
CA VAL H 174 31.85 -6.62 18.17
C VAL H 174 32.17 -5.12 18.36
N THR H 175 33.14 -4.61 17.61
CA THR H 175 33.49 -3.19 17.65
C THR H 175 32.27 -2.35 17.26
N ILE H 176 31.61 -2.72 16.17
CA ILE H 176 30.43 -1.97 15.70
C ILE H 176 29.30 -1.99 16.75
N VAL H 177 29.02 -3.17 17.31
CA VAL H 177 27.93 -3.23 18.28
C VAL H 177 28.28 -2.57 19.63
N MET H 178 29.58 -2.48 19.95
CA MET H 178 30.05 -1.78 21.16
C MET H 178 30.26 -0.26 20.96
N SER H 179 30.22 0.19 19.69
CA SER H 179 30.33 1.62 19.36
C SER H 179 29.01 2.36 19.59
N ASP H 180 28.99 3.67 19.31
CA ASP H 180 27.79 4.48 19.48
C ASP H 180 26.61 3.99 18.65
N ARG H 181 26.92 3.30 17.55
CA ARG H 181 25.89 2.80 16.64
C ARG H 181 25.22 1.49 17.07
N GLY H 182 25.60 0.96 18.24
CA GLY H 182 24.95 -0.23 18.82
C GLY H 182 23.49 -0.06 19.27
N ILE H 183 23.09 1.16 19.58
CA ILE H 183 21.70 1.46 19.89
C ILE H 183 21.20 2.64 19.04
N PRO H 184 20.64 2.35 17.84
CA PRO H 184 20.05 3.45 17.08
C PRO H 184 18.90 4.05 17.88
N ALA H 185 18.71 5.37 17.76
CA ALA H 185 17.64 6.02 18.51
C ALA H 185 16.26 5.59 17.99
N THR H 186 16.16 5.34 16.68
CA THR H 186 14.95 4.82 16.06
C THR H 186 15.37 3.99 14.84
N TYR H 187 14.44 3.23 14.26
CA TYR H 187 14.73 2.47 13.02
C TYR H 187 14.97 3.38 11.80
N ARG H 188 14.47 4.61 11.90
CA ARG H 188 14.62 5.61 10.84
C ARG H 188 16.02 6.23 10.78
N HIS H 189 16.78 6.10 11.86
CA HIS H 189 18.10 6.76 11.97
C HIS H 189 19.23 5.74 12.04
N MET H 190 19.10 4.75 11.17
CA MET H 190 20.13 3.74 10.97
C MET H 190 20.27 3.45 9.47
N HIS H 191 21.46 3.05 9.04
CA HIS H 191 21.68 2.57 7.68
C HIS H 191 21.27 1.10 7.55
N GLY H 192 21.07 0.63 6.31
CA GLY H 192 20.81 -0.77 6.03
C GLY H 192 21.84 -1.34 5.07
N PHE H 193 22.10 -2.64 5.19
CA PHE H 193 23.06 -3.32 4.34
C PHE H 193 22.58 -4.72 4.01
N GLY H 194 22.83 -5.16 2.78
CA GLY H 194 22.72 -6.58 2.46
C GLY H 194 23.83 -7.38 3.15
N SER H 195 24.95 -6.71 3.44
CA SER H 195 26.11 -7.29 4.14
C SER H 195 26.94 -8.26 3.31
N HIS H 196 26.36 -9.40 2.94
CA HIS H 196 26.98 -10.35 2.01
C HIS H 196 27.30 -9.72 0.65
N THR H 197 28.35 -10.24 0.04
CA THR H 197 28.52 -10.15 -1.39
C THR H 197 27.40 -10.97 -2.07
N PHE H 198 26.70 -10.33 -3.00
CA PHE H 198 25.73 -11.02 -3.86
C PHE H 198 26.26 -10.96 -5.28
N SER H 199 25.42 -11.28 -6.26
CA SER H 199 25.82 -11.06 -7.64
C SER H 199 24.72 -10.41 -8.48
N PHE H 200 25.15 -9.61 -9.47
CA PHE H 200 24.30 -9.16 -10.57
C PHE H 200 24.63 -9.95 -11.82
N ILE H 201 23.60 -10.27 -12.60
CA ILE H 201 23.75 -10.85 -13.94
C ILE H 201 23.08 -9.89 -14.94
N ASN H 202 23.80 -9.48 -15.99
CA ASN H 202 23.25 -8.62 -17.04
C ASN H 202 22.61 -9.37 -18.23
N SER H 203 22.10 -8.62 -19.22
CA SER H 203 21.51 -9.19 -20.44
C SER H 203 22.43 -10.07 -21.28
N ASP H 204 23.74 -9.86 -21.13
CA ASP H 204 24.73 -10.67 -21.83
C ASP H 204 25.22 -11.86 -20.99
N ASN H 205 24.51 -12.12 -19.88
CA ASN H 205 24.87 -13.19 -18.94
C ASN H 205 26.28 -13.05 -18.38
N GLU H 206 26.73 -11.80 -18.20
CA GLU H 206 27.96 -11.49 -17.50
C GLU H 206 27.65 -11.29 -16.02
N ARG H 207 28.58 -11.69 -15.15
CA ARG H 207 28.38 -11.66 -13.72
C ARG H 207 29.27 -10.59 -13.04
N TYR H 208 28.67 -9.86 -12.10
CA TYR H 208 29.36 -8.92 -11.24
C TYR H 208 29.09 -9.27 -9.78
N TRP H 209 30.11 -9.22 -8.94
CA TRP H 209 29.88 -9.27 -7.51
C TRP H 209 29.38 -7.90 -7.05
N VAL H 210 28.50 -7.90 -6.05
CA VAL H 210 27.83 -6.67 -5.64
C VAL H 210 27.53 -6.59 -4.15
N LYS H 211 27.62 -5.39 -3.59
CA LYS H 211 27.18 -5.09 -2.22
C LYS H 211 26.06 -4.05 -2.27
N PHE H 212 25.04 -4.26 -1.44
CA PHE H 212 23.89 -3.36 -1.28
C PHE H 212 24.02 -2.51 -0.02
N HIS H 213 23.79 -1.21 -0.20
CA HIS H 213 23.85 -0.20 0.87
C HIS H 213 22.58 0.62 0.83
N PHE H 214 21.93 0.78 1.98
CA PHE H 214 20.79 1.70 2.10
C PHE H 214 21.16 2.81 3.06
N VAL H 215 21.35 4.02 2.50
CA VAL H 215 21.80 5.18 3.28
C VAL H 215 20.60 5.94 3.80
N SER H 216 20.51 6.09 5.11
CA SER H 216 19.39 6.81 5.71
C SER H 216 19.37 8.27 5.25
N GLN H 217 18.21 8.73 4.77
CA GLN H 217 18.02 10.15 4.43
C GLN H 217 17.69 10.99 5.67
N GLN H 218 17.49 10.31 6.79
CA GLN H 218 17.20 10.95 8.11
C GLN H 218 18.47 11.16 8.92
N GLY H 219 19.58 10.61 8.42
CA GLY H 219 20.87 10.65 9.14
C GLY H 219 20.97 9.61 10.25
N ILE H 220 22.10 9.60 10.94
CA ILE H 220 22.36 8.64 12.01
C ILE H 220 22.11 9.29 13.38
N LYS H 221 21.34 8.61 14.22
CA LYS H 221 21.07 9.05 15.59
C LYS H 221 21.13 7.84 16.50
N ASN H 222 21.85 7.97 17.61
CA ASN H 222 22.04 6.84 18.54
C ASN H 222 21.66 7.20 19.97
N LEU H 223 21.51 6.19 20.82
CA LEU H 223 21.27 6.39 22.24
C LEU H 223 22.45 5.83 23.01
N SER H 224 22.86 6.53 24.07
CA SER H 224 23.85 5.97 24.99
C SER H 224 23.19 4.87 25.81
N ASP H 225 24.02 4.06 26.48
CA ASP H 225 23.51 3.05 27.41
C ASP H 225 22.59 3.65 28.45
N ALA H 226 22.99 4.79 29.02
CA ALA H 226 22.19 5.45 30.04
C ALA H 226 20.89 6.02 29.48
N GLU H 227 20.97 6.64 28.30
CA GLU H 227 19.78 7.13 27.59
C GLU H 227 18.82 5.99 27.27
N ALA H 228 19.37 4.87 26.78
CA ALA H 228 18.57 3.71 26.39
C ALA H 228 17.86 3.11 27.59
N GLY H 229 18.59 2.98 28.70
CA GLY H 229 18.04 2.43 29.95
C GLY H 229 16.86 3.23 30.45
N GLU H 230 17.00 4.56 30.48
CA GLU H 230 15.90 5.47 30.83
C GLU H 230 14.70 5.29 29.92
N LEU H 231 14.93 5.18 28.60
CA LEU H 231 13.85 4.97 27.64
C LEU H 231 13.12 3.64 27.88
N VAL H 232 13.89 2.56 28.05
CA VAL H 232 13.33 1.21 28.28
C VAL H 232 12.47 1.16 29.56
N GLY H 233 12.93 1.85 30.62
CA GLY H 233 12.17 1.98 31.86
C GLY H 233 10.76 2.49 31.64
N ASN H 234 10.63 3.45 30.73
CA ASN H 234 9.32 4.01 30.35
C ASN H 234 8.61 3.22 29.27
N ASP H 235 9.38 2.59 28.39
CA ASP H 235 8.82 2.08 27.14
C ASP H 235 9.65 0.98 26.48
N ARG H 236 9.11 -0.24 26.50
CA ARG H 236 9.74 -1.35 25.81
C ARG H 236 9.44 -1.34 24.32
N GLU H 237 8.52 -0.45 23.92
CA GLU H 237 8.02 -0.46 22.54
C GLU H 237 8.41 0.80 21.76
N SER H 238 9.48 1.46 22.20
CA SER H 238 9.88 2.79 21.71
C SER H 238 10.03 2.93 20.20
N HIS H 239 10.61 1.90 19.56
CA HIS H 239 10.94 1.94 18.14
C HIS H 239 9.73 1.65 17.24
N GLN H 240 8.87 0.73 17.68
CA GLN H 240 7.54 0.51 17.10
C GLN H 240 6.72 1.80 17.14
N ARG H 241 6.63 2.39 18.34
CA ARG H 241 5.92 3.65 18.58
C ARG H 241 6.40 4.75 17.64
N ASP H 242 7.71 4.88 17.50
CA ASP H 242 8.29 5.90 16.63
C ASP H 242 7.91 5.68 15.17
N LEU H 243 8.08 4.45 14.70
CA LEU H 243 7.77 4.12 13.31
C LEU H 243 6.29 4.33 13.00
N LEU H 244 5.42 3.73 13.81
CA LEU H 244 3.97 3.85 13.63
C LEU H 244 3.54 5.32 13.60
N ASP H 245 3.98 6.08 14.60
CA ASP H 245 3.60 7.50 14.74
C ASP H 245 4.17 8.39 13.64
N SER H 246 5.42 8.15 13.24
CA SER H 246 6.03 8.88 12.12
C SER H 246 5.20 8.72 10.83
N ILE H 247 4.85 7.47 10.51
CA ILE H 247 4.09 7.19 9.30
C ILE H 247 2.67 7.77 9.37
N ASP H 248 2.02 7.62 10.52
CA ASP H 248 0.70 8.21 10.76
C ASP H 248 0.69 9.74 10.64
N ASN H 249 1.86 10.36 10.87
CA ASN H 249 1.99 11.81 10.75
C ASN H 249 2.71 12.35 9.49
N GLN H 250 2.79 11.52 8.44
CA GLN H 250 3.49 11.86 7.18
C GLN H 250 4.95 12.31 7.35
N ASP H 251 5.65 11.65 8.27
CA ASP H 251 7.10 11.81 8.39
C ASP H 251 7.72 10.54 7.80
N PHE H 252 7.54 10.34 6.50
CA PHE H 252 7.91 9.07 5.86
C PHE H 252 9.43 8.93 5.75
N PRO H 253 10.00 7.86 6.34
CA PRO H 253 11.44 7.64 6.28
C PRO H 253 11.89 7.12 4.92
N LYS H 254 13.03 7.61 4.45
CA LYS H 254 13.58 7.22 3.15
C LYS H 254 15.02 6.74 3.27
N TRP H 255 15.41 5.83 2.39
CA TRP H 255 16.80 5.37 2.28
C TRP H 255 17.21 5.40 0.81
N THR H 256 18.48 5.70 0.55
CA THR H 256 19.00 5.71 -0.81
C THR H 256 19.74 4.41 -1.03
N LEU H 257 19.35 3.66 -2.06
CA LEU H 257 20.11 2.48 -2.45
C LEU H 257 21.33 2.87 -3.27
N LYS H 258 22.49 2.42 -2.80
CA LYS H 258 23.75 2.51 -3.53
C LYS H 258 24.40 1.12 -3.53
N VAL H 259 25.15 0.83 -4.59
CA VAL H 259 25.80 -0.46 -4.73
C VAL H 259 27.31 -0.33 -5.01
N GLN H 260 28.07 -1.33 -4.59
CA GLN H 260 29.46 -1.48 -5.01
C GLN H 260 29.47 -2.61 -6.03
N ILE H 261 30.19 -2.41 -7.11
CA ILE H 261 30.20 -3.40 -8.18
C ILE H 261 31.63 -3.83 -8.49
N MET H 262 31.87 -5.15 -8.40
CA MET H 262 33.20 -5.70 -8.65
C MET H 262 33.16 -6.65 -9.85
N PRO H 263 33.95 -6.35 -10.90
CA PRO H 263 33.98 -7.29 -12.02
C PRO H 263 34.35 -8.67 -11.49
N GLU H 264 33.77 -9.70 -12.09
CA GLU H 264 33.95 -11.07 -11.63
C GLU H 264 35.43 -11.43 -11.49
N ALA H 265 36.23 -11.00 -12.47
CA ALA H 265 37.68 -11.25 -12.49
C ALA H 265 38.46 -10.71 -11.28
N ASP H 266 38.03 -9.58 -10.71
CA ASP H 266 38.70 -8.92 -9.59
C ASP H 266 38.75 -9.72 -8.27
N ALA H 267 37.79 -10.63 -8.09
CA ALA H 267 37.67 -11.42 -6.88
C ALA H 267 38.89 -12.33 -6.65
N ALA H 268 39.58 -12.66 -7.74
CA ALA H 268 40.82 -13.45 -7.68
C ALA H 268 42.05 -12.61 -7.39
N THR H 269 41.94 -11.28 -7.47
CA THR H 269 43.12 -10.41 -7.35
C THR H 269 43.14 -9.40 -6.19
N VAL H 270 41.98 -9.15 -5.57
CA VAL H 270 41.89 -8.23 -4.41
C VAL H 270 42.63 -8.79 -3.17
N PRO H 271 43.26 -7.89 -2.37
CA PRO H 271 44.07 -8.32 -1.21
C PRO H 271 43.26 -8.85 0.00
N TYR H 272 41.94 -8.72 -0.06
CA TYR H 272 41.02 -9.24 0.97
C TYR H 272 40.11 -10.27 0.33
N ASN H 273 39.68 -11.26 1.11
CA ASN H 273 38.65 -12.20 0.67
C ASN H 273 37.35 -11.43 0.41
N PRO H 274 36.91 -11.37 -0.86
CA PRO H 274 35.72 -10.56 -1.17
C PRO H 274 34.42 -11.22 -0.70
N PHE H 275 34.50 -12.46 -0.22
CA PHE H 275 33.34 -13.22 0.24
C PHE H 275 33.33 -13.46 1.76
N ASP H 276 34.19 -12.72 2.48
CA ASP H 276 34.30 -12.77 3.94
C ASP H 276 33.32 -11.79 4.59
N LEU H 277 32.29 -12.33 5.22
CA LEU H 277 31.25 -11.53 5.89
C LEU H 277 31.75 -10.63 7.05
N THR H 278 32.97 -10.88 7.53
CA THR H 278 33.56 -10.06 8.59
C THR H 278 34.36 -8.91 8.00
N LYS H 279 34.35 -8.80 6.68
CA LYS H 279 35.11 -7.76 5.99
C LYS H 279 34.24 -6.90 5.09
N VAL H 280 34.62 -5.64 4.93
CA VAL H 280 34.00 -4.78 3.93
C VAL H 280 34.89 -4.69 2.69
N TRP H 281 34.33 -4.18 1.58
CA TRP H 281 35.12 -3.75 0.44
C TRP H 281 35.42 -2.25 0.60
N PRO H 282 36.72 -1.89 0.68
CA PRO H 282 37.13 -0.47 0.67
C PRO H 282 36.41 0.36 -0.40
N HIS H 283 35.82 1.48 0.03
CA HIS H 283 35.12 2.41 -0.84
C HIS H 283 36.03 3.02 -1.90
N LYS H 284 37.32 3.16 -1.55
CA LYS H 284 38.33 3.68 -2.48
C LYS H 284 38.51 2.75 -3.67
N ASP H 285 38.39 1.45 -3.41
CA ASP H 285 38.56 0.42 -4.43
C ASP H 285 37.29 0.32 -5.29
N TYR H 286 36.13 0.29 -4.62
CA TYR H 286 34.82 0.13 -5.27
C TYR H 286 33.84 1.19 -4.75
N PRO H 287 33.85 2.39 -5.39
CA PRO H 287 32.96 3.49 -5.00
C PRO H 287 31.48 3.13 -5.04
N LEU H 288 30.71 3.77 -4.16
CA LEU H 288 29.26 3.60 -4.12
C LEU H 288 28.63 4.21 -5.37
N ILE H 289 27.75 3.44 -5.99
CA ILE H 289 27.06 3.82 -7.21
C ILE H 289 25.58 3.94 -6.87
N GLU H 290 24.99 5.12 -7.12
CA GLU H 290 23.58 5.35 -6.81
C GLU H 290 22.63 4.60 -7.73
N VAL H 291 21.53 4.13 -7.16
CA VAL H 291 20.54 3.34 -7.90
C VAL H 291 19.11 3.92 -7.81
N GLY H 292 18.71 4.28 -6.59
CA GLY H 292 17.35 4.71 -6.34
C GLY H 292 17.09 4.97 -4.87
N GLU H 293 15.82 5.14 -4.52
CA GLU H 293 15.45 5.37 -3.13
C GLU H 293 14.16 4.64 -2.80
N PHE H 294 13.94 4.38 -1.51
CA PHE H 294 12.65 3.87 -1.05
C PHE H 294 12.15 4.70 0.13
N GLU H 295 10.83 4.83 0.23
CA GLU H 295 10.19 5.47 1.38
C GLU H 295 9.12 4.54 1.94
N LEU H 296 9.00 4.54 3.27
CA LEU H 296 7.98 3.77 3.97
C LEU H 296 6.86 4.72 4.34
N ASN H 297 5.65 4.44 3.84
CA ASN H 297 4.54 5.40 3.89
C ASN H 297 3.20 4.79 4.27
N ARG H 298 3.21 3.55 4.74
CA ARG H 298 1.96 2.90 5.09
C ARG H 298 2.13 1.89 6.23
N ASN H 299 1.33 2.07 7.28
CA ASN H 299 1.32 1.14 8.41
C ASN H 299 0.43 -0.08 8.09
N PRO H 300 0.83 -1.28 8.54
CA PRO H 300 -0.07 -2.44 8.38
C PRO H 300 -1.36 -2.22 9.18
N GLN H 301 -2.46 -2.79 8.69
CA GLN H 301 -3.74 -2.71 9.41
C GLN H 301 -3.77 -3.69 10.59
N ASN H 302 -3.20 -4.88 10.39
CA ASN H 302 -3.13 -5.88 11.46
C ASN H 302 -1.72 -6.45 11.61
N TYR H 303 -1.12 -6.20 12.77
CA TYR H 303 0.27 -6.55 13.01
C TYR H 303 0.56 -8.06 12.92
N PHE H 304 -0.26 -8.88 13.57
CA PHE H 304 -0.06 -10.32 13.48
C PHE H 304 -0.07 -10.83 12.02
N ALA H 305 -1.12 -10.49 11.28
CA ALA H 305 -1.32 -11.06 9.94
C ALA H 305 -0.24 -10.60 8.94
N GLU H 306 0.23 -9.37 9.11
CA GLU H 306 1.14 -8.76 8.14
C GLU H 306 2.61 -8.70 8.60
N VAL H 307 2.86 -8.45 9.89
CA VAL H 307 4.25 -8.30 10.36
C VAL H 307 4.77 -9.58 11.03
N GLU H 308 4.03 -10.08 12.02
CA GLU H 308 4.44 -11.32 12.68
C GLU H 308 4.59 -12.45 11.67
N GLN H 309 3.60 -12.57 10.79
CA GLN H 309 3.55 -13.61 9.76
C GLN H 309 4.41 -13.37 8.52
N ALA H 310 5.07 -12.22 8.45
CA ALA H 310 5.96 -11.95 7.32
C ALA H 310 7.12 -12.91 7.32
N ALA H 311 7.49 -13.37 6.12
CA ALA H 311 8.61 -14.25 5.95
C ALA H 311 9.53 -13.71 4.85
N PHE H 312 10.78 -13.48 5.23
CA PHE H 312 11.80 -13.02 4.28
C PHE H 312 12.83 -14.13 4.07
N ASN H 313 12.99 -14.59 2.83
CA ASN H 313 13.91 -15.70 2.51
C ASN H 313 15.00 -15.22 1.54
N PRO H 314 16.27 -15.19 2.00
CA PRO H 314 17.40 -14.73 1.16
C PRO H 314 17.53 -15.45 -0.21
N ALA H 315 17.04 -16.69 -0.27
CA ALA H 315 16.95 -17.46 -1.51
C ALA H 315 15.93 -16.93 -2.52
N ASN H 316 15.03 -16.06 -2.06
CA ASN H 316 14.03 -15.40 -2.93
C ASN H 316 14.65 -14.22 -3.68
N VAL H 317 15.28 -14.56 -4.78
CA VAL H 317 16.04 -13.62 -5.56
C VAL H 317 15.25 -13.49 -6.86
N VAL H 318 15.66 -12.61 -7.77
CA VAL H 318 14.92 -12.43 -9.04
C VAL H 318 15.91 -12.48 -10.21
N PRO H 319 15.44 -12.76 -11.45
CA PRO H 319 16.41 -12.75 -12.54
C PRO H 319 17.24 -11.46 -12.55
N GLY H 320 18.56 -11.59 -12.71
CA GLY H 320 19.45 -10.44 -12.68
C GLY H 320 20.16 -10.22 -11.35
N ILE H 321 19.69 -10.90 -10.30
CA ILE H 321 20.32 -10.87 -8.98
C ILE H 321 20.51 -12.31 -8.50
N SER H 322 21.68 -12.64 -7.97
CA SER H 322 21.94 -13.99 -7.48
C SER H 322 22.86 -14.01 -6.24
N PHE H 323 23.44 -15.17 -5.97
CA PHE H 323 24.16 -15.38 -4.70
C PHE H 323 25.68 -15.17 -4.85
N SER H 324 26.44 -15.57 -3.84
CA SER H 324 27.91 -15.64 -3.93
C SER H 324 28.39 -16.81 -3.08
N PRO H 325 29.66 -17.23 -3.25
CA PRO H 325 30.27 -18.29 -2.43
C PRO H 325 30.60 -17.88 -0.99
N ASP H 326 30.14 -16.72 -0.55
CA ASP H 326 30.20 -16.37 0.88
C ASP H 326 29.49 -17.51 1.64
N LYS H 327 30.25 -18.22 2.48
CA LYS H 327 29.73 -19.40 3.16
C LYS H 327 28.54 -19.07 4.05
N MET H 328 28.56 -17.90 4.69
CA MET H 328 27.43 -17.47 5.52
C MET H 328 26.13 -17.30 4.72
N LEU H 329 26.23 -16.74 3.52
CA LEU H 329 25.07 -16.58 2.63
C LEU H 329 24.58 -17.94 2.15
N GLN H 330 25.53 -18.81 1.80
CA GLN H 330 25.19 -20.17 1.36
C GLN H 330 24.31 -20.87 2.41
N GLY H 331 24.71 -20.82 3.67
CA GLY H 331 23.94 -21.42 4.77
C GLY H 331 22.55 -20.86 4.98
N ARG H 332 22.40 -19.55 4.76
CA ARG H 332 21.11 -18.87 4.86
C ARG H 332 20.12 -19.31 3.77
N LEU H 333 20.66 -19.77 2.63
CA LEU H 333 19.86 -20.31 1.53
C LEU H 333 19.01 -21.52 1.91
N PHE H 334 19.44 -22.25 2.93
CA PHE H 334 18.67 -23.36 3.47
C PHE H 334 17.80 -22.92 4.65
N ALA H 335 18.41 -22.20 5.61
CA ALA H 335 17.80 -22.02 6.94
C ALA H 335 16.45 -21.28 6.98
N TYR H 336 16.29 -20.24 6.16
CA TYR H 336 15.07 -19.41 6.24
C TYR H 336 13.80 -20.11 5.77
N GLY H 337 13.83 -20.71 4.59
CA GLY H 337 12.66 -21.42 4.10
C GLY H 337 12.32 -22.51 5.09
N ASP H 338 13.37 -23.14 5.64
CA ASP H 338 13.25 -24.21 6.62
C ASP H 338 12.56 -23.69 7.90
N ALA H 339 13.13 -22.66 8.52
CA ALA H 339 12.52 -22.01 9.70
C ALA H 339 11.09 -21.51 9.46
N GLN H 340 10.85 -20.98 8.27
CA GLN H 340 9.55 -20.39 7.93
C GLN H 340 8.46 -21.44 7.72
N ARG H 341 8.79 -22.59 7.13
CA ARG H 341 7.82 -23.67 6.99
C ARG H 341 7.33 -24.20 8.34
N TYR H 342 8.26 -24.32 9.28
CA TYR H 342 7.94 -24.66 10.67
C TYR H 342 7.14 -23.56 11.38
N ARG H 343 7.64 -22.33 11.36
CA ARG H 343 7.04 -21.22 12.10
C ARG H 343 5.63 -20.84 11.62
N LEU H 344 5.41 -20.97 10.31
CA LEU H 344 4.24 -20.39 9.65
C LEU H 344 3.35 -21.35 8.85
N GLY H 345 3.82 -22.57 8.61
CA GLY H 345 3.11 -23.50 7.72
C GLY H 345 3.75 -23.60 6.34
N VAL H 346 3.63 -24.75 5.69
CA VAL H 346 4.18 -24.96 4.33
C VAL H 346 3.61 -23.94 3.32
N ASN H 347 2.35 -23.56 3.52
CA ASN H 347 1.61 -22.75 2.56
C ASN H 347 1.58 -21.25 2.91
N HIS H 348 2.54 -20.85 3.75
CA HIS H 348 2.62 -19.47 4.23
C HIS H 348 2.80 -18.42 3.11
N GLN H 349 3.22 -18.84 1.92
CA GLN H 349 3.35 -17.84 0.88
C GLN H 349 2.01 -17.39 0.29
N HIS H 350 0.92 -18.01 0.78
CA HIS H 350 -0.45 -17.55 0.53
C HIS H 350 -0.92 -16.49 1.56
N ILE H 351 -0.15 -16.25 2.62
CA ILE H 351 -0.44 -15.12 3.53
C ILE H 351 -0.18 -13.83 2.73
N PRO H 352 -1.17 -12.91 2.68
CA PRO H 352 -1.12 -11.73 1.80
C PRO H 352 0.24 -11.01 1.74
N VAL H 353 0.83 -10.67 2.88
CA VAL H 353 2.14 -10.00 2.91
C VAL H 353 3.26 -10.82 2.22
N ASN H 354 3.12 -12.15 2.19
CA ASN H 354 4.12 -13.00 1.56
C ASN H 354 3.84 -13.32 0.09
N ALA H 355 2.65 -12.95 -0.39
CA ALA H 355 2.22 -13.37 -1.73
C ALA H 355 2.90 -12.52 -2.80
N PRO H 356 3.25 -13.13 -3.95
CA PRO H 356 3.82 -12.31 -5.01
C PRO H 356 2.74 -11.42 -5.64
N ARG H 357 3.16 -10.33 -6.27
CA ARG H 357 2.25 -9.42 -6.98
C ARG H 357 2.57 -9.45 -8.49
N CYS H 358 2.93 -10.63 -8.96
CA CYS H 358 3.18 -10.88 -10.37
C CYS H 358 2.61 -12.26 -10.70
N PRO H 359 2.66 -12.67 -11.99
CA PRO H 359 2.27 -14.07 -12.27
C PRO H 359 2.95 -15.10 -11.35
N VAL H 360 2.17 -16.04 -10.82
CA VAL H 360 2.71 -17.10 -10.00
C VAL H 360 2.01 -18.40 -10.37
N HIS H 361 2.79 -19.47 -10.50
CA HIS H 361 2.28 -20.78 -10.90
C HIS H 361 3.29 -21.78 -10.36
N SER H 362 3.16 -22.05 -9.06
CA SER H 362 4.28 -22.54 -8.25
C SER H 362 4.34 -24.04 -8.03
N TYR H 363 3.46 -24.79 -8.68
CA TYR H 363 3.53 -26.27 -8.69
C TYR H 363 3.11 -26.99 -7.42
N HIS H 364 3.56 -26.51 -6.26
CA HIS H 364 3.43 -27.27 -5.02
C HIS H 364 1.97 -27.62 -4.70
N ARG H 365 1.72 -28.86 -4.30
CA ARG H 365 0.36 -29.32 -4.06
C ARG H 365 0.08 -29.66 -2.60
N ASP H 366 -1.20 -29.55 -2.22
CA ASP H 366 -1.73 -29.98 -0.92
C ASP H 366 -1.08 -29.22 0.23
N GLY H 367 -0.81 -29.90 1.34
CA GLY H 367 -0.23 -29.25 2.51
C GLY H 367 -1.27 -28.57 3.37
N ALA H 368 -0.95 -28.42 4.66
CA ALA H 368 -1.87 -27.84 5.65
C ALA H 368 -2.46 -26.51 5.19
N MET H 369 -3.73 -26.30 5.55
CA MET H 369 -4.41 -25.00 5.33
C MET H 369 -4.30 -24.52 3.87
N ARG H 370 -4.68 -25.41 2.95
CA ARG H 370 -4.65 -25.07 1.53
C ARG H 370 -5.96 -24.36 1.18
N VAL H 371 -5.86 -23.06 0.88
CA VAL H 371 -7.05 -22.22 0.71
C VAL H 371 -7.23 -21.60 -0.67
N ASP H 372 -6.25 -21.80 -1.55
CA ASP H 372 -6.18 -21.12 -2.84
C ASP H 372 -6.77 -21.90 -4.03
N GLY H 373 -7.40 -23.04 -3.75
CA GLY H 373 -7.91 -23.89 -4.83
C GLY H 373 -7.03 -25.06 -5.24
N ASN H 374 -5.76 -25.02 -4.86
CA ASN H 374 -4.84 -26.16 -5.10
C ASN H 374 -4.66 -26.51 -6.59
N PHE H 375 -4.79 -25.50 -7.45
CA PHE H 375 -4.80 -25.65 -8.93
C PHE H 375 -5.93 -26.53 -9.47
N GLY H 376 -6.98 -26.73 -8.68
CA GLY H 376 -8.12 -27.53 -9.09
C GLY H 376 -7.71 -28.90 -9.59
N SER H 377 -8.14 -29.22 -10.82
CA SER H 377 -7.95 -30.52 -11.46
C SER H 377 -6.63 -30.66 -12.18
N THR H 378 -5.84 -29.58 -12.25
CA THR H 378 -4.57 -29.57 -13.00
C THR H 378 -3.71 -30.76 -12.57
N LEU H 379 -3.22 -31.52 -13.54
CA LEU H 379 -2.26 -32.62 -13.27
C LEU H 379 -1.02 -32.11 -12.50
N GLY H 380 -0.39 -32.97 -11.72
CA GLY H 380 0.70 -32.55 -10.85
C GLY H 380 2.09 -33.02 -11.20
N TYR H 381 2.25 -33.63 -12.37
CA TYR H 381 3.55 -34.18 -12.75
C TYR H 381 4.11 -33.45 -13.97
N GLU H 382 5.43 -33.39 -14.05
CA GLU H 382 6.14 -32.84 -15.22
C GLU H 382 7.44 -33.65 -15.41
N PRO H 383 7.75 -34.07 -16.66
CA PRO H 383 7.09 -33.83 -17.96
C PRO H 383 5.67 -34.42 -18.12
N ASN H 384 4.87 -33.75 -18.93
CA ASN H 384 3.48 -34.13 -19.17
C ASN H 384 3.06 -33.74 -20.59
N ASP H 385 1.97 -34.34 -21.09
CA ASP H 385 1.53 -34.09 -22.46
C ASP H 385 0.66 -32.84 -22.63
N GLN H 386 0.55 -32.03 -21.58
CA GLN H 386 -0.20 -30.79 -21.65
C GLN H 386 0.70 -29.54 -21.65
N GLY H 387 2.01 -29.75 -21.54
CA GLY H 387 2.97 -28.64 -21.46
C GLY H 387 2.81 -27.85 -20.16
N GLN H 388 2.23 -28.49 -19.15
CA GLN H 388 1.96 -27.88 -17.85
C GLN H 388 3.26 -27.79 -17.04
N TRP H 389 3.34 -26.80 -16.15
CA TRP H 389 4.56 -26.52 -15.35
C TRP H 389 5.84 -26.42 -16.20
N ALA H 390 5.78 -25.68 -17.29
CA ALA H 390 6.90 -25.58 -18.22
C ALA H 390 8.01 -24.72 -17.61
N GLU H 391 9.22 -25.24 -17.55
CA GLU H 391 10.36 -24.46 -17.05
C GLU H 391 10.65 -23.31 -18.01
N GLN H 392 11.48 -22.37 -17.55
CA GLN H 392 11.73 -21.14 -18.29
C GLN H 392 13.24 -21.00 -18.58
N PRO H 393 13.73 -21.74 -19.59
CA PRO H 393 15.17 -21.81 -19.86
C PRO H 393 15.81 -20.46 -20.22
N ASP H 394 15.04 -19.51 -20.74
CA ASP H 394 15.58 -18.19 -21.04
C ASP H 394 16.12 -17.49 -19.79
N PHE H 395 15.66 -17.89 -18.61
CA PHE H 395 16.09 -17.24 -17.35
C PHE H 395 17.32 -17.89 -16.69
N SER H 396 17.93 -18.85 -17.39
CA SER H 396 19.09 -19.58 -16.89
C SER H 396 20.24 -18.63 -16.53
N GLU H 397 20.90 -18.89 -15.41
CA GLU H 397 22.09 -18.14 -14.99
C GLU H 397 23.31 -18.77 -15.64
N PRO H 398 24.41 -18.01 -15.83
CA PRO H 398 25.62 -18.59 -16.39
C PRO H 398 26.33 -19.50 -15.38
N PRO H 399 27.15 -20.46 -15.86
CA PRO H 399 27.91 -21.30 -14.92
C PRO H 399 28.87 -20.48 -14.03
N LEU H 400 29.20 -21.03 -12.86
CA LEU H 400 30.22 -20.44 -12.01
C LEU H 400 31.43 -21.35 -12.02
N ASN H 401 32.59 -20.80 -12.38
CA ASN H 401 33.81 -21.58 -12.41
C ASN H 401 34.23 -22.01 -11.01
N LEU H 402 34.73 -23.25 -10.93
CA LEU H 402 35.08 -23.88 -9.67
C LEU H 402 36.53 -24.34 -9.73
N ASP H 403 37.19 -24.33 -8.58
CA ASP H 403 38.52 -24.90 -8.46
C ASP H 403 38.74 -25.53 -7.10
N GLY H 404 39.13 -26.81 -7.07
CA GLY H 404 39.55 -27.46 -5.84
C GLY H 404 38.60 -28.55 -5.37
N ALA H 405 39.10 -29.41 -4.49
CA ALA H 405 38.36 -30.57 -4.00
C ALA H 405 37.20 -30.23 -3.07
N ALA H 406 36.27 -31.17 -2.93
CA ALA H 406 35.18 -31.08 -1.98
C ALA H 406 35.78 -31.36 -0.61
N ALA H 407 35.76 -30.36 0.26
CA ALA H 407 36.35 -30.50 1.59
C ALA H 407 35.82 -29.40 2.52
N HIS H 408 36.09 -29.57 3.82
CA HIS H 408 35.80 -28.59 4.85
C HIS H 408 37.04 -27.71 4.95
N TRP H 409 37.12 -26.76 4.03
CA TRP H 409 38.28 -25.88 3.93
C TRP H 409 38.32 -24.93 5.13
N ASP H 410 39.49 -24.88 5.76
CA ASP H 410 39.64 -24.11 6.99
C ASP H 410 39.71 -22.63 6.67
N HIS H 411 38.74 -21.87 7.15
CA HIS H 411 38.74 -20.42 6.92
C HIS H 411 39.88 -19.67 7.61
N ARG H 412 40.47 -20.27 8.64
CA ARG H 412 41.58 -19.63 9.38
C ARG H 412 42.92 -19.57 8.60
N GLU H 413 42.92 -20.02 7.34
CA GLU H 413 43.99 -19.72 6.40
C GLU H 413 44.16 -18.20 6.27
N ASP H 414 43.03 -17.50 6.33
CA ASP H 414 43.00 -16.04 6.40
C ASP H 414 42.99 -15.60 7.89
N GLU H 415 44.14 -15.12 8.36
CA GLU H 415 44.31 -14.71 9.75
C GLU H 415 44.22 -13.20 9.94
N ASP H 416 43.72 -12.53 8.91
CA ASP H 416 43.51 -11.09 8.95
C ASP H 416 42.18 -10.80 9.68
N TYR H 417 42.27 -10.83 11.00
CA TYR H 417 41.12 -10.63 11.89
C TYR H 417 41.01 -9.20 12.39
N PHE H 418 42.13 -8.48 12.36
CA PHE H 418 42.26 -7.23 13.14
C PHE H 418 42.42 -5.95 12.33
N SER H 419 42.81 -6.04 11.06
CA SER H 419 43.11 -4.82 10.29
C SER H 419 41.90 -3.92 10.07
N GLN H 420 40.77 -4.50 9.65
CA GLN H 420 39.57 -3.70 9.39
C GLN H 420 38.93 -3.12 10.66
N PRO H 421 38.85 -3.91 11.76
CA PRO H 421 38.46 -3.28 13.04
C PRO H 421 39.39 -2.12 13.42
N GLY H 422 40.69 -2.29 13.16
CA GLY H 422 41.69 -1.22 13.39
C GLY H 422 41.45 0.02 12.55
N ASP H 423 41.15 -0.16 11.26
CA ASP H 423 40.73 0.92 10.37
C ASP H 423 39.50 1.66 10.90
N LEU H 424 38.50 0.90 11.32
CA LEU H 424 37.27 1.50 11.84
C LEU H 424 37.56 2.32 13.10
N PHE H 425 38.34 1.72 14.01
CA PHE H 425 38.71 2.40 15.25
C PHE H 425 39.43 3.72 14.94
N GLY H 426 40.32 3.69 13.95
CA GLY H 426 41.12 4.85 13.56
C GLY H 426 40.30 6.00 13.00
N LEU H 427 39.21 5.66 12.32
CA LEU H 427 38.31 6.65 11.74
C LEU H 427 37.39 7.32 12.75
N MET H 428 37.37 6.81 13.99
CA MET H 428 36.55 7.36 15.07
C MET H 428 37.20 8.59 15.71
N THR H 429 36.37 9.55 16.12
CA THR H 429 36.86 10.70 16.89
C THR H 429 37.27 10.21 18.29
N ALA H 430 38.04 11.04 19.01
CA ALA H 430 38.44 10.72 20.40
C ALA H 430 37.23 10.46 21.30
N GLU H 431 36.14 11.15 21.00
CA GLU H 431 34.91 11.10 21.75
C GLU H 431 34.22 9.75 21.51
N LYS H 432 34.14 9.35 20.25
CA LYS H 432 33.52 8.09 19.88
C LYS H 432 34.36 6.89 20.34
N GLN H 433 35.68 7.06 20.32
CA GLN H 433 36.59 6.05 20.88
C GLN H 433 36.34 5.85 22.37
N ALA H 434 36.12 6.94 23.10
CA ALA H 434 35.88 6.87 24.53
C ALA H 434 34.53 6.22 24.85
N ILE H 435 33.54 6.45 23.99
CA ILE H 435 32.24 5.77 24.10
C ILE H 435 32.41 4.25 23.87
N LEU H 436 33.23 3.88 22.88
CA LEU H 436 33.59 2.48 22.61
C LEU H 436 34.27 1.80 23.79
N PHE H 437 35.27 2.47 24.38
CA PHE H 437 35.95 1.97 25.58
C PHE H 437 34.97 1.74 26.75
N ASP H 438 34.16 2.76 27.06
CA ASP H 438 33.18 2.71 28.13
C ASP H 438 32.16 1.56 27.97
N ASN H 439 31.52 1.49 26.80
CA ASN H 439 30.56 0.42 26.49
C ASN H 439 31.15 -0.96 26.66
N THR H 440 32.35 -1.16 26.10
CA THR H 440 33.02 -2.45 26.14
C THR H 440 33.36 -2.85 27.57
N ALA H 441 33.98 -1.93 28.31
CA ALA H 441 34.42 -2.19 29.68
C ALA H 441 33.25 -2.57 30.56
N ARG H 442 32.16 -1.81 30.46
CA ARG H 442 30.95 -2.10 31.25
C ARG H 442 30.26 -3.38 30.78
N ASN H 443 30.33 -3.67 29.48
CA ASN H 443 29.83 -4.92 28.94
C ASN H 443 30.60 -6.14 29.46
N LEU H 444 31.86 -5.92 29.81
CA LEU H 444 32.72 -6.98 30.33
C LEU H 444 32.60 -7.13 31.85
N ASN H 445 31.75 -6.32 32.48
CA ASN H 445 31.54 -6.44 33.92
C ASN H 445 31.12 -7.85 34.36
N GLY H 446 31.89 -8.42 35.28
CA GLY H 446 31.60 -9.75 35.83
C GLY H 446 32.22 -10.91 35.06
N VAL H 447 32.63 -10.67 33.81
CA VAL H 447 33.24 -11.67 32.94
C VAL H 447 34.60 -12.10 33.49
N PRO H 448 34.86 -13.42 33.60
CA PRO H 448 36.16 -13.93 34.07
C PRO H 448 37.34 -13.20 33.45
N LYS H 449 38.32 -12.84 34.29
CA LYS H 449 39.49 -12.03 33.86
C LYS H 449 40.17 -12.55 32.60
N GLU H 450 40.33 -13.86 32.48
CA GLU H 450 41.04 -14.45 31.34
C GLU H 450 40.30 -14.23 30.02
N ILE H 451 38.97 -14.14 30.07
CA ILE H 451 38.15 -13.87 28.90
C ILE H 451 38.25 -12.38 28.54
N GLN H 452 38.13 -11.50 29.55
CA GLN H 452 38.29 -10.06 29.36
C GLN H 452 39.60 -9.74 28.64
N LEU H 453 40.67 -10.38 29.12
CA LEU H 453 42.02 -10.18 28.62
C LEU H 453 42.19 -10.69 27.18
N ARG H 454 41.48 -11.76 26.83
CA ARG H 454 41.44 -12.26 25.45
C ARG H 454 40.88 -11.19 24.54
N HIS H 455 39.82 -10.51 25.00
CA HIS H 455 39.22 -9.45 24.21
C HIS H 455 40.12 -8.22 24.09
N VAL H 456 40.71 -7.79 25.22
CA VAL H 456 41.60 -6.63 25.21
C VAL H 456 42.80 -6.87 24.28
N THR H 457 43.31 -8.10 24.28
CA THR H 457 44.40 -8.52 23.38
C THR H 457 44.03 -8.36 21.91
N HIS H 458 42.84 -8.83 21.54
CA HIS H 458 42.36 -8.69 20.17
C HIS H 458 42.25 -7.23 19.78
N CYS H 459 41.69 -6.41 20.68
CA CYS H 459 41.51 -4.97 20.45
C CYS H 459 42.85 -4.27 20.27
N TYR H 460 43.84 -4.71 21.05
CA TYR H 460 45.20 -4.17 21.01
C TYR H 460 45.87 -4.49 19.68
N LYS H 461 45.61 -5.70 19.17
CA LYS H 461 46.15 -6.13 17.88
C LYS H 461 45.51 -5.39 16.72
N ALA H 462 44.25 -4.97 16.89
CA ALA H 462 43.60 -4.06 15.94
C ALA H 462 44.28 -2.68 15.99
N ASP H 463 44.47 -2.14 17.20
CA ASP H 463 45.16 -0.85 17.43
C ASP H 463 45.55 -0.76 18.91
N PRO H 464 46.85 -0.55 19.21
CA PRO H 464 47.29 -0.46 20.60
C PRO H 464 46.47 0.49 21.48
N ALA H 465 45.97 1.58 20.90
CA ALA H 465 45.15 2.56 21.63
C ALA H 465 43.76 2.03 21.92
N TYR H 466 43.24 1.18 21.03
CA TYR H 466 41.95 0.50 21.22
C TYR H 466 42.03 -0.43 22.44
N GLY H 467 42.99 -1.36 22.42
CA GLY H 467 43.28 -2.23 23.55
C GLY H 467 43.53 -1.49 24.86
N GLU H 468 44.38 -0.46 24.83
CA GLU H 468 44.72 0.26 26.06
C GLU H 468 43.55 1.04 26.64
N GLY H 469 42.69 1.56 25.78
CA GLY H 469 41.48 2.28 26.21
C GLY H 469 40.58 1.45 27.11
N ILE H 470 40.43 0.17 26.75
CA ILE H 470 39.62 -0.77 27.53
C ILE H 470 40.43 -1.29 28.73
N GLY H 471 41.69 -1.63 28.50
CA GLY H 471 42.59 -2.13 29.56
C GLY H 471 42.68 -1.21 30.76
N LYS H 472 42.84 0.08 30.50
CA LYS H 472 42.87 1.09 31.54
C LYS H 472 41.60 1.04 32.41
N LEU H 473 40.44 1.05 31.77
CA LEU H 473 39.17 1.04 32.49
C LEU H 473 39.00 -0.20 33.37
N LEU H 474 39.55 -1.33 32.92
CA LEU H 474 39.47 -2.58 33.68
C LEU H 474 40.58 -2.71 34.73
N GLY H 475 41.48 -1.74 34.74
CA GLY H 475 42.61 -1.71 35.68
C GLY H 475 43.74 -2.68 35.37
N PHE H 476 43.82 -3.15 34.13
CA PHE H 476 44.90 -4.06 33.74
C PHE H 476 46.19 -3.28 33.51
N ASP H 477 47.33 -3.94 33.73
CA ASP H 477 48.61 -3.40 33.30
C ASP H 477 48.78 -3.67 31.80
N ILE H 478 49.33 -2.69 31.08
CA ILE H 478 49.53 -2.81 29.64
C ILE H 478 50.33 -4.07 29.25
N SER H 479 51.22 -4.52 30.12
CA SER H 479 52.03 -5.71 29.86
C SER H 479 51.20 -6.98 29.79
N GLU H 480 49.99 -6.94 30.36
CA GLU H 480 49.11 -8.13 30.43
C GLU H 480 48.45 -8.50 29.09
N TYR H 481 48.49 -7.58 28.13
CA TYR H 481 47.85 -7.77 26.83
C TYR H 481 48.72 -7.19 25.69
N ASN H 482 49.97 -6.88 26.05
CA ASN H 482 50.97 -6.18 25.23
C ASN H 482 51.47 -6.96 24.04
N SER H 483 51.44 -8.28 24.15
CA SER H 483 52.11 -9.17 23.21
C SER H 483 51.20 -10.24 22.60
CHA HEM I . 5.19 26.88 -33.60
CHB HEM I . 3.69 22.27 -33.07
CHC HEM I . 4.93 21.48 -37.68
CHD HEM I . 5.53 26.22 -38.44
C1A HEM I . 4.68 25.71 -33.06
C2A HEM I . 4.23 25.55 -31.70
C3A HEM I . 3.81 24.28 -31.55
C4A HEM I . 4.00 23.59 -32.82
CMA HEM I . 3.23 23.63 -30.27
CAA HEM I . 4.20 26.68 -30.66
CBA HEM I . 2.78 27.24 -30.78
CGA HEM I . 2.48 28.42 -29.90
O1A HEM I . 1.92 29.38 -30.47
O2A HEM I . 2.75 28.38 -28.66
C1B HEM I . 3.82 21.65 -34.30
C2B HEM I . 3.35 20.32 -34.66
C3B HEM I . 3.71 20.11 -35.95
C4B HEM I . 4.40 21.30 -36.42
CMB HEM I . 2.60 19.38 -33.69
CAB HEM I . 3.46 18.88 -36.85
CBB HEM I . 2.99 17.73 -36.36
C1C HEM I . 5.12 22.68 -38.31
C2C HEM I . 5.22 22.89 -39.76
C3C HEM I . 5.36 24.21 -39.96
C4C HEM I . 5.38 24.86 -38.65
CMC HEM I . 5.15 21.78 -40.84
CAC HEM I . 5.52 24.95 -41.30
CBC HEM I . 4.80 24.62 -42.39
C1D HEM I . 5.53 26.87 -37.22
C2D HEM I . 5.75 28.27 -37.02
C3D HEM I . 5.65 28.49 -35.49
C4D HEM I . 5.36 27.19 -34.93
CMD HEM I . 6.02 29.31 -38.11
CAD HEM I . 5.79 29.82 -34.74
CBD HEM I . 4.50 30.62 -34.92
CGD HEM I . 4.75 31.98 -34.36
O1D HEM I . 5.53 32.76 -34.98
O2D HEM I . 4.16 32.27 -33.28
NA HEM I . 4.54 24.47 -33.71
NB HEM I . 4.45 22.21 -35.38
NC HEM I . 5.23 23.90 -37.67
ND HEM I . 5.31 26.28 -35.98
FE HEM I . 4.71 24.30 -35.75
C1 GOL J . -8.37 24.60 -33.42
O1 GOL J . -9.63 25.23 -33.59
C2 GOL J . -7.92 24.69 -31.97
O2 GOL J . -8.66 25.66 -31.24
C3 GOL J . -8.00 23.30 -31.33
O3 GOL J . -6.88 23.09 -30.48
CL CL K . -4.49 24.46 -20.41
CHA HEM L . 16.83 35.43 -8.88
CHB HEM L . 14.39 39.29 -7.29
CHC HEM L . 18.53 41.11 -5.42
CHD HEM L . 20.77 36.92 -6.38
C1A HEM L . 15.80 36.30 -8.63
C2A HEM L . 14.39 36.13 -8.98
C3A HEM L . 13.71 37.19 -8.53
C4A HEM L . 14.67 38.08 -7.90
CMA HEM L . 12.19 37.42 -8.67
CAA HEM L . 13.80 34.89 -9.69
CBA HEM L . 13.53 33.94 -8.51
CGA HEM L . 12.91 32.64 -8.93
O1A HEM L . 13.33 31.59 -8.36
O2A HEM L . 11.99 32.63 -9.81
C1B HEM L . 15.30 40.09 -6.60
C2B HEM L . 14.97 41.28 -5.84
C3B HEM L . 16.12 41.77 -5.32
C4B HEM L . 17.20 40.92 -5.73
CMB HEM L . 13.54 41.86 -5.67
CAB HEM L . 16.30 43.04 -4.45
CBB HEM L . 15.32 43.89 -4.24
C1C HEM L . 19.49 40.12 -5.46
C2C HEM L . 20.76 40.14 -4.79
C3C HEM L . 21.37 38.97 -5.05
C4C HEM L . 20.51 38.18 -5.90
CMC HEM L . 21.25 41.33 -3.93
CAC HEM L . 22.76 38.48 -4.55
CBC HEM L . 23.16 38.68 -3.29
C1D HEM L . 19.94 36.11 -7.14
C2D HEM L . 20.26 34.79 -7.64
C3D HEM L . 19.02 34.33 -8.41
C4D HEM L . 18.07 35.42 -8.31
CMD HEM L . 21.57 34.00 -7.44
CAD HEM L . 18.80 33.00 -9.15
CBD HEM L . 18.48 31.89 -8.15
CGD HEM L . 18.61 30.58 -8.87
O1D HEM L . 19.76 30.24 -9.24
O2D HEM L . 17.57 29.90 -9.07
NA HEM L . 15.92 37.52 -8.00
NB HEM L . 16.67 39.89 -6.51
NC HEM L . 19.37 38.92 -6.13
ND HEM L . 18.66 36.43 -7.56
FE HEM L . 17.62 38.11 -6.94
C1 GOL M . 8.68 33.66 2.69
O1 GOL M . 9.55 32.57 2.95
C2 GOL M . 8.17 33.58 1.24
O2 GOL M . 7.34 32.43 1.09
C3 GOL M . 7.40 34.87 0.97
O3 GOL M . 7.18 35.10 -0.41
CHA HEM N . -12.49 37.60 1.24
CHB HEM N . -8.38 36.72 3.74
CHC HEM N . -10.32 39.07 7.53
CHD HEM N . -14.07 40.56 4.79
C1A HEM N . -11.23 37.15 1.59
C2A HEM N . -10.31 36.40 0.72
C3A HEM N . -9.18 36.18 1.40
C4A HEM N . -9.32 36.75 2.74
CMA HEM N . -7.90 35.43 0.91
CAA HEM N . -10.62 36.04 -0.75
CBA HEM N . -10.04 37.23 -1.55
CGA HEM N . -10.26 37.11 -3.04
O1A HEM N . -10.75 38.11 -3.64
O2A HEM N . -9.96 36.02 -3.62
C1B HEM N . -8.51 37.35 4.97
C2B HEM N . -7.49 37.48 5.98
C3B HEM N . -8.03 38.13 7.03
C4B HEM N . -9.40 38.43 6.71
CMB HEM N . -6.05 36.95 5.84
CAB HEM N . -7.37 38.54 8.38
CBB HEM N . -6.07 38.39 8.64
C1C HEM N . -11.45 39.73 7.11
C2C HEM N . -12.17 40.75 7.85
C3C HEM N . -13.20 41.17 7.09
C4C HEM N . -13.17 40.42 5.83
CMC HEM N . -11.77 41.23 9.27
CAC HEM N . -14.25 42.24 7.44
CBC HEM N . -13.90 43.41 7.98
C1D HEM N . -14.03 39.91 3.58
C2D HEM N . -14.97 40.09 2.49
C3D HEM N . -14.48 39.17 1.38
C4D HEM N . -13.28 38.53 1.89
CMD HEM N . -16.22 41.00 2.47
CAD HEM N . -15.14 38.99 0.00
CBD HEM N . -14.87 40.22 -0.86
CGD HEM N . -15.67 40.02 -2.13
O1D HEM N . -16.92 40.15 -2.02
O2D HEM N . -15.07 39.72 -3.20
NA HEM N . -10.59 37.32 2.81
NB HEM N . -9.67 37.93 5.45
NC HEM N . -12.08 39.56 5.88
ND HEM N . -13.06 39.00 3.18
FE HEM N . -11.29 38.58 4.27
C1 GOL O . -1.54 45.29 -1.96
O1 GOL O . -0.74 46.27 -2.59
C2 GOL O . -1.41 43.98 -2.71
O2 GOL O . -1.24 44.22 -4.11
C3 GOL O . -0.26 43.16 -2.14
O3 GOL O . -0.67 41.83 -1.87
CL CL P . 0.48 33.22 -8.23
CHA HEM Q . -17.62 15.21 -15.89
CHB HEM Q . -17.78 16.81 -20.46
CHC HEM Q . -21.29 13.59 -21.50
CHD HEM Q . -20.52 11.47 -17.19
C1A HEM Q . -17.34 15.94 -17.02
C2A HEM Q . -16.37 17.00 -17.16
C3A HEM Q . -16.39 17.45 -18.43
C4A HEM Q . -17.41 16.69 -19.14
CMA HEM Q . -15.51 18.55 -19.04
CAA HEM Q . -15.41 17.46 -16.05
CBA HEM Q . -14.18 16.56 -16.23
CGA HEM Q . -13.10 16.85 -15.21
O1A HEM Q . -12.56 15.87 -14.62
O2A HEM Q . -12.77 18.06 -14.98
C1B HEM Q . -18.68 16.04 -21.16
C2B HEM Q . -18.89 16.04 -22.61
C3B HEM Q . -19.86 15.16 -22.90
C4B HEM Q . -20.30 14.55 -21.66
CMB HEM Q . -18.10 16.94 -23.58
CAB HEM Q . -20.47 14.78 -24.27
CBB HEM Q . -20.06 15.27 -25.43
C1C HEM Q . -21.33 12.67 -20.46
C2C HEM Q . -21.98 11.37 -20.48
C3C HEM Q . -21.76 10.78 -19.29
C4C HEM Q . -20.96 11.69 -18.48
CMC HEM Q . -22.79 10.82 -21.67
CAC HEM Q . -22.24 9.39 -18.80
CBC HEM Q . -22.30 8.35 -19.64
C1D HEM Q . -19.70 12.27 -16.42
C2D HEM Q . -19.29 11.98 -15.06
C3D HEM Q . -18.37 13.14 -14.66
C4D HEM Q . -18.32 14.02 -15.82
CMD HEM Q . -19.66 10.77 -14.19
CAD HEM Q . -17.66 13.32 -13.30
CBD HEM Q . -16.40 12.48 -13.26
CGD HEM Q . -15.84 12.59 -11.85
O1D HEM Q . -16.52 12.06 -10.95
O2D HEM Q . -14.76 13.21 -11.65
NA HEM Q . -17.97 15.79 -18.24
NB HEM Q . -19.56 15.11 -20.62
NC HEM Q . -20.72 12.81 -19.24
ND HEM Q . -19.12 13.47 -16.82
FE HEM Q . -19.20 14.20 -18.80
C1 GOL R . -6.78 11.48 -24.66
O1 GOL R . -6.40 10.42 -23.82
C2 GOL R . -6.92 12.75 -23.83
O2 GOL R . -5.78 12.90 -22.98
C3 GOL R . -6.97 13.93 -24.81
O3 GOL R . -7.75 14.98 -24.31
CHA HEM S . 10.43 -43.09 1.88
CHB HEM S . 11.77 -39.21 -0.70
CHC HEM S . 14.14 -42.18 -3.77
CHD HEM S . 13.52 -45.89 -0.71
C1A HEM S . 10.57 -41.79 1.44
C2A HEM S . 9.99 -40.62 2.07
C3A HEM S . 10.36 -39.54 1.37
C4A HEM S . 11.18 -40.00 0.26
CMA HEM S . 10.01 -38.07 1.68
CAA HEM S . 9.17 -40.63 3.37
CBA HEM S . 10.24 -40.55 4.48
CGA HEM S . 9.61 -40.46 5.84
O1A HEM S . 10.15 -41.12 6.77
O2A HEM S . 8.57 -39.77 5.99
C1B HEM S . 12.61 -39.66 -1.72
C2B HEM S . 13.34 -38.83 -2.67
C3B HEM S . 13.98 -39.67 -3.52
C4B HEM S . 13.68 -41.03 -3.14
CMB HEM S . 13.33 -37.29 -2.66
CAB HEM S . 14.90 -39.30 -4.72
CBB HEM S . 15.35 -38.06 -4.98
C1C HEM S . 14.27 -43.42 -3.17
C2C HEM S . 15.19 -44.47 -3.56
C3C HEM S . 15.03 -45.49 -2.70
C4C HEM S . 13.99 -45.11 -1.75
CMC HEM S . 16.19 -44.40 -4.76
CAC HEM S . 15.77 -46.85 -2.67
CBC HEM S . 17.07 -46.98 -2.96
C1D HEM S . 12.63 -45.52 0.27
C2D HEM S . 12.19 -46.36 1.36
C3D HEM S . 11.23 -45.48 2.16
C4D HEM S . 11.19 -44.19 1.49
CMD HEM S . 12.56 -47.83 1.68
CAD HEM S . 10.46 -45.90 3.43
CBD HEM S . 11.44 -46.07 4.58
CGD HEM S . 10.63 -46.65 5.71
O1D HEM S . 10.34 -47.87 5.65
O2D HEM S . 10.25 -45.86 6.62
NA HEM S . 11.28 -41.37 0.34
NB HEM S . 12.83 -40.99 -2.04
NC HEM S . 13.57 -43.83 -2.06
ND HEM S . 12.04 -44.26 0.39
FE HEM S . 12.56 -42.59 -0.70
C1 GOL T . 20.36 -35.13 7.21
O1 GOL T . 21.35 -34.63 8.09
C2 GOL T . 18.98 -34.55 7.52
O2 GOL T . 18.80 -34.34 8.92
C3 GOL T . 18.79 -33.24 6.75
O3 GOL T . 17.46 -33.11 6.29
CL CL U . 8.54 -28.62 9.79
CHA HEM V . -16.03 -38.68 11.93
CHB HEM V . -15.93 -38.93 16.76
CHC HEM V . -20.38 -40.90 16.89
CHD HEM V . -20.79 -39.90 12.15
C1A HEM V . -15.60 -38.55 13.23
C2A HEM V . -14.35 -37.96 13.69
C3A HEM V . -14.33 -38.03 15.04
C4A HEM V . -15.56 -38.67 15.46
CMA HEM V . -13.23 -37.53 16.02
CAA HEM V . -13.29 -37.33 12.76
CBA HEM V . -13.71 -35.85 12.67
CGA HEM V . -12.82 -35.05 11.76
O1A HEM V . -13.35 -34.33 10.85
O2A HEM V . -11.57 -35.10 11.92
C1B HEM V . -17.14 -39.42 17.21
C2B HEM V . -17.53 -39.51 18.59
C3B HEM V . -18.77 -40.05 18.64
C4B HEM V . -19.18 -40.32 17.28
CMB HEM V . -16.65 -39.03 19.77
CAB HEM V . -19.66 -40.39 19.86
CBB HEM V . -19.43 -39.93 21.09
C1C HEM V . -20.92 -40.75 15.64
C2C HEM V . -22.30 -40.97 15.26
C3C HEM V . -22.41 -40.68 13.95
C4C HEM V . -21.10 -40.29 13.44
CMC HEM V . -23.39 -41.43 16.25
CAC HEM V . -23.69 -40.75 13.08
CBC HEM V . -24.86 -40.29 13.54
C1D HEM V . -19.57 -39.49 11.63
C2D HEM V . -19.32 -39.11 10.25
C3D HEM V . -17.85 -38.73 10.19
C4D HEM V . -17.34 -38.91 11.53
CMD HEM V . -20.33 -39.12 9.09
CAD HEM V . -17.02 -38.26 8.96
CBD HEM V . -17.37 -36.84 8.62
CGD HEM V . -16.70 -36.58 7.29
O1D HEM V . -17.17 -37.14 6.26
O2D HEM V . -15.68 -35.83 7.25
NA HEM V . -16.30 -38.98 14.33
NB HEM V . -18.17 -39.92 16.43
NC HEM V . -20.23 -40.33 14.52
ND HEM V . -18.39 -39.35 12.33
FE HEM V . -18.30 -39.48 14.35
C1 GOL W . -17.90 -26.87 18.93
O1 GOL W . -18.35 -25.62 18.46
C2 GOL W . -16.41 -27.04 18.71
O2 GOL W . -15.83 -25.90 18.09
C3 GOL W . -15.73 -27.35 20.04
O3 GOL W . -14.99 -28.54 19.91
CHA HEM X . -2.36 -19.56 32.19
CHB HEM X . -6.88 -19.30 30.37
CHC HEM X . -8.52 -17.45 34.56
CHD HEM X . -4.19 -18.28 36.56
C1A HEM X . -3.43 -19.66 31.33
C2A HEM X . -3.40 -20.14 29.97
C3A HEM X . -4.65 -20.09 29.46
C4A HEM X . -5.52 -19.53 30.48
CMA HEM X . -5.10 -20.51 28.04
CAA HEM X . -2.13 -20.70 29.30
CBA HEM X . -2.19 -22.19 29.66
CGA HEM X . -1.01 -22.96 29.12
O1A HEM X . -0.41 -23.73 29.90
O2A HEM X . -0.68 -22.78 27.92
C1B HEM X . -7.75 -18.85 31.36
C2B HEM X . -9.20 -18.78 31.28
C3B HEM X . -9.65 -18.29 32.44
C4B HEM X . -8.51 -18.02 33.29
CMB HEM X . -10.04 -19.24 30.07
CAB HEM X . -11.12 -18.00 32.86
CBB HEM X . -12.15 -18.66 32.32
C1C HEM X . -7.53 -17.58 35.49
C2C HEM X . -7.65 -17.43 36.94
C3C HEM X . -6.45 -17.67 37.47
C4C HEM X . -5.53 -17.97 36.39
CMC HEM X . -8.94 -17.07 37.73
CAC HEM X . -6.05 -17.66 38.97
CBC HEM X . -6.80 -18.27 39.88
C1D HEM X . -3.28 -18.69 35.60
C2D HEM X . -1.88 -18.95 35.84
C3D HEM X . -1.30 -19.33 34.47
C4D HEM X . -2.41 -19.29 33.54
CMD HEM X . -1.09 -18.86 37.16
CAD HEM X . 0.17 -19.71 34.19
CBD HEM X . 0.37 -21.18 34.54
CGD HEM X . 1.84 -21.48 34.44
O1D HEM X . 2.59 -21.01 35.33
O2D HEM X . 2.25 -22.15 33.47
NA HEM X . -4.74 -19.28 31.60
NB HEM X . -7.37 -18.37 32.59
NC HEM X . -6.22 -17.90 35.20
ND HEM X . -3.55 -18.89 34.24
FE HEM X . -5.44 -18.74 33.45
C1 GOL Y . -9.11 -31.48 31.41
O1 GOL Y . -8.96 -32.85 31.70
C2 GOL Y . -8.45 -31.13 30.08
O2 GOL Y . -7.64 -32.20 29.60
C3 GOL Y . -9.55 -30.77 29.07
O3 GOL Y . -9.14 -29.67 28.28
CL CL Z . -4.46 -28.86 18.72
CHA HEM AA . 16.04 -13.91 10.95
CHB HEM AA . 19.10 -17.65 10.54
CHC HEM AA . 22.72 -14.62 9.49
CHD HEM AA . 19.50 -10.99 8.98
C1A HEM AA . 16.54 -15.19 10.96
C2A HEM AA . 15.81 -16.40 11.29
C3A HEM AA . 16.65 -17.44 11.17
C4A HEM AA . 17.95 -16.92 10.78
CMA HEM AA . 16.35 -18.94 11.40
CAA HEM AA . 14.31 -16.44 11.64
CBA HEM AA . 13.65 -16.58 10.26
CGA HEM AA . 12.15 -16.76 10.28
O1A HEM AA . 11.48 -16.11 9.44
O2A HEM AA . 11.61 -17.54 11.11
C1B HEM AA . 20.34 -17.17 10.16
C2B HEM AA . 21.51 -17.97 9.81
C3B HEM AA . 22.52 -17.12 9.51
C4B HEM AA . 22.00 -15.77 9.66
CMB HEM AA . 21.54 -19.51 9.78
CAB HEM AA . 23.98 -17.42 9.09
CBB HEM AA . 24.36 -18.58 8.56
C1C HEM AA . 22.17 -13.39 9.17
C2C HEM AA . 22.84 -12.29 8.53
C3C HEM AA . 21.95 -11.29 8.36
C4C HEM AA . 20.68 -11.72 8.94
CMC HEM AA . 24.33 -12.33 8.10
CAC HEM AA . 22.21 -9.91 7.73
CBC HEM AA . 22.83 -9.79 6.54
C1D HEM AA . 18.28 -11.43 9.49
C2D HEM AA . 17.06 -10.63 9.56
C3D HEM AA . 16.01 -11.54 10.17
C4D HEM AA . 16.67 -12.81 10.40
CMD HEM AA . 16.87 -9.16 9.14
CAD HEM AA . 14.53 -11.21 10.47
CBD HEM AA . 13.77 -11.17 9.15
CGD HEM AA . 12.41 -10.63 9.50
O1D HEM AA . 12.32 -9.40 9.79
O2D HEM AA . 11.44 -11.43 9.49
NA HEM AA . 17.85 -15.55 10.68
NB HEM AA . 20.69 -15.85 10.07
NC HEM AA . 20.86 -13.01 9.40
ND HEM AA . 17.99 -12.70 9.99
FE HEM AA . 19.33 -14.32 9.89
C1 GOL BA . 14.88 -22.17 -0.67
O1 GOL BA . 14.00 -21.37 -1.42
C2 GOL BA . 14.24 -22.45 0.69
O2 GOL BA . 12.86 -22.73 0.54
C3 GOL BA . 14.97 -23.66 1.31
O3 GOL BA . 14.68 -23.77 2.69
#